data_6P4X
#
_entry.id   6P4X
#
_cell.length_a   177.750
_cell.length_b   177.750
_cell.length_c   323.947
_cell.angle_alpha   90.000
_cell.angle_beta   90.000
_cell.angle_gamma   90.000
#
_symmetry.space_group_name_H-M   'P 43 21 2'
#
loop_
_entity.id
_entity.type
_entity.pdbx_description
1 polymer Glucokinase-1
2 non-polymer 'PHOSPHATE ION'
#
_entity_poly.entity_id   1
_entity_poly.type   'polypeptide(L)'
_entity_poly.pdbx_seq_one_letter_code
;MSFDDLHKATERAVIQAVDQICDDFEVTPEKLDELTAYFIEQMEKGLAPPKEGHTLASDKGLPMIPAFVTGSPNGTERGV
LLAADLGGTNFRICSVNLHGDHTFSMEQMKSKIPDDLLDDENVTSDDLFGFLARRTLAFMKKYHPDELAKGKDAKPMKLG
FTFSYPVDQTSLNSGTLIRWTKGFRIADTVGKDVVQLYQEQLSAQGMPMIKVVALTNDTVGTYLSHCYTSDNTDSMTSGE
ISEPVIGCIFGTGTNGCYMEEINKITKLPQELRDKLIKEGKTHMIINVEWGSFDNELKHLPTTKYDVVIDQKLSTNPGFH
LFEKRVSGMFLGEVLRNILVDLHSQGLLLQQYRSKEQLPRHLTTPFQLSSEVLSHIEIDDSTGLRETELSLLQSLRLPTT
PTERVQIQKLVRAISRRSAYLAAVPLAAILIKTNALNKRYHGEVEIGCDGSVVEYYPGFRSMLRHALALSPLGAEGERKV
HLKIAKDGSGVGAALCALVA
;
_entity_poly.pdbx_strand_id   A,B,C,D,E,F
#
# COMPACT_ATOMS: atom_id res chain seq x y z
N MET A 1 -50.77 -6.55 3.60
CA MET A 1 -50.24 -7.58 2.70
C MET A 1 -50.89 -8.94 2.98
N SER A 2 -50.64 -9.90 2.09
CA SER A 2 -51.19 -11.23 2.24
C SER A 2 -50.60 -11.94 3.46
N PHE A 3 -51.30 -12.98 3.91
CA PHE A 3 -50.77 -13.81 4.99
C PHE A 3 -49.42 -14.40 4.59
N ASP A 4 -49.31 -14.89 3.36
CA ASP A 4 -48.03 -15.43 2.89
C ASP A 4 -46.99 -14.32 2.72
N ASP A 5 -47.41 -13.16 2.20
CA ASP A 5 -46.48 -12.04 2.07
C ASP A 5 -46.00 -11.56 3.42
N LEU A 6 -46.91 -11.46 4.40
CA LEU A 6 -46.51 -11.09 5.75
C LEU A 6 -45.58 -12.13 6.35
N HIS A 7 -45.84 -13.42 6.08
CA HIS A 7 -44.96 -14.47 6.60
C HIS A 7 -43.55 -14.36 6.03
N LYS A 8 -43.44 -14.12 4.72
CA LYS A 8 -42.13 -13.99 4.11
C LYS A 8 -41.40 -12.75 4.63
N ALA A 9 -42.10 -11.61 4.72
CA ALA A 9 -41.48 -10.42 5.26
C ALA A 9 -41.04 -10.63 6.70
N THR A 10 -41.84 -11.35 7.48
CA THR A 10 -41.49 -11.63 8.86
C THR A 10 -40.25 -12.51 8.94
N GLU A 11 -40.14 -13.51 8.07
CA GLU A 11 -38.94 -14.35 8.09
C GLU A 11 -37.69 -13.55 7.72
N ARG A 12 -37.81 -12.66 6.73
CA ARG A 12 -36.67 -11.79 6.40
C ARG A 12 -36.29 -10.92 7.59
N ALA A 13 -37.29 -10.35 8.27
CA ALA A 13 -37.01 -9.52 9.44
C ALA A 13 -36.40 -10.33 10.57
N VAL A 14 -36.76 -11.61 10.69
CA VAL A 14 -36.15 -12.46 11.70
C VAL A 14 -34.69 -12.69 11.36
N ILE A 15 -34.38 -12.92 10.08
CA ILE A 15 -32.99 -12.98 9.65
C ILE A 15 -32.24 -11.75 10.15
N GLN A 16 -32.78 -10.57 9.85
CA GLN A 16 -32.14 -9.32 10.27
C GLN A 16 -31.94 -9.27 11.78
N ALA A 17 -33.00 -9.50 12.55
CA ALA A 17 -32.94 -9.32 14.00
C ALA A 17 -32.01 -10.33 14.66
N VAL A 18 -32.01 -11.58 14.18
CA VAL A 18 -31.13 -12.58 14.76
C VAL A 18 -29.68 -12.27 14.43
N ASP A 19 -29.39 -11.83 13.20
CA ASP A 19 -28.03 -11.41 12.90
C ASP A 19 -27.62 -10.22 13.76
N GLN A 20 -28.56 -9.33 14.07
CA GLN A 20 -28.24 -8.17 14.90
C GLN A 20 -27.94 -8.59 16.34
N ILE A 21 -28.74 -9.52 16.88
CA ILE A 21 -28.44 -10.05 18.22
C ILE A 21 -27.07 -10.72 18.23
N CYS A 22 -26.75 -11.46 17.17
CA CYS A 22 -25.44 -12.09 17.08
C CYS A 22 -24.33 -11.04 17.07
N ASP A 23 -24.49 -10.00 16.26
CA ASP A 23 -23.51 -8.92 16.25
C ASP A 23 -23.34 -8.33 17.64
N ASP A 24 -24.44 -8.16 18.36
CA ASP A 24 -24.35 -7.69 19.74
C ASP A 24 -23.74 -8.73 20.67
N PHE A 25 -23.60 -9.98 20.23
CA PHE A 25 -23.00 -11.04 21.02
C PHE A 25 -21.54 -11.32 20.67
N GLU A 26 -21.03 -10.77 19.57
CA GLU A 26 -19.74 -11.17 19.03
C GLU A 26 -18.60 -10.81 19.97
N VAL A 27 -17.45 -11.45 19.73
CA VAL A 27 -16.23 -11.20 20.50
C VAL A 27 -15.28 -10.97 19.32
N THR A 28 -14.72 -9.78 19.23
CA THR A 28 -13.83 -9.45 18.13
C THR A 28 -12.45 -9.80 18.67
N PRO A 29 -11.46 -9.99 17.79
CA PRO A 29 -10.09 -10.18 18.27
C PRO A 29 -9.54 -8.93 18.93
N GLU A 30 -10.02 -7.74 18.54
CA GLU A 30 -9.65 -6.52 19.25
C GLU A 30 -10.13 -6.57 20.70
N LYS A 31 -11.39 -6.95 20.90
CA LYS A 31 -11.90 -7.14 22.25
C LYS A 31 -11.15 -8.26 22.96
N LEU A 32 -10.69 -9.28 22.22
CA LEU A 32 -9.87 -10.32 22.84
C LEU A 32 -8.57 -9.75 23.39
N ASP A 33 -7.88 -8.94 22.58
CA ASP A 33 -6.65 -8.29 23.05
C ASP A 33 -6.94 -7.42 24.26
N GLU A 34 -8.03 -6.65 24.22
CA GLU A 34 -8.38 -5.79 25.36
C GLU A 34 -8.60 -6.63 26.63
N LEU A 35 -9.39 -7.69 26.52
CA LEU A 35 -9.72 -8.52 27.68
C LEU A 35 -8.48 -9.19 28.24
N THR A 36 -7.63 -9.77 27.39
CA THR A 36 -6.46 -10.47 27.91
C THR A 36 -5.46 -9.48 28.51
N ALA A 37 -5.32 -8.29 27.93
CA ALA A 37 -4.42 -7.31 28.52
C ALA A 37 -4.93 -6.85 29.88
N TYR A 38 -6.24 -6.58 29.98
CA TYR A 38 -6.79 -6.21 31.28
C TYR A 38 -6.70 -7.36 32.27
N PHE A 39 -6.73 -8.61 31.79
CA PHE A 39 -6.57 -9.73 32.71
C PHE A 39 -5.15 -9.83 33.23
N ILE A 40 -4.16 -9.60 32.36
CA ILE A 40 -2.77 -9.53 32.82
C ILE A 40 -2.64 -8.43 33.87
N GLU A 41 -3.26 -7.28 33.61
CA GLU A 41 -3.20 -6.17 34.55
C GLU A 41 -3.83 -6.52 35.89
N GLN A 42 -5.00 -7.16 35.86
CA GLN A 42 -5.66 -7.56 37.10
C GLN A 42 -4.86 -8.63 37.83
N MET A 43 -4.23 -9.54 37.08
CA MET A 43 -3.35 -10.53 37.70
C MET A 43 -2.22 -9.86 38.45
N GLU A 44 -1.52 -8.95 37.79
CA GLU A 44 -0.37 -8.31 38.44
C GLU A 44 -0.79 -7.41 39.59
N LYS A 45 -1.97 -6.78 39.49
CA LYS A 45 -2.49 -6.03 40.63
C LYS A 45 -2.80 -6.95 41.80
N GLY A 46 -3.31 -8.14 41.50
CA GLY A 46 -3.88 -8.99 42.55
C GLY A 46 -2.84 -9.49 43.54
N LEU A 47 -1.78 -10.13 43.03
CA LEU A 47 -0.84 -10.82 43.90
C LEU A 47 0.25 -9.91 44.44
N ALA A 48 0.03 -8.60 44.47
CA ALA A 48 0.87 -7.67 45.21
C ALA A 48 0.09 -7.08 46.39
N PRO A 49 0.76 -6.80 47.51
CA PRO A 49 0.05 -6.29 48.68
C PRO A 49 -0.69 -5.00 48.35
N PRO A 50 -1.92 -4.84 48.87
CA PRO A 50 -2.82 -3.73 48.56
C PRO A 50 -2.23 -2.36 48.89
N LYS A 60 -7.85 -3.78 44.23
CA LYS A 60 -7.33 -5.14 44.14
C LYS A 60 -7.71 -5.76 42.80
N GLY A 61 -6.73 -6.41 42.17
CA GLY A 61 -6.91 -6.89 40.81
C GLY A 61 -7.68 -8.19 40.69
N LEU A 62 -7.14 -9.26 41.26
CA LEU A 62 -7.77 -10.57 41.13
C LEU A 62 -7.66 -11.24 42.50
N PRO A 63 -8.58 -12.15 42.82
CA PRO A 63 -8.43 -12.90 44.07
C PRO A 63 -7.47 -14.03 43.75
N MET A 64 -6.18 -13.75 43.77
CA MET A 64 -5.15 -14.74 43.41
C MET A 64 -4.60 -15.32 44.70
N ILE A 65 -5.20 -16.42 45.13
CA ILE A 65 -4.95 -17.00 46.44
C ILE A 65 -3.80 -18.01 46.31
N PRO A 66 -2.69 -17.84 47.02
CA PRO A 66 -1.63 -18.85 46.97
C PRO A 66 -2.12 -20.18 47.53
N ALA A 67 -1.91 -21.25 46.76
CA ALA A 67 -2.36 -22.58 47.14
C ALA A 67 -1.32 -23.35 47.94
N PHE A 68 -0.13 -22.77 48.14
CA PHE A 68 0.91 -23.35 48.98
C PHE A 68 1.30 -24.76 48.53
N VAL A 69 1.54 -24.90 47.23
CA VAL A 69 2.04 -26.14 46.64
C VAL A 69 3.24 -25.78 45.79
N THR A 70 4.41 -26.29 46.16
CA THR A 70 5.67 -25.94 45.51
C THR A 70 6.28 -27.13 44.79
N GLY A 71 5.44 -27.94 44.14
CA GLY A 71 5.92 -29.10 43.40
C GLY A 71 4.84 -29.78 42.59
N SER A 72 5.20 -30.28 41.41
CA SER A 72 4.24 -30.91 40.53
C SER A 72 4.57 -32.38 40.31
N PRO A 73 3.56 -33.25 40.32
CA PRO A 73 3.81 -34.68 40.08
C PRO A 73 4.46 -34.93 38.72
N ASN A 74 5.22 -36.02 38.65
CA ASN A 74 5.94 -36.42 37.46
C ASN A 74 5.21 -37.49 36.65
N GLY A 75 4.19 -38.12 37.23
CA GLY A 75 3.61 -39.32 36.66
C GLY A 75 4.37 -40.59 37.01
N THR A 76 5.54 -40.46 37.62
CA THR A 76 6.30 -41.60 38.13
C THR A 76 6.25 -41.27 39.63
N GLU A 77 5.37 -41.98 40.33
CA GLU A 77 5.22 -41.80 41.77
C GLU A 77 4.69 -43.13 42.29
N ARG A 78 5.02 -43.41 43.55
CA ARG A 78 4.71 -44.70 44.18
C ARG A 78 4.01 -44.47 45.51
N GLY A 79 3.15 -45.41 45.88
CA GLY A 79 2.51 -45.40 47.17
C GLY A 79 1.00 -45.25 47.08
N VAL A 80 0.37 -45.44 48.24
CA VAL A 80 -1.08 -45.35 48.39
C VAL A 80 -1.40 -44.21 49.36
N LEU A 81 -2.32 -43.34 48.97
CA LEU A 81 -2.71 -42.22 49.81
C LEU A 81 -4.23 -42.12 49.86
N LEU A 82 -4.72 -41.29 50.77
CA LEU A 82 -6.15 -41.06 50.96
C LEU A 82 -6.50 -39.63 50.56
N ALA A 83 -7.80 -39.36 50.51
CA ALA A 83 -8.28 -38.05 50.12
C ALA A 83 -9.70 -37.86 50.64
N ALA A 84 -9.93 -36.78 51.37
CA ALA A 84 -11.24 -36.47 51.91
C ALA A 84 -11.75 -35.18 51.27
N ASP A 85 -13.00 -35.18 50.82
CA ASP A 85 -13.62 -33.95 50.36
C ASP A 85 -15.01 -33.81 50.98
N LEU A 86 -15.39 -32.56 51.23
CA LEU A 86 -16.63 -32.25 51.91
C LEU A 86 -17.22 -30.97 51.32
N GLY A 87 -18.51 -31.02 51.01
CA GLY A 87 -19.23 -29.84 50.55
C GLY A 87 -20.71 -30.05 50.81
N GLY A 88 -21.50 -29.08 50.35
CA GLY A 88 -22.94 -29.24 50.39
C GLY A 88 -23.45 -30.39 49.55
N THR A 89 -22.67 -30.81 48.55
CA THR A 89 -23.07 -31.93 47.70
C THR A 89 -23.04 -33.30 48.38
N ASN A 90 -21.94 -33.63 49.05
CA ASN A 90 -21.76 -34.93 49.67
C ASN A 90 -20.45 -34.89 50.48
N PHE A 91 -20.12 -36.02 51.10
CA PHE A 91 -18.80 -36.23 51.69
C PHE A 91 -18.18 -37.46 51.03
N ARG A 92 -16.89 -37.39 50.74
CA ARG A 92 -16.24 -38.48 50.00
C ARG A 92 -14.91 -38.82 50.63
N ILE A 93 -14.66 -40.12 50.83
CA ILE A 93 -13.35 -40.62 51.25
C ILE A 93 -12.85 -41.52 50.13
N CYS A 94 -11.81 -41.07 49.43
CA CYS A 94 -11.19 -41.84 48.36
C CYS A 94 -9.80 -42.29 48.79
N SER A 95 -9.30 -43.31 48.09
CA SER A 95 -7.99 -43.90 48.32
C SER A 95 -7.42 -44.26 46.96
N VAL A 96 -6.20 -43.78 46.70
CA VAL A 96 -5.54 -43.89 45.40
C VAL A 96 -4.26 -44.68 45.58
N ASN A 97 -4.06 -45.69 44.75
CA ASN A 97 -2.81 -46.44 44.69
C ASN A 97 -2.12 -46.10 43.38
N LEU A 98 -1.05 -45.30 43.46
CA LEU A 98 -0.32 -44.88 42.27
C LEU A 98 0.55 -46.04 41.78
N HIS A 99 0.23 -46.55 40.59
CA HIS A 99 0.84 -47.78 40.10
C HIS A 99 2.34 -47.64 39.84
N GLY A 100 2.86 -46.43 39.69
CA GLY A 100 4.25 -46.22 39.36
C GLY A 100 4.48 -45.80 37.92
N ASP A 101 3.50 -45.98 37.04
CA ASP A 101 3.47 -45.36 35.73
C ASP A 101 2.44 -44.24 35.77
N HIS A 102 1.97 -43.82 34.60
CA HIS A 102 0.94 -42.77 34.57
C HIS A 102 -0.45 -43.31 34.89
N THR A 103 -0.56 -44.45 35.53
CA THR A 103 -1.83 -45.04 35.91
C THR A 103 -1.97 -45.07 37.42
N PHE A 104 -3.16 -45.48 37.87
CA PHE A 104 -3.44 -45.62 39.30
C PHE A 104 -4.67 -46.50 39.45
N SER A 105 -4.93 -46.91 40.70
CA SER A 105 -6.11 -47.69 41.03
C SER A 105 -6.91 -46.96 42.11
N MET A 106 -8.22 -47.20 42.08
CA MET A 106 -9.23 -46.42 42.78
C MET A 106 -9.90 -47.24 43.88
N GLU A 107 -10.25 -46.56 44.97
CA GLU A 107 -11.23 -47.06 45.93
C GLU A 107 -11.87 -45.85 46.58
N GLN A 108 -13.14 -45.96 46.97
CA GLN A 108 -13.79 -44.78 47.52
C GLN A 108 -15.13 -45.17 48.16
N MET A 109 -15.56 -44.31 49.08
CA MET A 109 -16.88 -44.36 49.68
C MET A 109 -17.46 -42.96 49.69
N LYS A 110 -18.67 -42.83 49.13
CA LYS A 110 -19.35 -41.54 49.00
C LYS A 110 -20.41 -41.47 50.10
N SER A 111 -19.97 -41.04 51.28
CA SER A 111 -20.87 -40.88 52.41
C SER A 111 -21.77 -39.68 52.15
N LYS A 112 -23.06 -39.95 51.99
CA LYS A 112 -24.03 -38.90 51.69
C LYS A 112 -23.98 -37.82 52.76
N ILE A 113 -24.33 -36.59 52.36
CA ILE A 113 -24.38 -35.50 53.33
C ILE A 113 -25.35 -35.89 54.44
N PRO A 114 -25.03 -35.66 55.71
CA PRO A 114 -25.87 -36.21 56.78
C PRO A 114 -27.26 -35.59 56.81
N ASP A 115 -28.26 -36.45 57.05
CA ASP A 115 -29.64 -36.01 57.01
C ASP A 115 -29.99 -35.07 58.17
N ASP A 116 -29.82 -33.77 57.93
CA ASP A 116 -30.39 -32.73 58.78
C ASP A 116 -29.80 -32.74 60.19
N LEU A 117 -28.49 -32.92 60.28
CA LEU A 117 -27.72 -32.44 61.42
C LEU A 117 -27.04 -31.13 61.10
N LEU A 118 -27.34 -30.56 59.93
CA LEU A 118 -26.68 -29.36 59.45
C LEU A 118 -27.67 -28.32 58.92
N ASP A 119 -28.98 -28.54 59.09
CA ASP A 119 -30.00 -27.66 58.50
C ASP A 119 -30.19 -26.43 59.38
N ASP A 120 -29.21 -25.53 59.31
CA ASP A 120 -29.22 -24.26 60.04
C ASP A 120 -29.49 -24.43 61.53
N GLU A 121 -29.25 -25.63 62.05
CA GLU A 121 -29.34 -25.86 63.49
C GLU A 121 -27.99 -25.42 64.03
N ASN A 122 -27.93 -25.19 65.34
CA ASN A 122 -26.69 -24.80 65.98
C ASN A 122 -26.14 -26.14 66.44
N VAL A 123 -25.20 -26.68 65.67
CA VAL A 123 -24.51 -27.91 66.03
C VAL A 123 -23.03 -27.57 66.23
N THR A 124 -22.34 -28.47 66.94
CA THR A 124 -20.93 -28.27 67.20
C THR A 124 -20.11 -28.62 65.97
N SER A 125 -18.94 -27.99 65.86
CA SER A 125 -17.91 -28.52 64.96
C SER A 125 -17.63 -29.98 65.29
N ASP A 126 -17.78 -30.36 66.55
CA ASP A 126 -17.59 -31.74 66.95
C ASP A 126 -18.57 -32.67 66.23
N ASP A 127 -19.83 -32.28 66.11
CA ASP A 127 -20.81 -33.13 65.44
C ASP A 127 -20.45 -33.37 63.98
N LEU A 128 -20.25 -32.29 63.22
CA LEU A 128 -19.95 -32.42 61.80
C LEU A 128 -18.64 -33.17 61.58
N PHE A 129 -17.57 -32.74 62.26
CA PHE A 129 -16.27 -33.36 62.02
C PHE A 129 -16.21 -34.78 62.57
N GLY A 130 -17.03 -35.10 63.57
CA GLY A 130 -17.14 -36.47 64.03
C GLY A 130 -17.88 -37.34 63.04
N PHE A 131 -18.87 -36.77 62.34
CA PHE A 131 -19.45 -37.50 61.22
C PHE A 131 -18.41 -37.78 60.14
N LEU A 132 -17.61 -36.77 59.81
CA LEU A 132 -16.54 -36.95 58.85
C LEU A 132 -15.60 -38.09 59.27
N ALA A 133 -15.16 -38.06 60.52
CA ALA A 133 -14.24 -39.08 61.01
C ALA A 133 -14.91 -40.44 61.14
N ARG A 134 -16.21 -40.48 61.46
CA ARG A 134 -16.92 -41.75 61.49
C ARG A 134 -16.94 -42.40 60.11
N ARG A 135 -17.20 -41.60 59.07
CA ARG A 135 -17.19 -42.17 57.73
C ARG A 135 -15.79 -42.57 57.31
N THR A 136 -14.78 -41.80 57.73
CA THR A 136 -13.40 -42.21 57.46
C THR A 136 -13.06 -43.53 58.13
N LEU A 137 -13.55 -43.73 59.36
CA LEU A 137 -13.30 -44.97 60.08
C LEU A 137 -14.02 -46.15 59.44
N ALA A 138 -15.27 -45.93 59.01
CA ALA A 138 -15.98 -46.96 58.26
C ALA A 138 -15.21 -47.33 57.00
N PHE A 139 -14.66 -46.32 56.32
CA PHE A 139 -13.81 -46.57 55.16
C PHE A 139 -12.64 -47.47 55.53
N MET A 140 -11.87 -47.09 56.56
CA MET A 140 -10.70 -47.87 56.95
C MET A 140 -11.09 -49.29 57.32
N LYS A 141 -12.23 -49.47 58.01
CA LYS A 141 -12.66 -50.82 58.36
C LYS A 141 -13.06 -51.60 57.13
N LYS A 142 -13.60 -50.93 56.11
CA LYS A 142 -14.18 -51.66 54.99
C LYS A 142 -13.22 -52.23 53.95
N TYR A 143 -12.34 -51.39 53.40
CA TYR A 143 -11.53 -51.81 52.27
C TYR A 143 -10.09 -52.30 52.61
N HIS A 144 -9.45 -51.62 53.59
CA HIS A 144 -8.37 -52.20 54.36
C HIS A 144 -8.03 -51.85 55.80
N PRO A 145 -8.15 -52.81 56.74
CA PRO A 145 -7.53 -52.62 58.05
C PRO A 145 -6.11 -53.12 57.88
N ASP A 146 -5.36 -52.50 56.94
CA ASP A 146 -3.98 -52.87 56.64
C ASP A 146 -3.11 -52.28 57.74
N GLU A 147 -3.33 -51.01 58.04
CA GLU A 147 -2.68 -50.36 59.17
C GLU A 147 -3.74 -49.79 60.11
N LEU A 148 -5.00 -50.23 59.99
CA LEU A 148 -6.03 -49.78 60.93
C LEU A 148 -6.11 -50.82 62.04
N ALA A 149 -6.00 -52.11 61.70
CA ALA A 149 -5.89 -53.13 62.73
C ALA A 149 -4.72 -52.82 63.66
N LYS A 150 -3.61 -52.30 63.11
CA LYS A 150 -2.51 -51.76 63.90
C LYS A 150 -2.91 -50.35 64.34
N GLY A 151 -3.94 -50.31 65.18
CA GLY A 151 -4.56 -49.04 65.58
C GLY A 151 -3.73 -48.22 66.54
N LYS A 152 -3.01 -48.87 67.45
CA LYS A 152 -2.13 -48.14 68.35
C LYS A 152 -1.07 -47.37 67.57
N ASP A 153 -0.36 -48.07 66.69
CA ASP A 153 0.67 -47.46 65.86
C ASP A 153 0.84 -48.30 64.60
N ALA A 154 1.24 -47.65 63.52
CA ALA A 154 1.48 -48.31 62.25
C ALA A 154 2.18 -47.31 61.35
N LYS A 155 2.56 -47.77 60.16
CA LYS A 155 3.09 -46.87 59.14
C LYS A 155 2.02 -45.87 58.75
N PRO A 156 2.27 -44.57 58.85
CA PRO A 156 1.21 -43.58 58.67
C PRO A 156 0.76 -43.49 57.21
N MET A 157 -0.33 -42.74 57.02
CA MET A 157 -0.90 -42.52 55.70
C MET A 157 -1.21 -41.03 55.55
N LYS A 158 -0.65 -40.40 54.52
CA LYS A 158 -0.93 -39.01 54.24
C LYS A 158 -2.20 -38.89 53.40
N LEU A 159 -3.07 -37.94 53.77
CA LEU A 159 -4.25 -37.65 52.98
C LEU A 159 -4.43 -36.15 52.84
N GLY A 160 -4.95 -35.74 51.70
CA GLY A 160 -5.31 -34.36 51.46
C GLY A 160 -6.78 -34.14 51.74
N PHE A 161 -7.12 -32.91 52.11
CA PHE A 161 -8.48 -32.53 52.44
C PHE A 161 -8.96 -31.53 51.40
N THR A 162 -10.08 -31.84 50.75
CA THR A 162 -10.73 -30.90 49.84
C THR A 162 -11.93 -30.32 50.57
N PHE A 163 -11.75 -29.15 51.18
CA PHE A 163 -12.80 -28.49 51.95
C PHE A 163 -13.24 -27.27 51.13
N SER A 164 -14.26 -27.48 50.29
CA SER A 164 -14.71 -26.44 49.35
C SER A 164 -15.73 -25.53 50.04
N TYR A 165 -15.20 -24.68 50.91
CA TYR A 165 -15.96 -23.65 51.61
C TYR A 165 -15.12 -22.38 51.62
N PRO A 166 -15.65 -21.25 52.11
CA PRO A 166 -14.82 -20.04 52.21
C PRO A 166 -13.84 -20.38 53.32
N VAL A 167 -12.55 -20.27 53.02
CA VAL A 167 -11.49 -20.71 53.92
C VAL A 167 -10.38 -19.68 53.73
N ASP A 168 -9.64 -19.41 54.80
CA ASP A 168 -8.45 -18.55 54.74
C ASP A 168 -7.30 -19.53 54.94
N GLN A 169 -6.62 -19.85 53.84
CA GLN A 169 -5.53 -20.83 53.86
C GLN A 169 -4.24 -20.10 54.17
N THR A 170 -3.90 -20.02 55.46
CA THR A 170 -2.68 -19.38 55.90
C THR A 170 -1.43 -20.12 55.43
N SER A 171 -1.57 -21.41 55.10
CA SER A 171 -0.53 -22.22 54.51
C SER A 171 -1.17 -23.56 54.14
N LEU A 172 -0.41 -24.40 53.44
CA LEU A 172 -0.88 -25.75 53.18
C LEU A 172 -1.15 -26.45 54.52
N ASN A 173 -2.08 -27.41 54.48
CA ASN A 173 -2.54 -28.14 55.67
C ASN A 173 -2.86 -27.20 56.84
N SER A 174 -3.47 -26.05 56.51
CA SER A 174 -3.87 -25.09 57.54
C SER A 174 -4.95 -24.29 56.82
N GLY A 175 -6.13 -24.18 57.41
CA GLY A 175 -7.19 -23.41 56.81
C GLY A 175 -7.92 -22.85 58.02
N THR A 176 -8.42 -21.64 57.91
CA THR A 176 -9.14 -20.98 59.00
C THR A 176 -10.44 -20.56 58.32
N LEU A 177 -11.51 -21.30 58.57
CA LEU A 177 -12.79 -21.05 57.94
C LEU A 177 -13.36 -19.71 58.38
N ILE A 178 -13.94 -18.97 57.43
CA ILE A 178 -14.40 -17.61 57.70
C ILE A 178 -15.93 -17.57 57.80
N ARG A 179 -16.61 -18.52 57.14
CA ARG A 179 -18.06 -18.52 57.07
C ARG A 179 -18.51 -19.81 56.41
N TRP A 180 -19.80 -20.14 56.59
CA TRP A 180 -20.43 -21.28 55.94
C TRP A 180 -21.35 -20.60 54.92
N THR A 181 -20.91 -20.55 53.66
CA THR A 181 -21.76 -20.05 52.59
C THR A 181 -21.88 -21.21 51.61
N LYS A 182 -23.08 -21.38 51.05
CA LYS A 182 -23.47 -22.51 50.21
C LYS A 182 -23.56 -23.75 51.08
N GLY A 183 -23.29 -23.58 52.38
CA GLY A 183 -23.57 -24.58 53.40
C GLY A 183 -24.61 -24.00 54.33
N PHE A 184 -24.60 -24.42 55.58
CA PHE A 184 -25.47 -23.85 56.59
C PHE A 184 -24.66 -23.52 57.83
N ARG A 185 -25.10 -22.48 58.54
CA ARG A 185 -24.36 -21.97 59.69
C ARG A 185 -24.34 -22.99 60.81
N ILE A 186 -23.14 -23.36 61.26
CA ILE A 186 -22.94 -24.12 62.48
C ILE A 186 -22.13 -23.26 63.45
N ALA A 187 -22.17 -23.65 64.72
CA ALA A 187 -21.73 -22.78 65.79
C ALA A 187 -20.21 -22.78 65.95
N ASP A 188 -19.64 -21.58 66.01
CA ASP A 188 -18.25 -21.34 66.42
C ASP A 188 -17.18 -22.14 65.68
N THR A 189 -17.22 -22.03 64.35
CA THR A 189 -16.11 -22.45 63.50
C THR A 189 -15.43 -21.31 62.76
N VAL A 190 -15.78 -20.05 63.10
CA VAL A 190 -15.29 -18.89 62.38
C VAL A 190 -13.80 -18.68 62.60
N GLY A 191 -13.22 -19.32 63.61
CA GLY A 191 -11.80 -19.16 63.87
C GLY A 191 -11.05 -20.48 63.87
N LYS A 192 -11.78 -21.58 63.92
CA LYS A 192 -11.16 -22.90 63.99
C LYS A 192 -10.35 -23.18 62.72
N ASP A 193 -9.37 -24.06 62.88
CA ASP A 193 -8.60 -24.58 61.75
C ASP A 193 -9.24 -25.89 61.31
N VAL A 194 -9.70 -25.95 60.07
CA VAL A 194 -10.53 -27.07 59.64
C VAL A 194 -9.70 -28.35 59.55
N VAL A 195 -8.46 -28.25 59.07
CA VAL A 195 -7.60 -29.42 59.06
C VAL A 195 -7.32 -29.90 60.48
N GLN A 196 -7.21 -28.96 61.42
CA GLN A 196 -6.99 -29.34 62.81
C GLN A 196 -8.21 -30.04 63.39
N LEU A 197 -9.42 -29.56 63.07
CA LEU A 197 -10.63 -30.21 63.56
C LEU A 197 -10.74 -31.62 62.98
N TYR A 198 -10.49 -31.76 61.68
CA TYR A 198 -10.55 -33.08 61.06
C TYR A 198 -9.51 -34.01 61.66
N GLN A 199 -8.29 -33.53 61.88
CA GLN A 199 -7.25 -34.38 62.46
C GLN A 199 -7.60 -34.79 63.88
N GLU A 200 -8.14 -33.85 64.66
CA GLU A 200 -8.57 -34.17 66.03
C GLU A 200 -9.62 -35.27 66.01
N GLN A 201 -10.65 -35.13 65.17
CA GLN A 201 -11.69 -36.15 65.11
C GLN A 201 -11.15 -37.48 64.59
N LEU A 202 -10.20 -37.45 63.66
CA LEU A 202 -9.62 -38.69 63.15
C LEU A 202 -8.85 -39.42 64.24
N SER A 203 -7.97 -38.71 64.94
CA SER A 203 -7.23 -39.33 66.04
C SER A 203 -8.14 -39.70 67.21
N ALA A 204 -9.32 -39.08 67.31
CA ALA A 204 -10.26 -39.42 68.37
C ALA A 204 -11.08 -40.68 68.12
N GLN A 205 -11.43 -40.96 66.86
CA GLN A 205 -12.18 -42.16 66.55
C GLN A 205 -10.74 -42.62 66.74
N GLY A 206 -10.46 -43.91 66.59
CA GLY A 206 -9.08 -44.38 66.57
C GLY A 206 -7.83 -44.45 65.70
N MET A 207 -7.89 -43.92 64.48
CA MET A 207 -6.74 -43.88 63.60
C MET A 207 -5.85 -42.66 63.86
N PRO A 208 -4.64 -42.90 64.38
CA PRO A 208 -3.72 -41.78 64.62
C PRO A 208 -2.75 -41.83 63.46
N MET A 209 -2.76 -42.92 62.69
CA MET A 209 -1.91 -43.05 61.53
C MET A 209 -2.23 -42.01 60.47
N ILE A 210 -3.50 -41.63 60.34
CA ILE A 210 -3.90 -40.67 59.32
C ILE A 210 -3.31 -39.30 59.65
N LYS A 211 -2.62 -38.71 58.68
CA LYS A 211 -2.01 -37.39 58.82
C LYS A 211 -2.77 -36.60 57.76
N VAL A 212 -3.34 -35.47 58.16
CA VAL A 212 -4.00 -34.56 57.23
C VAL A 212 -2.90 -33.55 56.92
N VAL A 213 -2.33 -33.65 55.72
CA VAL A 213 -1.15 -32.88 55.36
C VAL A 213 -1.38 -31.98 54.14
N ALA A 214 -2.62 -31.84 53.70
CA ALA A 214 -2.89 -31.02 52.52
C ALA A 214 -4.30 -30.45 52.58
N LEU A 215 -4.47 -29.30 51.94
CA LEU A 215 -5.78 -28.65 51.87
C LEU A 215 -5.82 -27.84 50.57
N THR A 216 -6.59 -28.33 49.60
CA THR A 216 -6.76 -27.65 48.31
C THR A 216 -8.18 -27.83 47.82
N ASN A 217 -8.57 -26.97 46.88
CA ASN A 217 -9.88 -27.05 46.27
C ASN A 217 -9.79 -27.72 44.90
N ASP A 218 -10.93 -27.86 44.23
CA ASP A 218 -10.98 -28.71 43.05
C ASP A 218 -10.08 -28.34 41.88
N THR A 219 -9.71 -27.06 41.76
CA THR A 219 -8.93 -26.62 40.60
C THR A 219 -7.46 -26.98 40.76
N VAL A 220 -6.89 -26.73 41.94
CA VAL A 220 -5.53 -27.19 42.20
C VAL A 220 -5.46 -28.70 42.06
N GLY A 221 -6.52 -29.39 42.50
CA GLY A 221 -6.58 -30.82 42.29
C GLY A 221 -6.61 -31.21 40.83
N THR A 222 -7.32 -30.43 40.01
CA THR A 222 -7.32 -30.68 38.57
C THR A 222 -5.92 -30.54 37.99
N TYR A 223 -5.21 -29.48 38.38
CA TYR A 223 -3.85 -29.30 37.89
C TYR A 223 -2.96 -30.47 38.29
N LEU A 224 -3.02 -30.86 39.56
CA LEU A 224 -2.15 -31.96 40.02
C LEU A 224 -2.53 -33.28 39.37
N SER A 225 -3.82 -33.52 39.17
CA SER A 225 -4.28 -34.71 38.44
C SER A 225 -3.89 -34.68 36.98
N HIS A 226 -3.62 -33.50 36.42
CA HIS A 226 -3.12 -33.47 35.05
C HIS A 226 -1.61 -33.64 35.00
N CYS A 227 -0.89 -33.18 36.02
CA CYS A 227 0.54 -33.42 36.07
C CYS A 227 0.83 -34.91 36.02
N TYR A 228 0.28 -35.67 36.96
CA TYR A 228 0.14 -37.10 36.78
C TYR A 228 -0.72 -37.37 35.56
N THR A 229 -0.45 -38.49 34.87
CA THR A 229 -1.18 -38.88 33.67
C THR A 229 -1.06 -37.89 32.50
N SER A 230 0.18 -37.56 32.17
CA SER A 230 0.46 -36.52 31.18
C SER A 230 0.77 -37.01 29.77
N ASP A 231 0.21 -38.16 29.37
CA ASP A 231 0.27 -38.65 27.99
C ASP A 231 1.71 -38.85 27.53
N ASN A 232 2.55 -39.41 28.40
CA ASN A 232 3.94 -39.76 28.10
C ASN A 232 4.75 -38.55 27.64
N THR A 233 4.22 -37.34 27.81
CA THR A 233 4.94 -36.12 27.47
C THR A 233 5.57 -35.48 28.70
N ASP A 234 5.54 -36.16 29.85
CA ASP A 234 6.12 -35.64 31.08
C ASP A 234 7.15 -36.57 31.71
N SER A 235 7.19 -37.84 31.30
CA SER A 235 8.14 -38.79 31.87
C SER A 235 9.58 -38.37 31.54
N MET A 236 9.83 -38.05 30.27
CA MET A 236 11.14 -37.58 29.83
C MET A 236 10.95 -36.54 28.74
N THR A 237 12.06 -35.91 28.35
CA THR A 237 12.07 -35.01 27.19
C THR A 237 12.26 -35.86 25.92
N SER A 238 11.22 -36.63 25.61
CA SER A 238 11.21 -37.53 24.47
C SER A 238 9.89 -37.36 23.72
N GLY A 239 9.97 -37.36 22.39
CA GLY A 239 8.81 -37.09 21.56
C GLY A 239 8.38 -35.65 21.69
N GLU A 240 7.16 -35.41 22.18
CA GLU A 240 6.77 -34.07 22.56
C GLU A 240 7.49 -33.68 23.84
N ILE A 241 8.08 -32.50 23.85
CA ILE A 241 8.71 -31.95 25.05
C ILE A 241 7.80 -30.83 25.52
N SER A 242 6.98 -31.12 26.53
CA SER A 242 5.96 -30.19 26.97
C SER A 242 5.65 -30.46 28.44
N GLU A 243 5.35 -29.38 29.18
CA GLU A 243 4.98 -29.48 30.58
C GLU A 243 3.61 -28.86 30.81
N PRO A 244 2.85 -29.37 31.77
CA PRO A 244 1.57 -28.72 32.13
C PRO A 244 1.62 -27.57 33.12
N VAL A 245 1.12 -26.41 32.68
CA VAL A 245 1.20 -25.21 33.52
C VAL A 245 -0.10 -24.61 34.01
N ILE A 246 -1.23 -25.13 33.54
CA ILE A 246 -2.54 -24.62 33.97
C ILE A 246 -3.48 -25.78 34.25
N GLY A 247 -4.10 -25.77 35.42
CA GLY A 247 -5.25 -26.59 35.70
C GLY A 247 -6.47 -25.69 35.73
N CYS A 248 -7.60 -26.18 35.22
CA CYS A 248 -8.76 -25.31 35.17
C CYS A 248 -10.02 -26.14 35.02
N ILE A 249 -11.12 -25.61 35.53
CA ILE A 249 -12.44 -26.22 35.44
C ILE A 249 -13.37 -25.22 34.77
N PHE A 250 -13.89 -25.58 33.60
CA PHE A 250 -15.00 -24.90 32.96
C PHE A 250 -16.22 -25.80 32.96
N GLY A 251 -17.36 -25.23 33.31
CA GLY A 251 -18.59 -25.97 33.38
C GLY A 251 -19.63 -25.21 34.19
N THR A 252 -20.38 -25.92 35.04
CA THR A 252 -21.31 -25.24 35.92
C THR A 252 -20.64 -24.08 36.63
N GLY A 253 -19.35 -24.20 36.93
CA GLY A 253 -18.55 -23.08 37.38
C GLY A 253 -17.25 -23.04 36.61
N THR A 254 -16.48 -21.96 36.84
CA THR A 254 -15.21 -21.83 36.15
C THR A 254 -14.15 -21.24 37.08
N ASN A 255 -12.95 -21.81 37.00
CA ASN A 255 -11.81 -21.35 37.80
C ASN A 255 -10.55 -21.99 37.24
N GLY A 256 -9.41 -21.51 37.72
CA GLY A 256 -8.12 -22.01 37.26
C GLY A 256 -7.00 -21.71 38.21
N CYS A 257 -5.88 -22.39 37.98
CA CYS A 257 -4.69 -22.24 38.80
C CYS A 257 -3.46 -22.53 37.95
N TYR A 258 -2.37 -21.84 38.29
CA TYR A 258 -1.11 -21.96 37.56
C TYR A 258 0.04 -21.73 38.52
N MET A 259 1.24 -22.13 38.13
CA MET A 259 2.41 -21.96 38.98
C MET A 259 3.11 -20.64 38.65
N GLU A 260 3.28 -19.81 39.66
CA GLU A 260 3.95 -18.51 39.54
C GLU A 260 5.25 -18.55 40.34
N GLU A 261 6.24 -17.78 39.87
CA GLU A 261 7.51 -17.66 40.58
C GLU A 261 7.28 -17.23 42.02
N ILE A 262 8.11 -17.77 42.93
CA ILE A 262 7.93 -17.49 44.36
C ILE A 262 8.14 -16.01 44.64
N ASN A 263 9.26 -15.46 44.18
CA ASN A 263 9.57 -14.07 44.47
C ASN A 263 8.76 -13.08 43.64
N LYS A 264 7.88 -13.56 42.76
CA LYS A 264 6.93 -12.69 42.08
C LYS A 264 5.62 -12.56 42.84
N ILE A 265 5.40 -13.39 43.85
CA ILE A 265 4.21 -13.28 44.71
C ILE A 265 4.71 -12.27 45.72
N THR A 266 4.35 -11.00 45.48
CA THR A 266 4.79 -9.91 46.35
C THR A 266 3.94 -9.95 47.61
N LYS A 267 2.79 -10.62 47.55
CA LYS A 267 1.85 -10.64 48.68
C LYS A 267 2.44 -11.37 49.88
N LEU A 268 2.97 -12.57 49.68
CA LEU A 268 3.51 -13.35 50.78
C LEU A 268 4.71 -12.63 51.39
N PRO A 269 4.87 -12.67 52.71
CA PRO A 269 6.00 -11.98 53.35
C PRO A 269 7.34 -12.54 52.90
N GLN A 270 8.36 -11.69 52.93
CA GLN A 270 9.67 -12.09 52.45
C GLN A 270 10.30 -13.19 53.29
N GLU A 271 9.87 -13.33 54.55
CA GLU A 271 10.35 -14.43 55.38
C GLU A 271 10.06 -15.77 54.72
N LEU A 272 8.78 -16.04 54.43
CA LEU A 272 8.41 -17.31 53.81
C LEU A 272 9.02 -17.45 52.42
N ARG A 273 9.07 -16.35 51.67
CA ARG A 273 9.65 -16.40 50.34
C ARG A 273 11.10 -16.85 50.37
N ASP A 274 11.91 -16.22 51.23
CA ASP A 274 13.31 -16.62 51.32
C ASP A 274 13.47 -18.00 51.94
N LYS A 275 12.60 -18.37 52.89
CA LYS A 275 12.69 -19.71 53.47
C LYS A 275 12.35 -20.78 52.45
N LEU A 276 11.55 -20.44 51.43
CA LEU A 276 11.26 -21.39 50.37
C LEU A 276 12.34 -21.40 49.30
N ILE A 277 12.83 -20.22 48.88
CA ILE A 277 13.85 -20.15 47.86
C ILE A 277 15.19 -20.66 48.39
N LYS A 278 15.41 -20.58 49.71
CA LYS A 278 16.60 -21.21 50.27
C LYS A 278 16.50 -22.73 50.17
N GLU A 279 15.29 -23.28 50.18
CA GLU A 279 15.08 -24.65 49.77
C GLU A 279 15.20 -24.76 48.25
N GLY A 280 14.92 -25.96 47.73
CA GLY A 280 14.90 -26.11 46.29
C GLY A 280 13.68 -25.44 45.68
N LYS A 281 12.87 -24.76 46.48
CA LYS A 281 11.62 -24.19 45.98
C LYS A 281 11.41 -22.90 45.18
N THR A 282 11.29 -23.06 43.86
CA THR A 282 11.20 -21.92 42.95
C THR A 282 9.86 -21.33 42.54
N HIS A 283 8.81 -22.14 42.50
CA HIS A 283 7.48 -21.69 42.14
C HIS A 283 6.47 -22.13 43.18
N MET A 284 5.26 -21.59 43.06
CA MET A 284 4.15 -22.00 43.91
C MET A 284 2.86 -21.85 43.11
N ILE A 285 1.88 -22.71 43.41
CA ILE A 285 0.60 -22.66 42.72
C ILE A 285 -0.21 -21.48 43.23
N ILE A 286 -0.74 -20.69 42.31
CA ILE A 286 -1.72 -19.65 42.59
C ILE A 286 -3.05 -20.13 42.03
N ASN A 287 -4.05 -20.18 42.91
CA ASN A 287 -5.44 -20.41 42.51
C ASN A 287 -6.05 -19.06 42.18
N VAL A 288 -6.15 -18.75 40.90
CA VAL A 288 -6.63 -17.45 40.45
C VAL A 288 -8.13 -17.69 40.54
N GLU A 289 -8.83 -16.86 41.31
CA GLU A 289 -10.28 -16.91 41.31
C GLU A 289 -10.45 -16.00 40.10
N TRP A 290 -10.91 -16.55 38.97
CA TRP A 290 -11.05 -15.75 37.75
C TRP A 290 -12.55 -15.73 37.48
N GLY A 291 -13.27 -16.68 38.06
CA GLY A 291 -14.66 -16.41 38.38
C GLY A 291 -14.66 -15.10 39.14
N SER A 292 -15.68 -14.29 38.87
CA SER A 292 -15.76 -12.91 39.33
C SER A 292 -14.54 -12.11 38.92
N PHE A 293 -14.30 -12.06 37.60
CA PHE A 293 -13.27 -11.22 37.01
C PHE A 293 -13.94 -10.05 36.29
N ASP A 294 -13.41 -8.85 36.51
CA ASP A 294 -13.98 -7.62 35.98
C ASP A 294 -15.46 -7.50 36.30
N ASN A 295 -15.79 -7.69 37.59
CA ASN A 295 -17.15 -7.48 38.05
C ASN A 295 -17.58 -6.03 37.86
N GLU A 296 -16.63 -5.10 37.94
CA GLU A 296 -16.92 -3.71 37.67
C GLU A 296 -17.30 -3.47 36.22
N LEU A 297 -17.16 -4.48 35.37
CA LEU A 297 -17.59 -4.42 33.97
C LEU A 297 -16.89 -3.31 33.20
N LYS A 298 -15.62 -3.04 33.53
CA LYS A 298 -14.89 -2.02 32.80
C LYS A 298 -14.75 -2.48 31.35
N HIS A 299 -14.34 -3.73 31.14
CA HIS A 299 -14.15 -4.25 29.79
C HIS A 299 -15.02 -5.44 29.40
N LEU A 300 -15.45 -6.22 30.40
CA LEU A 300 -16.16 -7.46 30.15
C LEU A 300 -17.41 -7.19 29.31
N PRO A 301 -17.56 -7.84 28.15
CA PRO A 301 -18.74 -7.60 27.33
C PRO A 301 -20.02 -8.04 28.02
N THR A 302 -21.08 -7.25 27.84
CA THR A 302 -22.36 -7.49 28.48
C THR A 302 -23.48 -7.03 27.56
N THR A 303 -24.53 -7.84 27.46
CA THR A 303 -25.72 -7.50 26.69
C THR A 303 -26.91 -7.32 27.64
N LYS A 304 -28.08 -7.10 27.03
CA LYS A 304 -29.29 -6.87 27.82
C LYS A 304 -29.67 -8.11 28.61
N TYR A 305 -29.65 -9.27 27.96
CA TYR A 305 -30.07 -10.51 28.60
C TYR A 305 -29.16 -10.85 29.78
N ASP A 306 -27.86 -10.60 29.64
CA ASP A 306 -26.95 -10.81 30.76
C ASP A 306 -27.36 -9.99 31.97
N VAL A 307 -27.74 -8.73 31.76
CA VAL A 307 -28.17 -7.88 32.87
C VAL A 307 -29.46 -8.42 33.48
N VAL A 308 -30.44 -8.74 32.65
CA VAL A 308 -31.74 -9.14 33.19
C VAL A 308 -31.63 -10.47 33.93
N ILE A 309 -30.66 -11.32 33.56
CA ILE A 309 -30.48 -12.57 34.27
C ILE A 309 -29.69 -12.34 35.56
N ASP A 310 -28.63 -11.53 35.50
CA ASP A 310 -27.82 -11.29 36.69
C ASP A 310 -28.62 -10.58 37.77
N GLN A 311 -29.52 -9.69 37.38
CA GLN A 311 -30.29 -8.93 38.35
C GLN A 311 -31.53 -9.60 38.94
N LYS A 312 -32.35 -10.20 38.10
CA LYS A 312 -33.67 -10.65 38.52
C LYS A 312 -33.55 -12.11 38.93
N LEU A 313 -33.03 -12.95 38.04
CA LEU A 313 -33.14 -14.40 38.21
C LEU A 313 -31.95 -15.02 38.93
N SER A 314 -30.93 -14.25 39.27
CA SER A 314 -29.71 -14.81 39.83
C SER A 314 -29.74 -14.84 41.35
N THR A 315 -28.93 -15.75 41.91
CA THR A 315 -28.73 -15.83 43.36
C THR A 315 -27.51 -15.05 43.82
N ASN A 316 -26.54 -14.81 42.93
CA ASN A 316 -25.41 -13.93 43.19
C ASN A 316 -25.63 -12.65 42.38
N PRO A 317 -26.37 -11.68 42.90
CA PRO A 317 -26.66 -10.47 42.11
C PRO A 317 -25.42 -9.63 41.85
N GLY A 318 -24.68 -9.94 40.80
CA GLY A 318 -23.59 -9.09 40.35
C GLY A 318 -22.22 -9.43 40.90
N PHE A 319 -21.98 -10.67 41.34
CA PHE A 319 -20.73 -11.03 41.97
C PHE A 319 -19.75 -11.86 41.15
N HIS A 320 -20.25 -12.91 40.49
CA HIS A 320 -19.39 -13.80 39.71
C HIS A 320 -19.96 -13.52 38.32
N LEU A 321 -19.32 -12.59 37.62
CA LEU A 321 -19.86 -12.13 36.35
C LEU A 321 -19.24 -12.99 35.25
N PHE A 322 -17.92 -13.16 35.26
CA PHE A 322 -17.28 -14.02 34.26
C PHE A 322 -17.83 -15.44 34.35
N GLU A 323 -18.00 -15.95 35.57
CA GLU A 323 -18.64 -17.24 35.75
C GLU A 323 -19.97 -17.29 35.02
N LYS A 324 -20.83 -16.29 35.24
CA LYS A 324 -22.16 -16.31 34.64
C LYS A 324 -22.11 -16.20 33.12
N ARG A 325 -21.14 -15.45 32.59
CA ARG A 325 -20.98 -15.39 31.14
C ARG A 325 -20.47 -16.70 30.57
N VAL A 326 -19.80 -17.53 31.37
CA VAL A 326 -19.18 -18.75 30.88
C VAL A 326 -19.91 -20.01 31.33
N SER A 327 -20.55 -19.99 32.51
CA SER A 327 -21.10 -21.21 33.09
C SER A 327 -22.08 -21.90 32.16
N GLY A 328 -22.16 -23.23 32.29
CA GLY A 328 -23.04 -24.01 31.43
C GLY A 328 -24.51 -23.82 31.74
N MET A 329 -24.83 -23.45 32.98
CA MET A 329 -26.23 -23.21 33.32
C MET A 329 -26.79 -22.02 32.55
N PHE A 330 -26.01 -20.96 32.41
CA PHE A 330 -26.52 -19.70 31.90
C PHE A 330 -26.63 -19.65 30.37
N LEU A 331 -26.03 -20.61 29.66
CA LEU A 331 -26.13 -20.60 28.20
C LEU A 331 -27.58 -20.82 27.76
N GLY A 332 -28.21 -21.88 28.25
CA GLY A 332 -29.61 -22.10 27.96
C GLY A 332 -30.50 -20.99 28.48
N GLU A 333 -30.12 -20.36 29.59
CA GLU A 333 -30.91 -19.26 30.12
C GLU A 333 -30.88 -18.05 29.19
N VAL A 334 -29.70 -17.70 28.69
CA VAL A 334 -29.58 -16.63 27.72
C VAL A 334 -30.41 -16.95 26.47
N LEU A 335 -30.32 -18.19 26.00
CA LEU A 335 -31.14 -18.56 24.84
C LEU A 335 -32.62 -18.38 25.14
N ARG A 336 -33.07 -18.84 26.31
CA ARG A 336 -34.48 -18.72 26.67
C ARG A 336 -34.93 -17.26 26.68
N ASN A 337 -34.11 -16.38 27.26
CA ASN A 337 -34.48 -14.97 27.29
C ASN A 337 -34.54 -14.39 25.88
N ILE A 338 -33.58 -14.76 25.02
CA ILE A 338 -33.61 -14.26 23.64
C ILE A 338 -34.88 -14.73 22.93
N LEU A 339 -35.27 -15.99 23.16
CA LEU A 339 -36.45 -16.53 22.51
C LEU A 339 -37.71 -15.81 22.97
N VAL A 340 -37.86 -15.63 24.29
CA VAL A 340 -39.04 -14.95 24.82
C VAL A 340 -39.09 -13.51 24.34
N ASP A 341 -37.92 -12.86 24.25
CA ASP A 341 -37.85 -11.51 23.70
C ASP A 341 -38.36 -11.47 22.27
N LEU A 342 -37.72 -12.24 21.38
CA LEU A 342 -38.11 -12.25 19.98
C LEU A 342 -39.57 -12.62 19.81
N HIS A 343 -40.13 -13.44 20.71
CA HIS A 343 -41.55 -13.75 20.64
C HIS A 343 -42.40 -12.54 20.98
N SER A 344 -42.21 -11.98 22.18
CA SER A 344 -43.02 -10.85 22.61
C SER A 344 -42.85 -9.64 21.69
N GLN A 345 -41.77 -9.61 20.90
CA GLN A 345 -41.62 -8.60 19.87
C GLN A 345 -42.06 -9.15 18.52
N GLY A 346 -42.83 -10.23 18.50
CA GLY A 346 -43.45 -10.70 17.26
C GLY A 346 -42.77 -11.38 16.10
N LEU A 347 -41.57 -11.92 16.33
CA LEU A 347 -40.84 -12.63 15.28
C LEU A 347 -40.67 -14.14 15.32
N LEU A 348 -40.91 -14.80 16.46
CA LEU A 348 -40.61 -16.21 16.61
C LEU A 348 -41.75 -16.90 17.37
N LEU A 349 -42.00 -18.16 17.03
CA LEU A 349 -43.09 -18.93 17.62
C LEU A 349 -44.39 -18.14 17.58
N GLN A 350 -44.79 -17.79 16.36
CA GLN A 350 -45.66 -16.65 16.12
C GLN A 350 -47.14 -17.02 16.05
N GLN A 351 -47.55 -18.16 16.60
CA GLN A 351 -48.96 -18.38 16.87
C GLN A 351 -49.18 -18.91 18.26
N TYR A 352 -48.33 -18.50 19.19
CA TYR A 352 -48.67 -18.39 20.61
C TYR A 352 -48.97 -16.91 20.82
N ARG A 353 -50.25 -16.54 20.73
CA ARG A 353 -50.66 -15.15 20.56
C ARG A 353 -50.13 -14.21 21.65
N SER A 354 -49.67 -14.71 22.79
CA SER A 354 -49.10 -13.86 23.81
C SER A 354 -48.33 -14.72 24.81
N LYS A 355 -47.49 -14.06 25.60
CA LYS A 355 -46.84 -14.71 26.73
C LYS A 355 -47.91 -15.30 27.63
N GLU A 356 -47.55 -16.40 28.31
CA GLU A 356 -48.41 -17.19 29.19
C GLU A 356 -49.35 -17.99 28.32
N GLN A 357 -49.10 -18.00 27.00
CA GLN A 357 -49.72 -19.01 26.16
C GLN A 357 -48.54 -19.87 25.73
N LEU A 358 -47.32 -19.37 25.90
CA LEU A 358 -46.13 -20.14 25.60
C LEU A 358 -46.06 -21.39 26.47
N PRO A 359 -45.35 -22.41 26.02
CA PRO A 359 -45.12 -23.60 26.86
C PRO A 359 -44.56 -23.27 28.24
N ARG A 360 -44.76 -24.19 29.18
CA ARG A 360 -44.44 -23.93 30.58
C ARG A 360 -42.95 -23.77 30.82
N HIS A 361 -42.10 -24.29 29.94
CA HIS A 361 -40.65 -24.27 30.18
C HIS A 361 -39.96 -23.05 29.59
N LEU A 362 -40.51 -22.48 28.52
CA LEU A 362 -39.94 -21.27 27.95
C LEU A 362 -40.24 -20.04 28.79
N THR A 363 -41.30 -20.07 29.61
CA THR A 363 -41.68 -18.96 30.47
C THR A 363 -40.94 -18.97 31.80
N THR A 364 -40.77 -20.16 32.42
CA THR A 364 -40.13 -20.29 33.71
C THR A 364 -38.61 -20.27 33.59
N PRO A 365 -37.91 -19.72 34.61
CA PRO A 365 -36.48 -19.37 34.47
C PRO A 365 -35.32 -20.18 33.91
N PHE A 366 -35.10 -21.39 34.43
CA PHE A 366 -33.88 -22.13 34.15
C PHE A 366 -34.34 -23.46 33.55
N GLN A 367 -35.60 -23.56 33.17
CA GLN A 367 -36.10 -24.79 32.60
C GLN A 367 -35.51 -25.07 31.21
N LEU A 368 -34.80 -24.12 30.62
CA LEU A 368 -34.06 -24.38 29.37
C LEU A 368 -32.65 -24.80 29.75
N SER A 369 -32.39 -26.10 29.71
CA SER A 369 -31.13 -26.67 30.18
C SER A 369 -30.05 -26.55 29.10
N SER A 370 -28.85 -27.02 29.43
CA SER A 370 -27.73 -26.85 28.51
C SER A 370 -27.62 -27.97 27.50
N GLU A 371 -28.17 -29.15 27.83
CA GLU A 371 -28.18 -30.23 26.85
C GLU A 371 -28.99 -29.86 25.64
N VAL A 372 -29.93 -28.93 25.78
CA VAL A 372 -30.65 -28.40 24.61
C VAL A 372 -29.66 -27.79 23.63
N LEU A 373 -28.82 -26.86 24.11
CA LEU A 373 -27.80 -26.29 23.25
C LEU A 373 -26.83 -27.34 22.78
N SER A 374 -26.56 -28.37 23.59
CA SER A 374 -25.69 -29.46 23.17
C SER A 374 -26.22 -30.12 21.91
N HIS A 375 -27.50 -30.48 21.91
CA HIS A 375 -28.08 -31.11 20.73
C HIS A 375 -28.23 -30.14 19.56
N ILE A 376 -28.42 -28.84 19.84
CA ILE A 376 -28.72 -27.91 18.77
C ILE A 376 -27.45 -27.45 18.04
N GLU A 377 -26.35 -27.24 18.79
CA GLU A 377 -25.18 -26.58 18.23
C GLU A 377 -24.52 -27.29 17.06
N ILE A 378 -24.26 -28.58 17.22
CA ILE A 378 -23.77 -29.39 16.10
C ILE A 378 -25.13 -30.02 15.82
N ASP A 379 -25.78 -29.53 14.77
CA ASP A 379 -26.93 -30.21 14.19
C ASP A 379 -26.16 -30.48 12.90
N ASP A 380 -26.14 -31.74 12.48
CA ASP A 380 -25.62 -32.07 11.17
C ASP A 380 -26.74 -31.75 10.19
N SER A 381 -26.51 -32.04 8.91
CA SER A 381 -27.46 -31.72 7.85
C SER A 381 -28.32 -32.92 8.23
N THR A 382 -29.18 -32.74 9.25
CA THR A 382 -30.27 -33.68 9.60
C THR A 382 -31.60 -33.65 8.77
N GLY A 383 -31.40 -33.51 7.46
CA GLY A 383 -32.54 -33.28 6.57
C GLY A 383 -33.23 -32.11 7.24
N LEU A 384 -32.51 -31.01 7.46
CA LEU A 384 -33.04 -29.77 8.02
C LEU A 384 -33.71 -29.92 9.40
N ARG A 385 -32.86 -30.15 10.38
CA ARG A 385 -33.19 -30.00 11.80
C ARG A 385 -34.15 -31.07 12.31
N GLU A 386 -33.83 -32.36 12.10
CA GLU A 386 -34.65 -33.43 12.69
C GLU A 386 -34.42 -33.76 14.16
N THR A 387 -33.16 -33.88 14.56
CA THR A 387 -32.83 -34.17 15.96
C THR A 387 -33.01 -32.86 16.72
N GLU A 388 -32.70 -31.74 16.07
CA GLU A 388 -32.82 -30.44 16.73
C GLU A 388 -34.28 -30.12 17.05
N LEU A 389 -35.16 -30.25 16.05
CA LEU A 389 -36.60 -30.07 16.29
C LEU A 389 -37.05 -30.97 17.42
N SER A 390 -36.67 -32.24 17.38
CA SER A 390 -37.14 -33.21 18.37
C SER A 390 -36.71 -32.80 19.78
N LEU A 391 -35.43 -32.46 19.94
CA LEU A 391 -34.91 -32.20 21.28
C LEU A 391 -35.41 -30.85 21.81
N LEU A 392 -35.43 -29.81 20.96
CA LEU A 392 -36.05 -28.56 21.36
C LEU A 392 -37.53 -28.77 21.69
N GLN A 393 -38.13 -29.81 21.13
CA GLN A 393 -39.52 -30.18 21.36
C GLN A 393 -39.69 -31.15 22.53
N SER A 394 -38.59 -31.65 23.10
CA SER A 394 -38.71 -32.40 24.36
C SER A 394 -39.24 -31.51 25.47
N LEU A 395 -38.91 -30.23 25.44
CA LEU A 395 -39.66 -29.22 26.17
C LEU A 395 -40.84 -29.00 25.24
N ARG A 396 -41.85 -28.28 25.75
CA ARG A 396 -43.21 -28.34 25.22
C ARG A 396 -43.24 -27.54 23.91
N LEU A 397 -42.18 -26.81 23.57
CA LEU A 397 -42.53 -26.03 22.39
C LEU A 397 -42.11 -26.66 21.06
N PRO A 398 -43.02 -26.71 20.08
CA PRO A 398 -42.65 -27.10 18.72
C PRO A 398 -42.27 -25.98 17.77
N THR A 399 -41.54 -26.27 16.71
CA THR A 399 -41.03 -25.20 15.85
C THR A 399 -41.10 -25.52 14.37
N THR A 400 -40.75 -24.53 13.56
CA THR A 400 -40.75 -24.59 12.10
C THR A 400 -39.32 -24.49 11.56
N PRO A 401 -39.08 -24.92 10.32
CA PRO A 401 -37.69 -24.91 9.81
C PRO A 401 -37.02 -23.55 9.81
N THR A 402 -37.67 -22.54 9.23
CA THR A 402 -37.05 -21.22 9.12
C THR A 402 -36.78 -20.62 10.50
N GLU A 403 -37.58 -21.00 11.50
CA GLU A 403 -37.28 -20.57 12.87
C GLU A 403 -36.10 -21.35 13.44
N ARG A 404 -36.00 -22.64 13.12
CA ARG A 404 -34.92 -23.46 13.67
C ARG A 404 -33.56 -23.00 13.15
N VAL A 405 -33.50 -22.53 11.90
CA VAL A 405 -32.23 -22.01 11.37
C VAL A 405 -31.71 -20.88 12.27
N GLN A 406 -32.59 -19.93 12.58
CA GLN A 406 -32.17 -18.78 13.37
C GLN A 406 -31.93 -19.15 14.83
N ILE A 407 -32.69 -20.10 15.37
CA ILE A 407 -32.44 -20.56 16.73
C ILE A 407 -31.06 -21.19 16.82
N GLN A 408 -30.68 -21.96 15.80
CA GLN A 408 -29.33 -22.51 15.75
C GLN A 408 -28.28 -21.41 15.67
N LYS A 409 -28.53 -20.39 14.83
CA LYS A 409 -27.64 -19.23 14.80
C LYS A 409 -27.41 -18.68 16.21
N LEU A 410 -28.50 -18.45 16.94
CA LEU A 410 -28.41 -17.85 18.27
C LEU A 410 -27.64 -18.74 19.24
N VAL A 411 -27.94 -20.03 19.24
CA VAL A 411 -27.24 -20.97 20.12
C VAL A 411 -25.75 -20.95 19.84
N ARG A 412 -25.38 -21.01 18.56
CA ARG A 412 -23.97 -21.02 18.20
C ARG A 412 -23.29 -19.72 18.60
N ALA A 413 -24.00 -18.60 18.48
CA ALA A 413 -23.40 -17.32 18.88
C ALA A 413 -23.13 -17.27 20.38
N ILE A 414 -24.13 -17.67 21.19
CA ILE A 414 -23.93 -17.73 22.64
C ILE A 414 -22.73 -18.60 22.99
N SER A 415 -22.65 -19.78 22.38
CA SER A 415 -21.56 -20.71 22.67
C SER A 415 -20.21 -20.12 22.28
N ARG A 416 -20.12 -19.50 21.10
CA ARG A 416 -18.85 -18.91 20.68
C ARG A 416 -18.40 -17.83 21.64
N ARG A 417 -19.34 -16.99 22.09
CA ARG A 417 -18.96 -15.93 23.03
C ARG A 417 -18.44 -16.54 24.33
N SER A 418 -19.15 -17.52 24.88
CA SER A 418 -18.70 -18.14 26.12
C SER A 418 -17.32 -18.76 25.94
N ALA A 419 -17.06 -19.39 24.79
CA ALA A 419 -15.79 -20.06 24.58
C ALA A 419 -14.63 -19.06 24.44
N TYR A 420 -14.84 -17.99 23.68
CA TYR A 420 -13.79 -16.98 23.56
C TYR A 420 -13.48 -16.33 24.90
N LEU A 421 -14.54 -16.00 25.67
CA LEU A 421 -14.31 -15.47 27.01
C LEU A 421 -13.53 -16.44 27.87
N ALA A 422 -13.91 -17.73 27.83
CA ALA A 422 -13.18 -18.73 28.61
C ALA A 422 -11.72 -18.81 28.18
N ALA A 423 -11.44 -18.52 26.91
CA ALA A 423 -10.06 -18.59 26.44
C ALA A 423 -9.25 -17.40 26.92
N VAL A 424 -9.90 -16.24 27.15
CA VAL A 424 -9.17 -15.04 27.57
C VAL A 424 -8.21 -15.30 28.74
N PRO A 425 -8.64 -15.85 29.89
CA PRO A 425 -7.70 -15.96 31.02
C PRO A 425 -6.57 -16.94 30.78
N LEU A 426 -6.86 -18.05 30.09
CA LEU A 426 -5.79 -18.98 29.71
C LEU A 426 -4.71 -18.27 28.91
N ALA A 427 -5.13 -17.47 27.93
CA ALA A 427 -4.17 -16.72 27.12
C ALA A 427 -3.38 -15.75 27.96
N ALA A 428 -4.05 -15.06 28.90
CA ALA A 428 -3.34 -14.10 29.74
C ALA A 428 -2.30 -14.78 30.62
N ILE A 429 -2.62 -15.96 31.14
CA ILE A 429 -1.66 -16.69 31.97
C ILE A 429 -0.50 -17.17 31.12
N LEU A 430 -0.79 -17.79 29.97
CA LEU A 430 0.27 -18.29 29.11
C LEU A 430 1.19 -17.19 28.63
N ILE A 431 0.66 -15.97 28.45
CA ILE A 431 1.48 -14.87 27.95
C ILE A 431 2.18 -14.12 29.09
N LYS A 432 1.68 -14.22 30.32
CA LYS A 432 2.41 -13.67 31.46
C LYS A 432 3.66 -14.50 31.74
N THR A 433 3.47 -15.79 32.00
CA THR A 433 4.57 -16.75 32.11
C THR A 433 4.67 -17.43 30.75
N ASN A 434 5.56 -16.94 29.90
CA ASN A 434 5.52 -17.25 28.49
C ASN A 434 5.84 -18.73 28.22
N ALA A 435 5.31 -19.22 27.10
CA ALA A 435 5.60 -20.57 26.61
C ALA A 435 6.75 -20.61 25.62
N LEU A 436 7.41 -19.47 25.39
CA LEU A 436 8.51 -19.42 24.45
C LEU A 436 9.91 -19.33 25.07
N ASN A 437 10.04 -19.78 26.31
CA ASN A 437 11.32 -19.81 27.01
C ASN A 437 12.31 -20.96 26.83
N LYS A 438 11.82 -22.17 26.56
CA LYS A 438 12.69 -23.26 26.11
C LYS A 438 12.65 -23.07 24.60
N ARG A 439 13.67 -22.38 24.07
CA ARG A 439 13.59 -21.77 22.74
C ARG A 439 13.18 -22.76 21.65
N TYR A 440 13.56 -24.03 21.79
CA TYR A 440 13.30 -25.02 20.76
C TYR A 440 12.28 -26.03 21.26
N HIS A 441 11.30 -26.32 20.40
CA HIS A 441 10.25 -27.31 20.64
C HIS A 441 9.47 -27.02 21.92
N GLY A 442 9.51 -25.79 22.41
CA GLY A 442 8.80 -25.42 23.61
C GLY A 442 7.30 -25.57 23.45
N GLU A 443 6.72 -26.52 24.17
CA GLU A 443 5.29 -26.77 24.10
C GLU A 443 4.73 -26.85 25.51
N VAL A 444 3.42 -26.58 25.63
CA VAL A 444 2.74 -26.52 26.91
C VAL A 444 1.34 -27.08 26.73
N GLU A 445 0.93 -27.99 27.61
CA GLU A 445 -0.42 -28.53 27.60
C GLU A 445 -1.14 -28.09 28.87
N ILE A 446 -2.38 -27.64 28.72
CA ILE A 446 -3.19 -27.18 29.84
C ILE A 446 -4.32 -28.19 30.05
N GLY A 447 -4.42 -28.75 31.23
CA GLY A 447 -5.45 -29.79 31.37
C GLY A 447 -6.66 -29.24 32.03
N CYS A 448 -8.10 -29.60 31.72
CA CYS A 448 -9.44 -29.06 31.88
C CYS A 448 -10.39 -30.11 32.42
N ASP A 449 -11.26 -29.70 33.34
CA ASP A 449 -12.33 -30.55 33.83
C ASP A 449 -13.63 -29.76 33.81
N GLY A 450 -14.74 -30.48 33.92
CA GLY A 450 -16.07 -29.90 34.06
C GLY A 450 -16.97 -30.21 32.89
N SER A 451 -18.20 -29.70 32.99
CA SER A 451 -19.25 -30.07 32.04
C SER A 451 -18.99 -29.46 30.66
N VAL A 452 -18.96 -28.13 30.58
CA VAL A 452 -18.96 -27.46 29.29
C VAL A 452 -17.74 -27.88 28.47
N VAL A 453 -16.55 -27.78 29.07
CA VAL A 453 -15.32 -27.97 28.30
C VAL A 453 -15.21 -29.40 27.77
N GLU A 454 -15.70 -30.38 28.53
CA GLU A 454 -15.55 -31.78 28.13
C GLU A 454 -16.63 -32.25 27.17
N TYR A 455 -17.90 -31.90 27.41
CA TYR A 455 -19.00 -32.51 26.69
C TYR A 455 -19.77 -31.58 25.76
N TYR A 456 -19.66 -30.27 25.93
CA TYR A 456 -20.34 -29.37 24.99
C TYR A 456 -19.71 -29.53 23.62
N PRO A 457 -20.49 -29.68 22.57
CA PRO A 457 -19.93 -30.04 21.25
C PRO A 457 -19.04 -28.93 20.72
N GLY A 458 -17.75 -29.25 20.55
CA GLY A 458 -16.80 -28.36 19.93
C GLY A 458 -16.36 -27.18 20.77
N PHE A 459 -16.73 -27.14 22.04
CA PHE A 459 -16.27 -26.07 22.91
C PHE A 459 -14.75 -26.03 22.95
N ARG A 460 -14.00 -27.21 22.69
CA ARG A 460 -12.54 -27.12 22.65
C ARG A 460 -12.04 -26.55 21.33
N SER A 461 -12.74 -26.85 20.22
CA SER A 461 -12.37 -26.25 18.94
C SER A 461 -12.47 -24.73 19.00
N MET A 462 -13.54 -24.21 19.58
CA MET A 462 -13.69 -22.77 19.70
C MET A 462 -12.68 -22.19 20.69
N LEU A 463 -12.34 -22.93 21.75
CA LEU A 463 -11.26 -22.50 22.63
C LEU A 463 -9.96 -22.32 21.85
N ARG A 464 -9.65 -23.29 20.98
CA ARG A 464 -8.43 -23.20 20.17
C ARG A 464 -8.49 -22.02 19.21
N HIS A 465 -9.64 -21.83 18.55
CA HIS A 465 -9.76 -20.71 17.62
C HIS A 465 -9.59 -19.38 18.33
N ALA A 466 -10.14 -19.26 19.54
CA ALA A 466 -9.96 -18.03 20.32
C ALA A 466 -8.51 -17.84 20.72
N LEU A 467 -7.86 -18.91 21.19
CA LEU A 467 -6.45 -18.82 21.52
C LEU A 467 -5.61 -18.41 20.32
N ALA A 468 -6.04 -18.79 19.12
CA ALA A 468 -5.35 -18.34 17.92
C ALA A 468 -5.64 -16.87 17.62
N LEU A 469 -6.86 -16.42 17.87
CA LEU A 469 -7.25 -15.04 17.62
C LEU A 469 -6.80 -14.07 18.71
N SER A 470 -6.36 -14.56 19.85
CA SER A 470 -5.86 -13.74 20.96
C SER A 470 -4.52 -13.12 20.57
N PRO A 471 -3.94 -12.24 21.40
CA PRO A 471 -2.55 -11.82 21.13
C PRO A 471 -1.57 -12.94 21.40
N LEU A 472 -2.02 -14.06 21.96
CA LEU A 472 -1.29 -15.31 21.80
C LEU A 472 -1.54 -15.38 20.30
N GLY A 473 -0.51 -15.71 19.54
CA GLY A 473 -0.59 -15.57 18.10
C GLY A 473 -1.10 -16.91 17.61
N ALA A 474 -1.98 -16.87 16.60
CA ALA A 474 -2.22 -18.06 15.81
C ALA A 474 -0.92 -18.66 15.34
N GLU A 475 0.08 -17.81 15.12
CA GLU A 475 1.45 -18.27 14.87
C GLU A 475 1.94 -19.16 16.00
N GLY A 476 1.53 -18.87 17.24
CA GLY A 476 2.10 -19.55 18.38
C GLY A 476 1.13 -20.38 19.19
N GLU A 477 -0.15 -20.34 18.83
CA GLU A 477 -1.14 -21.12 19.56
C GLU A 477 -0.88 -22.61 19.44
N ARG A 478 -0.31 -23.04 18.31
CA ARG A 478 -0.18 -24.46 18.01
C ARG A 478 1.04 -25.09 18.63
N LYS A 479 1.71 -24.40 19.55
CA LYS A 479 2.60 -25.04 20.49
C LYS A 479 1.88 -25.39 21.79
N VAL A 480 0.56 -25.21 21.82
CA VAL A 480 -0.25 -25.45 23.02
C VAL A 480 -1.29 -26.39 22.45
N HIS A 481 -1.28 -27.65 22.88
CA HIS A 481 -2.40 -28.54 22.61
C HIS A 481 -2.87 -28.85 24.03
N LEU A 482 -4.14 -29.23 24.16
CA LEU A 482 -4.77 -29.33 25.46
C LEU A 482 -5.81 -30.43 25.46
N LYS A 483 -5.88 -31.18 26.55
CA LYS A 483 -6.94 -32.17 26.71
C LYS A 483 -7.25 -32.32 28.20
N ILE A 484 -8.02 -33.36 28.54
CA ILE A 484 -8.83 -33.41 29.75
C ILE A 484 -8.14 -34.24 30.83
N ALA A 485 -8.17 -33.74 32.06
CA ALA A 485 -7.85 -34.51 33.26
C ALA A 485 -9.00 -34.30 34.24
N LYS A 486 -9.63 -35.41 34.65
CA LYS A 486 -11.03 -35.35 35.06
C LYS A 486 -11.28 -35.38 36.56
N ASP A 487 -10.42 -36.02 37.37
CA ASP A 487 -10.69 -36.17 38.80
C ASP A 487 -9.76 -35.27 39.60
N GLY A 488 -10.33 -34.24 40.21
CA GLY A 488 -9.56 -33.34 41.04
C GLY A 488 -9.86 -33.32 42.52
N SER A 489 -11.06 -33.77 42.90
CA SER A 489 -11.44 -33.76 44.31
C SER A 489 -10.85 -35.04 44.89
N GLY A 490 -10.81 -36.12 44.10
CA GLY A 490 -10.33 -37.39 44.57
C GLY A 490 -8.89 -37.81 44.35
N VAL A 491 -8.32 -37.43 43.21
CA VAL A 491 -6.97 -37.88 42.87
C VAL A 491 -6.13 -36.65 43.15
N GLY A 492 -6.64 -35.46 42.85
CA GLY A 492 -5.85 -34.25 43.05
C GLY A 492 -5.53 -34.01 44.50
N ALA A 493 -6.47 -34.31 45.40
CA ALA A 493 -6.20 -34.18 46.82
C ALA A 493 -5.12 -35.16 47.25
N ALA A 494 -5.18 -36.40 46.76
CA ALA A 494 -4.16 -37.38 47.11
C ALA A 494 -2.79 -36.95 46.61
N LEU A 495 -2.74 -36.35 45.40
CA LEU A 495 -1.45 -35.91 44.88
C LEU A 495 -0.94 -34.68 45.63
N CYS A 496 -1.84 -33.82 46.09
CA CYS A 496 -1.42 -32.71 46.93
C CYS A 496 -0.89 -33.20 48.27
N ALA A 497 -1.43 -34.32 48.77
CA ALA A 497 -0.85 -34.95 49.95
C ALA A 497 0.50 -35.56 49.64
N LEU A 498 0.67 -36.10 48.42
CA LEU A 498 1.95 -36.68 48.02
C LEU A 498 3.04 -35.63 47.97
N VAL A 499 2.76 -34.50 47.31
CA VAL A 499 3.75 -33.44 47.17
C VAL A 499 3.84 -32.54 48.39
N ALA A 500 3.08 -32.85 49.44
CA ALA A 500 3.12 -32.06 50.67
C ALA A 500 4.46 -32.20 51.36
N PHE B 3 20.14 -46.89 -15.82
CA PHE B 3 20.54 -45.53 -15.51
C PHE B 3 20.04 -44.53 -16.56
N ASP B 4 18.75 -44.61 -16.89
CA ASP B 4 18.14 -43.70 -17.87
C ASP B 4 17.31 -42.62 -17.19
N ASP B 5 16.33 -43.03 -16.36
CA ASP B 5 15.70 -42.06 -15.48
C ASP B 5 16.58 -41.71 -14.29
N LEU B 6 17.44 -42.65 -13.88
CA LEU B 6 18.40 -42.36 -12.81
C LEU B 6 19.37 -41.27 -13.22
N HIS B 7 19.85 -41.30 -14.46
CA HIS B 7 20.77 -40.27 -14.93
C HIS B 7 20.08 -38.91 -14.97
N LYS B 8 18.81 -38.88 -15.38
CA LYS B 8 18.08 -37.62 -15.42
C LYS B 8 17.83 -37.07 -14.02
N ALA B 9 17.51 -37.95 -13.07
CA ALA B 9 17.34 -37.53 -11.68
C ALA B 9 18.65 -36.98 -11.13
N THR B 10 19.77 -37.64 -11.44
CA THR B 10 21.07 -37.13 -11.01
C THR B 10 21.37 -35.77 -11.64
N GLU B 11 20.94 -35.56 -12.89
CA GLU B 11 21.14 -34.27 -13.53
C GLU B 11 20.34 -33.18 -12.83
N ARG B 12 19.08 -33.46 -12.51
CA ARG B 12 18.27 -32.48 -11.78
C ARG B 12 18.86 -32.20 -10.40
N ALA B 13 19.42 -33.23 -9.76
CA ALA B 13 20.08 -33.02 -8.47
C ALA B 13 21.31 -32.13 -8.62
N VAL B 14 22.09 -32.34 -9.68
CA VAL B 14 23.25 -31.47 -9.93
C VAL B 14 22.81 -30.04 -10.12
N ILE B 15 21.70 -29.83 -10.84
CA ILE B 15 21.20 -28.47 -11.04
C ILE B 15 20.80 -27.85 -9.71
N GLN B 16 20.13 -28.61 -8.85
CA GLN B 16 19.75 -28.08 -7.54
C GLN B 16 20.99 -27.71 -6.71
N ALA B 17 22.00 -28.58 -6.71
CA ALA B 17 23.20 -28.33 -5.93
C ALA B 17 23.94 -27.10 -6.44
N VAL B 18 24.02 -26.94 -7.76
CA VAL B 18 24.70 -25.79 -8.34
C VAL B 18 23.92 -24.51 -8.07
N ASP B 19 22.58 -24.56 -8.06
CA ASP B 19 21.82 -23.38 -7.70
C ASP B 19 22.05 -23.00 -6.24
N GLN B 20 22.09 -23.99 -5.35
CA GLN B 20 22.46 -23.74 -3.96
C GLN B 20 23.82 -23.04 -3.89
N ILE B 21 24.83 -23.60 -4.58
CA ILE B 21 26.17 -23.05 -4.51
C ILE B 21 26.21 -21.62 -5.05
N CYS B 22 25.41 -21.34 -6.09
CA CYS B 22 25.34 -19.97 -6.58
C CYS B 22 24.69 -19.05 -5.56
N ASP B 23 23.71 -19.57 -4.82
CA ASP B 23 23.12 -18.78 -3.73
C ASP B 23 24.15 -18.52 -2.63
N ASP B 24 25.13 -19.40 -2.47
CA ASP B 24 26.22 -19.13 -1.54
C ASP B 24 26.92 -17.82 -1.87
N PHE B 25 27.16 -17.57 -3.16
CA PHE B 25 28.00 -16.48 -3.61
C PHE B 25 27.26 -15.16 -3.80
N GLU B 26 25.93 -15.15 -3.72
CA GLU B 26 25.19 -13.94 -4.05
C GLU B 26 25.52 -12.83 -3.06
N VAL B 27 25.88 -11.68 -3.60
CA VAL B 27 26.12 -10.47 -2.81
C VAL B 27 24.87 -9.62 -2.93
N THR B 28 24.00 -9.72 -1.92
CA THR B 28 22.71 -9.04 -1.97
C THR B 28 22.89 -7.53 -1.89
N PRO B 29 21.88 -6.76 -2.33
CA PRO B 29 21.96 -5.30 -2.16
C PRO B 29 22.08 -4.88 -0.70
N GLU B 30 21.40 -5.57 0.20
CA GLU B 30 21.57 -5.32 1.63
C GLU B 30 23.01 -5.59 2.06
N LYS B 31 23.63 -6.62 1.48
CA LYS B 31 25.03 -6.88 1.76
C LYS B 31 25.92 -5.76 1.23
N LEU B 32 25.56 -5.19 0.08
CA LEU B 32 26.28 -4.03 -0.43
C LEU B 32 26.19 -2.86 0.53
N ASP B 33 24.99 -2.62 1.08
CA ASP B 33 24.81 -1.54 2.06
C ASP B 33 25.67 -1.79 3.30
N GLU B 34 25.63 -3.02 3.82
CA GLU B 34 26.42 -3.36 5.01
C GLU B 34 27.91 -3.16 4.76
N LEU B 35 28.40 -3.64 3.61
CA LEU B 35 29.81 -3.53 3.30
C LEU B 35 30.22 -2.07 3.10
N THR B 36 29.39 -1.28 2.43
CA THR B 36 29.69 0.14 2.26
C THR B 36 29.75 0.85 3.61
N ALA B 37 28.80 0.55 4.50
CA ALA B 37 28.79 1.20 5.80
C ALA B 37 30.02 0.84 6.63
N TYR B 38 30.39 -0.45 6.64
CA TYR B 38 31.58 -0.83 7.40
C TYR B 38 32.85 -0.29 6.74
N PHE B 39 32.84 -0.11 5.43
CA PHE B 39 33.98 0.50 4.76
C PHE B 39 34.13 1.95 5.18
N ILE B 40 33.01 2.68 5.27
CA ILE B 40 33.07 4.06 5.76
C ILE B 40 33.55 4.10 7.21
N GLU B 41 33.04 3.18 8.03
CA GLU B 41 33.47 3.11 9.42
C GLU B 41 34.98 2.92 9.53
N GLN B 42 35.51 1.93 8.82
CA GLN B 42 36.95 1.66 8.89
C GLN B 42 37.76 2.76 8.22
N MET B 43 37.18 3.47 7.26
CA MET B 43 37.86 4.61 6.66
C MET B 43 38.04 5.73 7.67
N GLU B 44 36.98 6.03 8.42
CA GLU B 44 37.08 7.04 9.46
C GLU B 44 38.03 6.59 10.57
N LYS B 45 37.93 5.32 10.98
CA LYS B 45 38.78 4.81 12.06
C LYS B 45 40.25 4.81 11.66
N GLY B 46 40.54 4.55 10.39
CA GLY B 46 41.93 4.52 9.95
C GLY B 46 42.59 5.87 9.80
N LEU B 47 41.81 6.95 9.85
CA LEU B 47 42.34 8.29 9.65
C LEU B 47 42.62 9.02 10.96
N ALA B 48 42.88 8.30 12.04
CA ALA B 48 43.08 8.93 13.34
C ALA B 48 44.09 8.13 14.14
N PRO B 49 44.87 8.79 15.00
CA PRO B 49 45.81 8.06 15.87
C PRO B 49 45.08 7.38 17.01
N PRO B 50 45.69 6.36 17.64
CA PRO B 50 45.09 5.63 18.77
C PRO B 50 44.59 6.54 19.89
N ASP B 59 39.16 -2.72 15.27
CA ASP B 59 40.61 -2.84 15.37
C ASP B 59 41.31 -1.90 14.40
N LYS B 60 42.08 -0.97 14.94
CA LYS B 60 42.83 0.03 14.14
C LYS B 60 41.85 0.77 13.24
N GLY B 61 42.09 0.83 11.93
CA GLY B 61 41.09 1.16 10.94
C GLY B 61 41.64 0.64 9.62
N LEU B 62 41.00 1.06 8.54
CA LEU B 62 41.57 0.79 7.24
C LEU B 62 42.88 1.56 7.12
N PRO B 63 43.99 0.91 6.79
CA PRO B 63 45.26 1.64 6.67
C PRO B 63 45.08 2.68 5.58
N MET B 64 45.16 3.95 5.95
CA MET B 64 44.92 5.05 5.02
C MET B 64 46.15 5.94 5.11
N ILE B 65 47.07 5.74 4.16
CA ILE B 65 48.40 6.34 4.17
C ILE B 65 48.34 7.74 3.57
N PRO B 66 48.78 8.76 4.28
CA PRO B 66 48.83 10.12 3.74
C PRO B 66 50.08 10.18 2.86
N ALA B 67 50.04 9.49 1.72
CA ALA B 67 51.07 9.68 0.72
C ALA B 67 50.55 10.87 -0.07
N PHE B 68 51.01 12.08 0.27
CA PHE B 68 50.29 13.29 -0.07
C PHE B 68 50.86 13.96 -1.31
N VAL B 69 50.01 14.10 -2.32
CA VAL B 69 50.23 14.98 -3.47
C VAL B 69 48.96 15.80 -3.31
N THR B 70 49.13 17.08 -2.95
CA THR B 70 48.00 17.89 -2.52
C THR B 70 47.47 18.61 -3.75
N GLY B 71 48.28 18.74 -4.80
CA GLY B 71 47.85 19.44 -6.00
C GLY B 71 47.17 18.52 -7.00
N SER B 72 46.11 19.03 -7.62
CA SER B 72 45.40 18.30 -8.66
C SER B 72 46.09 18.53 -10.00
N PRO B 73 46.57 17.48 -10.67
CA PRO B 73 47.24 17.68 -11.97
C PRO B 73 46.14 17.98 -12.97
N ASN B 74 46.21 19.16 -13.59
CA ASN B 74 45.24 19.53 -14.60
C ASN B 74 45.82 19.04 -15.93
N GLY B 75 45.13 19.38 -17.02
CA GLY B 75 45.61 19.09 -18.35
C GLY B 75 46.31 20.28 -18.97
N THR B 76 46.87 20.05 -20.16
CA THR B 76 47.50 21.10 -20.98
C THR B 76 48.68 21.89 -20.41
N GLU B 77 49.65 21.17 -19.86
CA GLU B 77 50.79 21.80 -19.19
C GLU B 77 52.11 22.09 -19.87
N ARG B 78 53.11 22.49 -19.08
CA ARG B 78 54.36 22.46 -19.82
C ARG B 78 55.42 21.76 -20.64
N GLY B 79 55.46 20.44 -20.60
CA GLY B 79 56.55 19.72 -21.21
C GLY B 79 57.32 18.73 -20.33
N VAL B 80 58.60 18.55 -20.67
CA VAL B 80 59.35 17.39 -20.19
C VAL B 80 59.30 17.21 -18.67
N LEU B 81 59.16 15.95 -18.27
CA LEU B 81 59.33 15.50 -16.89
C LEU B 81 60.10 14.18 -16.92
N LEU B 82 60.32 13.58 -15.76
CA LEU B 82 61.07 12.33 -15.68
C LEU B 82 60.38 11.36 -14.73
N ALA B 83 60.71 10.09 -14.88
CA ALA B 83 60.11 9.04 -14.08
C ALA B 83 61.08 7.87 -13.97
N ALA B 84 61.18 7.31 -12.77
CA ALA B 84 62.02 6.13 -12.52
C ALA B 84 61.20 5.12 -11.74
N ASP B 85 61.02 3.93 -12.33
CA ASP B 85 60.13 2.91 -11.79
C ASP B 85 60.94 1.66 -11.46
N LEU B 86 60.95 1.28 -10.18
CA LEU B 86 61.72 0.14 -9.70
C LEU B 86 60.82 -0.81 -8.95
N GLY B 87 60.86 -2.08 -9.33
CA GLY B 87 60.07 -3.10 -8.66
C GLY B 87 59.97 -4.34 -9.50
N GLY B 88 59.57 -5.43 -8.84
CA GLY B 88 59.34 -6.70 -9.50
C GLY B 88 60.51 -7.20 -10.34
N THR B 89 61.72 -7.16 -9.77
CA THR B 89 62.94 -7.56 -10.48
C THR B 89 63.08 -6.82 -11.81
N ASN B 90 62.69 -5.54 -11.82
CA ASN B 90 62.85 -4.72 -13.01
C ASN B 90 63.01 -3.26 -12.61
N PHE B 91 63.58 -2.48 -13.51
CA PHE B 91 63.67 -1.04 -13.35
C PHE B 91 63.65 -0.40 -14.72
N ARG B 92 62.93 0.71 -14.84
CA ARG B 92 62.89 1.46 -16.08
C ARG B 92 62.97 2.95 -15.77
N ILE B 93 63.36 3.72 -16.78
CA ILE B 93 63.54 5.16 -16.67
C ILE B 93 62.93 5.79 -17.92
N CYS B 94 62.19 6.88 -17.74
CA CYS B 94 61.44 7.47 -18.83
C CYS B 94 61.43 8.98 -18.67
N SER B 95 61.20 9.66 -19.80
CA SER B 95 60.95 11.10 -19.81
C SER B 95 59.66 11.33 -20.58
N VAL B 96 58.67 11.90 -19.91
CA VAL B 96 57.37 12.19 -20.50
C VAL B 96 57.35 13.65 -20.93
N ASN B 97 57.01 13.90 -22.19
CA ASN B 97 56.81 15.23 -22.73
C ASN B 97 55.32 15.49 -22.85
N LEU B 98 54.81 16.47 -22.11
CA LEU B 98 53.39 16.81 -22.09
C LEU B 98 53.12 17.86 -23.16
N HIS B 99 52.40 17.47 -24.21
CA HIS B 99 52.30 18.26 -25.44
C HIS B 99 51.39 19.46 -25.28
N GLY B 100 50.93 19.71 -24.05
CA GLY B 100 50.04 20.82 -23.78
C GLY B 100 48.58 20.56 -24.07
N ASP B 101 48.15 19.30 -24.06
CA ASP B 101 46.74 18.95 -24.12
C ASP B 101 46.55 17.74 -23.22
N HIS B 102 45.48 16.97 -23.46
CA HIS B 102 45.27 15.76 -22.66
C HIS B 102 46.21 14.62 -23.04
N THR B 103 47.01 14.79 -24.10
CA THR B 103 47.91 13.76 -24.59
C THR B 103 49.36 14.10 -24.23
N PHE B 104 50.25 13.16 -24.55
CA PHE B 104 51.68 13.33 -24.29
C PHE B 104 52.44 12.32 -25.15
N SER B 105 53.76 12.31 -24.98
CA SER B 105 54.60 11.30 -25.62
C SER B 105 55.80 11.02 -24.73
N MET B 106 56.14 9.74 -24.58
CA MET B 106 57.17 9.31 -23.65
C MET B 106 58.35 8.70 -24.39
N GLU B 107 59.56 9.14 -24.05
CA GLU B 107 60.79 8.49 -24.47
C GLU B 107 61.32 7.73 -23.25
N GLN B 108 61.29 6.40 -23.32
CA GLN B 108 61.76 5.57 -22.21
C GLN B 108 62.96 4.74 -22.65
N MET B 109 63.91 4.56 -21.74
CA MET B 109 64.91 3.52 -21.92
C MET B 109 64.32 2.21 -21.42
N LYS B 110 64.42 1.17 -22.25
CA LYS B 110 63.72 -0.08 -21.99
C LYS B 110 64.01 -0.60 -20.60
N SER B 111 63.03 -1.27 -20.01
CA SER B 111 63.17 -1.85 -18.68
C SER B 111 64.40 -2.76 -18.63
N LYS B 112 65.37 -2.38 -17.81
CA LYS B 112 66.58 -3.16 -17.64
C LYS B 112 66.49 -3.99 -16.36
N ILE B 113 66.83 -5.26 -16.48
CA ILE B 113 66.73 -6.18 -15.33
C ILE B 113 67.84 -5.87 -14.34
N PRO B 114 67.54 -5.77 -13.04
CA PRO B 114 68.61 -5.72 -12.03
C PRO B 114 69.37 -7.03 -12.03
N ASP B 115 70.66 -6.97 -12.34
CA ASP B 115 71.44 -8.18 -12.55
C ASP B 115 71.37 -9.08 -11.32
N ASP B 116 71.54 -10.39 -11.56
CA ASP B 116 71.46 -11.38 -10.49
C ASP B 116 72.48 -11.11 -9.38
N LEU B 117 73.42 -10.19 -9.59
CA LEU B 117 74.44 -9.85 -8.62
C LEU B 117 73.90 -9.10 -7.40
N LEU B 118 72.59 -8.91 -7.33
CA LEU B 118 72.00 -8.06 -6.31
C LEU B 118 70.94 -8.80 -5.47
N ASP B 119 70.82 -10.11 -5.66
CA ASP B 119 69.87 -10.89 -4.89
C ASP B 119 70.05 -11.30 -3.43
N ASP B 120 71.25 -11.08 -2.87
CA ASP B 120 71.54 -11.55 -1.51
C ASP B 120 72.15 -10.47 -0.62
N GLU B 121 72.62 -10.89 0.56
CA GLU B 121 73.16 -10.02 1.58
C GLU B 121 74.42 -9.26 1.16
N ASN B 122 74.90 -9.47 -0.07
CA ASN B 122 76.15 -8.84 -0.49
C ASN B 122 75.97 -7.34 -0.72
N VAL B 123 74.84 -6.94 -1.30
CA VAL B 123 74.69 -5.57 -1.79
C VAL B 123 74.50 -4.60 -0.62
N THR B 124 74.84 -3.34 -0.89
CA THR B 124 74.56 -2.23 0.00
C THR B 124 73.59 -1.28 -0.70
N SER B 125 73.28 -0.16 -0.05
CA SER B 125 72.36 0.81 -0.60
C SER B 125 72.85 1.58 -1.82
N ASP B 126 74.08 2.09 -1.75
CA ASP B 126 74.64 2.80 -2.88
C ASP B 126 75.12 1.75 -3.88
N ASP B 127 75.29 0.50 -3.46
CA ASP B 127 75.70 -0.54 -4.40
C ASP B 127 74.64 -0.81 -5.46
N LEU B 128 73.36 -0.68 -5.13
CA LEU B 128 72.30 -0.78 -6.12
C LEU B 128 71.91 0.58 -6.69
N PHE B 129 71.95 1.63 -5.87
CA PHE B 129 71.67 2.95 -6.41
C PHE B 129 72.73 3.39 -7.42
N GLY B 130 73.90 2.75 -7.42
CA GLY B 130 74.86 2.98 -8.49
C GLY B 130 74.39 2.45 -9.82
N PHE B 131 73.81 1.25 -9.82
CA PHE B 131 73.15 0.73 -11.03
C PHE B 131 72.02 1.66 -11.45
N LEU B 132 71.24 2.13 -10.48
CA LEU B 132 70.15 3.06 -10.79
C LEU B 132 70.67 4.33 -11.45
N ALA B 133 71.74 4.91 -10.90
CA ALA B 133 72.31 6.13 -11.45
C ALA B 133 72.96 5.89 -12.80
N ARG B 134 73.59 4.72 -12.99
CA ARG B 134 74.17 4.40 -14.28
C ARG B 134 73.09 4.32 -15.35
N ARG B 135 71.98 3.66 -15.05
CA ARG B 135 70.88 3.59 -16.00
C ARG B 135 70.28 4.96 -16.26
N THR B 136 70.12 5.78 -15.22
CA THR B 136 69.59 7.12 -15.40
C THR B 136 70.51 7.94 -16.30
N LEU B 137 71.83 7.83 -16.10
CA LEU B 137 72.79 8.53 -16.94
C LEU B 137 72.71 8.04 -18.39
N ALA B 138 72.60 6.73 -18.59
CA ALA B 138 72.56 6.21 -19.96
C ALA B 138 71.29 6.65 -20.69
N PHE B 139 70.15 6.66 -19.98
CA PHE B 139 68.93 7.18 -20.58
C PHE B 139 69.06 8.66 -20.90
N MET B 140 69.51 9.46 -19.92
CA MET B 140 69.81 10.86 -20.16
C MET B 140 70.83 11.05 -21.27
N LYS B 141 71.61 10.02 -21.58
CA LYS B 141 72.66 10.11 -22.59
C LYS B 141 72.19 9.78 -23.99
N LYS B 142 71.22 8.89 -24.13
CA LYS B 142 70.75 8.64 -25.49
C LYS B 142 69.57 9.47 -25.95
N TYR B 143 68.46 9.46 -25.22
CA TYR B 143 67.27 10.12 -25.73
C TYR B 143 67.31 11.64 -25.49
N HIS B 144 67.65 12.06 -24.27
CA HIS B 144 67.79 13.48 -24.00
C HIS B 144 69.08 14.20 -23.49
N PRO B 145 70.23 13.95 -24.16
CA PRO B 145 71.52 14.39 -23.60
C PRO B 145 71.77 15.83 -23.97
N ASP B 146 70.92 16.44 -24.79
CA ASP B 146 71.12 17.83 -25.19
C ASP B 146 71.50 18.74 -24.02
N GLU B 147 70.83 18.57 -22.88
CA GLU B 147 71.02 19.41 -21.71
C GLU B 147 72.12 18.98 -20.76
N LEU B 148 72.92 17.97 -21.12
CA LEU B 148 73.97 17.51 -20.22
C LEU B 148 75.12 18.51 -20.12
N ALA B 149 75.32 19.34 -21.14
CA ALA B 149 76.39 20.34 -21.11
C ALA B 149 76.11 21.49 -20.13
N LYS B 150 74.84 21.67 -19.77
CA LYS B 150 74.52 22.51 -18.63
C LYS B 150 74.46 21.44 -17.55
N GLY B 151 75.59 21.20 -16.87
CA GLY B 151 75.62 20.20 -15.81
C GLY B 151 75.52 20.74 -14.41
N LYS B 152 76.09 21.92 -14.20
CA LYS B 152 75.89 22.69 -12.99
C LYS B 152 75.05 23.90 -13.39
N ASP B 153 74.71 24.02 -14.68
CA ASP B 153 74.07 25.22 -15.22
C ASP B 153 72.67 24.97 -15.77
N ALA B 154 72.14 23.75 -15.67
CA ALA B 154 70.90 23.41 -16.35
C ALA B 154 69.69 24.01 -15.64
N LYS B 155 68.72 24.43 -16.44
CA LYS B 155 67.36 24.56 -15.94
C LYS B 155 66.96 23.17 -15.45
N PRO B 156 66.83 22.97 -14.15
CA PRO B 156 66.65 21.60 -13.64
C PRO B 156 65.36 20.97 -14.13
N MET B 157 65.36 19.65 -14.19
CA MET B 157 64.18 18.88 -14.56
C MET B 157 63.78 17.97 -13.42
N LYS B 158 62.48 17.75 -13.29
CA LYS B 158 61.92 17.01 -12.17
C LYS B 158 61.82 15.52 -12.50
N LEU B 159 61.91 14.70 -11.45
CA LEU B 159 61.87 13.25 -11.59
C LEU B 159 61.02 12.65 -10.50
N GLY B 160 60.07 11.80 -10.89
CA GLY B 160 59.28 11.03 -9.95
C GLY B 160 59.88 9.65 -9.75
N PHE B 161 59.82 9.15 -8.51
CA PHE B 161 60.38 7.87 -8.14
C PHE B 161 59.24 6.94 -7.74
N THR B 162 58.95 5.96 -8.60
CA THR B 162 57.96 4.92 -8.31
C THR B 162 58.67 3.80 -7.57
N PHE B 163 58.48 3.73 -6.26
CA PHE B 163 59.17 2.76 -5.42
C PHE B 163 58.13 1.77 -4.89
N SER B 164 57.94 0.68 -5.64
CA SER B 164 56.93 -0.33 -5.30
C SER B 164 57.51 -1.29 -4.25
N TYR B 165 57.72 -0.73 -3.06
CA TYR B 165 58.21 -1.47 -1.92
C TYR B 165 57.67 -0.81 -0.67
N PRO B 166 57.44 -1.57 0.41
CA PRO B 166 56.81 -1.00 1.61
C PRO B 166 57.72 0.03 2.27
N VAL B 167 57.22 1.25 2.43
CA VAL B 167 58.01 2.39 2.85
C VAL B 167 57.16 3.25 3.77
N ASP B 168 57.79 3.77 4.83
CA ASP B 168 57.18 4.79 5.69
C ASP B 168 57.46 6.15 5.07
N GLN B 169 56.46 6.73 4.42
CA GLN B 169 56.64 7.98 3.68
C GLN B 169 56.35 9.15 4.61
N THR B 170 57.42 9.83 5.03
CA THR B 170 57.27 10.96 5.96
C THR B 170 56.62 12.15 5.26
N SER B 171 57.27 12.65 4.21
CA SER B 171 56.74 13.73 3.40
C SER B 171 56.87 13.35 1.93
N LEU B 172 56.26 14.15 1.06
CA LEU B 172 56.54 14.01 -0.36
C LEU B 172 58.03 14.20 -0.58
N ASN B 173 58.58 13.47 -1.55
CA ASN B 173 60.03 13.35 -1.76
C ASN B 173 60.80 13.11 -0.47
N SER B 174 60.28 12.18 0.34
CA SER B 174 60.97 11.71 1.54
C SER B 174 60.29 10.44 2.02
N GLY B 175 60.98 9.72 2.87
CA GLY B 175 60.49 8.45 3.40
C GLY B 175 61.62 7.43 3.45
N THR B 176 61.44 6.43 4.31
CA THR B 176 62.47 5.43 4.53
C THR B 176 61.89 4.05 4.29
N LEU B 177 62.74 3.14 3.84
CA LEU B 177 62.33 1.74 3.66
C LEU B 177 62.25 0.77 4.84
N ILE B 178 61.03 0.30 5.10
CA ILE B 178 60.78 -0.71 6.12
C ILE B 178 61.20 -2.17 6.02
N ARG B 179 60.98 -2.78 4.86
CA ARG B 179 61.29 -4.18 4.64
C ARG B 179 61.34 -4.43 3.13
N TRP B 180 62.16 -5.39 2.74
CA TRP B 180 62.25 -5.77 1.33
C TRP B 180 61.26 -6.90 1.02
N THR B 181 60.91 -7.02 -0.26
CA THR B 181 59.89 -7.96 -0.70
C THR B 181 60.47 -8.92 -1.73
N LYS B 182 60.41 -10.22 -1.41
CA LYS B 182 60.74 -11.30 -2.33
C LYS B 182 62.05 -11.08 -3.09
N GLY B 183 63.13 -10.93 -2.33
CA GLY B 183 64.44 -10.58 -2.83
C GLY B 183 64.98 -9.40 -2.08
N PHE B 184 66.13 -8.91 -2.52
CA PHE B 184 66.80 -7.75 -1.92
C PHE B 184 66.99 -7.85 -0.40
N ARG B 185 67.74 -8.86 0.00
CA ARG B 185 67.97 -9.07 1.42
C ARG B 185 68.86 -8.05 2.19
N ILE B 186 69.34 -7.07 1.44
CA ILE B 186 70.25 -6.05 1.97
C ILE B 186 69.55 -5.45 3.19
N ALA B 187 70.23 -5.51 4.33
CA ALA B 187 69.74 -4.88 5.55
C ALA B 187 70.37 -3.50 5.69
N ASP B 188 71.02 -3.01 4.63
CA ASP B 188 71.70 -1.73 4.69
C ASP B 188 70.70 -0.58 4.65
N THR B 189 69.74 -0.63 3.73
CA THR B 189 68.81 0.47 3.50
C THR B 189 67.53 0.35 4.32
N VAL B 190 67.54 -0.48 5.38
CA VAL B 190 66.31 -0.67 6.16
C VAL B 190 65.89 0.63 6.83
N GLY B 191 66.85 1.42 7.29
CA GLY B 191 66.50 2.66 7.95
C GLY B 191 66.67 3.89 7.09
N LYS B 192 67.33 3.74 5.94
CA LYS B 192 67.73 4.88 5.14
C LYS B 192 66.57 5.40 4.29
N ASP B 193 66.74 6.62 3.80
CA ASP B 193 65.77 7.28 2.93
C ASP B 193 66.02 6.89 1.48
N VAL B 194 64.93 6.57 0.77
CA VAL B 194 65.07 6.08 -0.60
C VAL B 194 65.43 7.20 -1.55
N VAL B 195 64.63 8.27 -1.56
CA VAL B 195 64.88 9.38 -2.48
C VAL B 195 66.20 10.05 -2.15
N GLN B 196 66.58 10.10 -0.87
CA GLN B 196 67.86 10.70 -0.51
C GLN B 196 69.02 9.91 -1.09
N LEU B 197 68.99 8.58 -0.94
CA LEU B 197 70.05 7.75 -1.50
C LEU B 197 70.09 7.85 -3.03
N TYR B 198 68.91 7.85 -3.66
CA TYR B 198 68.87 7.93 -5.11
C TYR B 198 69.46 9.25 -5.60
N GLN B 199 69.07 10.36 -4.98
CA GLN B 199 69.58 11.65 -5.43
C GLN B 199 71.05 11.85 -5.05
N GLU B 200 71.49 11.25 -3.95
CA GLU B 200 72.92 11.25 -3.63
C GLU B 200 73.71 10.58 -4.75
N GLN B 201 73.38 9.32 -5.04
CA GLN B 201 74.08 8.58 -6.08
C GLN B 201 73.86 9.20 -7.46
N LEU B 202 72.81 10.01 -7.63
CA LEU B 202 72.57 10.65 -8.91
C LEU B 202 73.41 11.91 -9.08
N SER B 203 73.38 12.81 -8.08
CA SER B 203 74.19 14.02 -8.13
C SER B 203 75.67 13.70 -8.16
N ALA B 204 76.09 12.69 -7.40
CA ALA B 204 77.50 12.30 -7.40
C ALA B 204 77.90 11.51 -8.63
N GLN B 205 76.96 11.22 -9.54
CA GLN B 205 77.25 10.46 -10.75
C GLN B 205 77.32 11.32 -12.00
N GLY B 206 77.28 12.64 -11.87
CA GLY B 206 77.37 13.53 -13.01
C GLY B 206 76.06 14.03 -13.56
N MET B 207 74.95 13.87 -12.83
CA MET B 207 73.66 14.45 -13.20
C MET B 207 73.15 15.27 -12.05
N PRO B 208 73.68 16.48 -11.85
CA PRO B 208 73.19 17.36 -10.78
C PRO B 208 72.02 18.23 -11.18
N MET B 209 71.58 18.15 -12.43
CA MET B 209 70.45 18.94 -12.91
C MET B 209 69.11 18.32 -12.57
N ILE B 210 69.09 17.09 -12.10
CA ILE B 210 67.85 16.39 -11.81
C ILE B 210 67.42 16.66 -10.38
N LYS B 211 66.12 16.86 -10.19
CA LYS B 211 65.54 17.00 -8.86
C LYS B 211 64.55 15.85 -8.67
N VAL B 212 64.81 15.02 -7.66
CA VAL B 212 63.88 13.95 -7.30
C VAL B 212 62.80 14.59 -6.42
N VAL B 213 61.67 14.93 -7.04
CA VAL B 213 60.65 15.75 -6.37
C VAL B 213 59.54 14.94 -5.72
N ALA B 214 59.40 13.65 -6.06
CA ALA B 214 58.26 12.90 -5.57
C ALA B 214 58.62 11.43 -5.40
N LEU B 215 58.11 10.84 -4.32
CA LEU B 215 58.18 9.40 -4.08
C LEU B 215 56.75 8.88 -4.05
N THR B 216 56.42 7.95 -4.96
CA THR B 216 55.07 7.43 -5.05
C THR B 216 55.09 5.94 -5.36
N ASN B 217 53.89 5.39 -5.52
CA ASN B 217 53.64 4.04 -6.03
C ASN B 217 52.71 4.16 -7.22
N ASP B 218 52.44 3.02 -7.86
CA ASP B 218 51.66 3.02 -9.09
C ASP B 218 50.19 3.33 -8.87
N THR B 219 49.72 3.39 -7.62
CA THR B 219 48.30 3.68 -7.36
C THR B 219 48.02 5.18 -7.47
N VAL B 220 48.74 5.98 -6.68
CA VAL B 220 48.71 7.43 -6.86
C VAL B 220 49.08 7.77 -8.30
N GLY B 221 50.02 7.01 -8.87
CA GLY B 221 50.38 7.22 -10.26
C GLY B 221 49.22 6.99 -11.21
N THR B 222 48.41 5.97 -10.95
CA THR B 222 47.23 5.72 -11.78
C THR B 222 46.24 6.87 -11.65
N TYR B 223 46.02 7.36 -10.43
CA TYR B 223 45.16 8.53 -10.24
C TYR B 223 45.65 9.70 -11.09
N LEU B 224 46.92 10.07 -10.92
CA LEU B 224 47.45 11.22 -11.64
C LEU B 224 47.42 11.00 -13.16
N SER B 225 47.65 9.76 -13.60
CA SER B 225 47.63 9.46 -15.02
C SER B 225 46.24 9.65 -15.61
N HIS B 226 45.20 9.21 -14.88
CA HIS B 226 43.86 9.49 -15.37
C HIS B 226 43.54 10.97 -15.33
N CYS B 227 44.10 11.70 -14.35
CA CYS B 227 43.85 13.14 -14.28
C CYS B 227 44.42 13.90 -15.47
N TYR B 228 45.19 13.25 -16.34
CA TYR B 228 45.72 13.86 -17.55
C TYR B 228 45.25 13.14 -18.81
N THR B 229 45.33 11.80 -18.82
CA THR B 229 44.84 11.02 -19.95
C THR B 229 43.35 11.24 -20.19
N SER B 230 42.62 11.71 -19.17
CA SER B 230 41.20 11.99 -19.31
C SER B 230 40.95 12.92 -20.49
N ASP B 231 39.74 12.81 -21.06
CA ASP B 231 39.41 13.47 -22.31
C ASP B 231 38.67 14.79 -22.12
N ASN B 232 37.83 14.89 -21.10
CA ASN B 232 36.96 16.06 -20.94
C ASN B 232 36.97 16.63 -19.53
N THR B 233 37.92 16.22 -18.68
CA THR B 233 37.92 16.66 -17.29
C THR B 233 38.44 18.09 -17.17
N ASP B 234 39.66 18.33 -17.62
CA ASP B 234 40.37 19.56 -17.29
C ASP B 234 39.87 20.77 -18.07
N SER B 235 38.93 20.58 -18.99
CA SER B 235 38.26 21.70 -19.66
C SER B 235 36.90 21.85 -18.97
N MET B 236 36.87 22.61 -17.87
CA MET B 236 35.71 22.65 -16.98
C MET B 236 34.48 23.37 -17.53
N THR B 237 34.60 24.08 -18.65
CA THR B 237 33.46 24.62 -19.36
C THR B 237 33.00 23.91 -20.63
N SER B 238 33.39 22.65 -20.80
CA SER B 238 33.03 21.84 -21.95
C SER B 238 31.83 20.97 -21.62
N GLY B 239 31.50 20.05 -22.54
CA GLY B 239 30.27 19.30 -22.43
C GLY B 239 30.13 18.45 -21.18
N GLU B 240 31.24 17.87 -20.73
CA GLU B 240 31.24 17.04 -19.52
C GLU B 240 31.97 17.78 -18.40
N ILE B 241 31.38 17.72 -17.20
CA ILE B 241 31.89 18.47 -16.06
C ILE B 241 32.41 17.54 -14.96
N SER B 242 32.70 16.30 -15.33
CA SER B 242 33.20 15.33 -14.37
C SER B 242 34.64 15.56 -13.90
N GLU B 243 34.87 15.35 -12.61
CA GLU B 243 36.20 15.42 -12.04
C GLU B 243 36.63 14.04 -11.57
N PRO B 244 37.85 13.61 -11.90
CA PRO B 244 38.35 12.33 -11.37
C PRO B 244 38.54 12.44 -9.85
N VAL B 245 37.91 11.51 -9.13
CA VAL B 245 37.97 11.50 -7.68
C VAL B 245 38.73 10.29 -7.16
N ILE B 246 38.61 9.15 -7.84
CA ILE B 246 39.24 7.92 -7.40
C ILE B 246 40.19 7.44 -8.49
N GLY B 247 41.37 6.99 -8.08
CA GLY B 247 42.28 6.28 -8.97
C GLY B 247 42.41 4.95 -8.27
N CYS B 248 42.20 3.84 -8.98
CA CYS B 248 42.12 2.54 -8.36
C CYS B 248 42.64 1.52 -9.35
N ILE B 249 42.95 0.33 -8.83
CA ILE B 249 43.53 -0.77 -9.58
C ILE B 249 42.91 -2.07 -9.09
N PHE B 250 42.38 -2.86 -10.01
CA PHE B 250 41.95 -4.22 -9.75
C PHE B 250 42.80 -5.15 -10.60
N GLY B 251 42.61 -6.46 -10.42
CA GLY B 251 43.40 -7.44 -11.16
C GLY B 251 44.03 -8.47 -10.24
N THR B 252 45.28 -8.83 -10.48
CA THR B 252 45.96 -9.77 -9.59
C THR B 252 45.94 -9.27 -8.15
N GLY B 253 46.27 -8.00 -7.94
CA GLY B 253 46.07 -7.33 -6.68
C GLY B 253 45.08 -6.17 -6.86
N THR B 254 44.63 -5.64 -5.73
CA THR B 254 43.68 -4.53 -5.75
C THR B 254 44.13 -3.43 -4.79
N ASN B 255 43.71 -2.21 -5.10
CA ASN B 255 44.08 -1.03 -4.34
C ASN B 255 43.32 0.16 -4.94
N GLY B 256 43.39 1.30 -4.26
CA GLY B 256 42.74 2.50 -4.76
C GLY B 256 42.94 3.70 -3.86
N CYS B 257 43.14 4.88 -4.46
CA CYS B 257 43.40 6.09 -3.70
C CYS B 257 42.42 7.18 -4.12
N TYR B 258 42.28 8.19 -3.26
CA TYR B 258 41.37 9.30 -3.53
C TYR B 258 41.96 10.57 -2.91
N MET B 259 41.15 11.62 -2.85
CA MET B 259 41.56 12.88 -2.23
C MET B 259 40.62 13.20 -1.07
N GLU B 260 41.16 13.16 0.14
CA GLU B 260 40.45 13.54 1.34
C GLU B 260 40.77 14.98 1.69
N GLU B 261 39.82 15.67 2.32
CA GLU B 261 40.07 17.02 2.79
C GLU B 261 41.24 17.03 3.77
N ILE B 262 42.08 18.07 3.66
CA ILE B 262 43.35 18.08 4.38
C ILE B 262 43.13 18.01 5.89
N ASN B 263 42.23 18.84 6.40
CA ASN B 263 42.02 18.89 7.84
C ASN B 263 41.28 17.67 8.38
N LYS B 264 40.76 16.81 7.51
CA LYS B 264 40.10 15.58 7.95
C LYS B 264 41.09 14.45 8.19
N ILE B 265 42.39 14.72 8.11
CA ILE B 265 43.41 13.70 8.32
C ILE B 265 43.93 14.14 9.69
N THR B 266 43.62 13.34 10.71
CA THR B 266 44.04 13.66 12.07
C THR B 266 45.30 12.84 12.32
N LYS B 267 45.64 11.92 11.40
CA LYS B 267 46.92 11.23 11.51
C LYS B 267 48.09 12.21 11.44
N LEU B 268 47.95 13.25 10.64
CA LEU B 268 48.99 14.24 10.52
C LEU B 268 48.97 15.15 11.75
N PRO B 269 50.13 15.57 12.24
CA PRO B 269 50.15 16.51 13.37
C PRO B 269 49.45 17.81 13.01
N GLN B 270 49.05 18.55 14.05
CA GLN B 270 48.23 19.74 13.86
C GLN B 270 48.95 20.79 13.01
N GLU B 271 50.22 21.05 13.33
CA GLU B 271 50.93 22.14 12.65
C GLU B 271 51.13 21.83 11.17
N LEU B 272 51.28 20.57 10.80
CA LEU B 272 51.43 20.23 9.39
C LEU B 272 50.16 20.54 8.61
N ARG B 273 49.00 20.16 9.17
CA ARG B 273 47.73 20.50 8.56
C ARG B 273 47.55 22.01 8.48
N ASP B 274 47.95 22.73 9.52
CA ASP B 274 47.83 24.18 9.52
C ASP B 274 48.67 24.80 8.41
N LYS B 275 49.91 24.32 8.24
CA LYS B 275 50.76 24.86 7.18
C LYS B 275 50.23 24.49 5.81
N LEU B 276 49.69 23.29 5.66
CA LEU B 276 49.18 22.87 4.35
C LEU B 276 47.93 23.65 3.97
N ILE B 277 47.08 24.00 4.94
CA ILE B 277 45.90 24.79 4.62
C ILE B 277 46.25 26.27 4.48
N LYS B 278 47.32 26.72 5.14
CA LYS B 278 47.78 28.09 4.93
C LYS B 278 48.21 28.31 3.49
N GLU B 279 48.66 27.25 2.82
CA GLU B 279 49.00 27.30 1.42
C GLU B 279 47.76 27.04 0.57
N GLY B 280 47.94 26.93 -0.74
CA GLY B 280 46.82 26.91 -1.67
C GLY B 280 45.79 25.81 -1.51
N LYS B 281 46.21 24.55 -1.62
CA LYS B 281 45.27 23.45 -1.83
C LYS B 281 44.52 23.11 -0.54
N THR B 282 43.34 22.49 -0.74
CA THR B 282 42.43 22.13 0.33
C THR B 282 42.29 20.63 0.55
N HIS B 283 42.67 19.82 -0.42
CA HIS B 283 42.57 18.37 -0.33
C HIS B 283 43.96 17.74 -0.44
N MET B 284 44.00 16.41 -0.33
CA MET B 284 45.25 15.68 -0.28
C MET B 284 44.98 14.21 -0.56
N ILE B 285 45.86 13.59 -1.33
CA ILE B 285 45.65 12.20 -1.76
C ILE B 285 45.90 11.25 -0.60
N ILE B 286 44.91 10.41 -0.31
CA ILE B 286 45.03 9.32 0.65
C ILE B 286 45.08 8.01 -0.12
N ASN B 287 46.02 7.14 0.27
CA ASN B 287 46.26 5.85 -0.37
C ASN B 287 45.59 4.78 0.48
N VAL B 288 44.31 4.51 0.19
CA VAL B 288 43.60 3.45 0.89
C VAL B 288 44.08 2.11 0.36
N GLU B 289 44.66 1.29 1.23
CA GLU B 289 45.12 -0.03 0.81
C GLU B 289 44.01 -1.03 1.12
N TRP B 290 43.28 -1.41 0.07
CA TRP B 290 42.03 -2.17 0.25
C TRP B 290 42.27 -3.58 0.74
N GLY B 291 43.39 -4.19 0.34
CA GLY B 291 43.74 -5.50 0.85
C GLY B 291 43.63 -5.53 2.35
N SER B 292 42.97 -6.56 2.89
CA SER B 292 42.68 -6.71 4.31
C SER B 292 41.65 -5.71 4.81
N PHE B 293 40.81 -5.18 3.93
CA PHE B 293 39.62 -4.47 4.40
C PHE B 293 38.70 -5.48 5.08
N ASP B 294 38.40 -5.25 6.35
CA ASP B 294 37.72 -6.24 7.17
C ASP B 294 38.47 -7.56 7.12
N ASN B 295 39.74 -7.49 7.51
CA ASN B 295 40.58 -8.70 7.53
C ASN B 295 40.20 -9.66 8.65
N GLU B 296 39.43 -9.21 9.63
CA GLU B 296 38.92 -10.08 10.67
C GLU B 296 37.66 -10.82 10.25
N LEU B 297 37.16 -10.56 9.04
CA LEU B 297 35.97 -11.21 8.49
C LEU B 297 34.70 -10.86 9.28
N LYS B 298 34.57 -9.59 9.67
CA LYS B 298 33.39 -9.17 10.41
C LYS B 298 32.17 -9.05 9.51
N HIS B 299 32.36 -8.59 8.28
CA HIS B 299 31.27 -8.50 7.31
C HIS B 299 31.62 -9.00 5.92
N LEU B 300 32.87 -9.32 5.63
CA LEU B 300 33.25 -9.73 4.28
C LEU B 300 32.62 -11.08 3.95
N PRO B 301 31.85 -11.19 2.88
CA PRO B 301 31.27 -12.49 2.52
C PRO B 301 32.36 -13.54 2.29
N THR B 302 32.18 -14.70 2.91
CA THR B 302 33.18 -15.76 2.88
C THR B 302 32.49 -17.10 2.65
N THR B 303 33.05 -17.89 1.75
CA THR B 303 32.53 -19.21 1.43
C THR B 303 33.38 -20.30 2.09
N LYS B 304 32.92 -21.54 1.96
CA LYS B 304 33.72 -22.66 2.43
C LYS B 304 35.02 -22.77 1.64
N TYR B 305 35.01 -22.35 0.37
CA TYR B 305 36.18 -22.47 -0.48
C TYR B 305 37.19 -21.35 -0.25
N ASP B 306 36.71 -20.17 0.13
CA ASP B 306 37.59 -19.04 0.33
C ASP B 306 38.60 -19.32 1.44
N VAL B 307 38.18 -19.99 2.51
CA VAL B 307 39.09 -20.26 3.62
C VAL B 307 40.08 -21.35 3.25
N VAL B 308 39.62 -22.37 2.51
CA VAL B 308 40.55 -23.39 2.02
C VAL B 308 41.65 -22.75 1.21
N ILE B 309 41.27 -21.90 0.26
CA ILE B 309 42.29 -21.25 -0.56
C ILE B 309 43.17 -20.35 0.28
N ASP B 310 42.57 -19.62 1.23
CA ASP B 310 43.31 -18.60 1.97
C ASP B 310 44.34 -19.19 2.91
N GLN B 311 44.06 -20.34 3.52
CA GLN B 311 44.97 -20.86 4.53
C GLN B 311 45.61 -22.21 4.19
N LYS B 312 45.12 -22.93 3.18
CA LYS B 312 45.72 -24.22 2.85
C LYS B 312 46.76 -24.06 1.75
N LEU B 313 46.43 -23.34 0.67
CA LEU B 313 47.24 -23.41 -0.53
C LEU B 313 47.76 -22.10 -1.09
N SER B 314 47.64 -20.99 -0.35
CA SER B 314 48.15 -19.71 -0.81
C SER B 314 49.55 -19.36 -0.34
N THR B 315 50.02 -18.19 -0.79
CA THR B 315 51.36 -17.75 -0.46
C THR B 315 51.31 -17.12 0.92
N ASN B 316 50.24 -16.42 1.23
CA ASN B 316 50.07 -15.74 2.51
C ASN B 316 48.75 -16.15 3.14
N PRO B 317 48.76 -16.76 4.31
CA PRO B 317 47.50 -16.95 5.05
C PRO B 317 47.15 -15.75 5.90
N GLY B 318 45.92 -15.25 5.77
CA GLY B 318 45.45 -14.12 6.54
C GLY B 318 45.76 -12.77 5.94
N PHE B 319 46.77 -12.67 5.07
CA PHE B 319 47.11 -11.40 4.43
C PHE B 319 46.15 -11.12 3.28
N HIS B 320 45.55 -9.93 3.30
CA HIS B 320 44.76 -9.42 2.18
C HIS B 320 43.62 -10.37 1.82
N LEU B 321 42.75 -10.62 2.81
CA LEU B 321 41.59 -11.47 2.58
C LEU B 321 40.63 -10.84 1.57
N PHE B 322 40.43 -9.53 1.66
CA PHE B 322 39.58 -8.82 0.70
C PHE B 322 40.18 -8.89 -0.69
N GLU B 323 41.51 -8.86 -0.79
CA GLU B 323 42.17 -8.92 -2.10
C GLU B 323 41.93 -10.27 -2.76
N LYS B 324 42.24 -11.36 -2.05
CA LYS B 324 41.96 -12.70 -2.57
C LYS B 324 40.48 -12.86 -2.87
N ARG B 325 39.62 -12.25 -2.08
CA ARG B 325 38.18 -12.41 -2.23
C ARG B 325 37.68 -11.74 -3.50
N VAL B 326 38.14 -10.51 -3.77
CA VAL B 326 37.66 -9.73 -4.91
C VAL B 326 38.18 -10.02 -6.31
N SER B 327 39.47 -10.32 -6.41
CA SER B 327 40.11 -10.25 -7.72
C SER B 327 41.35 -11.13 -7.72
N GLY B 328 42.02 -11.20 -8.86
CA GLY B 328 43.20 -12.01 -9.00
C GLY B 328 42.90 -13.33 -9.67
N MET B 329 43.95 -14.15 -9.77
CA MET B 329 43.86 -15.51 -10.27
C MET B 329 42.92 -16.37 -9.42
N PHE B 330 42.47 -15.92 -8.25
CA PHE B 330 41.64 -16.73 -7.34
C PHE B 330 40.25 -17.11 -7.85
N LEU B 331 39.75 -16.45 -8.89
CA LEU B 331 38.46 -16.84 -9.46
C LEU B 331 38.53 -18.25 -10.05
N GLY B 332 39.57 -18.54 -10.84
CA GLY B 332 39.74 -19.87 -11.36
C GLY B 332 39.95 -20.90 -10.27
N GLU B 333 40.66 -20.54 -9.20
CA GLU B 333 40.88 -21.48 -8.11
C GLU B 333 39.57 -21.77 -7.36
N VAL B 334 38.73 -20.75 -7.19
CA VAL B 334 37.41 -20.96 -6.59
C VAL B 334 36.59 -21.90 -7.44
N LEU B 335 36.57 -21.67 -8.76
CA LEU B 335 35.82 -22.54 -9.65
C LEU B 335 36.34 -23.98 -9.58
N ARG B 336 37.66 -24.15 -9.58
CA ARG B 336 38.23 -25.49 -9.53
C ARG B 336 37.90 -26.18 -8.21
N ASN B 337 37.91 -25.42 -7.10
CA ASN B 337 37.52 -26.02 -5.83
C ASN B 337 36.06 -26.47 -5.86
N ILE B 338 35.17 -25.65 -6.43
CA ILE B 338 33.77 -26.05 -6.52
C ILE B 338 33.63 -27.31 -7.37
N LEU B 339 34.40 -27.40 -8.46
CA LEU B 339 34.34 -28.57 -9.33
C LEU B 339 34.84 -29.82 -8.60
N VAL B 340 35.94 -29.71 -7.85
CA VAL B 340 36.46 -30.84 -7.10
C VAL B 340 35.43 -31.30 -6.06
N ASP B 341 34.79 -30.34 -5.38
CA ASP B 341 33.79 -30.69 -4.38
C ASP B 341 32.61 -31.41 -5.02
N LEU B 342 32.07 -30.86 -6.11
CA LEU B 342 30.93 -31.48 -6.79
C LEU B 342 31.29 -32.85 -7.34
N HIS B 343 32.55 -33.05 -7.74
CA HIS B 343 32.94 -34.36 -8.25
C HIS B 343 33.07 -35.38 -7.14
N SER B 344 33.66 -34.98 -6.01
CA SER B 344 33.96 -35.92 -4.92
C SER B 344 32.68 -36.41 -4.26
N GLN B 345 31.54 -35.91 -4.70
CA GLN B 345 30.25 -36.34 -4.18
C GLN B 345 29.35 -36.85 -5.30
N GLY B 346 29.95 -37.38 -6.38
CA GLY B 346 29.19 -38.11 -7.38
C GLY B 346 28.22 -37.28 -8.19
N LEU B 347 28.32 -35.96 -8.14
CA LEU B 347 27.39 -35.10 -8.89
C LEU B 347 27.84 -34.61 -10.26
N LEU B 348 29.07 -34.15 -10.36
CA LEU B 348 29.58 -33.53 -11.57
C LEU B 348 30.72 -34.44 -12.03
N LEU B 349 30.76 -34.71 -13.33
CA LEU B 349 31.89 -35.42 -13.94
C LEU B 349 32.07 -36.74 -13.20
N GLN B 350 30.99 -37.51 -13.13
CA GLN B 350 30.94 -38.76 -12.35
C GLN B 350 31.58 -39.91 -13.16
N GLN B 351 32.20 -39.66 -14.32
CA GLN B 351 32.82 -40.73 -15.11
C GLN B 351 34.27 -41.01 -14.71
N TYR B 352 34.77 -40.35 -13.67
CA TYR B 352 36.07 -40.63 -13.08
C TYR B 352 35.82 -41.15 -11.67
N ARG B 353 35.96 -42.47 -11.48
CA ARG B 353 35.60 -43.09 -10.21
C ARG B 353 36.49 -42.66 -9.05
N SER B 354 37.62 -42.01 -9.32
CA SER B 354 38.52 -41.56 -8.26
C SER B 354 38.76 -40.06 -8.39
N LYS B 355 38.76 -39.38 -7.25
CA LYS B 355 39.21 -37.99 -7.22
C LYS B 355 40.62 -37.85 -7.78
N GLU B 356 41.47 -38.85 -7.53
CA GLU B 356 42.85 -38.79 -7.99
C GLU B 356 42.96 -38.90 -9.51
N GLN B 357 42.25 -39.86 -10.10
CA GLN B 357 42.37 -40.06 -11.55
C GLN B 357 41.67 -38.96 -12.37
N LEU B 358 41.27 -37.87 -11.73
CA LEU B 358 40.78 -36.71 -12.46
C LEU B 358 41.88 -36.23 -13.41
N PRO B 359 41.52 -35.38 -14.39
CA PRO B 359 42.54 -34.86 -15.32
C PRO B 359 43.62 -34.04 -14.63
N ARG B 360 44.62 -33.63 -15.39
CA ARG B 360 45.89 -33.19 -14.82
C ARG B 360 45.81 -31.78 -14.23
N HIS B 361 45.10 -30.87 -14.91
CA HIS B 361 44.95 -29.52 -14.37
C HIS B 361 44.05 -29.49 -13.14
N LEU B 362 43.09 -30.42 -13.04
CA LEU B 362 42.03 -30.31 -12.06
C LEU B 362 42.44 -30.73 -10.65
N THR B 363 43.52 -31.51 -10.52
CA THR B 363 43.96 -31.99 -9.21
C THR B 363 44.96 -31.08 -8.49
N THR B 364 45.99 -30.62 -9.20
CA THR B 364 46.98 -29.76 -8.57
C THR B 364 46.40 -28.34 -8.56
N PRO B 365 46.53 -27.62 -7.46
CA PRO B 365 45.83 -26.33 -7.32
C PRO B 365 46.49 -25.25 -8.16
N PHE B 366 45.77 -24.13 -8.28
CA PHE B 366 46.20 -22.95 -9.05
C PHE B 366 46.57 -23.30 -10.48
N GLN B 367 45.92 -24.33 -11.04
CA GLN B 367 46.14 -24.76 -12.41
C GLN B 367 44.91 -24.51 -13.29
N LEU B 368 43.96 -23.71 -12.81
CA LEU B 368 42.80 -23.29 -13.59
C LEU B 368 42.96 -21.80 -13.89
N SER B 369 43.21 -21.48 -15.16
CA SER B 369 43.62 -20.14 -15.54
C SER B 369 42.46 -19.16 -15.45
N SER B 370 42.81 -17.87 -15.36
CA SER B 370 41.81 -16.82 -15.40
C SER B 370 41.21 -16.66 -16.80
N GLU B 371 42.01 -16.91 -17.84
CA GLU B 371 41.52 -16.81 -19.21
C GLU B 371 40.43 -17.84 -19.50
N VAL B 372 40.43 -18.96 -18.78
CA VAL B 372 39.37 -19.94 -18.94
C VAL B 372 38.03 -19.34 -18.52
N LEU B 373 37.98 -18.79 -17.31
CA LEU B 373 36.76 -18.13 -16.86
C LEU B 373 36.43 -16.94 -17.75
N SER B 374 37.45 -16.30 -18.34
CA SER B 374 37.20 -15.22 -19.29
C SER B 374 36.43 -15.72 -20.50
N HIS B 375 36.90 -16.80 -21.12
CA HIS B 375 36.26 -17.36 -22.30
C HIS B 375 35.03 -18.21 -21.97
N ILE B 376 34.67 -18.35 -20.70
CA ILE B 376 33.42 -19.02 -20.34
C ILE B 376 32.34 -18.03 -19.95
N GLU B 377 32.70 -16.97 -19.22
CA GLU B 377 31.75 -16.01 -18.66
C GLU B 377 30.61 -15.66 -19.61
N ILE B 378 30.95 -15.20 -20.82
CA ILE B 378 30.01 -14.84 -21.84
C ILE B 378 30.34 -15.10 -23.33
N ASP B 379 31.45 -15.82 -23.52
CA ASP B 379 32.11 -16.01 -24.81
C ASP B 379 31.18 -17.06 -25.40
N ASP B 380 30.72 -18.01 -24.60
CA ASP B 380 29.88 -19.08 -25.12
C ASP B 380 28.43 -18.66 -25.05
N SER B 381 27.98 -17.98 -26.11
CA SER B 381 26.59 -17.96 -26.53
C SER B 381 26.42 -18.78 -27.80
N THR B 382 27.47 -19.46 -28.24
CA THR B 382 27.57 -20.02 -29.58
C THR B 382 27.08 -21.46 -29.60
N GLY B 383 26.07 -21.74 -30.40
CA GLY B 383 25.43 -23.03 -30.40
C GLY B 383 25.02 -23.45 -29.01
N LEU B 384 25.00 -24.75 -28.77
CA LEU B 384 24.75 -25.28 -27.43
C LEU B 384 26.19 -25.70 -27.10
N ARG B 385 26.82 -24.92 -26.22
CA ARG B 385 28.06 -25.28 -25.54
C ARG B 385 29.22 -25.73 -26.41
N GLU B 386 29.42 -25.08 -27.55
CA GLU B 386 30.50 -25.44 -28.47
C GLU B 386 31.88 -24.83 -28.29
N THR B 387 31.93 -23.59 -27.79
CA THR B 387 33.22 -22.92 -27.59
C THR B 387 33.52 -23.23 -26.14
N GLU B 388 32.48 -23.41 -25.32
CA GLU B 388 32.73 -23.77 -23.92
C GLU B 388 33.42 -25.11 -23.82
N LEU B 389 32.89 -26.13 -24.50
CA LEU B 389 33.57 -27.43 -24.53
C LEU B 389 34.96 -27.30 -25.12
N SER B 390 35.09 -26.47 -26.17
CA SER B 390 36.38 -26.31 -26.83
C SER B 390 37.45 -25.83 -25.85
N LEU B 391 37.18 -24.72 -25.16
CA LEU B 391 38.17 -24.20 -24.23
C LEU B 391 38.29 -25.07 -23.00
N LEU B 392 37.17 -25.65 -22.54
CA LEU B 392 37.20 -26.48 -21.34
C LEU B 392 37.96 -27.77 -21.56
N GLN B 393 38.12 -28.20 -22.82
CA GLN B 393 39.02 -29.30 -23.14
C GLN B 393 40.31 -28.82 -23.80
N SER B 394 40.58 -27.51 -23.75
CA SER B 394 41.96 -27.04 -23.97
C SER B 394 42.81 -27.18 -22.72
N LEU B 395 42.18 -27.20 -21.55
CA LEU B 395 42.76 -27.87 -20.40
C LEU B 395 42.14 -29.22 -20.73
N ARG B 396 42.55 -30.28 -20.02
CA ARG B 396 42.40 -31.64 -20.51
C ARG B 396 40.98 -32.14 -20.24
N LEU B 397 40.13 -31.33 -19.61
CA LEU B 397 38.77 -31.79 -19.27
C LEU B 397 37.67 -31.90 -20.31
N PRO B 398 37.13 -33.09 -20.55
CA PRO B 398 35.93 -33.22 -21.39
C PRO B 398 34.65 -33.08 -20.58
N THR B 399 33.58 -32.70 -21.27
CA THR B 399 32.31 -32.41 -20.60
C THR B 399 31.15 -32.79 -21.50
N THR B 400 29.96 -32.77 -20.90
CA THR B 400 28.67 -32.92 -21.55
C THR B 400 27.98 -31.55 -21.58
N PRO B 401 26.92 -31.39 -22.39
CA PRO B 401 26.25 -30.08 -22.44
C PRO B 401 25.72 -29.61 -21.09
N THR B 402 25.11 -30.50 -20.31
CA THR B 402 24.54 -30.08 -19.04
C THR B 402 25.62 -29.71 -18.01
N GLU B 403 26.68 -30.54 -17.93
CA GLU B 403 27.84 -30.18 -17.12
C GLU B 403 28.32 -28.78 -17.49
N ARG B 404 28.25 -28.44 -18.77
CA ARG B 404 28.74 -27.15 -19.23
C ARG B 404 27.79 -26.02 -18.82
N VAL B 405 26.48 -26.26 -18.90
CA VAL B 405 25.52 -25.27 -18.41
C VAL B 405 25.82 -24.95 -16.95
N GLN B 406 26.09 -25.99 -16.16
CA GLN B 406 26.30 -25.77 -14.73
C GLN B 406 27.64 -25.08 -14.47
N ILE B 407 28.68 -25.44 -15.22
CA ILE B 407 29.97 -24.77 -15.06
C ILE B 407 29.85 -23.29 -15.38
N GLN B 408 29.06 -22.95 -16.40
CA GLN B 408 28.84 -21.54 -16.71
C GLN B 408 28.06 -20.84 -15.59
N LYS B 409 27.01 -21.49 -15.08
CA LYS B 409 26.33 -20.95 -13.90
C LYS B 409 27.34 -20.59 -12.80
N LEU B 410 28.25 -21.51 -12.51
CA LEU B 410 29.19 -21.32 -11.41
C LEU B 410 30.13 -20.15 -11.68
N VAL B 411 30.74 -20.12 -12.87
CA VAL B 411 31.68 -19.04 -13.16
C VAL B 411 30.98 -17.70 -13.19
N ARG B 412 29.74 -17.65 -13.64
CA ARG B 412 29.00 -16.39 -13.66
C ARG B 412 28.72 -15.91 -12.24
N ALA B 413 28.36 -16.83 -11.34
CA ALA B 413 28.16 -16.43 -9.95
C ALA B 413 29.44 -15.90 -9.34
N ILE B 414 30.57 -16.55 -9.63
CA ILE B 414 31.85 -16.10 -9.12
C ILE B 414 32.16 -14.69 -9.62
N SER B 415 31.93 -14.45 -10.91
CA SER B 415 32.16 -13.13 -11.49
C SER B 415 31.29 -12.08 -10.82
N ARG B 416 30.01 -12.39 -10.60
CA ARG B 416 29.12 -11.43 -9.95
C ARG B 416 29.61 -11.06 -8.55
N ARG B 417 29.91 -12.07 -7.73
CA ARG B 417 30.38 -11.78 -6.37
C ARG B 417 31.64 -10.94 -6.40
N SER B 418 32.61 -11.33 -7.24
CA SER B 418 33.86 -10.59 -7.33
C SER B 418 33.62 -9.13 -7.72
N ALA B 419 32.75 -8.90 -8.71
CA ALA B 419 32.55 -7.53 -9.19
C ALA B 419 31.81 -6.68 -8.17
N TYR B 420 30.87 -7.26 -7.44
CA TYR B 420 30.15 -6.49 -6.42
C TYR B 420 31.07 -6.10 -5.28
N LEU B 421 31.86 -7.06 -4.78
CA LEU B 421 32.84 -6.72 -3.75
C LEU B 421 33.86 -5.71 -4.27
N ALA B 422 34.17 -5.75 -5.57
CA ALA B 422 35.03 -4.74 -6.16
C ALA B 422 34.38 -3.36 -6.13
N ALA B 423 33.08 -3.31 -6.37
CA ALA B 423 32.38 -2.03 -6.39
C ALA B 423 32.28 -1.41 -5.01
N VAL B 424 32.29 -2.24 -3.96
CA VAL B 424 32.14 -1.75 -2.58
C VAL B 424 33.06 -0.57 -2.24
N PRO B 425 34.38 -0.68 -2.39
CA PRO B 425 35.23 0.47 -2.01
C PRO B 425 34.96 1.73 -2.80
N LEU B 426 34.59 1.61 -4.08
CA LEU B 426 34.29 2.79 -4.87
C LEU B 426 33.05 3.51 -4.35
N ALA B 427 31.98 2.76 -4.11
CA ALA B 427 30.77 3.35 -3.55
C ALA B 427 31.05 3.99 -2.19
N ALA B 428 31.91 3.36 -1.39
CA ALA B 428 32.26 3.94 -0.10
C ALA B 428 32.99 5.28 -0.28
N ILE B 429 34.04 5.30 -1.09
CA ILE B 429 34.81 6.53 -1.29
C ILE B 429 33.92 7.64 -1.83
N LEU B 430 32.99 7.31 -2.73
CA LEU B 430 32.18 8.32 -3.38
C LEU B 430 31.13 8.95 -2.47
N ILE B 431 30.87 8.38 -1.30
CA ILE B 431 29.88 8.93 -0.39
C ILE B 431 30.51 9.55 0.87
N LYS B 432 31.63 9.01 1.35
CA LYS B 432 32.30 9.61 2.50
C LYS B 432 32.69 11.05 2.21
N THR B 433 33.27 11.29 1.03
CA THR B 433 33.32 12.61 0.44
C THR B 433 32.08 12.81 -0.42
N ASN B 434 31.49 13.99 -0.37
CA ASN B 434 30.29 14.27 -1.16
C ASN B 434 30.72 14.72 -2.55
N ALA B 435 31.31 13.77 -3.28
CA ALA B 435 31.89 14.06 -4.58
C ALA B 435 30.85 14.22 -5.68
N LEU B 436 29.62 13.79 -5.43
CA LEU B 436 28.60 13.75 -6.47
C LEU B 436 27.59 14.88 -6.37
N ASN B 437 27.83 15.89 -5.53
CA ASN B 437 26.88 16.98 -5.34
C ASN B 437 27.50 18.37 -5.44
N LYS B 438 28.59 18.48 -6.19
CA LYS B 438 29.30 19.76 -6.27
C LYS B 438 28.58 20.93 -6.95
N ARG B 439 28.06 20.73 -8.16
CA ARG B 439 27.32 21.78 -8.84
C ARG B 439 26.53 21.16 -9.99
N TYR B 440 25.68 21.99 -10.59
CA TYR B 440 24.79 21.56 -11.68
C TYR B 440 25.55 20.79 -12.75
N HIS B 441 24.97 19.68 -13.19
CA HIS B 441 25.58 18.78 -14.16
C HIS B 441 26.90 18.21 -13.69
N GLY B 442 27.17 18.29 -12.40
CA GLY B 442 28.40 17.73 -11.86
C GLY B 442 28.40 16.21 -11.96
N GLU B 443 29.53 15.66 -12.34
CA GLU B 443 29.72 14.22 -12.43
C GLU B 443 31.14 13.90 -11.97
N VAL B 444 31.49 12.61 -12.01
CA VAL B 444 32.77 12.12 -11.51
C VAL B 444 33.14 10.88 -12.29
N GLU B 445 34.39 10.78 -12.73
CA GLU B 445 34.88 9.57 -13.39
C GLU B 445 35.99 8.93 -12.54
N ILE B 446 36.05 7.60 -12.64
CA ILE B 446 37.00 6.78 -11.88
C ILE B 446 37.98 6.17 -12.87
N GLY B 447 39.27 6.41 -12.65
CA GLY B 447 40.31 5.85 -13.49
C GLY B 447 40.80 4.53 -12.93
N CYS B 448 40.47 3.59 -13.66
CA CYS B 448 40.76 2.21 -13.30
C CYS B 448 41.88 1.64 -14.18
N ASP B 449 42.78 0.89 -13.57
CA ASP B 449 43.80 0.16 -14.28
C ASP B 449 43.84 -1.29 -13.78
N GLY B 450 44.49 -2.14 -14.55
CA GLY B 450 44.75 -3.52 -14.16
C GLY B 450 44.04 -4.52 -15.04
N SER B 451 44.27 -5.80 -14.72
CA SER B 451 43.82 -6.88 -15.58
C SER B 451 42.31 -7.04 -15.55
N VAL B 452 41.76 -7.33 -14.37
CA VAL B 452 40.36 -7.73 -14.28
C VAL B 452 39.45 -6.62 -14.80
N VAL B 453 39.64 -5.40 -14.31
CA VAL B 453 38.70 -4.32 -14.62
C VAL B 453 38.71 -3.98 -16.10
N GLU B 454 39.86 -4.08 -16.76
CA GLU B 454 39.96 -3.68 -18.15
C GLU B 454 39.55 -4.77 -19.13
N TYR B 455 39.96 -6.02 -18.89
CA TYR B 455 39.82 -7.06 -19.90
C TYR B 455 38.86 -8.19 -19.54
N TYR B 456 38.51 -8.36 -18.27
CA TYR B 456 37.54 -9.39 -17.93
C TYR B 456 36.19 -9.01 -18.53
N PRO B 457 35.51 -9.92 -19.21
CA PRO B 457 34.31 -9.54 -19.96
C PRO B 457 33.20 -9.04 -19.04
N GLY B 458 32.82 -7.78 -19.22
CA GLY B 458 31.70 -7.19 -18.52
C GLY B 458 31.93 -6.89 -17.06
N PHE B 459 33.16 -7.03 -16.57
CA PHE B 459 33.44 -6.67 -15.18
C PHE B 459 33.07 -5.22 -14.90
N ARG B 460 33.43 -4.53 -15.98
CA ARG B 460 33.01 -3.14 -15.79
C ARG B 460 31.49 -3.03 -15.76
N SER B 461 30.79 -3.83 -16.58
CA SER B 461 29.34 -3.79 -16.56
C SER B 461 28.79 -4.26 -15.21
N MET B 462 29.38 -5.31 -14.65
CA MET B 462 28.94 -5.76 -13.33
C MET B 462 29.37 -4.81 -12.23
N LEU B 463 30.53 -4.16 -12.38
CA LEU B 463 30.90 -3.07 -11.48
C LEU B 463 29.82 -2.00 -11.44
N ARG B 464 29.36 -1.58 -12.62
CA ARG B 464 28.34 -0.55 -12.67
C ARG B 464 27.01 -1.03 -12.13
N HIS B 465 26.67 -2.31 -12.36
CA HIS B 465 25.43 -2.85 -11.80
C HIS B 465 25.46 -2.84 -10.28
N ALA B 466 26.58 -3.26 -9.69
CA ALA B 466 26.72 -3.23 -8.24
C ALA B 466 26.72 -1.79 -7.72
N LEU B 467 27.31 -0.86 -8.47
CA LEU B 467 27.23 0.55 -8.11
C LEU B 467 25.78 1.02 -8.06
N ALA B 468 24.99 0.64 -9.05
CA ALA B 468 23.59 1.03 -9.08
C ALA B 468 22.81 0.39 -7.93
N LEU B 469 23.14 -0.86 -7.59
CA LEU B 469 22.48 -1.53 -6.47
C LEU B 469 23.04 -1.17 -5.11
N SER B 470 24.04 -0.28 -5.06
CA SER B 470 24.72 0.13 -3.83
C SER B 470 23.91 1.31 -3.28
N PRO B 471 24.23 1.81 -2.07
CA PRO B 471 23.54 3.02 -1.58
C PRO B 471 23.61 4.24 -2.50
N LEU B 472 24.42 4.20 -3.56
CA LEU B 472 24.37 5.26 -4.56
C LEU B 472 23.19 5.26 -5.52
N GLY B 473 22.58 4.09 -5.74
CA GLY B 473 21.22 4.02 -6.26
C GLY B 473 20.69 4.31 -7.64
N ALA B 474 21.56 4.42 -8.64
CA ALA B 474 21.17 4.54 -10.04
C ALA B 474 20.79 5.99 -10.27
N GLU B 475 21.02 6.85 -9.27
CA GLU B 475 21.09 8.29 -9.48
C GLU B 475 22.55 8.74 -9.47
N GLY B 476 23.42 7.94 -8.86
CA GLY B 476 24.86 8.15 -8.96
C GLY B 476 25.46 7.38 -10.10
N GLU B 477 24.90 6.20 -10.39
CA GLU B 477 25.36 5.42 -11.54
C GLU B 477 25.26 6.25 -12.82
N ARG B 478 24.20 7.02 -12.96
CA ARG B 478 24.07 7.91 -14.11
C ARG B 478 25.18 8.96 -14.12
N LYS B 479 25.75 9.28 -12.95
CA LYS B 479 26.75 10.33 -12.83
C LYS B 479 28.17 9.82 -12.68
N VAL B 480 28.36 8.56 -12.29
CA VAL B 480 29.70 8.00 -12.14
C VAL B 480 30.14 7.35 -13.44
N HIS B 481 31.36 7.63 -13.86
CA HIS B 481 31.92 7.16 -15.10
C HIS B 481 33.09 6.23 -14.81
N LEU B 482 33.35 5.30 -15.71
CA LEU B 482 34.48 4.38 -15.59
C LEU B 482 35.40 4.59 -16.79
N LYS B 483 36.59 5.13 -16.54
CA LYS B 483 37.61 5.23 -17.56
C LYS B 483 38.81 4.40 -17.14
N ILE B 484 39.60 3.99 -18.13
CA ILE B 484 40.81 3.21 -17.91
C ILE B 484 42.02 4.10 -18.13
N ALA B 485 42.97 4.05 -17.21
CA ALA B 485 44.21 4.79 -17.30
C ALA B 485 45.37 3.85 -17.07
N LYS B 486 46.33 3.84 -17.99
CA LYS B 486 47.45 2.92 -17.96
C LYS B 486 48.71 3.61 -17.44
N ASP B 487 49.73 2.80 -17.18
CA ASP B 487 51.06 3.24 -16.80
C ASP B 487 51.12 4.19 -15.59
N GLY B 488 50.53 3.74 -14.48
CA GLY B 488 50.74 4.46 -13.25
C GLY B 488 52.17 4.61 -12.80
N SER B 489 53.05 3.72 -13.27
CA SER B 489 54.46 3.76 -12.86
C SER B 489 55.24 4.82 -13.60
N GLY B 490 55.03 4.93 -14.90
CA GLY B 490 55.85 5.81 -15.74
C GLY B 490 55.26 7.19 -15.97
N VAL B 491 53.98 7.25 -16.30
CA VAL B 491 53.35 8.55 -16.48
C VAL B 491 52.95 9.13 -15.14
N GLY B 492 52.53 8.28 -14.20
CA GLY B 492 52.12 8.77 -12.90
C GLY B 492 53.24 9.41 -12.12
N ALA B 493 54.45 8.85 -12.21
CA ALA B 493 55.59 9.42 -11.50
C ALA B 493 55.91 10.83 -12.02
N ALA B 494 55.95 10.98 -13.34
CA ALA B 494 56.21 12.29 -13.93
C ALA B 494 55.11 13.28 -13.54
N LEU B 495 53.85 12.87 -13.69
CA LEU B 495 52.75 13.77 -13.37
C LEU B 495 52.73 14.13 -11.89
N CYS B 496 53.22 13.24 -11.03
CA CYS B 496 53.34 13.58 -9.62
C CYS B 496 54.46 14.58 -9.38
N ALA B 497 55.58 14.40 -10.08
CA ALA B 497 56.65 15.39 -10.00
C ALA B 497 56.19 16.75 -10.52
N LEU B 498 55.19 16.75 -11.41
CA LEU B 498 54.66 18.00 -11.96
C LEU B 498 54.03 18.97 -10.98
N VAL B 499 53.17 18.47 -10.08
CA VAL B 499 52.33 19.32 -9.24
C VAL B 499 52.93 19.34 -7.83
N ALA B 500 54.04 18.63 -7.61
CA ALA B 500 54.68 18.64 -6.30
C ALA B 500 55.31 19.99 -5.98
N MET C 1 46.84 -10.94 14.00
CA MET C 1 46.78 -11.56 12.68
C MET C 1 47.50 -12.91 12.69
N SER C 2 47.84 -13.38 13.89
CA SER C 2 48.36 -14.72 14.09
C SER C 2 47.25 -15.58 14.70
N PHE C 3 47.63 -16.67 15.38
CA PHE C 3 46.70 -17.69 15.85
C PHE C 3 45.45 -17.09 16.47
N ASP C 4 45.57 -15.97 17.19
CA ASP C 4 44.41 -15.35 17.85
C ASP C 4 43.38 -14.67 16.93
N ASP C 5 43.86 -13.97 15.90
CA ASP C 5 42.94 -13.29 14.99
C ASP C 5 42.55 -14.33 13.94
N LEU C 6 43.42 -15.31 13.69
CA LEU C 6 43.05 -16.43 12.83
C LEU C 6 41.90 -17.22 13.44
N HIS C 7 41.93 -17.45 14.76
CA HIS C 7 40.83 -18.15 15.43
C HIS C 7 39.55 -17.32 15.34
N LYS C 8 39.66 -16.01 15.55
CA LYS C 8 38.47 -15.16 15.46
C LYS C 8 37.87 -15.22 14.05
N ALA C 9 38.70 -14.99 13.03
CA ALA C 9 38.22 -14.98 11.66
C ALA C 9 37.71 -16.36 11.25
N THR C 10 38.33 -17.42 11.75
CA THR C 10 37.88 -18.77 11.43
C THR C 10 36.53 -19.07 12.06
N GLU C 11 36.32 -18.63 13.30
CA GLU C 11 35.01 -18.82 13.91
C GLU C 11 33.94 -18.02 13.16
N ARG C 12 34.26 -16.80 12.74
CA ARG C 12 33.31 -16.02 11.97
C ARG C 12 32.98 -16.70 10.64
N ALA C 13 34.01 -17.20 9.95
CA ALA C 13 33.78 -17.89 8.67
C ALA C 13 33.01 -19.18 8.87
N VAL C 14 33.22 -19.88 9.99
CA VAL C 14 32.45 -21.07 10.30
C VAL C 14 30.97 -20.71 10.46
N ILE C 15 30.71 -19.66 11.25
CA ILE C 15 29.33 -19.19 11.40
C ILE C 15 28.71 -18.93 10.04
N GLN C 16 29.46 -18.23 9.17
CA GLN C 16 28.94 -17.87 7.86
C GLN C 16 28.63 -19.10 7.02
N ALA C 17 29.59 -20.02 6.91
CA ALA C 17 29.41 -21.20 6.06
C ALA C 17 28.30 -22.11 6.59
N VAL C 18 28.22 -22.27 7.91
CA VAL C 18 27.20 -23.14 8.48
C VAL C 18 25.82 -22.50 8.31
N ASP C 19 25.73 -21.17 8.43
CA ASP C 19 24.46 -20.51 8.14
C ASP C 19 24.05 -20.72 6.69
N GLN C 20 25.02 -20.66 5.76
CA GLN C 20 24.71 -20.92 4.37
C GLN C 20 24.20 -22.35 4.16
N ILE C 21 24.86 -23.32 4.79
CA ILE C 21 24.44 -24.72 4.64
C ILE C 21 23.05 -24.92 5.20
N CYS C 22 22.79 -24.36 6.39
CA CYS C 22 21.45 -24.43 6.98
C CYS C 22 20.42 -23.79 6.07
N ASP C 23 20.79 -22.71 5.36
CA ASP C 23 19.88 -22.11 4.41
C ASP C 23 19.61 -23.05 3.24
N ASP C 24 20.63 -23.78 2.79
CA ASP C 24 20.43 -24.73 1.70
C ASP C 24 19.56 -25.91 2.13
N PHE C 25 19.55 -26.23 3.43
CA PHE C 25 18.68 -27.31 3.93
C PHE C 25 17.26 -26.84 4.21
N GLU C 26 16.98 -25.55 4.11
CA GLU C 26 15.72 -25.00 4.62
C GLU C 26 14.56 -25.23 3.66
N VAL C 27 13.49 -25.82 4.16
CA VAL C 27 12.23 -25.88 3.43
C VAL C 27 11.50 -24.57 3.60
N THR C 28 11.07 -23.97 2.51
CA THR C 28 10.37 -22.70 2.55
C THR C 28 8.88 -22.92 2.33
N PRO C 29 8.04 -21.97 2.78
CA PRO C 29 6.59 -22.15 2.59
C PRO C 29 6.19 -22.31 1.14
N GLU C 30 6.84 -21.59 0.23
CA GLU C 30 6.56 -21.74 -1.20
C GLU C 30 7.02 -23.11 -1.68
N LYS C 31 8.15 -23.60 -1.14
CA LYS C 31 8.58 -24.94 -1.46
C LYS C 31 7.59 -25.98 -0.93
N LEU C 32 7.05 -25.74 0.27
CA LEU C 32 5.98 -26.60 0.79
C LEU C 32 4.80 -26.62 -0.17
N ASP C 33 4.39 -25.45 -0.64
CA ASP C 33 3.26 -25.35 -1.56
C ASP C 33 3.52 -26.13 -2.85
N GLU C 34 4.67 -25.90 -3.46
CA GLU C 34 5.02 -26.61 -4.69
C GLU C 34 5.05 -28.12 -4.47
N LEU C 35 5.72 -28.56 -3.40
CA LEU C 35 5.83 -29.99 -3.14
C LEU C 35 4.48 -30.63 -2.91
N THR C 36 3.60 -29.98 -2.15
CA THR C 36 2.31 -30.59 -1.86
C THR C 36 1.39 -30.56 -3.08
N ALA C 37 1.50 -29.53 -3.93
CA ALA C 37 0.72 -29.53 -5.17
C ALA C 37 1.17 -30.66 -6.10
N TYR C 38 2.49 -30.84 -6.22
CA TYR C 38 2.98 -31.96 -7.01
C TYR C 38 2.60 -33.30 -6.39
N PHE C 39 2.50 -33.36 -5.06
CA PHE C 39 2.06 -34.59 -4.42
C PHE C 39 0.60 -34.90 -4.74
N ILE C 40 -0.25 -33.87 -4.74
CA ILE C 40 -1.63 -34.04 -5.17
C ILE C 40 -1.69 -34.55 -6.60
N GLU C 41 -0.90 -33.93 -7.48
CA GLU C 41 -0.85 -34.34 -8.88
C GLU C 41 -0.42 -35.80 -9.03
N GLN C 42 0.59 -36.21 -8.26
CA GLN C 42 1.08 -37.59 -8.35
C GLN C 42 0.07 -38.57 -7.77
N MET C 43 -0.62 -38.17 -6.70
CA MET C 43 -1.70 -39.01 -6.18
C MET C 43 -2.77 -39.24 -7.24
N GLU C 44 -3.13 -38.18 -7.98
CA GLU C 44 -4.18 -38.31 -8.98
C GLU C 44 -3.70 -39.17 -10.15
N LYS C 45 -2.46 -38.97 -10.60
CA LYS C 45 -1.94 -39.84 -11.65
C LYS C 45 -1.72 -41.27 -11.19
N GLY C 46 -1.62 -41.51 -9.89
CA GLY C 46 -1.28 -42.85 -9.42
C GLY C 46 -2.46 -43.81 -9.49
N LEU C 47 -3.60 -43.37 -8.99
CA LEU C 47 -4.79 -44.18 -9.00
C LEU C 47 -5.58 -44.06 -10.31
N ALA C 48 -4.94 -43.61 -11.38
CA ALA C 48 -5.54 -43.48 -12.69
C ALA C 48 -5.01 -44.56 -13.63
N PRO C 49 -5.84 -45.02 -14.56
CA PRO C 49 -5.39 -46.07 -15.49
C PRO C 49 -4.22 -45.60 -16.33
N PRO C 50 -3.16 -46.41 -16.44
CA PRO C 50 -1.95 -46.08 -17.20
C PRO C 50 -2.24 -45.82 -18.68
N SER C 58 8.31 -41.55 -14.64
CA SER C 58 8.02 -40.29 -15.33
C SER C 58 6.67 -39.73 -14.91
N ASP C 59 5.61 -40.18 -15.58
CA ASP C 59 4.26 -39.73 -15.31
C ASP C 59 3.40 -40.76 -14.59
N LYS C 60 3.85 -42.01 -14.49
CA LYS C 60 3.19 -42.96 -13.59
C LYS C 60 3.26 -42.40 -12.17
N GLY C 61 2.09 -42.11 -11.60
CA GLY C 61 2.01 -41.42 -10.34
C GLY C 61 2.49 -42.27 -9.17
N LEU C 62 2.17 -41.77 -7.98
CA LEU C 62 2.51 -42.49 -6.76
C LEU C 62 1.86 -43.87 -6.78
N PRO C 63 2.54 -44.89 -6.27
CA PRO C 63 1.89 -46.20 -6.14
C PRO C 63 0.65 -45.93 -5.30
N MET C 64 -0.52 -46.21 -5.86
CA MET C 64 -1.79 -46.02 -5.15
C MET C 64 -2.16 -47.50 -5.22
N ILE C 65 -1.99 -48.17 -4.09
CA ILE C 65 -2.12 -49.62 -4.02
C ILE C 65 -3.34 -49.80 -3.11
N PRO C 66 -4.50 -50.15 -3.64
CA PRO C 66 -5.68 -50.32 -2.78
C PRO C 66 -5.52 -51.50 -1.84
N ALA C 67 -5.97 -51.32 -0.61
CA ALA C 67 -5.91 -52.37 0.41
C ALA C 67 -7.24 -53.07 0.64
N PHE C 68 -8.29 -52.65 -0.07
CA PHE C 68 -9.60 -53.29 -0.05
C PHE C 68 -10.24 -53.30 1.34
N VAL C 69 -9.79 -52.42 2.24
CA VAL C 69 -10.40 -52.28 3.55
C VAL C 69 -11.45 -51.18 3.44
N THR C 70 -12.70 -51.57 3.22
CA THR C 70 -13.76 -50.61 2.94
C THR C 70 -14.44 -50.08 4.20
N GLY C 71 -14.25 -50.72 5.34
CA GLY C 71 -14.88 -50.29 6.58
C GLY C 71 -13.85 -49.85 7.60
N SER C 72 -14.16 -48.74 8.28
CA SER C 72 -13.27 -48.22 9.31
C SER C 72 -13.85 -48.50 10.68
N PRO C 73 -13.04 -48.98 11.63
CA PRO C 73 -13.56 -49.29 12.96
C PRO C 73 -14.07 -48.06 13.69
N ASN C 74 -14.87 -48.29 14.72
CA ASN C 74 -15.50 -47.23 15.50
C ASN C 74 -14.91 -47.08 16.89
N GLY C 75 -14.65 -48.18 17.58
CA GLY C 75 -14.12 -48.13 18.94
C GLY C 75 -14.74 -49.16 19.86
N THR C 76 -15.80 -49.81 19.39
CA THR C 76 -16.49 -50.85 20.14
C THR C 76 -16.71 -52.02 19.19
N GLU C 77 -15.94 -53.10 19.39
CA GLU C 77 -15.94 -54.20 18.43
C GLU C 77 -16.16 -55.55 19.12
N ARG C 78 -15.98 -56.63 18.37
CA ARG C 78 -16.26 -57.97 18.85
C ARG C 78 -15.16 -58.47 19.78
N GLY C 79 -15.33 -59.69 20.27
CA GLY C 79 -14.54 -60.22 21.37
C GLY C 79 -13.08 -60.62 21.31
N VAL C 80 -12.70 -61.39 20.30
CA VAL C 80 -11.37 -62.01 20.23
C VAL C 80 -11.05 -62.20 18.75
N LEU C 81 -9.82 -61.85 18.37
CA LEU C 81 -9.33 -62.05 17.01
C LEU C 81 -7.87 -62.50 17.07
N LEU C 82 -7.33 -62.87 15.91
CA LEU C 82 -5.96 -63.36 15.82
C LEU C 82 -5.19 -62.57 14.78
N ALA C 83 -3.87 -62.50 14.96
CA ALA C 83 -3.03 -61.78 14.02
C ALA C 83 -1.67 -62.44 13.94
N ALA C 84 -1.06 -62.38 12.75
CA ALA C 84 0.27 -62.93 12.51
C ALA C 84 1.07 -61.96 11.66
N ASP C 85 2.16 -61.44 12.21
CA ASP C 85 3.01 -60.48 11.53
C ASP C 85 4.33 -61.14 11.14
N LEU C 86 4.68 -61.06 9.87
CA LEU C 86 5.93 -61.59 9.35
C LEU C 86 6.82 -60.45 8.87
N GLY C 87 8.03 -60.40 9.41
CA GLY C 87 9.04 -59.44 9.02
C GLY C 87 10.41 -60.09 8.84
N GLY C 88 11.43 -59.26 8.66
CA GLY C 88 12.77 -59.75 8.38
C GLY C 88 13.49 -60.34 9.58
N THR C 89 13.27 -59.77 10.76
CA THR C 89 14.02 -60.17 11.94
C THR C 89 13.38 -61.41 12.56
N ASN C 90 12.06 -61.41 12.67
CA ASN C 90 11.27 -62.48 13.29
C ASN C 90 9.82 -62.22 12.94
N PHE C 91 9.00 -63.26 13.08
CA PHE C 91 7.56 -63.13 12.90
C PHE C 91 6.83 -63.62 14.12
N ARG C 92 5.85 -62.83 14.56
CA ARG C 92 5.13 -63.05 15.81
C ARG C 92 3.65 -63.27 15.53
N ILE C 93 2.96 -63.74 16.57
CA ILE C 93 1.55 -64.10 16.48
C ILE C 93 0.88 -63.72 17.79
N CYS C 94 -0.31 -63.13 17.71
CA CYS C 94 -0.99 -62.59 18.87
C CYS C 94 -2.48 -62.90 18.81
N SER C 95 -3.07 -63.05 20.00
CA SER C 95 -4.51 -63.24 20.18
C SER C 95 -5.04 -61.99 20.86
N VAL C 96 -5.63 -61.09 20.09
CA VAL C 96 -6.07 -59.79 20.58
C VAL C 96 -7.49 -59.93 21.12
N ASN C 97 -7.71 -59.40 22.32
CA ASN C 97 -9.03 -59.43 22.95
C ASN C 97 -9.58 -58.01 22.97
N LEU C 98 -10.50 -57.71 22.05
CA LEU C 98 -11.07 -56.37 21.95
C LEU C 98 -12.18 -56.22 22.99
N HIS C 99 -11.98 -55.31 23.95
CA HIS C 99 -12.95 -55.09 25.01
C HIS C 99 -14.19 -54.38 24.45
N GLY C 100 -15.08 -53.98 25.34
CA GLY C 100 -16.23 -53.18 24.95
C GLY C 100 -15.84 -51.78 24.54
N ASP C 101 -15.20 -51.04 25.45
CA ASP C 101 -14.71 -49.71 25.14
C ASP C 101 -13.47 -49.77 24.25
N HIS C 102 -12.70 -48.70 24.19
CA HIS C 102 -11.59 -48.60 23.26
C HIS C 102 -10.38 -49.47 23.64
N THR C 103 -10.41 -50.16 24.77
CA THR C 103 -9.30 -50.99 25.20
C THR C 103 -9.20 -52.39 24.60
N PHE C 104 -8.04 -53.01 24.79
CA PHE C 104 -7.78 -54.34 24.24
C PHE C 104 -6.74 -55.04 25.10
N SER C 105 -6.70 -56.36 24.97
CA SER C 105 -5.77 -57.22 25.70
C SER C 105 -4.84 -57.89 24.71
N MET C 106 -3.53 -57.78 24.97
CA MET C 106 -2.49 -58.26 24.07
C MET C 106 -1.68 -59.37 24.73
N GLU C 107 -1.39 -60.41 23.96
CA GLU C 107 -0.53 -61.50 24.42
C GLU C 107 0.12 -62.13 23.21
N GLN C 108 1.44 -61.99 23.10
CA GLN C 108 2.20 -62.60 22.02
C GLN C 108 3.35 -63.41 22.60
N MET C 109 3.98 -64.19 21.73
CA MET C 109 5.30 -64.72 22.02
C MET C 109 6.04 -64.75 20.68
N LYS C 110 6.89 -63.76 20.46
CA LYS C 110 7.62 -63.66 19.20
C LYS C 110 8.49 -64.89 18.98
N SER C 111 8.58 -65.31 17.73
CA SER C 111 9.43 -66.43 17.34
C SER C 111 10.46 -65.93 16.33
N LYS C 112 11.72 -66.26 16.59
CA LYS C 112 12.85 -65.79 15.76
C LYS C 112 12.75 -66.49 14.41
N ILE C 113 13.34 -65.89 13.38
CA ILE C 113 13.37 -66.60 12.07
C ILE C 113 14.14 -67.88 12.39
N PRO C 114 13.81 -69.06 11.81
CA PRO C 114 14.44 -70.29 12.28
C PRO C 114 15.95 -70.42 12.47
N ASP C 115 16.34 -70.69 13.72
CA ASP C 115 17.75 -71.05 14.05
C ASP C 115 18.28 -72.18 13.05
N ASP C 116 17.56 -73.29 13.18
CA ASP C 116 17.61 -74.42 12.22
C ASP C 116 17.14 -74.20 10.79
N LEU C 117 17.81 -74.83 9.81
CA LEU C 117 17.47 -74.72 8.37
C LEU C 117 17.40 -73.25 7.94
N LEU C 118 18.35 -72.43 8.37
CA LEU C 118 18.35 -70.99 7.98
C LEU C 118 19.12 -70.90 6.66
N ASP C 119 18.41 -70.55 5.58
CA ASP C 119 18.99 -70.47 4.21
C ASP C 119 18.15 -69.62 3.25
N ASP C 120 18.81 -69.01 2.27
CA ASP C 120 18.18 -68.26 1.19
C ASP C 120 17.77 -68.66 -0.33
N GLU C 121 18.41 -69.76 -0.69
CA GLU C 121 18.19 -70.40 -2.00
C GLU C 121 17.46 -71.73 -2.19
N ASN C 122 16.21 -71.64 -2.67
CA ASN C 122 15.44 -72.80 -3.13
C ASN C 122 15.42 -73.97 -2.16
N VAL C 123 15.08 -73.69 -0.91
CA VAL C 123 14.89 -74.73 0.10
C VAL C 123 13.67 -74.40 0.95
N THR C 124 12.90 -75.44 1.30
CA THR C 124 11.93 -75.41 2.39
C THR C 124 11.01 -74.19 2.33
N SER C 125 10.47 -73.90 1.14
CA SER C 125 9.49 -72.85 1.01
C SER C 125 8.13 -73.31 1.54
N ASP C 126 7.58 -74.36 0.94
CA ASP C 126 6.49 -75.12 1.53
C ASP C 126 6.74 -75.35 3.01
N ASP C 127 7.95 -75.76 3.36
CA ASP C 127 8.30 -75.99 4.75
C ASP C 127 8.48 -74.69 5.54
N LEU C 128 8.80 -73.57 4.87
CA LEU C 128 8.80 -72.30 5.59
C LEU C 128 7.40 -71.95 6.07
N PHE C 129 6.41 -72.02 5.18
CA PHE C 129 5.04 -71.79 5.60
C PHE C 129 4.58 -72.86 6.59
N GLY C 130 5.11 -74.08 6.46
CA GLY C 130 4.82 -75.11 7.44
C GLY C 130 5.32 -74.76 8.83
N PHE C 131 6.52 -74.17 8.91
CA PHE C 131 7.04 -73.73 10.20
C PHE C 131 6.25 -72.55 10.76
N LEU C 132 5.81 -71.65 9.87
CA LEU C 132 4.87 -70.61 10.26
C LEU C 132 3.66 -71.23 10.97
N ALA C 133 3.04 -72.21 10.32
CA ALA C 133 1.87 -72.88 10.91
C ALA C 133 2.24 -73.62 12.20
N ARG C 134 3.45 -74.19 12.25
CA ARG C 134 3.89 -74.91 13.45
C ARG C 134 3.92 -73.98 14.66
N ARG C 135 4.61 -72.84 14.52
CA ARG C 135 4.65 -71.90 15.64
C ARG C 135 3.27 -71.33 15.93
N THR C 136 2.46 -71.12 14.87
CA THR C 136 1.08 -70.66 15.06
C THR C 136 0.32 -71.59 15.99
N LEU C 137 0.40 -72.89 15.74
CA LEU C 137 -0.35 -73.86 16.53
C LEU C 137 0.25 -74.04 17.92
N ALA C 138 1.58 -73.96 18.03
CA ALA C 138 2.19 -73.99 19.35
C ALA C 138 1.73 -72.82 20.21
N PHE C 139 1.42 -71.69 19.57
CA PHE C 139 0.84 -70.55 20.27
C PHE C 139 -0.69 -70.61 20.34
N MET C 140 -1.32 -71.49 19.56
CA MET C 140 -2.76 -71.42 19.33
C MET C 140 -3.65 -71.61 20.57
N LYS C 141 -3.40 -72.67 21.33
CA LYS C 141 -4.29 -73.02 22.43
C LYS C 141 -3.55 -72.93 23.75
N LYS C 142 -2.21 -72.95 23.73
CA LYS C 142 -1.43 -72.80 24.94
C LYS C 142 -1.30 -71.34 25.39
N TYR C 143 -1.82 -70.40 24.60
CA TYR C 143 -1.86 -69.01 24.99
C TYR C 143 -3.25 -68.40 24.89
N HIS C 144 -4.26 -69.17 24.48
CA HIS C 144 -5.64 -68.72 24.53
C HIS C 144 -6.56 -69.92 24.67
N PRO C 145 -7.26 -70.06 25.80
CA PRO C 145 -8.07 -71.27 26.03
C PRO C 145 -9.30 -71.38 25.14
N ASP C 146 -9.53 -70.44 24.22
CA ASP C 146 -10.65 -70.56 23.31
C ASP C 146 -10.34 -71.60 22.24
N GLU C 147 -11.27 -72.52 22.03
CA GLU C 147 -11.13 -73.61 21.05
C GLU C 147 -9.86 -74.42 21.32
N LEU C 148 -9.81 -75.00 22.51
CA LEU C 148 -8.67 -75.84 22.88
C LEU C 148 -8.64 -77.11 22.04
N ALA C 149 -9.70 -77.92 22.13
CA ALA C 149 -9.80 -79.16 21.36
C ALA C 149 -10.89 -79.11 20.30
N LYS C 150 -11.63 -78.00 20.19
CA LYS C 150 -12.66 -77.85 19.18
C LYS C 150 -12.01 -77.46 17.85
N GLY C 151 -11.25 -78.39 17.31
CA GLY C 151 -10.48 -78.14 16.11
C GLY C 151 -11.12 -78.31 14.74
N LYS C 152 -11.94 -79.36 14.59
CA LYS C 152 -12.57 -79.63 13.31
C LYS C 152 -14.03 -79.20 13.45
N ASP C 153 -14.53 -79.08 14.67
CA ASP C 153 -15.85 -78.51 14.90
C ASP C 153 -15.76 -77.00 14.70
N ALA C 154 -16.46 -76.50 13.68
CA ALA C 154 -16.27 -75.12 13.24
C ALA C 154 -16.67 -74.12 14.32
N LYS C 155 -15.99 -72.97 14.32
CA LYS C 155 -16.27 -71.88 15.25
C LYS C 155 -15.68 -70.61 14.66
N PRO C 156 -16.41 -69.49 14.67
CA PRO C 156 -15.92 -68.28 14.00
C PRO C 156 -14.66 -67.73 14.66
N MET C 157 -13.58 -67.68 13.88
CA MET C 157 -12.32 -67.08 14.32
C MET C 157 -11.66 -66.47 13.10
N LYS C 158 -11.31 -65.19 13.19
CA LYS C 158 -10.75 -64.45 12.07
C LYS C 158 -9.26 -64.20 12.29
N LEU C 159 -8.48 -64.35 11.21
CA LEU C 159 -7.04 -64.22 11.27
C LEU C 159 -6.57 -63.18 10.26
N GLY C 160 -5.58 -62.38 10.67
CA GLY C 160 -5.00 -61.38 9.80
C GLY C 160 -3.55 -61.69 9.52
N PHE C 161 -3.10 -61.36 8.31
CA PHE C 161 -1.75 -61.61 7.86
C PHE C 161 -1.03 -60.28 7.65
N THR C 162 0.20 -60.20 8.12
CA THR C 162 1.06 -59.03 7.92
C THR C 162 2.33 -59.51 7.22
N PHE C 163 2.28 -59.53 5.89
CA PHE C 163 3.40 -59.95 5.05
C PHE C 163 4.02 -58.68 4.48
N SER C 164 4.97 -58.11 5.21
CA SER C 164 5.52 -56.80 4.84
C SER C 164 6.45 -56.85 3.63
N TYR C 165 6.57 -57.97 2.93
CA TYR C 165 7.34 -58.07 1.69
C TYR C 165 6.48 -57.63 0.51
N PRO C 166 7.11 -57.17 -0.59
CA PRO C 166 6.33 -56.73 -1.75
C PRO C 166 5.49 -57.90 -2.22
N VAL C 167 4.19 -57.68 -2.37
CA VAL C 167 3.25 -58.71 -2.81
C VAL C 167 2.32 -57.95 -3.73
N ASP C 168 1.76 -58.65 -4.72
CA ASP C 168 0.78 -58.08 -5.64
C ASP C 168 -0.57 -58.48 -5.07
N GLN C 169 -1.14 -57.60 -4.25
CA GLN C 169 -2.39 -57.88 -3.56
C GLN C 169 -3.57 -57.56 -4.47
N THR C 170 -4.37 -58.58 -4.78
CA THR C 170 -5.50 -58.44 -5.69
C THR C 170 -6.84 -58.38 -4.99
N SER C 171 -6.94 -58.89 -3.76
CA SER C 171 -8.18 -58.83 -2.99
C SER C 171 -7.81 -58.70 -1.52
N LEU C 172 -8.80 -58.84 -0.64
CA LEU C 172 -8.54 -58.74 0.79
C LEU C 172 -7.70 -59.92 1.27
N ASN C 173 -7.81 -61.06 0.62
CA ASN C 173 -7.20 -62.29 1.12
C ASN C 173 -6.22 -62.91 0.13
N SER C 174 -6.13 -62.34 -1.06
CA SER C 174 -5.12 -62.77 -2.03
C SER C 174 -3.98 -61.89 -2.52
N GLY C 175 -2.78 -62.45 -2.58
CA GLY C 175 -1.60 -61.72 -3.00
C GLY C 175 -0.57 -62.72 -3.50
N THR C 176 0.29 -62.28 -4.41
CA THR C 176 1.30 -63.14 -5.01
C THR C 176 2.59 -62.37 -4.79
N LEU C 177 3.65 -63.10 -4.44
CA LEU C 177 4.94 -62.49 -4.19
C LEU C 177 5.63 -62.15 -5.50
N ILE C 178 6.22 -60.95 -5.55
CA ILE C 178 6.94 -60.50 -6.73
C ILE C 178 8.44 -60.37 -6.48
N ARG C 179 8.86 -60.12 -5.25
CA ARG C 179 10.26 -59.96 -4.91
C ARG C 179 10.53 -60.60 -3.56
N TRP C 180 11.72 -61.21 -3.42
CA TRP C 180 12.15 -61.76 -2.15
C TRP C 180 13.46 -61.16 -1.67
N THR C 181 13.79 -59.95 -2.12
CA THR C 181 14.95 -59.24 -1.61
C THR C 181 14.59 -58.61 -0.26
N LYS C 182 15.51 -57.83 0.30
CA LYS C 182 15.35 -57.25 1.63
C LYS C 182 15.26 -58.37 2.67
N GLY C 183 16.20 -59.31 2.57
CA GLY C 183 16.22 -60.45 3.46
C GLY C 183 16.50 -61.76 2.75
N PHE C 184 15.72 -62.79 3.06
CA PHE C 184 15.92 -64.12 2.50
C PHE C 184 15.01 -64.36 1.31
N ARG C 185 15.34 -65.37 0.52
CA ARG C 185 14.58 -65.75 -0.66
C ARG C 185 13.93 -67.11 -0.47
N ILE C 186 12.77 -67.28 -1.11
CA ILE C 186 11.91 -68.44 -0.92
C ILE C 186 11.62 -69.08 -2.27
N ALA C 187 11.56 -70.40 -2.29
CA ALA C 187 11.59 -71.19 -3.52
C ALA C 187 10.44 -71.02 -4.51
N ASP C 188 9.21 -71.27 -4.07
CA ASP C 188 8.09 -71.50 -4.98
C ASP C 188 6.96 -70.50 -4.72
N THR C 189 7.31 -69.26 -4.34
CA THR C 189 6.32 -68.23 -4.10
C THR C 189 6.22 -67.23 -5.24
N VAL C 190 6.70 -67.59 -6.43
CA VAL C 190 6.73 -66.65 -7.55
C VAL C 190 5.39 -66.35 -8.20
N GLY C 191 4.54 -67.38 -8.36
CA GLY C 191 3.23 -67.21 -8.93
C GLY C 191 2.15 -67.65 -7.96
N LYS C 192 2.51 -68.05 -6.74
CA LYS C 192 1.54 -68.51 -5.76
C LYS C 192 1.19 -67.39 -4.78
N ASP C 193 -0.02 -67.44 -4.24
CA ASP C 193 -0.45 -66.45 -3.26
C ASP C 193 0.09 -66.82 -1.88
N VAL C 194 0.48 -65.79 -1.12
CA VAL C 194 1.04 -66.03 0.21
C VAL C 194 -0.02 -66.55 1.16
N VAL C 195 -1.22 -65.97 1.12
CA VAL C 195 -2.30 -66.42 1.99
C VAL C 195 -2.75 -67.83 1.60
N GLN C 196 -2.76 -68.13 0.30
CA GLN C 196 -3.08 -69.47 -0.18
C GLN C 196 -2.21 -70.58 0.39
N LEU C 197 -0.88 -70.38 0.36
CA LEU C 197 0.04 -71.40 0.83
C LEU C 197 0.04 -71.37 2.35
N TYR C 198 -0.15 -70.18 2.95
CA TYR C 198 -0.12 -70.08 4.40
C TYR C 198 -1.28 -70.84 5.03
N GLN C 199 -2.50 -70.61 4.55
CA GLN C 199 -3.63 -71.35 5.09
C GLN C 199 -3.58 -72.82 4.67
N GLU C 200 -2.96 -73.12 3.52
CA GLU C 200 -2.75 -74.52 3.15
C GLU C 200 -1.91 -75.24 4.19
N GLN C 201 -0.79 -74.64 4.59
CA GLN C 201 0.08 -75.28 5.58
C GLN C 201 -0.52 -75.22 6.98
N LEU C 202 -1.38 -74.24 7.25
CA LEU C 202 -2.08 -74.23 8.52
C LEU C 202 -3.10 -75.35 8.59
N SER C 203 -3.73 -75.68 7.46
CA SER C 203 -4.60 -76.85 7.39
C SER C 203 -3.82 -78.16 7.32
N ALA C 204 -2.54 -78.10 6.92
CA ALA C 204 -1.72 -79.29 6.88
C ALA C 204 -1.57 -79.89 8.27
N GLN C 205 -1.04 -79.12 9.20
CA GLN C 205 -1.05 -79.51 10.60
C GLN C 205 -2.46 -79.29 11.15
N GLY C 206 -2.61 -79.43 12.47
CA GLY C 206 -3.91 -79.25 13.09
C GLY C 206 -4.57 -77.93 12.74
N MET C 207 -5.69 -77.99 12.03
CA MET C 207 -6.38 -76.77 11.64
C MET C 207 -7.59 -76.57 12.53
N PRO C 208 -7.56 -75.68 13.51
CA PRO C 208 -8.81 -75.14 14.06
C PRO C 208 -9.37 -74.54 12.78
N MET C 209 -10.65 -74.20 12.82
CA MET C 209 -11.19 -73.54 11.61
C MET C 209 -10.67 -72.15 11.98
N ILE C 210 -9.78 -71.63 11.12
CA ILE C 210 -9.15 -70.34 11.31
C ILE C 210 -9.24 -69.98 9.84
N LYS C 211 -9.83 -68.82 9.55
CA LYS C 211 -10.02 -68.37 8.17
C LYS C 211 -9.02 -67.21 8.14
N VAL C 212 -8.17 -67.19 7.10
CA VAL C 212 -7.22 -66.10 6.91
C VAL C 212 -7.96 -65.23 5.91
N VAL C 213 -8.63 -64.19 6.40
CA VAL C 213 -9.55 -63.39 5.59
C VAL C 213 -8.92 -62.08 5.16
N ALA C 214 -7.77 -61.70 5.73
CA ALA C 214 -7.17 -60.43 5.39
C ALA C 214 -5.65 -60.50 5.36
N LEU C 215 -5.05 -59.75 4.43
CA LEU C 215 -3.60 -59.65 4.29
C LEU C 215 -3.25 -58.19 4.04
N THR C 216 -2.58 -57.56 4.99
CA THR C 216 -2.20 -56.15 4.87
C THR C 216 -0.79 -55.98 5.41
N ASN C 217 -0.35 -54.72 5.49
CA ASN C 217 0.98 -54.37 5.95
C ASN C 217 0.88 -53.48 7.20
N ASP C 218 2.04 -53.04 7.69
CA ASP C 218 2.09 -52.27 8.92
C ASP C 218 1.38 -50.92 8.86
N THR C 219 1.22 -50.34 7.68
CA THR C 219 0.67 -48.99 7.57
C THR C 219 -0.86 -48.99 7.68
N VAL C 220 -1.51 -49.83 6.89
CA VAL C 220 -2.96 -50.00 7.04
C VAL C 220 -3.27 -50.49 8.45
N GLY C 221 -2.41 -51.34 8.99
CA GLY C 221 -2.59 -51.78 10.37
C GLY C 221 -2.44 -50.65 11.37
N THR C 222 -1.53 -49.70 11.10
CA THR C 222 -1.40 -48.53 11.95
C THR C 222 -2.67 -47.69 11.93
N TYR C 223 -3.19 -47.43 10.73
CA TYR C 223 -4.44 -46.68 10.60
C TYR C 223 -5.58 -47.38 11.34
N LEU C 224 -5.71 -48.69 11.15
CA LEU C 224 -6.79 -49.42 11.81
C LEU C 224 -6.62 -49.43 13.32
N SER C 225 -5.39 -49.64 13.80
CA SER C 225 -5.09 -49.53 15.22
C SER C 225 -5.61 -48.21 15.78
N HIS C 226 -5.16 -47.09 15.18
CA HIS C 226 -5.60 -45.80 15.68
C HIS C 226 -7.11 -45.63 15.60
N CYS C 227 -7.73 -46.19 14.56
CA CYS C 227 -9.18 -46.00 14.37
C CYS C 227 -9.97 -46.54 15.55
N TYR C 228 -9.67 -47.77 15.98
CA TYR C 228 -10.35 -48.34 17.14
C TYR C 228 -9.75 -47.84 18.45
N THR C 229 -8.42 -47.68 18.50
CA THR C 229 -7.74 -47.15 19.69
C THR C 229 -7.98 -45.65 19.88
N SER C 230 -8.96 -45.09 19.16
CA SER C 230 -9.25 -43.67 19.26
C SER C 230 -9.55 -43.28 20.70
N ASP C 231 -9.34 -41.99 20.99
CA ASP C 231 -9.23 -41.49 22.35
C ASP C 231 -10.30 -40.82 23.21
N ASN C 232 -10.90 -39.76 22.66
CA ASN C 232 -12.05 -39.10 23.26
C ASN C 232 -13.00 -39.05 22.07
N THR C 233 -12.53 -39.45 20.90
CA THR C 233 -13.13 -39.08 19.62
C THR C 233 -13.90 -40.24 19.00
N ASP C 234 -14.93 -39.88 18.22
CA ASP C 234 -15.68 -40.76 17.33
C ASP C 234 -16.61 -41.73 18.07
N SER C 235 -16.60 -41.75 19.40
CA SER C 235 -17.49 -42.64 20.13
C SER C 235 -18.82 -42.01 20.47
N MET C 236 -18.86 -40.70 20.68
CA MET C 236 -20.09 -39.98 20.97
C MET C 236 -19.93 -38.57 20.44
N THR C 237 -20.95 -37.75 20.64
CA THR C 237 -20.83 -36.31 20.44
C THR C 237 -20.03 -35.76 21.61
N SER C 238 -18.71 -35.63 21.43
CA SER C 238 -17.80 -35.17 22.45
C SER C 238 -17.27 -33.79 22.10
N GLY C 239 -16.46 -33.24 23.03
CA GLY C 239 -15.87 -31.93 22.79
C GLY C 239 -15.07 -31.88 21.49
N GLU C 240 -14.30 -32.92 21.22
CA GLU C 240 -13.57 -33.04 19.96
C GLU C 240 -14.37 -33.89 18.98
N ILE C 241 -14.79 -33.27 17.88
CA ILE C 241 -15.42 -33.98 16.78
C ILE C 241 -14.19 -34.14 15.89
N SER C 242 -13.66 -35.36 15.81
CA SER C 242 -12.51 -35.64 14.98
C SER C 242 -12.72 -37.06 14.49
N GLU C 243 -12.21 -37.32 13.29
CA GLU C 243 -12.31 -38.63 12.65
C GLU C 243 -10.91 -39.11 12.33
N PRO C 244 -10.47 -40.26 12.84
CA PRO C 244 -9.17 -40.81 12.42
C PRO C 244 -9.15 -41.03 10.93
N VAL C 245 -8.28 -40.28 10.24
CA VAL C 245 -8.30 -40.17 8.78
C VAL C 245 -7.04 -40.76 8.16
N ILE C 246 -5.86 -40.31 8.60
CA ILE C 246 -4.60 -40.72 8.01
C ILE C 246 -3.83 -41.58 9.00
N GLY C 247 -3.39 -42.75 8.55
CA GLY C 247 -2.41 -43.53 9.29
C GLY C 247 -1.04 -43.31 8.66
N CYS C 248 -0.03 -43.15 9.50
CA CYS C 248 1.29 -42.87 8.96
C CYS C 248 2.37 -43.45 9.85
N ILE C 249 3.40 -44.03 9.21
CA ILE C 249 4.59 -44.54 9.88
C ILE C 249 5.77 -43.70 9.43
N PHE C 250 6.37 -42.97 10.37
CA PHE C 250 7.65 -42.32 10.19
C PHE C 250 8.65 -42.95 11.13
N GLY C 251 9.84 -43.20 10.64
CA GLY C 251 10.88 -43.88 11.37
C GLY C 251 12.01 -44.25 10.43
N THR C 252 12.66 -45.38 10.70
CA THR C 252 13.68 -45.86 9.78
C THR C 252 13.15 -45.94 8.36
N GLY C 253 11.83 -46.09 8.20
CA GLY C 253 11.17 -45.94 6.92
C GLY C 253 9.99 -45.01 7.05
N THR C 254 9.39 -44.67 5.90
CA THR C 254 8.22 -43.80 5.92
C THR C 254 7.17 -44.32 4.96
N ASN C 255 5.91 -44.17 5.37
CA ASN C 255 4.76 -44.57 4.53
C ASN C 255 3.50 -44.03 5.19
N GLY C 256 2.40 -44.08 4.42
CA GLY C 256 1.12 -43.60 4.90
C GLY C 256 -0.02 -44.29 4.19
N CYS C 257 -1.23 -44.06 4.69
CA CYS C 257 -2.41 -44.61 4.06
C CYS C 257 -3.63 -43.81 4.51
N TYR C 258 -4.62 -43.74 3.62
CA TYR C 258 -5.83 -42.96 3.86
C TYR C 258 -7.00 -43.69 3.22
N MET C 259 -8.16 -43.03 3.15
CA MET C 259 -9.35 -43.61 2.54
C MET C 259 -9.85 -42.72 1.41
N GLU C 260 -10.08 -43.31 0.25
CA GLU C 260 -10.46 -42.58 -0.95
C GLU C 260 -11.79 -43.09 -1.49
N GLU C 261 -12.54 -42.17 -2.11
CA GLU C 261 -13.77 -42.52 -2.81
C GLU C 261 -13.54 -43.65 -3.80
N ILE C 262 -14.32 -44.73 -3.67
CA ILE C 262 -14.24 -45.81 -4.63
C ILE C 262 -14.61 -45.33 -6.03
N ASN C 263 -15.40 -44.26 -6.12
CA ASN C 263 -15.71 -43.66 -7.41
C ASN C 263 -14.47 -43.06 -8.07
N LYS C 264 -13.48 -42.66 -7.26
CA LYS C 264 -12.32 -41.94 -7.76
C LYS C 264 -11.08 -42.82 -7.94
N ILE C 265 -11.17 -44.11 -7.63
CA ILE C 265 -10.05 -45.03 -7.88
C ILE C 265 -10.41 -45.59 -9.26
N THR C 266 -9.91 -44.89 -10.30
CA THR C 266 -10.37 -45.17 -11.65
C THR C 266 -9.60 -46.36 -12.23
N LYS C 267 -8.36 -46.58 -11.78
CA LYS C 267 -7.58 -47.69 -12.34
C LYS C 267 -8.07 -49.05 -11.85
N LEU C 268 -8.99 -49.09 -10.87
CA LEU C 268 -9.66 -50.34 -10.55
C LEU C 268 -10.73 -50.65 -11.58
N PRO C 269 -11.07 -51.92 -11.76
CA PRO C 269 -12.10 -52.28 -12.76
C PRO C 269 -13.40 -51.54 -12.51
N GLN C 270 -13.91 -50.93 -13.58
CA GLN C 270 -15.21 -50.25 -13.52
C GLN C 270 -16.28 -51.16 -12.92
N GLU C 271 -16.27 -52.44 -13.29
CA GLU C 271 -17.23 -53.39 -12.78
C GLU C 271 -17.15 -53.48 -11.25
N LEU C 272 -15.94 -53.65 -10.72
CA LEU C 272 -15.79 -53.83 -9.28
C LEU C 272 -16.17 -52.56 -8.53
N ARG C 273 -15.80 -51.39 -9.05
CA ARG C 273 -16.20 -50.13 -8.42
C ARG C 273 -17.72 -50.03 -8.35
N ASP C 274 -18.39 -50.21 -9.48
CA ASP C 274 -19.84 -50.05 -9.53
C ASP C 274 -20.55 -51.09 -8.66
N LYS C 275 -20.03 -52.31 -8.62
CA LYS C 275 -20.66 -53.35 -7.82
C LYS C 275 -20.33 -53.24 -6.34
N LEU C 276 -19.24 -52.55 -5.99
CA LEU C 276 -18.88 -52.36 -4.60
C LEU C 276 -19.50 -51.10 -4.01
N ILE C 277 -19.94 -50.16 -4.83
CA ILE C 277 -20.70 -49.04 -4.26
C ILE C 277 -22.16 -49.42 -4.07
N LYS C 278 -22.71 -50.29 -4.94
CA LYS C 278 -24.05 -50.80 -4.69
C LYS C 278 -24.10 -51.79 -3.54
N GLU C 279 -22.98 -52.45 -3.27
CA GLU C 279 -22.76 -53.03 -1.95
C GLU C 279 -22.76 -51.75 -1.14
N GLY C 280 -23.06 -51.86 0.15
CA GLY C 280 -23.30 -50.69 0.97
C GLY C 280 -21.95 -50.18 1.47
N LYS C 281 -21.17 -49.55 0.59
CA LYS C 281 -19.84 -49.08 0.93
C LYS C 281 -19.64 -47.65 0.43
N THR C 282 -18.70 -46.95 1.06
CA THR C 282 -18.42 -45.55 0.76
C THR C 282 -17.02 -45.33 0.21
N HIS C 283 -16.00 -45.87 0.85
CA HIS C 283 -14.62 -45.61 0.47
C HIS C 283 -13.79 -46.88 0.58
N MET C 284 -12.56 -46.81 0.08
CA MET C 284 -11.59 -47.90 0.20
C MET C 284 -10.25 -47.33 0.63
N ILE C 285 -9.51 -48.12 1.41
CA ILE C 285 -8.23 -47.68 1.95
C ILE C 285 -7.17 -47.72 0.87
N ILE C 286 -6.61 -46.56 0.54
CA ILE C 286 -5.49 -46.44 -0.39
C ILE C 286 -4.20 -46.42 0.41
N ASN C 287 -3.24 -47.23 -0.02
CA ASN C 287 -1.89 -47.30 0.57
C ASN C 287 -0.96 -46.50 -0.34
N VAL C 288 -0.74 -45.24 0.01
CA VAL C 288 0.18 -44.39 -0.73
C VAL C 288 1.50 -45.06 -0.35
N GLU C 289 2.29 -45.44 -1.35
CA GLU C 289 3.60 -45.97 -1.03
C GLU C 289 4.32 -44.71 -1.47
N TRP C 290 4.75 -43.89 -0.51
CA TRP C 290 5.27 -42.55 -0.80
C TRP C 290 6.75 -42.49 -0.47
N GLY C 291 7.33 -43.57 0.07
CA GLY C 291 8.77 -43.65 0.13
C GLY C 291 9.39 -43.45 -1.24
N SER C 292 8.67 -43.84 -2.29
CA SER C 292 9.01 -43.50 -3.66
C SER C 292 7.99 -42.40 -3.96
N PHE C 293 8.40 -41.15 -3.73
CA PHE C 293 7.58 -39.98 -4.06
C PHE C 293 8.50 -39.10 -4.87
N ASP C 294 8.21 -38.97 -6.17
CA ASP C 294 9.01 -38.18 -7.10
C ASP C 294 10.50 -38.55 -7.09
N ASN C 295 10.73 -39.84 -7.37
CA ASN C 295 12.10 -40.30 -7.54
C ASN C 295 12.85 -39.59 -8.65
N GLU C 296 12.12 -38.94 -9.57
CA GLU C 296 12.71 -38.24 -10.70
C GLU C 296 13.41 -36.98 -10.21
N LEU C 297 13.29 -36.73 -8.90
CA LEU C 297 13.86 -35.54 -8.27
C LEU C 297 13.49 -34.27 -9.02
N LYS C 298 12.26 -34.24 -9.56
CA LYS C 298 11.82 -33.07 -10.31
C LYS C 298 11.61 -31.92 -9.35
N HIS C 299 10.90 -32.17 -8.25
CA HIS C 299 10.68 -31.16 -7.22
C HIS C 299 11.23 -31.43 -5.82
N LEU C 300 11.51 -32.68 -5.46
CA LEU C 300 11.99 -33.01 -4.12
C LEU C 300 13.35 -32.36 -3.88
N PRO C 301 13.50 -31.55 -2.83
CA PRO C 301 14.78 -30.86 -2.60
C PRO C 301 15.90 -31.82 -2.26
N THR C 302 17.10 -31.47 -2.71
CA THR C 302 18.27 -32.34 -2.58
C THR C 302 19.53 -31.49 -2.48
N THR C 303 20.43 -31.90 -1.59
CA THR C 303 21.74 -31.26 -1.44
C THR C 303 22.84 -32.22 -1.90
N LYS C 304 24.09 -31.77 -1.77
CA LYS C 304 25.22 -32.59 -2.18
C LYS C 304 25.35 -33.84 -1.32
N TYR C 305 25.13 -33.69 0.00
CA TYR C 305 25.29 -34.82 0.91
C TYR C 305 24.23 -35.89 0.66
N ASP C 306 23.00 -35.47 0.39
CA ASP C 306 21.95 -36.41 -0.01
C ASP C 306 22.41 -37.27 -1.17
N VAL C 307 23.02 -36.65 -2.18
CA VAL C 307 23.42 -37.38 -3.39
C VAL C 307 24.58 -38.33 -3.09
N VAL C 308 25.59 -37.83 -2.37
CA VAL C 308 26.76 -38.68 -2.12
C VAL C 308 26.37 -39.90 -1.29
N ILE C 309 25.42 -39.73 -0.37
CA ILE C 309 24.95 -40.87 0.41
C ILE C 309 24.11 -41.80 -0.46
N ASP C 310 23.20 -41.23 -1.24
CA ASP C 310 22.33 -42.04 -2.09
C ASP C 310 23.13 -42.85 -3.10
N GLN C 311 24.31 -42.38 -3.47
CA GLN C 311 25.11 -43.08 -4.47
C GLN C 311 26.18 -44.03 -3.95
N LYS C 312 27.00 -43.57 -3.01
CA LYS C 312 28.19 -44.34 -2.62
C LYS C 312 27.74 -45.31 -1.54
N LEU C 313 26.75 -44.97 -0.72
CA LEU C 313 26.38 -45.83 0.39
C LEU C 313 25.02 -46.49 0.41
N SER C 314 24.06 -46.09 -0.42
CA SER C 314 22.72 -46.62 -0.34
C SER C 314 22.64 -48.00 -0.98
N THR C 315 21.98 -48.92 -0.28
CA THR C 315 21.33 -50.00 -0.99
C THR C 315 20.11 -49.44 -1.71
N ASN C 316 19.54 -50.25 -2.63
CA ASN C 316 18.50 -49.80 -3.55
C ASN C 316 18.78 -48.38 -4.04
N PRO C 317 19.95 -48.12 -4.61
CA PRO C 317 20.40 -46.73 -4.80
C PRO C 317 19.55 -45.99 -5.82
N GLY C 318 19.04 -44.82 -5.42
CA GLY C 318 18.36 -43.91 -6.31
C GLY C 318 16.85 -44.05 -6.38
N PHE C 319 16.27 -45.07 -5.74
CA PHE C 319 14.84 -45.35 -5.89
C PHE C 319 14.01 -44.95 -4.68
N HIS C 320 14.50 -45.13 -3.47
CA HIS C 320 13.79 -44.71 -2.26
C HIS C 320 14.38 -43.36 -1.82
N LEU C 321 13.98 -42.30 -2.51
CA LEU C 321 14.58 -41.00 -2.26
C LEU C 321 13.85 -40.20 -1.18
N PHE C 322 12.53 -40.13 -1.26
CA PHE C 322 11.77 -39.45 -0.21
C PHE C 322 12.01 -40.09 1.15
N GLU C 323 12.05 -41.42 1.19
CA GLU C 323 12.37 -42.12 2.43
C GLU C 323 13.73 -41.66 2.95
N LYS C 324 14.78 -41.82 2.15
CA LYS C 324 16.12 -41.40 2.56
C LYS C 324 16.18 -39.91 2.91
N ARG C 325 15.18 -39.13 2.50
CA ARG C 325 15.09 -37.74 2.96
C ARG C 325 14.48 -37.64 4.35
N VAL C 326 13.54 -38.52 4.69
CA VAL C 326 12.89 -38.42 5.99
C VAL C 326 13.02 -39.70 6.82
N SER C 327 13.97 -40.58 6.49
CA SER C 327 14.03 -41.89 7.14
C SER C 327 14.56 -41.83 8.57
N GLY C 328 15.39 -40.85 8.91
CA GLY C 328 15.76 -40.69 10.31
C GLY C 328 16.92 -41.60 10.68
N MET C 329 17.33 -42.50 9.78
CA MET C 329 18.56 -43.24 9.97
C MET C 329 19.72 -42.64 9.17
N PHE C 330 19.42 -41.90 8.10
CA PHE C 330 20.43 -41.23 7.29
C PHE C 330 20.84 -39.88 7.86
N LEU C 331 20.13 -39.39 8.89
CA LEU C 331 20.40 -38.04 9.38
C LEU C 331 21.77 -37.94 10.05
N GLY C 332 22.15 -38.96 10.81
CA GLY C 332 23.49 -38.98 11.37
C GLY C 332 24.56 -39.02 10.29
N GLU C 333 24.31 -39.78 9.22
CA GLU C 333 25.25 -39.81 8.11
C GLU C 333 25.35 -38.45 7.43
N VAL C 334 24.23 -37.73 7.31
CA VAL C 334 24.26 -36.39 6.74
C VAL C 334 25.09 -35.46 7.62
N LEU C 335 24.87 -35.52 8.93
CA LEU C 335 25.64 -34.67 9.84
C LEU C 335 27.13 -34.95 9.74
N ARG C 336 27.50 -36.24 9.72
CA ARG C 336 28.92 -36.55 9.68
C ARG C 336 29.55 -36.20 8.33
N ASN C 337 28.78 -36.32 7.24
CA ASN C 337 29.28 -35.86 5.95
C ASN C 337 29.57 -34.36 5.99
N ILE C 338 28.62 -33.58 6.51
CA ILE C 338 28.83 -32.13 6.61
C ILE C 338 30.03 -31.84 7.51
N LEU C 339 30.19 -32.61 8.59
CA LEU C 339 31.29 -32.38 9.52
C LEU C 339 32.64 -32.61 8.84
N VAL C 340 32.79 -33.77 8.19
CA VAL C 340 34.07 -34.06 7.54
C VAL C 340 34.33 -33.08 6.41
N ASP C 341 33.29 -32.66 5.70
CA ASP C 341 33.45 -31.64 4.66
C ASP C 341 34.02 -30.36 5.26
N LEU C 342 33.35 -29.82 6.27
CA LEU C 342 33.82 -28.59 6.91
C LEU C 342 35.23 -28.74 7.46
N HIS C 343 35.54 -29.91 8.03
CA HIS C 343 36.87 -30.14 8.59
C HIS C 343 37.92 -30.07 7.49
N SER C 344 37.77 -30.90 6.46
CA SER C 344 38.73 -30.91 5.35
C SER C 344 38.73 -29.59 4.58
N GLN C 345 37.78 -28.70 4.84
CA GLN C 345 37.88 -27.33 4.34
C GLN C 345 38.66 -26.42 5.27
N GLY C 346 39.02 -26.88 6.47
CA GLY C 346 39.79 -26.07 7.39
C GLY C 346 38.98 -25.18 8.31
N LEU C 347 37.69 -25.47 8.48
CA LEU C 347 36.80 -24.67 9.32
C LEU C 347 36.54 -25.30 10.68
N LEU C 348 36.26 -26.60 10.73
CA LEU C 348 35.83 -27.26 11.95
C LEU C 348 36.81 -28.37 12.32
N LEU C 349 36.93 -28.62 13.62
CA LEU C 349 37.79 -29.69 14.16
C LEU C 349 39.24 -29.50 13.72
N GLN C 350 39.78 -28.32 14.01
CA GLN C 350 41.12 -27.97 13.54
C GLN C 350 42.24 -28.59 14.36
N GLN C 351 41.91 -29.37 15.40
CA GLN C 351 42.94 -30.08 16.13
C GLN C 351 43.45 -31.31 15.39
N TYR C 352 42.96 -31.57 14.19
CA TYR C 352 43.34 -32.74 13.39
C TYR C 352 43.88 -32.22 12.07
N ARG C 353 45.21 -32.26 11.90
CA ARG C 353 45.84 -31.68 10.72
C ARG C 353 45.45 -32.44 9.46
N SER C 354 45.37 -33.77 9.54
CA SER C 354 45.11 -34.61 8.39
C SER C 354 43.71 -35.20 8.45
N LYS C 355 43.13 -35.40 7.26
CA LYS C 355 41.84 -36.08 7.17
C LYS C 355 41.90 -37.46 7.81
N GLU C 356 43.03 -38.15 7.66
CA GLU C 356 43.19 -39.47 8.26
C GLU C 356 43.41 -39.38 9.77
N GLN C 357 43.85 -38.23 10.28
CA GLN C 357 44.02 -38.04 11.71
C GLN C 357 42.71 -37.80 12.45
N LEU C 358 41.58 -37.81 11.75
CA LEU C 358 40.28 -37.73 12.39
C LEU C 358 40.02 -39.01 13.18
N PRO C 359 39.15 -38.94 14.20
CA PRO C 359 38.77 -40.16 14.92
C PRO C 359 38.13 -41.17 13.98
N ARG C 360 38.32 -42.45 14.31
CA ARG C 360 37.86 -43.53 13.45
C ARG C 360 36.35 -43.47 13.24
N HIS C 361 35.60 -43.00 14.24
CA HIS C 361 34.14 -42.96 14.13
C HIS C 361 33.66 -41.88 13.16
N LEU C 362 34.50 -40.90 12.84
CA LEU C 362 34.07 -39.80 12.00
C LEU C 362 34.42 -40.02 10.53
N THR C 363 35.40 -40.86 10.24
CA THR C 363 35.79 -41.17 8.87
C THR C 363 34.92 -42.25 8.24
N THR C 364 34.62 -43.32 8.99
CA THR C 364 33.77 -44.40 8.48
C THR C 364 32.30 -44.03 8.61
N PRO C 365 31.47 -44.37 7.63
CA PRO C 365 30.09 -43.89 7.61
C PRO C 365 29.19 -44.65 8.59
N PHE C 366 27.98 -44.11 8.76
CA PHE C 366 26.93 -44.74 9.56
C PHE C 366 27.39 -45.05 10.98
N GLN C 367 28.28 -44.21 11.52
CA GLN C 367 28.69 -44.30 12.91
C GLN C 367 28.14 -43.17 13.77
N LEU C 368 27.55 -42.15 13.15
CA LEU C 368 26.87 -41.08 13.89
C LEU C 368 25.44 -41.53 14.14
N SER C 369 25.19 -42.07 15.33
CA SER C 369 23.88 -42.62 15.65
C SER C 369 22.82 -41.53 15.63
N SER C 370 21.56 -41.97 15.47
CA SER C 370 20.45 -41.04 15.59
C SER C 370 20.33 -40.49 17.00
N GLU C 371 20.75 -41.27 18.00
CA GLU C 371 20.64 -40.82 19.39
C GLU C 371 21.57 -39.64 19.66
N VAL C 372 22.68 -39.55 18.93
CA VAL C 372 23.52 -38.36 19.02
C VAL C 372 22.73 -37.13 18.60
N LEU C 373 22.02 -37.23 17.49
CA LEU C 373 21.16 -36.13 17.06
C LEU C 373 20.05 -35.89 18.08
N SER C 374 19.57 -36.93 18.74
CA SER C 374 18.56 -36.75 19.78
C SER C 374 19.11 -35.87 20.91
N HIS C 375 20.34 -36.15 21.35
CA HIS C 375 20.92 -35.38 22.44
C HIS C 375 21.31 -33.97 22.01
N ILE C 376 21.62 -33.77 20.73
CA ILE C 376 22.03 -32.44 20.28
C ILE C 376 20.94 -31.56 19.69
N GLU C 377 19.71 -32.09 19.50
CA GLU C 377 18.61 -31.40 18.85
C GLU C 377 17.95 -30.37 19.75
N ILE C 378 17.69 -30.75 20.99
CA ILE C 378 17.31 -29.75 21.99
C ILE C 378 18.53 -30.23 22.78
N ASP C 379 19.52 -29.36 22.90
CA ASP C 379 20.49 -29.49 23.98
C ASP C 379 19.96 -28.11 24.34
N ASP C 380 19.50 -27.98 25.58
CA ASP C 380 19.01 -26.69 26.05
C ASP C 380 20.32 -25.99 26.40
N SER C 381 20.21 -24.76 26.88
CA SER C 381 21.40 -24.00 27.24
C SER C 381 21.81 -24.80 28.47
N THR C 382 22.90 -25.56 28.35
CA THR C 382 23.39 -26.44 29.41
C THR C 382 24.87 -26.08 29.46
N GLY C 383 25.18 -25.00 30.18
CA GLY C 383 26.54 -24.53 30.34
C GLY C 383 27.35 -24.52 29.05
N LEU C 384 26.77 -23.93 28.00
CA LEU C 384 27.38 -23.90 26.67
C LEU C 384 27.50 -25.31 26.10
N ARG C 385 26.35 -25.99 26.07
CA ARG C 385 26.18 -27.27 25.37
C ARG C 385 27.06 -28.41 25.86
N GLU C 386 27.01 -28.62 27.17
CA GLU C 386 27.83 -29.67 27.78
C GLU C 386 27.37 -31.10 27.56
N THR C 387 26.04 -31.35 27.60
CA THR C 387 25.53 -32.66 27.20
C THR C 387 25.90 -32.95 25.75
N GLU C 388 25.88 -31.91 24.91
CA GLU C 388 26.39 -32.00 23.55
C GLU C 388 27.84 -32.47 23.54
N LEU C 389 28.68 -31.83 24.36
CA LEU C 389 30.09 -32.21 24.43
C LEU C 389 30.25 -33.66 24.89
N SER C 390 29.43 -34.09 25.84
CA SER C 390 29.54 -35.45 26.35
C SER C 390 29.19 -36.47 25.27
N LEU C 391 28.05 -36.30 24.61
CA LEU C 391 27.67 -37.30 23.62
C LEU C 391 28.48 -37.19 22.33
N LEU C 392 29.10 -36.05 22.05
CA LEU C 392 30.06 -36.01 20.95
C LEU C 392 31.40 -36.61 21.36
N GLN C 393 31.71 -36.62 22.65
CA GLN C 393 32.95 -37.21 23.15
C GLN C 393 32.81 -38.70 23.44
N SER C 394 31.59 -39.19 23.60
CA SER C 394 31.34 -40.63 23.62
C SER C 394 31.28 -41.22 22.21
N LEU C 395 31.74 -40.45 21.22
CA LEU C 395 32.04 -40.94 19.88
C LEU C 395 33.49 -40.65 19.51
N ARG C 396 34.35 -40.45 20.51
CA ARG C 396 35.78 -40.18 20.36
C ARG C 396 36.06 -38.82 19.72
N LEU C 397 35.10 -37.91 19.73
CA LEU C 397 35.28 -36.60 19.11
C LEU C 397 35.20 -35.49 20.15
N PRO C 398 36.33 -35.03 20.68
CA PRO C 398 36.30 -33.85 21.56
C PRO C 398 35.91 -32.61 20.78
N THR C 399 35.25 -31.69 21.47
CA THR C 399 34.73 -30.50 20.82
C THR C 399 34.99 -29.27 21.68
N THR C 400 34.68 -28.11 21.10
CA THR C 400 34.87 -26.76 21.61
C THR C 400 33.52 -26.09 21.85
N PRO C 401 33.40 -25.24 22.87
CA PRO C 401 32.13 -24.49 23.05
C PRO C 401 31.66 -23.78 21.79
N THR C 402 32.55 -23.14 21.05
CA THR C 402 32.15 -22.43 19.84
C THR C 402 31.81 -23.36 18.69
N GLU C 403 32.29 -24.60 18.72
CA GLU C 403 32.02 -25.55 17.64
C GLU C 403 30.70 -26.30 17.86
N ARG C 404 30.38 -26.62 19.11
CA ARG C 404 29.16 -27.35 19.41
C ARG C 404 27.92 -26.55 19.03
N VAL C 405 28.00 -25.22 19.10
CA VAL C 405 26.88 -24.38 18.71
C VAL C 405 26.56 -24.56 17.23
N GLN C 406 27.60 -24.55 16.39
CA GLN C 406 27.38 -24.73 14.97
C GLN C 406 26.93 -26.15 14.64
N ILE C 407 27.46 -27.14 15.35
CA ILE C 407 26.99 -28.51 15.15
C ILE C 407 25.51 -28.62 15.50
N GLN C 408 25.08 -27.93 16.56
CA GLN C 408 23.67 -27.92 16.93
C GLN C 408 22.83 -27.24 15.85
N LYS C 409 23.33 -26.14 15.29
CA LYS C 409 22.65 -25.50 14.16
C LYS C 409 22.43 -26.50 13.03
N LEU C 410 23.47 -27.26 12.68
CA LEU C 410 23.38 -28.23 11.59
C LEU C 410 22.33 -29.29 11.89
N VAL C 411 22.35 -29.86 13.11
CA VAL C 411 21.43 -30.94 13.41
C VAL C 411 19.98 -30.44 13.44
N ARG C 412 19.77 -29.21 13.94
CA ARG C 412 18.43 -28.65 13.94
C ARG C 412 17.94 -28.40 12.51
N ALA C 413 18.86 -27.98 11.63
CA ALA C 413 18.50 -27.80 10.22
C ALA C 413 18.06 -29.12 9.59
N ILE C 414 18.82 -30.20 9.85
CA ILE C 414 18.47 -31.49 9.29
C ILE C 414 17.10 -31.94 9.80
N SER C 415 16.89 -31.82 11.11
CA SER C 415 15.61 -32.21 11.71
C SER C 415 14.45 -31.44 11.08
N ARG C 416 14.61 -30.12 10.95
CA ARG C 416 13.53 -29.30 10.41
C ARG C 416 13.23 -29.66 8.97
N ARG C 417 14.27 -29.90 8.16
CA ARG C 417 14.05 -30.28 6.76
C ARG C 417 13.24 -31.58 6.69
N SER C 418 13.70 -32.61 7.41
CA SER C 418 13.02 -33.90 7.33
C SER C 418 11.59 -33.79 7.85
N ALA C 419 11.38 -32.97 8.88
CA ALA C 419 10.04 -32.84 9.46
C ALA C 419 9.09 -32.12 8.49
N TYR C 420 9.54 -31.04 7.86
CA TYR C 420 8.69 -30.35 6.89
C TYR C 420 8.35 -31.28 5.72
N LEU C 421 9.35 -32.00 5.21
CA LEU C 421 9.08 -32.93 4.12
C LEU C 421 8.09 -34.01 4.55
N ALA C 422 8.21 -34.48 5.80
CA ALA C 422 7.27 -35.47 6.31
C ALA C 422 5.86 -34.91 6.44
N ALA C 423 5.74 -33.61 6.70
CA ALA C 423 4.44 -32.97 6.76
C ALA C 423 3.84 -32.78 5.38
N VAL C 424 4.67 -32.69 4.35
CA VAL C 424 4.18 -32.52 2.96
C VAL C 424 3.07 -33.52 2.61
N PRO C 425 3.28 -34.83 2.72
CA PRO C 425 2.21 -35.75 2.28
C PRO C 425 0.98 -35.71 3.15
N LEU C 426 1.13 -35.48 4.46
CA LEU C 426 -0.04 -35.33 5.32
C LEU C 426 -0.92 -34.18 4.86
N ALA C 427 -0.31 -33.00 4.69
CA ALA C 427 -1.05 -31.85 4.18
C ALA C 427 -1.67 -32.13 2.82
N ALA C 428 -0.94 -32.84 1.95
CA ALA C 428 -1.48 -33.12 0.62
C ALA C 428 -2.71 -34.02 0.69
N ILE C 429 -2.63 -35.10 1.45
CA ILE C 429 -3.77 -36.00 1.59
C ILE C 429 -4.95 -35.27 2.22
N LEU C 430 -4.67 -34.37 3.18
CA LEU C 430 -5.73 -33.59 3.79
C LEU C 430 -6.44 -32.69 2.79
N ILE C 431 -5.85 -32.45 1.63
CA ILE C 431 -6.37 -31.47 0.68
C ILE C 431 -7.18 -32.13 -0.43
N LYS C 432 -6.78 -33.31 -0.90
CA LYS C 432 -7.63 -34.03 -1.85
C LYS C 432 -8.96 -34.39 -1.20
N THR C 433 -8.91 -34.94 0.01
CA THR C 433 -10.08 -35.03 0.87
C THR C 433 -10.27 -33.69 1.57
N ASN C 434 -11.23 -33.62 2.49
CA ASN C 434 -11.54 -32.36 3.15
C ASN C 434 -11.63 -32.55 4.66
N ALA C 435 -10.91 -31.71 5.40
CA ALA C 435 -11.16 -31.54 6.83
C ALA C 435 -12.31 -30.57 7.09
N LEU C 436 -13.08 -30.23 6.06
CA LEU C 436 -14.04 -29.14 6.13
C LEU C 436 -15.46 -29.57 5.80
N ASN C 437 -15.72 -30.87 5.64
CA ASN C 437 -17.05 -31.33 5.26
C ASN C 437 -17.98 -31.53 6.46
N LYS C 438 -17.51 -31.29 7.69
CA LYS C 438 -18.38 -31.28 8.85
C LYS C 438 -18.84 -29.85 9.11
N ARG C 439 -20.11 -29.71 9.50
CA ARG C 439 -20.74 -28.39 9.50
C ARG C 439 -20.05 -27.42 10.47
N TYR C 440 -19.69 -27.90 11.66
CA TYR C 440 -19.15 -27.02 12.70
C TYR C 440 -18.18 -27.81 13.55
N HIS C 441 -17.03 -27.20 13.84
CA HIS C 441 -15.95 -27.78 14.63
C HIS C 441 -15.46 -29.19 14.24
N GLY C 442 -15.14 -29.32 12.95
CA GLY C 442 -14.57 -30.56 12.45
C GLY C 442 -13.06 -30.65 12.52
N GLU C 443 -12.52 -31.64 13.21
CA GLU C 443 -11.11 -31.63 13.61
C GLU C 443 -11.03 -33.04 13.05
N VAL C 444 -9.89 -33.42 12.44
CA VAL C 444 -9.68 -34.74 11.86
C VAL C 444 -8.37 -34.96 12.63
N GLU C 445 -8.26 -36.10 13.30
CA GLU C 445 -7.05 -36.49 14.01
C GLU C 445 -6.41 -37.61 13.20
N ILE C 446 -5.08 -37.64 13.17
CA ILE C 446 -4.35 -38.65 12.43
C ILE C 446 -3.43 -39.42 13.37
N GLY C 447 -3.15 -40.67 12.99
CA GLY C 447 -2.37 -41.55 13.84
C GLY C 447 -0.99 -41.88 13.31
N CYS C 448 0.22 -41.73 13.98
CA CYS C 448 1.61 -41.85 13.58
C CYS C 448 2.30 -42.91 14.44
N ASP C 449 3.15 -43.71 13.79
CA ASP C 449 4.01 -44.66 14.48
C ASP C 449 5.44 -44.52 13.95
N GLY C 450 6.38 -45.08 14.70
CA GLY C 450 7.76 -45.18 14.27
C GLY C 450 8.70 -44.38 15.16
N SER C 451 9.98 -44.45 14.82
CA SER C 451 11.03 -43.90 15.68
C SER C 451 11.02 -42.38 15.68
N VAL C 452 11.22 -41.78 14.50
CA VAL C 452 11.45 -40.33 14.44
C VAL C 452 10.26 -39.57 15.01
N VAL C 453 9.05 -39.89 14.52
CA VAL C 453 7.88 -39.08 14.86
C VAL C 453 7.57 -39.17 16.35
N GLU C 454 7.80 -40.31 16.98
CA GLU C 454 7.44 -40.49 18.38
C GLU C 454 8.50 -39.97 19.34
N TYR C 455 9.79 -40.24 19.08
CA TYR C 455 10.82 -40.01 20.08
C TYR C 455 11.82 -38.91 19.72
N TYR C 456 11.93 -38.52 18.46
CA TYR C 456 12.84 -37.42 18.14
C TYR C 456 12.31 -36.14 18.76
N PRO C 457 13.15 -35.38 19.44
CA PRO C 457 12.65 -34.24 20.24
C PRO C 457 12.02 -33.18 19.35
N GLY C 458 10.72 -32.95 19.55
CA GLY C 458 9.99 -31.90 18.89
C GLY C 458 9.70 -32.12 17.43
N PHE C 459 9.96 -33.31 16.90
CA PHE C 459 9.63 -33.60 15.51
C PHE C 459 8.13 -33.40 15.26
N ARG C 460 7.33 -33.88 16.40
CA ARG C 460 5.93 -33.55 16.17
C ARG C 460 5.68 -32.04 16.22
N SER C 461 6.44 -31.32 17.04
CA SER C 461 6.33 -29.87 17.06
C SER C 461 6.70 -29.27 15.71
N MET C 462 7.82 -29.74 15.14
CA MET C 462 8.21 -29.29 13.81
C MET C 462 7.19 -29.71 12.75
N LEU C 463 6.61 -30.90 12.92
CA LEU C 463 5.55 -31.34 12.02
C LEU C 463 4.39 -30.35 12.03
N ARG C 464 3.97 -29.93 13.23
CA ARG C 464 2.89 -28.96 13.33
C ARG C 464 3.27 -27.62 12.72
N HIS C 465 4.51 -27.18 12.95
CA HIS C 465 4.97 -25.92 12.38
C HIS C 465 4.91 -25.97 10.86
N ALA C 466 5.36 -27.08 10.27
CA ALA C 466 5.32 -27.24 8.83
C ALA C 466 3.87 -27.25 8.32
N LEU C 467 3.01 -28.06 8.95
CA LEU C 467 1.61 -28.10 8.54
C LEU C 467 0.96 -26.73 8.64
N ALA C 468 1.39 -25.90 9.58
CA ALA C 468 0.86 -24.54 9.67
C ALA C 468 1.36 -23.69 8.51
N LEU C 469 2.66 -23.77 8.20
CA LEU C 469 3.19 -23.03 7.06
C LEU C 469 2.80 -23.65 5.73
N SER C 470 2.20 -24.85 5.73
CA SER C 470 1.74 -25.54 4.53
C SER C 470 0.61 -24.76 3.87
N PRO C 471 0.16 -25.14 2.67
CA PRO C 471 -0.92 -24.38 2.03
C PRO C 471 -2.24 -24.44 2.76
N LEU C 472 -2.42 -25.38 3.69
CA LEU C 472 -3.65 -25.37 4.48
C LEU C 472 -3.57 -24.40 5.66
N GLY C 473 -2.50 -23.60 5.74
CA GLY C 473 -2.45 -22.44 6.61
C GLY C 473 -2.43 -22.70 8.09
N ALA C 474 -2.28 -21.63 8.88
CA ALA C 474 -2.30 -21.76 10.33
C ALA C 474 -3.67 -22.21 10.82
N GLU C 475 -4.73 -21.89 10.07
CA GLU C 475 -6.06 -22.35 10.43
C GLU C 475 -6.21 -23.85 10.23
N GLY C 476 -5.51 -24.41 9.25
CA GLY C 476 -5.59 -25.83 8.98
C GLY C 476 -4.94 -26.70 10.04
N GLU C 477 -3.64 -26.49 10.27
CA GLU C 477 -2.94 -27.26 11.29
C GLU C 477 -3.52 -27.02 12.68
N ARG C 478 -4.18 -25.88 12.89
CA ARG C 478 -4.79 -25.59 14.19
C ARG C 478 -5.65 -26.75 14.67
N LYS C 479 -6.45 -27.33 13.78
CA LYS C 479 -7.48 -28.27 14.18
C LYS C 479 -7.17 -29.72 13.84
N VAL C 480 -5.92 -30.05 13.51
CA VAL C 480 -5.51 -31.43 13.26
C VAL C 480 -4.57 -31.87 14.37
N HIS C 481 -4.87 -33.03 14.95
CA HIS C 481 -4.14 -33.55 16.10
C HIS C 481 -3.27 -34.72 15.68
N LEU C 482 -2.07 -34.81 16.26
CA LEU C 482 -1.06 -35.80 15.90
C LEU C 482 -1.08 -36.78 17.06
N LYS C 483 -1.82 -37.87 16.89
CA LYS C 483 -1.84 -38.92 17.89
C LYS C 483 -0.79 -39.95 17.46
N ILE C 484 -0.54 -40.92 18.34
CA ILE C 484 0.43 -41.98 18.09
C ILE C 484 -0.28 -43.32 18.16
N ALA C 485 -0.13 -44.12 17.10
CA ALA C 485 -0.79 -45.42 17.02
C ALA C 485 -0.02 -46.45 17.82
N LYS C 486 -0.44 -47.70 17.76
CA LYS C 486 0.09 -48.74 18.63
C LYS C 486 -0.11 -50.05 17.88
N ASP C 487 0.95 -50.87 17.79
CA ASP C 487 0.91 -52.18 17.15
C ASP C 487 0.29 -52.25 15.76
N GLY C 488 0.89 -51.47 14.85
CA GLY C 488 0.45 -51.53 13.45
C GLY C 488 0.34 -52.90 12.82
N SER C 489 1.21 -53.82 13.21
CA SER C 489 1.14 -55.17 12.68
C SER C 489 0.44 -56.06 13.70
N GLY C 490 0.42 -55.65 14.98
CA GLY C 490 -0.13 -56.47 16.03
C GLY C 490 -1.63 -56.49 16.08
N VAL C 491 -2.24 -55.33 16.36
CA VAL C 491 -3.69 -55.25 16.45
C VAL C 491 -4.32 -54.89 15.11
N GLY C 492 -3.59 -54.21 14.24
CA GLY C 492 -4.15 -53.80 12.96
C GLY C 492 -4.59 -54.98 12.11
N ALA C 493 -3.81 -56.07 12.13
CA ALA C 493 -4.20 -57.25 11.38
C ALA C 493 -5.48 -57.85 11.95
N ALA C 494 -5.63 -57.85 13.27
CA ALA C 494 -6.86 -58.33 13.88
C ALA C 494 -8.05 -57.50 13.44
N LEU C 495 -7.91 -56.17 13.44
CA LEU C 495 -9.02 -55.32 13.04
C LEU C 495 -9.34 -55.48 11.56
N CYS C 496 -8.30 -55.66 10.72
CA CYS C 496 -8.53 -55.85 9.29
C CYS C 496 -9.21 -57.17 9.01
N ALA C 497 -8.90 -58.21 9.78
CA ALA C 497 -9.63 -59.47 9.66
C ALA C 497 -11.05 -59.32 10.15
N LEU C 498 -11.27 -58.50 11.18
CA LEU C 498 -12.62 -58.26 11.68
C LEU C 498 -13.50 -57.60 10.62
N VAL C 499 -13.03 -56.49 10.06
CA VAL C 499 -13.85 -55.72 9.14
C VAL C 499 -14.11 -56.49 7.84
N ALA C 500 -13.28 -57.47 7.51
CA ALA C 500 -13.48 -58.26 6.30
C ALA C 500 -14.59 -59.28 6.49
N ASP D 4 -19.80 2.90 44.10
CA ASP D 4 -20.90 2.03 43.71
C ASP D 4 -20.31 0.91 42.85
N ASP D 5 -19.74 -0.09 43.51
CA ASP D 5 -19.14 -1.22 42.80
C ASP D 5 -20.23 -2.11 42.20
N LEU D 6 -21.52 -1.82 42.44
CA LEU D 6 -22.64 -2.47 41.77
C LEU D 6 -23.55 -1.59 40.93
N HIS D 7 -23.53 -0.27 41.17
CA HIS D 7 -24.37 0.64 40.41
C HIS D 7 -23.47 1.15 39.29
N LYS D 8 -22.16 1.29 39.53
CA LYS D 8 -21.26 1.68 38.45
C LYS D 8 -21.16 0.57 37.41
N ALA D 9 -21.10 -0.69 37.85
CA ALA D 9 -21.14 -1.80 36.91
C ALA D 9 -22.44 -1.81 36.12
N THR D 10 -23.56 -1.54 36.79
CA THR D 10 -24.84 -1.47 36.09
C THR D 10 -24.86 -0.34 35.08
N GLU D 11 -24.25 0.80 35.43
CA GLU D 11 -24.17 1.93 34.52
C GLU D 11 -23.35 1.57 33.28
N ARG D 12 -22.21 0.91 33.48
CA ARG D 12 -21.40 0.48 32.34
C ARG D 12 -22.15 -0.53 31.48
N ALA D 13 -22.93 -1.40 32.11
CA ALA D 13 -23.71 -2.38 31.35
C ALA D 13 -24.81 -1.71 30.54
N VAL D 14 -25.47 -0.69 31.12
CA VAL D 14 -26.46 0.06 30.36
C VAL D 14 -25.80 0.78 29.19
N ILE D 15 -24.59 1.30 29.41
CA ILE D 15 -23.85 1.94 28.31
C ILE D 15 -23.61 0.94 27.19
N GLN D 16 -23.14 -0.27 27.55
CA GLN D 16 -22.89 -1.30 26.54
C GLN D 16 -24.17 -1.65 25.78
N ALA D 17 -25.28 -1.82 26.50
CA ALA D 17 -26.53 -2.19 25.85
C ALA D 17 -27.04 -1.09 24.91
N VAL D 18 -26.98 0.16 25.37
CA VAL D 18 -27.47 1.28 24.56
C VAL D 18 -26.59 1.44 23.33
N ASP D 19 -25.28 1.21 23.47
CA ASP D 19 -24.41 1.29 22.30
C ASP D 19 -24.64 0.13 21.35
N GLN D 20 -24.94 -1.06 21.89
CA GLN D 20 -25.34 -2.18 21.04
C GLN D 20 -26.56 -1.82 20.21
N ILE D 21 -27.56 -1.19 20.84
CA ILE D 21 -28.77 -0.82 20.12
C ILE D 21 -28.51 0.33 19.14
N CYS D 22 -27.61 1.25 19.48
CA CYS D 22 -27.26 2.33 18.56
C CYS D 22 -26.60 1.78 17.30
N ASP D 23 -25.57 0.95 17.46
CA ASP D 23 -24.99 0.26 16.32
C ASP D 23 -26.01 -0.61 15.62
N ASP D 24 -27.01 -1.09 16.36
CA ASP D 24 -28.08 -1.87 15.76
C ASP D 24 -28.96 -1.02 14.85
N PHE D 25 -29.05 0.28 15.14
CA PHE D 25 -29.83 1.20 14.32
C PHE D 25 -29.01 1.87 13.22
N GLU D 26 -27.78 1.42 12.98
CA GLU D 26 -26.90 2.11 12.06
C GLU D 26 -27.33 1.87 10.61
N VAL D 27 -26.85 2.75 9.73
CA VAL D 27 -27.02 2.60 8.29
C VAL D 27 -25.65 2.88 7.67
N THR D 28 -24.91 1.82 7.36
CA THR D 28 -23.57 1.97 6.83
C THR D 28 -23.61 2.50 5.40
N PRO D 29 -22.53 3.14 4.94
CA PRO D 29 -22.47 3.56 3.53
C PRO D 29 -22.64 2.40 2.56
N GLU D 30 -22.20 1.20 2.95
CA GLU D 30 -22.40 0.04 2.09
C GLU D 30 -23.85 -0.37 2.04
N LYS D 31 -24.55 -0.33 3.19
CA LYS D 31 -25.99 -0.55 3.18
C LYS D 31 -26.70 0.55 2.41
N LEU D 32 -26.18 1.78 2.47
CA LEU D 32 -26.72 2.88 1.66
C LEU D 32 -26.62 2.54 0.18
N ASP D 33 -25.44 2.08 -0.26
CA ASP D 33 -25.26 1.71 -1.66
C ASP D 33 -26.18 0.57 -2.05
N GLU D 34 -26.28 -0.46 -1.20
CA GLU D 34 -27.20 -1.57 -1.47
C GLU D 34 -28.63 -1.06 -1.65
N LEU D 35 -29.09 -0.20 -0.74
CA LEU D 35 -30.47 0.27 -0.79
C LEU D 35 -30.71 1.13 -2.02
N THR D 36 -29.79 2.04 -2.35
CA THR D 36 -30.02 2.88 -3.51
C THR D 36 -29.95 2.08 -4.81
N ALA D 37 -29.10 1.06 -4.87
CA ALA D 37 -29.06 0.20 -6.05
C ALA D 37 -30.38 -0.55 -6.21
N TYR D 38 -30.86 -1.15 -5.14
CA TYR D 38 -32.14 -1.87 -5.22
C TYR D 38 -33.28 -0.91 -5.53
N PHE D 39 -33.17 0.35 -5.08
CA PHE D 39 -34.20 1.34 -5.40
C PHE D 39 -34.21 1.65 -6.89
N ILE D 40 -33.03 1.83 -7.49
CA ILE D 40 -32.95 2.02 -8.94
C ILE D 40 -33.54 0.83 -9.67
N GLU D 41 -33.23 -0.38 -9.18
CA GLU D 41 -33.74 -1.59 -9.81
C GLU D 41 -35.26 -1.64 -9.75
N GLN D 42 -35.84 -1.29 -8.61
CA GLN D 42 -37.30 -1.28 -8.49
C GLN D 42 -37.93 -0.16 -9.32
N MET D 43 -37.24 0.97 -9.45
CA MET D 43 -37.72 2.02 -10.36
C MET D 43 -37.79 1.49 -11.79
N GLU D 44 -36.74 0.79 -12.22
CA GLU D 44 -36.75 0.21 -13.55
C GLU D 44 -37.85 -0.83 -13.71
N LYS D 45 -38.07 -1.64 -12.67
CA LYS D 45 -39.09 -2.68 -12.76
C LYS D 45 -40.48 -2.09 -12.81
N GLY D 46 -40.72 -0.97 -12.12
CA GLY D 46 -42.06 -0.39 -12.08
C GLY D 46 -42.39 0.50 -13.26
N LEU D 47 -41.39 0.92 -14.01
CA LEU D 47 -41.60 1.75 -15.19
C LEU D 47 -42.07 0.96 -16.39
N ALA D 48 -42.20 -0.36 -16.27
CA ALA D 48 -42.46 -1.21 -17.42
C ALA D 48 -43.78 -1.95 -17.27
N PRO D 49 -44.30 -2.57 -18.34
CA PRO D 49 -45.49 -3.42 -18.21
C PRO D 49 -45.22 -4.58 -17.25
N PRO D 50 -46.27 -5.13 -16.63
CA PRO D 50 -46.13 -6.22 -15.67
C PRO D 50 -45.72 -7.55 -16.30
N LYS D 60 -43.59 -7.02 -9.57
CA LYS D 60 -43.71 -5.62 -9.97
C LYS D 60 -42.94 -4.73 -9.02
N GLY D 61 -42.38 -3.64 -9.54
CA GLY D 61 -41.55 -2.74 -8.77
C GLY D 61 -42.32 -1.63 -8.11
N LEU D 62 -41.66 -0.49 -7.93
CA LEU D 62 -42.32 0.69 -7.38
C LEU D 62 -43.47 1.10 -8.28
N PRO D 63 -44.49 1.79 -7.74
CA PRO D 63 -45.66 2.17 -8.56
C PRO D 63 -45.30 2.95 -9.81
N MET D 64 -44.59 4.07 -9.65
CA MET D 64 -44.20 4.93 -10.77
C MET D 64 -45.33 5.51 -11.62
N ILE D 65 -46.32 6.06 -10.93
CA ILE D 65 -47.50 6.60 -11.61
C ILE D 65 -47.21 7.76 -12.55
N PRO D 66 -47.64 7.71 -13.80
CA PRO D 66 -47.49 8.88 -14.69
C PRO D 66 -48.41 10.00 -14.25
N ALA D 67 -47.81 11.15 -13.91
CA ALA D 67 -48.58 12.32 -13.50
C ALA D 67 -49.06 13.15 -14.68
N PHE D 68 -48.60 12.86 -15.89
CA PHE D 68 -49.08 13.49 -17.12
C PHE D 68 -48.85 15.00 -17.12
N VAL D 69 -47.86 15.47 -16.38
CA VAL D 69 -47.45 16.86 -16.38
C VAL D 69 -46.11 16.91 -17.12
N THR D 70 -46.15 17.34 -18.38
CA THR D 70 -44.99 17.30 -19.26
C THR D 70 -44.26 18.65 -19.32
N GLY D 71 -44.29 19.41 -18.23
CA GLY D 71 -43.59 20.68 -18.18
C GLY D 71 -43.55 21.19 -16.76
N SER D 72 -42.64 22.14 -16.53
CA SER D 72 -42.45 22.70 -15.21
C SER D 72 -42.50 24.23 -15.28
N PRO D 73 -43.12 24.88 -14.28
CA PRO D 73 -43.21 26.34 -14.31
C PRO D 73 -41.84 27.00 -14.27
N ASN D 74 -41.81 28.27 -14.65
CA ASN D 74 -40.58 29.01 -14.89
C ASN D 74 -40.23 29.94 -13.73
N GLY D 75 -41.13 30.85 -13.39
CA GLY D 75 -40.82 31.97 -12.52
C GLY D 75 -41.13 33.32 -13.15
N THR D 76 -41.55 33.35 -14.41
CA THR D 76 -41.96 34.57 -15.11
C THR D 76 -43.22 34.18 -15.90
N GLU D 77 -44.38 34.31 -15.28
CA GLU D 77 -45.59 33.71 -15.80
C GLU D 77 -46.76 34.69 -15.74
N ARG D 78 -47.88 34.25 -16.31
CA ARG D 78 -49.10 35.05 -16.40
C ARG D 78 -49.77 35.15 -15.03
N GLY D 79 -50.89 35.88 -14.98
CA GLY D 79 -51.48 36.26 -13.71
C GLY D 79 -52.54 35.35 -13.13
N VAL D 80 -53.57 35.01 -13.91
CA VAL D 80 -54.77 34.40 -13.36
C VAL D 80 -54.63 32.88 -13.33
N LEU D 81 -54.79 32.30 -12.14
CA LEU D 81 -54.87 30.84 -12.01
C LEU D 81 -55.78 30.47 -10.85
N LEU D 82 -56.35 29.27 -10.92
CA LEU D 82 -57.28 28.78 -9.92
C LEU D 82 -56.85 27.40 -9.44
N ALA D 83 -57.33 27.03 -8.25
CA ALA D 83 -57.04 25.71 -7.70
C ALA D 83 -58.06 25.38 -6.62
N ALA D 84 -58.23 24.08 -6.38
CA ALA D 84 -59.16 23.60 -5.37
C ALA D 84 -58.79 22.18 -4.99
N ASP D 85 -58.59 21.94 -3.69
CA ASP D 85 -58.25 20.60 -3.21
C ASP D 85 -59.24 20.14 -2.14
N LEU D 86 -59.61 18.87 -2.26
CA LEU D 86 -60.49 18.20 -1.29
C LEU D 86 -59.60 17.33 -0.41
N GLY D 87 -59.47 17.71 0.86
CA GLY D 87 -58.54 17.06 1.76
C GLY D 87 -59.09 15.87 2.50
N GLY D 88 -60.37 15.92 2.88
CA GLY D 88 -61.00 14.90 3.71
C GLY D 88 -61.55 15.44 5.00
N THR D 89 -60.90 16.46 5.57
CA THR D 89 -61.41 17.19 6.72
C THR D 89 -62.09 18.48 6.26
N ASN D 90 -61.68 19.02 5.11
CA ASN D 90 -62.13 20.30 4.59
C ASN D 90 -61.84 20.33 3.09
N PHE D 91 -62.54 21.22 2.39
CA PHE D 91 -62.30 21.46 0.98
C PHE D 91 -61.95 22.93 0.81
N ARG D 92 -60.79 23.21 0.22
CA ARG D 92 -60.34 24.58 0.06
C ARG D 92 -60.22 24.93 -1.41
N ILE D 93 -60.45 26.21 -1.71
CA ILE D 93 -60.33 26.73 -3.06
C ILE D 93 -59.63 28.07 -3.01
N CYS D 94 -58.76 28.32 -4.00
CA CYS D 94 -57.90 29.48 -4.02
C CYS D 94 -57.71 30.00 -5.44
N SER D 95 -57.44 31.29 -5.54
CA SER D 95 -57.02 31.93 -6.78
C SER D 95 -55.61 32.48 -6.57
N VAL D 96 -54.74 32.21 -7.53
CA VAL D 96 -53.32 32.57 -7.46
C VAL D 96 -53.02 33.56 -8.58
N ASN D 97 -52.35 34.66 -8.21
CA ASN D 97 -51.90 35.68 -9.14
C ASN D 97 -50.37 35.64 -9.16
N LEU D 98 -49.81 35.09 -10.23
CA LEU D 98 -48.37 35.08 -10.44
C LEU D 98 -47.96 36.41 -11.05
N HIS D 99 -47.18 37.19 -10.31
CA HIS D 99 -46.94 38.58 -10.69
C HIS D 99 -46.10 38.68 -11.97
N GLY D 100 -45.10 37.83 -12.12
CA GLY D 100 -44.20 37.93 -13.25
C GLY D 100 -42.78 37.64 -12.87
N ASP D 101 -42.48 37.75 -11.57
CA ASP D 101 -41.26 37.22 -11.01
C ASP D 101 -41.63 36.01 -10.14
N HIS D 102 -40.64 35.46 -9.43
CA HIS D 102 -40.86 34.20 -8.74
C HIS D 102 -41.84 34.29 -7.57
N THR D 103 -42.40 35.46 -7.29
CA THR D 103 -43.38 35.61 -6.24
C THR D 103 -44.80 35.67 -6.82
N PHE D 104 -45.78 35.53 -5.92
CA PHE D 104 -47.18 35.58 -6.31
C PHE D 104 -47.99 36.07 -5.12
N SER D 105 -49.31 36.16 -5.30
CA SER D 105 -50.23 36.48 -4.22
C SER D 105 -51.48 35.63 -4.37
N MET D 106 -51.99 35.12 -3.24
CA MET D 106 -53.08 34.17 -3.27
C MET D 106 -54.26 34.67 -2.45
N GLU D 107 -55.46 34.22 -2.83
CA GLU D 107 -56.69 34.49 -2.09
C GLU D 107 -57.49 33.20 -2.03
N GLN D 108 -57.68 32.67 -0.82
CA GLN D 108 -58.23 31.33 -0.65
C GLN D 108 -59.33 31.33 0.41
N MET D 109 -60.00 30.19 0.50
CA MET D 109 -60.89 29.91 1.63
C MET D 109 -61.12 28.41 1.72
N LYS D 110 -61.18 27.92 2.97
CA LYS D 110 -61.34 26.50 3.27
C LYS D 110 -62.71 26.29 3.89
N SER D 111 -63.66 25.78 3.11
CA SER D 111 -64.94 25.38 3.65
C SER D 111 -64.81 24.01 4.30
N LYS D 112 -65.00 23.95 5.61
CA LYS D 112 -64.89 22.68 6.31
C LYS D 112 -65.96 21.72 5.81
N ILE D 113 -65.56 20.47 5.59
CA ILE D 113 -66.43 19.52 4.91
C ILE D 113 -67.68 19.28 5.76
N PRO D 114 -68.88 19.30 5.17
CA PRO D 114 -70.10 19.20 5.98
C PRO D 114 -70.31 17.81 6.55
N ASP D 115 -70.99 17.77 7.71
CA ASP D 115 -71.24 16.52 8.39
C ASP D 115 -72.18 15.62 7.58
N ASP D 116 -73.20 16.22 6.96
CA ASP D 116 -74.20 15.45 6.22
C ASP D 116 -73.63 14.70 5.03
N LEU D 117 -72.40 15.00 4.63
CA LEU D 117 -71.75 14.33 3.52
C LEU D 117 -70.87 13.16 3.96
N LEU D 118 -70.81 12.86 5.26
CA LEU D 118 -69.80 11.96 5.80
C LEU D 118 -70.44 10.69 6.32
N ASP D 119 -69.90 9.56 5.89
CA ASP D 119 -70.40 8.22 6.22
C ASP D 119 -71.92 8.15 6.16
N ASP D 120 -72.44 8.62 5.02
CA ASP D 120 -73.82 8.37 4.63
C ASP D 120 -73.77 7.44 3.43
N GLU D 121 -74.35 6.26 3.55
CA GLU D 121 -74.16 5.26 2.49
C GLU D 121 -75.05 5.48 1.29
N ASN D 122 -75.96 6.47 1.31
CA ASN D 122 -76.89 6.69 0.21
C ASN D 122 -76.83 8.12 -0.33
N VAL D 123 -75.78 8.87 -0.01
CA VAL D 123 -75.59 10.21 -0.56
C VAL D 123 -74.97 10.08 -1.94
N THR D 124 -75.45 10.90 -2.88
CA THR D 124 -75.07 10.80 -4.28
C THR D 124 -73.72 11.47 -4.53
N SER D 125 -73.20 11.24 -5.75
CA SER D 125 -72.10 12.06 -6.23
C SER D 125 -72.57 13.48 -6.48
N ASP D 126 -73.84 13.65 -6.81
CA ASP D 126 -74.44 14.98 -6.90
C ASP D 126 -74.23 15.75 -5.60
N ASP D 127 -74.63 15.17 -4.47
CA ASP D 127 -74.58 15.89 -3.20
C ASP D 127 -73.16 16.31 -2.82
N LEU D 128 -72.13 15.61 -3.33
CA LEU D 128 -70.75 15.96 -3.01
C LEU D 128 -70.19 16.98 -3.98
N PHE D 129 -70.21 16.67 -5.28
CA PHE D 129 -69.61 17.58 -6.25
C PHE D 129 -70.43 18.85 -6.40
N GLY D 130 -71.74 18.80 -6.12
CA GLY D 130 -72.53 20.02 -6.14
C GLY D 130 -72.23 20.93 -4.98
N PHE D 131 -71.93 20.36 -3.81
CA PHE D 131 -71.44 21.18 -2.71
C PHE D 131 -70.08 21.77 -3.03
N LEU D 132 -69.20 20.96 -3.63
CA LEU D 132 -67.90 21.47 -4.06
C LEU D 132 -68.07 22.66 -5.00
N ALA D 133 -68.91 22.51 -6.01
CA ALA D 133 -69.13 23.59 -6.97
C ALA D 133 -69.86 24.77 -6.33
N ARG D 134 -70.75 24.50 -5.38
CA ARG D 134 -71.42 25.56 -4.64
C ARG D 134 -70.41 26.46 -3.96
N ARG D 135 -69.48 25.86 -3.21
CA ARG D 135 -68.44 26.65 -2.56
C ARG D 135 -67.50 27.27 -3.59
N THR D 136 -67.28 26.60 -4.72
CA THR D 136 -66.41 27.12 -5.77
C THR D 136 -66.95 28.43 -6.33
N LEU D 137 -68.19 28.42 -6.79
CA LEU D 137 -68.81 29.60 -7.38
C LEU D 137 -69.47 30.50 -6.37
N ALA D 138 -69.41 30.17 -5.08
CA ALA D 138 -69.76 31.13 -4.03
C ALA D 138 -68.54 31.91 -3.59
N PHE D 139 -67.37 31.27 -3.56
CA PHE D 139 -66.13 31.99 -3.35
C PHE D 139 -65.92 33.07 -4.41
N MET D 140 -66.30 32.76 -5.66
CA MET D 140 -66.13 33.71 -6.75
C MET D 140 -67.15 34.85 -6.71
N LYS D 141 -68.13 34.80 -5.80
CA LYS D 141 -69.02 35.94 -5.62
C LYS D 141 -68.30 37.12 -4.96
N LYS D 142 -67.30 36.83 -4.12
CA LYS D 142 -66.62 37.87 -3.35
C LYS D 142 -65.23 38.20 -3.86
N TYR D 143 -64.49 37.23 -4.38
CA TYR D 143 -63.10 37.45 -4.74
C TYR D 143 -62.99 37.81 -6.22
N HIS D 144 -63.70 37.12 -7.11
CA HIS D 144 -63.65 37.45 -8.54
C HIS D 144 -65.01 37.58 -9.22
N PRO D 145 -65.66 38.74 -9.07
CA PRO D 145 -66.71 39.14 -10.01
C PRO D 145 -66.19 39.87 -11.25
N ASP D 146 -64.88 39.85 -11.47
CA ASP D 146 -64.27 40.59 -12.57
C ASP D 146 -64.92 40.22 -13.90
N GLU D 147 -64.80 38.95 -14.28
CA GLU D 147 -65.45 38.42 -15.46
C GLU D 147 -66.51 37.37 -15.11
N LEU D 148 -66.87 37.25 -13.83
CA LEU D 148 -68.00 36.41 -13.47
C LEU D 148 -69.31 37.01 -13.96
N ALA D 149 -69.37 38.34 -14.06
CA ALA D 149 -70.55 38.99 -14.64
C ALA D 149 -70.74 38.64 -16.11
N LYS D 150 -69.66 38.24 -16.79
CA LYS D 150 -69.76 37.72 -18.14
C LYS D 150 -70.02 36.23 -17.98
N GLY D 151 -71.30 35.83 -18.01
CA GLY D 151 -71.64 34.45 -17.72
C GLY D 151 -71.11 33.49 -18.78
N LYS D 152 -71.31 33.82 -20.05
CA LYS D 152 -70.96 32.93 -21.15
C LYS D 152 -69.74 33.37 -21.94
N ASP D 153 -69.51 34.67 -22.09
CA ASP D 153 -68.40 35.19 -22.89
C ASP D 153 -67.22 35.63 -22.04
N ALA D 154 -67.04 35.02 -20.87
CA ALA D 154 -65.88 35.32 -20.05
C ALA D 154 -64.63 34.66 -20.60
N LYS D 155 -63.49 35.30 -20.39
CA LYS D 155 -62.22 34.66 -20.73
C LYS D 155 -62.07 33.39 -19.90
N PRO D 156 -61.83 32.25 -20.54
CA PRO D 156 -61.75 30.98 -19.78
C PRO D 156 -60.69 31.04 -18.69
N MET D 157 -61.00 30.37 -17.58
CA MET D 157 -60.10 30.27 -16.44
C MET D 157 -59.78 28.80 -16.20
N LYS D 158 -58.53 28.53 -15.86
CA LYS D 158 -58.07 27.16 -15.66
C LYS D 158 -58.01 26.84 -14.17
N LEU D 159 -58.29 25.57 -13.86
CA LEU D 159 -58.40 25.10 -12.48
C LEU D 159 -57.64 23.78 -12.33
N GLY D 160 -56.93 23.63 -11.23
CA GLY D 160 -56.23 22.40 -10.95
C GLY D 160 -56.82 21.66 -9.77
N PHE D 161 -57.36 20.47 -10.01
CA PHE D 161 -58.01 19.68 -8.97
C PHE D 161 -56.97 18.82 -8.28
N THR D 162 -56.69 19.14 -7.01
CA THR D 162 -55.84 18.29 -6.17
C THR D 162 -56.76 17.34 -5.42
N PHE D 163 -56.87 16.11 -5.93
CA PHE D 163 -57.83 15.14 -5.42
C PHE D 163 -57.07 14.10 -4.61
N SER D 164 -57.08 14.27 -3.29
CA SER D 164 -56.27 13.49 -2.34
C SER D 164 -56.72 12.04 -2.19
N TYR D 165 -57.65 11.53 -2.98
CA TYR D 165 -58.14 10.17 -2.87
C TYR D 165 -57.64 9.32 -4.03
N PRO D 166 -57.57 7.98 -3.85
CA PRO D 166 -56.96 7.14 -4.89
C PRO D 166 -57.74 7.15 -6.20
N VAL D 167 -57.14 7.73 -7.24
CA VAL D 167 -57.74 7.77 -8.56
C VAL D 167 -56.82 7.12 -9.57
N ASP D 168 -57.41 6.66 -10.66
CA ASP D 168 -56.67 6.11 -11.79
C ASP D 168 -56.67 7.15 -12.90
N GLN D 169 -55.56 7.86 -13.04
CA GLN D 169 -55.44 8.90 -14.07
C GLN D 169 -55.16 8.23 -15.41
N THR D 170 -56.15 8.26 -16.30
CA THR D 170 -55.90 7.85 -17.69
C THR D 170 -55.07 8.88 -18.43
N SER D 171 -55.23 10.16 -18.08
CA SER D 171 -54.43 11.25 -18.60
C SER D 171 -54.54 12.40 -17.60
N LEU D 172 -53.99 13.56 -17.94
CA LEU D 172 -54.33 14.74 -17.18
C LEU D 172 -55.66 15.39 -17.54
N ASN D 173 -56.38 15.85 -16.52
CA ASN D 173 -57.76 16.34 -16.63
C ASN D 173 -58.72 15.15 -16.75
N SER D 174 -58.24 13.94 -16.47
CA SER D 174 -59.07 12.74 -16.52
C SER D 174 -58.60 11.72 -15.50
N GLY D 175 -59.46 11.41 -14.53
CA GLY D 175 -59.13 10.42 -13.52
C GLY D 175 -60.38 9.82 -12.93
N THR D 176 -60.28 8.57 -12.50
CA THR D 176 -61.43 7.83 -12.00
C THR D 176 -61.15 7.32 -10.59
N LEU D 177 -62.11 7.57 -9.70
CA LEU D 177 -61.97 7.13 -8.31
C LEU D 177 -61.97 5.60 -8.23
N ILE D 178 -61.21 5.09 -7.28
CA ILE D 178 -61.09 3.65 -7.04
C ILE D 178 -61.75 3.26 -5.72
N ARG D 179 -61.28 3.83 -4.61
CA ARG D 179 -61.85 3.62 -3.29
C ARG D 179 -62.21 4.97 -2.68
N TRP D 180 -62.77 4.93 -1.47
CA TRP D 180 -63.04 6.13 -0.70
C TRP D 180 -62.21 6.11 0.58
N THR D 181 -61.77 7.30 1.01
CA THR D 181 -60.83 7.43 2.11
C THR D 181 -61.43 8.26 3.23
N LYS D 182 -61.41 7.69 4.44
CA LYS D 182 -61.62 8.44 5.68
C LYS D 182 -63.01 9.07 5.74
N GLY D 183 -64.03 8.21 5.63
CA GLY D 183 -65.39 8.60 5.99
C GLY D 183 -66.32 8.90 4.85
N PHE D 184 -65.82 9.13 3.63
CA PHE D 184 -66.72 9.29 2.50
C PHE D 184 -67.16 7.92 2.03
N ARG D 185 -68.46 7.78 1.74
CA ARG D 185 -69.04 6.51 1.33
C ARG D 185 -70.06 7.12 0.37
N ILE D 186 -69.81 6.96 -0.92
CA ILE D 186 -70.63 7.54 -1.98
C ILE D 186 -70.57 6.44 -3.04
N ALA D 187 -71.74 5.91 -3.39
CA ALA D 187 -71.83 4.80 -4.31
C ALA D 187 -71.90 5.29 -5.76
N ASP D 188 -71.31 4.49 -6.65
CA ASP D 188 -71.25 4.77 -8.10
C ASP D 188 -70.79 6.20 -8.39
N THR D 189 -69.99 6.77 -7.51
CA THR D 189 -69.04 7.80 -7.88
C THR D 189 -67.71 7.09 -8.04
N VAL D 190 -67.70 5.78 -7.80
CA VAL D 190 -66.51 4.94 -7.85
C VAL D 190 -66.05 4.95 -9.32
N GLY D 191 -67.02 4.79 -10.22
CA GLY D 191 -66.71 4.77 -11.64
C GLY D 191 -66.39 5.87 -12.62
N LYS D 192 -67.07 7.00 -12.49
CA LYS D 192 -66.98 8.06 -13.50
C LYS D 192 -65.73 8.91 -13.29
N ASP D 193 -65.51 9.84 -14.21
CA ASP D 193 -64.38 10.76 -14.14
C ASP D 193 -64.68 11.83 -13.10
N VAL D 194 -63.79 11.97 -12.11
CA VAL D 194 -64.03 12.93 -11.04
C VAL D 194 -64.01 14.36 -11.56
N VAL D 195 -63.07 14.66 -12.47
CA VAL D 195 -63.02 16.02 -13.00
C VAL D 195 -64.19 16.27 -13.94
N GLN D 196 -64.70 15.22 -14.60
CA GLN D 196 -65.92 15.38 -15.39
C GLN D 196 -67.09 15.73 -14.49
N LEU D 197 -67.23 15.03 -13.35
CA LEU D 197 -68.31 15.33 -12.43
C LEU D 197 -68.19 16.74 -11.88
N TYR D 198 -66.97 17.15 -11.48
CA TYR D 198 -66.78 18.49 -10.96
C TYR D 198 -67.07 19.54 -12.02
N GLN D 199 -66.64 19.30 -13.27
CA GLN D 199 -66.85 20.28 -14.33
C GLN D 199 -68.33 20.40 -14.68
N GLU D 200 -69.05 19.28 -14.72
CA GLU D 200 -70.48 19.33 -15.03
C GLU D 200 -71.26 19.97 -13.89
N GLN D 201 -70.94 19.62 -12.64
CA GLN D 201 -71.59 20.28 -11.51
C GLN D 201 -71.32 21.78 -11.43
N LEU D 202 -70.23 22.17 -12.04
CA LEU D 202 -69.91 23.60 -12.12
C LEU D 202 -70.50 24.37 -13.28
N SER D 203 -70.76 23.70 -14.38
CA SER D 203 -71.26 24.35 -15.63
C SER D 203 -72.78 24.36 -15.48
N ALA D 204 -73.41 23.48 -14.70
CA ALA D 204 -74.89 23.60 -14.58
C ALA D 204 -75.08 24.60 -13.45
N GLN D 205 -74.16 24.64 -12.51
CA GLN D 205 -74.08 25.81 -11.61
C GLN D 205 -73.53 27.08 -12.26
N GLY D 206 -73.07 28.04 -11.49
CA GLY D 206 -72.51 29.20 -12.21
C GLY D 206 -71.16 29.02 -12.88
N MET D 207 -70.58 27.82 -13.01
CA MET D 207 -69.50 27.97 -14.03
C MET D 207 -68.81 27.75 -15.40
N PRO D 208 -69.10 28.61 -16.42
CA PRO D 208 -68.36 28.47 -17.69
C PRO D 208 -67.15 29.43 -17.71
N MET D 209 -67.07 30.24 -16.65
CA MET D 209 -65.91 31.10 -16.48
C MET D 209 -64.76 30.16 -16.15
N ILE D 210 -65.05 29.00 -15.57
CA ILE D 210 -64.03 28.08 -15.05
C ILE D 210 -64.09 26.77 -15.82
N LYS D 211 -62.92 26.27 -16.21
CA LYS D 211 -62.79 24.97 -16.86
C LYS D 211 -61.61 24.23 -16.23
N VAL D 212 -61.87 23.02 -15.73
CA VAL D 212 -60.85 22.23 -15.04
C VAL D 212 -59.92 21.40 -15.92
N VAL D 213 -58.62 21.68 -15.84
CA VAL D 213 -57.66 21.16 -16.82
C VAL D 213 -56.61 20.19 -16.31
N ALA D 214 -56.58 19.91 -15.01
CA ALA D 214 -55.53 19.05 -14.48
C ALA D 214 -55.98 18.40 -13.18
N LEU D 215 -55.49 17.18 -12.95
CA LEU D 215 -55.78 16.41 -11.75
C LEU D 215 -54.46 15.95 -11.15
N THR D 216 -54.16 16.40 -9.94
CA THR D 216 -52.91 16.02 -9.28
C THR D 216 -53.15 15.85 -7.78
N ASN D 217 -52.07 15.98 -7.03
CA ASN D 217 -52.01 15.69 -5.60
C ASN D 217 -50.94 16.59 -4.98
N ASP D 218 -50.63 16.32 -3.70
CA ASP D 218 -49.72 17.20 -2.97
C ASP D 218 -48.29 17.14 -3.50
N THR D 219 -47.87 15.99 -4.03
CA THR D 219 -46.46 15.79 -4.35
C THR D 219 -46.09 16.44 -5.68
N VAL D 220 -46.86 16.15 -6.74
CA VAL D 220 -46.61 16.82 -8.01
C VAL D 220 -46.86 18.32 -7.88
N GLY D 221 -47.85 18.69 -7.07
CA GLY D 221 -48.02 20.10 -6.74
C GLY D 221 -46.81 20.69 -6.07
N THR D 222 -46.16 19.92 -5.20
CA THR D 222 -44.93 20.39 -4.55
C THR D 222 -43.82 20.60 -5.57
N TYR D 223 -43.67 19.67 -6.51
CA TYR D 223 -42.66 19.83 -7.55
C TYR D 223 -42.93 21.09 -8.37
N LEU D 224 -44.16 21.25 -8.84
CA LEU D 224 -44.49 22.41 -9.67
C LEU D 224 -44.37 23.71 -8.89
N SER D 225 -44.61 23.67 -7.58
CA SER D 225 -44.42 24.84 -6.75
C SER D 225 -42.94 25.20 -6.64
N HIS D 226 -42.10 24.20 -6.37
CA HIS D 226 -40.66 24.46 -6.26
C HIS D 226 -40.08 24.96 -7.59
N CYS D 227 -40.64 24.49 -8.71
CA CYS D 227 -40.15 24.95 -10.00
C CYS D 227 -40.39 26.45 -10.19
N TYR D 228 -41.55 26.93 -9.79
CA TYR D 228 -41.86 28.36 -9.99
C TYR D 228 -41.23 29.29 -8.95
N THR D 229 -41.14 28.85 -7.70
CA THR D 229 -40.61 29.69 -6.62
C THR D 229 -39.34 28.86 -6.47
N SER D 230 -38.25 29.39 -7.01
CA SER D 230 -36.94 28.82 -6.77
C SER D 230 -36.19 30.07 -6.33
N ASP D 231 -35.15 29.85 -5.54
CA ASP D 231 -34.47 30.95 -4.84
C ASP D 231 -33.52 31.69 -5.77
N ASN D 232 -34.02 32.73 -6.43
CA ASN D 232 -33.22 33.62 -7.30
C ASN D 232 -32.43 32.82 -8.33
N THR D 233 -32.91 31.63 -8.67
CA THR D 233 -32.33 30.80 -9.72
C THR D 233 -33.49 30.21 -10.52
N ASP D 234 -33.15 29.40 -11.52
CA ASP D 234 -34.10 28.75 -12.42
C ASP D 234 -34.96 29.82 -13.09
N SER D 235 -34.42 31.03 -13.31
CA SER D 235 -35.18 32.07 -14.03
C SER D 235 -34.51 32.05 -15.40
N MET D 236 -33.18 32.12 -15.43
CA MET D 236 -32.40 32.04 -16.66
C MET D 236 -31.02 31.51 -16.30
N THR D 237 -30.03 31.76 -17.15
CA THR D 237 -28.64 31.64 -16.74
C THR D 237 -28.34 32.70 -15.69
N SER D 238 -28.00 32.26 -14.49
CA SER D 238 -27.77 33.16 -13.36
C SER D 238 -26.44 32.83 -12.70
N GLY D 239 -26.17 33.41 -11.53
CA GLY D 239 -25.01 33.01 -10.77
C GLY D 239 -25.06 31.55 -10.35
N GLU D 240 -26.26 31.00 -10.20
CA GLU D 240 -26.47 29.60 -9.88
C GLU D 240 -27.23 28.98 -11.04
N ILE D 241 -26.56 28.12 -11.79
CA ILE D 241 -27.11 27.51 -13.00
C ILE D 241 -27.56 26.19 -12.38
N SER D 242 -28.86 26.03 -12.23
CA SER D 242 -29.44 24.87 -11.56
C SER D 242 -30.85 24.69 -12.10
N GLU D 243 -31.42 23.51 -11.86
CA GLU D 243 -32.77 23.21 -12.26
C GLU D 243 -33.41 22.30 -11.22
N PRO D 244 -34.72 22.42 -10.98
CA PRO D 244 -35.41 21.51 -10.06
C PRO D 244 -35.68 20.17 -10.72
N VAL D 245 -35.21 19.09 -10.09
CA VAL D 245 -35.36 17.75 -10.62
C VAL D 245 -36.34 16.91 -9.79
N ILE D 246 -36.34 17.08 -8.47
CA ILE D 246 -37.16 16.27 -7.59
C ILE D 246 -38.04 17.16 -6.72
N GLY D 247 -39.29 16.76 -6.55
CA GLY D 247 -40.14 17.39 -5.55
C GLY D 247 -40.64 16.33 -4.59
N CYS D 248 -40.38 16.51 -3.30
CA CYS D 248 -40.65 15.44 -2.33
C CYS D 248 -41.27 16.00 -1.06
N ILE D 249 -41.87 15.09 -0.30
CA ILE D 249 -42.53 15.38 0.96
C ILE D 249 -42.07 14.36 1.99
N PHE D 250 -41.49 14.84 3.08
CA PHE D 250 -41.17 14.04 4.25
C PHE D 250 -41.92 14.62 5.45
N GLY D 251 -42.21 13.75 6.42
CA GLY D 251 -43.01 14.16 7.56
C GLY D 251 -43.92 13.04 8.03
N THR D 252 -45.22 13.31 8.15
CA THR D 252 -46.17 12.28 8.53
C THR D 252 -46.08 11.10 7.57
N GLY D 253 -46.17 11.36 6.27
CA GLY D 253 -45.89 10.39 5.24
C GLY D 253 -44.76 10.88 4.35
N THR D 254 -44.37 10.02 3.42
CA THR D 254 -43.27 10.34 2.53
C THR D 254 -43.66 10.03 1.09
N ASN D 255 -43.22 10.90 0.17
CA ASN D 255 -43.43 10.67 -1.25
C ASN D 255 -42.50 11.59 -2.04
N GLY D 256 -42.47 11.37 -3.35
CA GLY D 256 -41.63 12.18 -4.22
C GLY D 256 -41.83 11.91 -5.69
N CYS D 257 -41.72 12.94 -6.52
CA CYS D 257 -41.91 12.82 -7.95
C CYS D 257 -40.75 13.48 -8.69
N TYR D 258 -40.48 12.96 -9.88
CA TYR D 258 -39.35 13.41 -10.68
C TYR D 258 -39.71 13.28 -12.15
N MET D 259 -39.00 14.02 -13.00
CA MET D 259 -39.29 14.01 -14.43
C MET D 259 -38.43 12.97 -15.14
N GLU D 260 -39.07 11.99 -15.75
CA GLU D 260 -38.42 10.91 -16.47
C GLU D 260 -38.72 11.03 -17.96
N GLU D 261 -37.78 10.54 -18.78
CA GLU D 261 -37.93 10.57 -20.23
C GLU D 261 -39.21 9.85 -20.64
N ILE D 262 -39.99 10.50 -21.52
CA ILE D 262 -41.24 9.91 -21.99
C ILE D 262 -40.99 8.53 -22.56
N ASN D 263 -39.93 8.38 -23.36
CA ASN D 263 -39.65 7.12 -24.02
C ASN D 263 -39.27 6.02 -23.03
N LYS D 264 -38.91 6.38 -21.81
CA LYS D 264 -38.54 5.40 -20.79
C LYS D 264 -39.71 4.97 -19.91
N ILE D 265 -40.87 5.61 -20.05
CA ILE D 265 -42.07 5.17 -19.35
C ILE D 265 -42.51 4.10 -20.34
N THR D 266 -42.30 2.83 -20.00
CA THR D 266 -42.44 1.74 -20.96
C THR D 266 -43.88 1.29 -20.80
N LYS D 267 -44.49 1.49 -19.63
CA LYS D 267 -45.86 1.02 -19.43
C LYS D 267 -46.84 1.79 -20.29
N LEU D 268 -46.60 3.09 -20.50
CA LEU D 268 -47.48 3.87 -21.36
C LEU D 268 -47.50 3.27 -22.76
N PRO D 269 -48.66 3.28 -23.43
CA PRO D 269 -48.72 2.70 -24.79
C PRO D 269 -47.83 3.46 -25.76
N GLN D 270 -47.42 2.75 -26.81
CA GLN D 270 -46.58 3.36 -27.84
C GLN D 270 -47.28 4.55 -28.49
N GLU D 271 -48.62 4.54 -28.53
CA GLU D 271 -49.38 5.66 -29.06
C GLU D 271 -49.01 6.95 -28.36
N LEU D 272 -49.18 6.99 -27.04
CA LEU D 272 -48.96 8.22 -26.28
C LEU D 272 -47.51 8.67 -26.38
N ARG D 273 -46.57 7.72 -26.36
CA ARG D 273 -45.16 8.08 -26.48
C ARG D 273 -44.87 8.74 -27.83
N ASP D 274 -45.34 8.12 -28.92
CA ASP D 274 -45.09 8.69 -30.24
C ASP D 274 -45.78 10.04 -30.38
N LYS D 275 -46.96 10.19 -29.78
CA LYS D 275 -47.64 11.48 -29.80
C LYS D 275 -46.81 12.54 -29.09
N LEU D 276 -46.38 12.26 -27.86
CA LEU D 276 -45.69 13.26 -27.05
C LEU D 276 -44.33 13.62 -27.63
N ILE D 277 -43.49 12.62 -27.91
CA ILE D 277 -42.13 12.92 -28.31
C ILE D 277 -42.08 13.58 -29.69
N LYS D 278 -43.00 13.21 -30.58
CA LYS D 278 -43.10 13.92 -31.86
C LYS D 278 -43.52 15.37 -31.64
N GLU D 279 -44.36 15.61 -30.64
CA GLU D 279 -44.62 16.97 -30.18
C GLU D 279 -43.37 17.49 -29.47
N GLY D 280 -43.44 18.75 -29.03
CA GLY D 280 -42.27 19.41 -28.48
C GLY D 280 -41.80 18.89 -27.14
N LYS D 281 -42.55 17.98 -26.52
CA LYS D 281 -42.23 17.49 -25.19
C LYS D 281 -41.59 16.11 -25.11
N THR D 282 -40.62 15.98 -24.19
CA THR D 282 -39.80 14.77 -24.10
C THR D 282 -39.71 14.17 -22.71
N HIS D 283 -40.30 14.80 -21.69
CA HIS D 283 -40.27 14.26 -20.34
C HIS D 283 -41.67 14.32 -19.73
N MET D 284 -41.88 13.49 -18.71
CA MET D 284 -43.13 13.49 -17.96
C MET D 284 -42.82 13.35 -16.48
N ILE D 285 -43.57 14.07 -15.65
CA ILE D 285 -43.50 13.88 -14.21
C ILE D 285 -44.03 12.49 -13.87
N ILE D 286 -43.20 11.69 -13.22
CA ILE D 286 -43.59 10.40 -12.68
C ILE D 286 -43.63 10.54 -11.16
N ASN D 287 -44.77 10.13 -10.60
CA ASN D 287 -45.02 10.16 -9.17
C ASN D 287 -44.59 8.82 -8.59
N VAL D 288 -43.37 8.76 -8.07
CA VAL D 288 -42.91 7.55 -7.39
C VAL D 288 -43.69 7.55 -6.10
N GLU D 289 -44.60 6.59 -5.93
CA GLU D 289 -45.26 6.37 -4.65
C GLU D 289 -44.27 5.48 -3.91
N TRP D 290 -43.20 6.10 -3.41
CA TRP D 290 -42.07 5.34 -2.90
C TRP D 290 -42.25 4.95 -1.44
N GLY D 291 -43.37 5.30 -0.83
CA GLY D 291 -43.77 4.60 0.38
C GLY D 291 -43.97 3.13 0.08
N SER D 292 -43.75 2.29 1.10
CA SER D 292 -43.79 0.83 0.95
C SER D 292 -42.77 0.33 -0.06
N PHE D 293 -41.73 1.10 -0.34
CA PHE D 293 -40.62 0.58 -1.13
C PHE D 293 -39.97 -0.58 -0.39
N ASP D 294 -39.78 -1.69 -1.11
CA ASP D 294 -39.30 -2.93 -0.51
C ASP D 294 -40.21 -3.36 0.65
N ASN D 295 -41.52 -3.44 0.34
CA ASN D 295 -42.48 -3.89 1.35
C ASN D 295 -42.26 -5.34 1.73
N GLU D 296 -41.66 -6.13 0.84
CA GLU D 296 -41.28 -7.50 1.18
C GLU D 296 -40.09 -7.55 2.14
N LEU D 297 -39.44 -6.40 2.38
CA LEU D 297 -38.30 -6.31 3.29
C LEU D 297 -37.17 -7.25 2.86
N LYS D 298 -36.82 -7.19 1.57
CA LYS D 298 -35.72 -8.01 1.06
C LYS D 298 -34.43 -7.36 1.55
N HIS D 299 -34.27 -6.05 1.34
CA HIS D 299 -33.09 -5.33 1.82
C HIS D 299 -33.25 -4.24 2.86
N LEU D 300 -34.47 -3.81 3.19
CA LEU D 300 -34.66 -2.65 4.04
C LEU D 300 -34.26 -2.96 5.48
N PRO D 301 -33.56 -2.05 6.15
CA PRO D 301 -33.22 -2.27 7.56
C PRO D 301 -34.47 -2.37 8.42
N THR D 302 -34.51 -3.40 9.27
CA THR D 302 -35.64 -3.64 10.15
C THR D 302 -35.14 -4.21 11.46
N THR D 303 -35.44 -3.53 12.57
CA THR D 303 -34.99 -3.94 13.88
C THR D 303 -36.13 -4.62 14.64
N LYS D 304 -35.82 -5.09 15.84
CA LYS D 304 -36.78 -5.84 16.63
C LYS D 304 -38.01 -5.02 16.99
N TYR D 305 -37.92 -3.69 16.92
CA TYR D 305 -39.00 -2.80 17.36
C TYR D 305 -39.87 -2.30 16.21
N ASP D 306 -39.28 -2.18 15.01
CA ASP D 306 -40.05 -1.85 13.83
C ASP D 306 -41.20 -2.83 13.64
N VAL D 307 -40.93 -4.12 13.83
CA VAL D 307 -41.96 -5.13 13.60
C VAL D 307 -43.05 -5.05 14.66
N VAL D 308 -42.67 -4.77 15.91
CA VAL D 308 -43.68 -4.59 16.97
C VAL D 308 -44.60 -3.44 16.62
N ILE D 309 -44.03 -2.28 16.33
CA ILE D 309 -44.83 -1.10 15.99
C ILE D 309 -45.70 -1.38 14.77
N ASP D 310 -45.16 -2.13 13.81
CA ASP D 310 -45.88 -2.35 12.55
C ASP D 310 -47.04 -3.31 12.73
N GLN D 311 -46.85 -4.40 13.46
CA GLN D 311 -47.83 -5.48 13.47
C GLN D 311 -48.75 -5.45 14.68
N LYS D 312 -48.27 -5.01 15.85
CA LYS D 312 -49.12 -5.04 17.04
C LYS D 312 -49.80 -3.70 17.32
N LEU D 313 -49.19 -2.59 16.91
CA LEU D 313 -49.66 -1.27 17.32
C LEU D 313 -50.08 -0.37 16.17
N SER D 314 -49.97 -0.80 14.92
CA SER D 314 -50.29 0.05 13.79
C SER D 314 -51.71 -0.24 13.30
N THR D 315 -52.40 0.82 12.86
CA THR D 315 -53.75 0.68 12.33
C THR D 315 -53.77 0.15 10.90
N ASN D 316 -52.61 0.11 10.23
CA ASN D 316 -52.47 -0.44 8.88
C ASN D 316 -51.26 -1.37 8.89
N PRO D 317 -51.43 -2.58 9.42
CA PRO D 317 -50.27 -3.48 9.58
C PRO D 317 -49.59 -3.79 8.26
N GLY D 318 -48.31 -3.47 8.19
CA GLY D 318 -47.47 -3.87 7.07
C GLY D 318 -47.91 -3.37 5.71
N PHE D 319 -48.37 -2.12 5.64
CA PHE D 319 -48.85 -1.59 4.37
C PHE D 319 -47.92 -0.56 3.74
N HIS D 320 -47.20 0.23 4.54
CA HIS D 320 -46.23 1.20 4.01
C HIS D 320 -45.12 1.04 5.05
N LEU D 321 -44.02 0.41 4.64
CA LEU D 321 -42.99 0.03 5.60
C LEU D 321 -41.95 1.14 5.58
N PHE D 322 -41.56 1.59 4.38
CA PHE D 322 -40.58 2.68 4.28
C PHE D 322 -41.08 3.94 4.98
N GLU D 323 -42.38 4.22 4.83
CA GLU D 323 -42.98 5.34 5.56
C GLU D 323 -42.80 5.18 7.06
N LYS D 324 -43.20 4.02 7.60
CA LYS D 324 -43.05 3.77 9.03
C LYS D 324 -41.59 3.79 9.46
N ARG D 325 -40.65 3.65 8.53
CA ARG D 325 -39.24 3.83 8.85
C ARG D 325 -38.89 5.32 8.98
N VAL D 326 -39.45 6.16 8.10
CA VAL D 326 -39.05 7.56 8.03
C VAL D 326 -40.10 8.50 8.62
N SER D 327 -41.32 8.03 8.89
CA SER D 327 -42.39 8.92 9.32
C SER D 327 -42.10 9.59 10.66
N GLY D 328 -42.69 10.77 10.84
CA GLY D 328 -42.48 11.60 12.02
C GLY D 328 -43.11 11.06 13.29
N MET D 329 -44.36 10.61 13.20
CA MET D 329 -45.07 10.12 14.38
C MET D 329 -44.63 8.72 14.79
N PHE D 330 -43.60 8.16 14.16
CA PHE D 330 -43.11 6.84 14.50
C PHE D 330 -41.74 6.84 15.18
N LEU D 331 -40.99 7.94 15.09
CA LEU D 331 -39.70 8.01 15.77
C LEU D 331 -39.89 7.96 17.29
N GLY D 332 -40.87 8.72 17.78
CA GLY D 332 -41.18 8.66 19.20
C GLY D 332 -41.65 7.29 19.62
N GLU D 333 -42.38 6.60 18.74
CA GLU D 333 -42.82 5.25 19.04
C GLU D 333 -41.64 4.30 19.15
N VAL D 334 -40.68 4.42 18.24
CA VAL D 334 -39.45 3.64 18.32
C VAL D 334 -38.77 3.86 19.65
N LEU D 335 -38.64 5.13 20.05
CA LEU D 335 -37.95 5.42 21.31
C LEU D 335 -38.72 4.88 22.51
N ARG D 336 -40.04 5.02 22.52
CA ARG D 336 -40.82 4.50 23.63
C ARG D 336 -40.68 2.99 23.76
N ASN D 337 -40.74 2.28 22.63
CA ASN D 337 -40.58 0.84 22.68
C ASN D 337 -39.19 0.46 23.17
N ILE D 338 -38.16 1.19 22.74
CA ILE D 338 -36.81 0.89 23.19
C ILE D 338 -36.70 1.12 24.70
N LEU D 339 -37.32 2.19 25.20
CA LEU D 339 -37.26 2.46 26.64
C LEU D 339 -37.97 1.38 27.44
N VAL D 340 -39.18 1.00 27.01
CA VAL D 340 -39.92 -0.05 27.71
C VAL D 340 -39.14 -1.36 27.68
N ASP D 341 -38.44 -1.64 26.57
CA ASP D 341 -37.62 -2.83 26.48
C ASP D 341 -36.49 -2.78 27.51
N LEU D 342 -35.68 -1.72 27.47
CA LEU D 342 -34.55 -1.62 28.38
C LEU D 342 -35.00 -1.61 29.83
N HIS D 343 -36.24 -1.18 30.09
CA HIS D 343 -36.76 -1.22 31.45
C HIS D 343 -37.16 -2.62 31.87
N SER D 344 -37.92 -3.33 31.00
CA SER D 344 -38.30 -4.70 31.29
C SER D 344 -37.09 -5.61 31.38
N GLN D 345 -35.96 -5.22 30.82
CA GLN D 345 -34.70 -5.92 31.04
C GLN D 345 -33.99 -5.46 32.30
N GLY D 346 -34.53 -4.46 33.01
CA GLY D 346 -33.94 -3.98 34.23
C GLY D 346 -32.82 -2.96 34.19
N LEU D 347 -32.65 -2.30 33.05
CA LEU D 347 -31.56 -1.34 32.88
C LEU D 347 -31.77 0.16 33.04
N LEU D 348 -32.91 0.68 32.58
CA LEU D 348 -33.06 2.13 32.48
C LEU D 348 -33.90 2.94 33.46
N LEU D 349 -35.10 2.45 33.79
CA LEU D 349 -35.96 3.12 34.76
C LEU D 349 -36.07 1.86 35.63
N GLN D 350 -35.23 1.81 36.65
CA GLN D 350 -35.07 0.60 37.45
C GLN D 350 -35.81 0.79 38.77
N GLN D 351 -36.25 2.01 39.09
CA GLN D 351 -36.95 2.21 40.35
C GLN D 351 -38.36 1.63 40.31
N TYR D 352 -38.98 1.60 39.13
CA TYR D 352 -40.29 0.99 38.96
C TYR D 352 -40.10 -0.51 38.80
N ARG D 353 -40.56 -1.30 39.77
CA ARG D 353 -40.31 -2.73 39.78
C ARG D 353 -41.33 -3.52 38.97
N SER D 354 -42.10 -2.86 38.10
CA SER D 354 -43.06 -3.54 37.25
C SER D 354 -43.26 -2.73 35.98
N LYS D 355 -43.53 -3.44 34.88
CA LYS D 355 -43.91 -2.73 33.66
C LYS D 355 -45.23 -2.00 33.84
N GLU D 356 -46.11 -2.51 34.70
CA GLU D 356 -47.35 -1.82 35.00
C GLU D 356 -47.10 -0.55 35.80
N GLN D 357 -46.16 -0.60 36.75
CA GLN D 357 -45.86 0.57 37.58
C GLN D 357 -45.23 1.70 36.78
N LEU D 358 -44.89 1.49 35.52
CA LEU D 358 -44.33 2.56 34.70
C LEU D 358 -45.36 3.69 34.56
N PRO D 359 -44.90 4.92 34.32
CA PRO D 359 -45.82 6.03 34.11
C PRO D 359 -46.81 5.73 33.00
N ARG D 360 -47.95 6.43 33.06
CA ARG D 360 -49.07 6.18 32.16
C ARG D 360 -48.64 6.29 30.71
N HIS D 361 -48.13 7.44 30.32
CA HIS D 361 -47.89 7.76 28.92
C HIS D 361 -46.66 7.06 28.36
N LEU D 362 -45.91 6.33 29.17
CA LEU D 362 -44.88 5.45 28.64
C LEU D 362 -45.43 4.07 28.30
N THR D 363 -46.50 3.66 28.97
CA THR D 363 -47.11 2.35 28.71
C THR D 363 -48.01 2.39 27.48
N THR D 364 -48.71 3.51 27.26
CA THR D 364 -49.61 3.57 26.11
C THR D 364 -48.89 4.05 24.86
N PRO D 365 -49.17 3.42 23.70
CA PRO D 365 -48.23 3.49 22.56
C PRO D 365 -47.73 4.72 21.82
N PHE D 366 -48.61 5.67 21.54
CA PHE D 366 -48.26 6.73 20.59
C PHE D 366 -48.37 8.00 21.42
N GLN D 367 -48.14 7.89 22.73
CA GLN D 367 -48.12 9.06 23.59
C GLN D 367 -46.76 9.75 23.59
N LEU D 368 -45.69 9.07 23.20
CA LEU D 368 -44.39 9.71 23.03
C LEU D 368 -44.35 10.38 21.65
N SER D 369 -44.20 11.69 21.65
CA SER D 369 -44.42 12.51 20.46
C SER D 369 -43.12 12.78 19.71
N SER D 370 -43.25 13.52 18.61
CA SER D 370 -42.13 13.90 17.74
C SER D 370 -41.46 15.17 18.22
N GLU D 371 -42.25 16.14 18.69
CA GLU D 371 -41.70 17.33 19.33
C GLU D 371 -40.70 16.96 20.41
N VAL D 372 -40.95 15.86 21.11
CA VAL D 372 -40.09 15.46 22.22
C VAL D 372 -38.72 15.04 21.70
N LEU D 373 -38.68 14.18 20.69
CA LEU D 373 -37.41 13.79 20.10
C LEU D 373 -36.72 14.99 19.46
N SER D 374 -37.48 15.97 18.97
CA SER D 374 -36.88 17.19 18.47
C SER D 374 -36.15 17.94 19.58
N HIS D 375 -36.78 18.03 20.75
CA HIS D 375 -36.13 18.69 21.88
C HIS D 375 -34.90 17.91 22.34
N ILE D 376 -34.96 16.58 22.31
CA ILE D 376 -33.84 15.78 22.78
C ILE D 376 -32.67 15.84 21.79
N GLU D 377 -32.98 15.94 20.49
CA GLU D 377 -31.95 15.78 19.47
C GLU D 377 -30.85 16.82 19.60
N ILE D 378 -31.21 18.10 19.54
CA ILE D 378 -30.20 19.15 19.53
C ILE D 378 -30.69 19.50 20.93
N ASP D 379 -29.87 19.20 21.94
CA ASP D 379 -30.24 19.63 23.28
C ASP D 379 -28.76 19.88 23.09
N ASP D 380 -28.32 21.09 23.41
CA ASP D 380 -26.91 21.43 23.43
C ASP D 380 -26.43 20.94 24.79
N SER D 381 -25.17 21.23 25.10
CA SER D 381 -24.61 20.84 26.40
C SER D 381 -25.52 21.84 27.09
N THR D 382 -26.48 21.32 27.85
CA THR D 382 -27.22 22.12 28.82
C THR D 382 -27.52 21.93 30.31
N GLY D 383 -26.54 22.30 31.13
CA GLY D 383 -26.65 22.12 32.56
C GLY D 383 -27.11 20.71 32.87
N LEU D 384 -26.44 19.73 32.25
CA LEU D 384 -26.80 18.31 32.38
C LEU D 384 -28.24 18.08 31.92
N ARG D 385 -28.52 18.53 30.70
CA ARG D 385 -29.77 18.23 30.00
C ARG D 385 -31.04 18.71 30.72
N GLU D 386 -31.08 20.00 31.05
CA GLU D 386 -32.28 20.56 31.66
C GLU D 386 -33.49 20.45 30.74
N THR D 387 -33.36 20.86 29.49
CA THR D 387 -34.49 20.77 28.56
C THR D 387 -34.90 19.32 28.34
N GLU D 388 -33.92 18.43 28.27
CA GLU D 388 -34.20 17.01 28.09
C GLU D 388 -35.08 16.48 29.22
N LEU D 389 -34.64 16.66 30.47
CA LEU D 389 -35.42 16.23 31.62
C LEU D 389 -36.77 16.92 31.68
N SER D 390 -36.80 18.23 31.39
CA SER D 390 -38.03 19.00 31.53
C SER D 390 -39.10 18.54 30.55
N LEU D 391 -38.73 18.32 29.29
CA LEU D 391 -39.76 17.89 28.35
C LEU D 391 -40.04 16.40 28.45
N LEU D 392 -39.03 15.57 28.74
CA LEU D 392 -39.33 14.17 28.99
C LEU D 392 -40.19 14.01 30.24
N GLN D 393 -40.25 15.04 31.08
CA GLN D 393 -41.16 15.01 32.22
C GLN D 393 -42.57 15.45 31.86
N SER D 394 -42.74 16.12 30.72
CA SER D 394 -44.07 16.26 30.13
C SER D 394 -44.64 14.97 29.53
N LEU D 395 -43.84 13.91 29.54
CA LEU D 395 -44.31 12.53 29.47
C LEU D 395 -44.53 11.85 30.82
N ARG D 396 -44.64 12.64 31.90
CA ARG D 396 -44.83 12.14 33.26
C ARG D 396 -43.72 11.18 33.69
N LEU D 397 -42.47 11.62 33.54
CA LEU D 397 -41.36 10.70 33.77
C LEU D 397 -40.15 11.47 34.29
N PRO D 398 -39.58 11.08 35.42
CA PRO D 398 -38.33 11.67 35.87
C PRO D 398 -37.18 10.85 35.33
N THR D 399 -36.02 11.50 35.18
CA THR D 399 -34.83 10.83 34.68
C THR D 399 -33.61 11.28 35.45
N THR D 400 -32.58 10.42 35.47
CA THR D 400 -31.26 10.74 35.99
C THR D 400 -30.37 11.25 34.87
N PRO D 401 -29.28 11.95 35.19
CA PRO D 401 -28.38 12.41 34.11
C PRO D 401 -27.86 11.29 33.23
N THR D 402 -27.50 10.14 33.82
CA THR D 402 -27.06 8.99 33.02
C THR D 402 -28.15 8.56 32.04
N GLU D 403 -29.38 8.43 32.53
CA GLU D 403 -30.48 8.03 31.68
C GLU D 403 -30.72 9.05 30.57
N ARG D 404 -30.54 10.34 30.87
CA ARG D 404 -30.72 11.35 29.83
C ARG D 404 -29.65 11.23 28.75
N VAL D 405 -28.41 11.00 29.16
CA VAL D 405 -27.33 10.77 28.20
C VAL D 405 -27.69 9.61 27.26
N GLN D 406 -28.08 8.48 27.85
CA GLN D 406 -28.35 7.30 27.02
C GLN D 406 -29.59 7.51 26.14
N ILE D 407 -30.60 8.19 26.67
CA ILE D 407 -31.80 8.46 25.89
C ILE D 407 -31.47 9.34 24.70
N GLN D 408 -30.57 10.31 24.88
CA GLN D 408 -30.19 11.15 23.75
C GLN D 408 -29.39 10.35 22.72
N LYS D 409 -28.51 9.47 23.18
CA LYS D 409 -27.86 8.52 22.26
C LYS D 409 -28.91 7.83 21.38
N LEU D 410 -29.95 7.30 22.02
CA LEU D 410 -30.98 6.54 21.29
C LEU D 410 -31.74 7.44 20.31
N VAL D 411 -32.13 8.63 20.75
CA VAL D 411 -32.89 9.53 19.89
C VAL D 411 -32.07 9.91 18.66
N ARG D 412 -30.79 10.24 18.85
CA ARG D 412 -29.96 10.62 17.73
C ARG D 412 -29.73 9.45 16.78
N ALA D 413 -29.61 8.23 17.33
CA ALA D 413 -29.51 7.06 16.45
C ALA D 413 -30.75 6.89 15.60
N ILE D 414 -31.93 7.02 16.20
CA ILE D 414 -33.18 6.83 15.47
C ILE D 414 -33.30 7.86 14.35
N SER D 415 -33.06 9.14 14.69
CA SER D 415 -33.20 10.20 13.69
C SER D 415 -32.16 10.05 12.58
N ARG D 416 -30.94 9.61 12.93
CA ARG D 416 -29.92 9.40 11.91
C ARG D 416 -30.33 8.30 10.94
N ARG D 417 -30.85 7.18 11.46
CA ARG D 417 -31.31 6.13 10.58
C ARG D 417 -32.43 6.63 9.67
N SER D 418 -33.37 7.40 10.23
CA SER D 418 -34.47 7.90 9.41
C SER D 418 -33.97 8.83 8.32
N ALA D 419 -33.03 9.72 8.63
CA ALA D 419 -32.49 10.62 7.61
C ALA D 419 -31.73 9.86 6.55
N TYR D 420 -30.92 8.87 6.95
CA TYR D 420 -30.15 8.12 5.96
C TYR D 420 -31.06 7.32 5.05
N LEU D 421 -32.14 6.76 5.58
CA LEU D 421 -33.08 6.05 4.74
C LEU D 421 -33.83 7.01 3.82
N ALA D 422 -34.17 8.20 4.33
CA ALA D 422 -34.78 9.22 3.48
C ALA D 422 -33.84 9.63 2.35
N ALA D 423 -32.53 9.50 2.57
CA ALA D 423 -31.57 9.87 1.54
C ALA D 423 -31.59 8.94 0.33
N VAL D 424 -32.12 7.73 0.48
CA VAL D 424 -32.06 6.71 -0.58
C VAL D 424 -32.77 7.18 -1.84
N PRO D 425 -34.07 7.50 -1.81
CA PRO D 425 -34.76 7.80 -3.08
C PRO D 425 -34.21 9.01 -3.81
N LEU D 426 -33.77 10.04 -3.09
CA LEU D 426 -33.18 11.21 -3.74
C LEU D 426 -31.92 10.83 -4.51
N ALA D 427 -30.99 10.13 -3.85
CA ALA D 427 -29.74 9.76 -4.51
C ALA D 427 -29.97 8.73 -5.61
N ALA D 428 -31.02 7.92 -5.49
CA ALA D 428 -31.30 6.93 -6.52
C ALA D 428 -31.94 7.56 -7.76
N ILE D 429 -32.82 8.54 -7.57
CA ILE D 429 -33.35 9.29 -8.70
C ILE D 429 -32.24 10.10 -9.37
N LEU D 430 -31.36 10.71 -8.57
CA LEU D 430 -30.30 11.54 -9.14
C LEU D 430 -29.36 10.71 -10.00
N ILE D 431 -28.94 9.55 -9.50
CA ILE D 431 -27.99 8.75 -10.27
C ILE D 431 -28.68 8.02 -11.42
N LYS D 432 -29.98 7.76 -11.32
CA LYS D 432 -30.69 7.11 -12.43
C LYS D 432 -30.85 8.07 -13.60
N THR D 433 -31.34 9.28 -13.34
CA THR D 433 -31.49 10.27 -14.39
C THR D 433 -30.19 10.97 -14.74
N ASN D 434 -29.11 10.69 -14.02
CA ASN D 434 -27.78 11.21 -14.34
C ASN D 434 -27.80 12.73 -14.45
N ALA D 435 -28.48 13.38 -13.52
CA ALA D 435 -28.73 14.81 -13.61
C ALA D 435 -27.55 15.67 -13.16
N LEU D 436 -26.54 15.08 -12.55
CA LEU D 436 -25.46 15.85 -11.94
C LEU D 436 -24.32 16.15 -12.91
N ASN D 437 -24.38 15.63 -14.13
CA ASN D 437 -23.32 15.85 -15.11
C ASN D 437 -23.74 16.50 -16.42
N LYS D 438 -24.99 16.97 -16.48
CA LYS D 438 -25.50 17.58 -17.70
C LYS D 438 -25.00 18.90 -18.27
N ARG D 439 -24.27 19.70 -17.48
CA ARG D 439 -23.75 20.98 -17.95
C ARG D 439 -22.34 21.16 -17.41
N TYR D 440 -21.80 22.37 -17.56
CA TYR D 440 -20.45 22.63 -17.08
C TYR D 440 -20.43 22.79 -15.55
N HIS D 441 -21.49 23.36 -14.98
CA HIS D 441 -21.62 23.46 -13.54
C HIS D 441 -22.87 22.69 -13.10
N GLY D 442 -22.82 22.19 -11.86
CA GLY D 442 -23.90 21.41 -11.29
C GLY D 442 -25.26 22.07 -11.40
N GLU D 443 -26.31 21.28 -11.58
CA GLU D 443 -27.63 21.80 -11.88
C GLU D 443 -28.70 21.35 -10.89
N VAL D 444 -28.35 20.58 -9.89
CA VAL D 444 -29.32 19.86 -9.08
C VAL D 444 -29.85 20.77 -7.97
N GLU D 445 -31.18 20.81 -7.85
CA GLU D 445 -31.87 21.51 -6.78
C GLU D 445 -33.20 20.80 -6.58
N ILE D 446 -33.41 20.23 -5.39
CA ILE D 446 -34.60 19.43 -5.12
C ILE D 446 -35.40 20.07 -3.99
N GLY D 447 -36.71 20.09 -4.15
CA GLY D 447 -37.60 20.78 -3.23
C GLY D 447 -38.27 19.82 -2.26
N CYS D 448 -38.46 20.27 -1.02
CA CYS D 448 -38.97 19.43 0.05
C CYS D 448 -40.06 20.14 0.83
N ASP D 449 -41.10 19.41 1.18
CA ASP D 449 -42.15 19.91 2.06
C ASP D 449 -42.44 18.87 3.13
N GLY D 450 -43.12 19.30 4.19
CA GLY D 450 -43.60 18.43 5.23
C GLY D 450 -42.96 18.71 6.58
N SER D 451 -43.39 17.93 7.57
CA SER D 451 -43.02 18.20 8.95
C SER D 451 -41.55 17.88 9.22
N VAL D 452 -41.15 16.63 9.02
CA VAL D 452 -39.83 16.19 9.46
C VAL D 452 -38.73 16.98 8.76
N VAL D 453 -38.80 17.07 7.43
CA VAL D 453 -37.69 17.64 6.67
C VAL D 453 -37.52 19.12 6.99
N GLU D 454 -38.62 19.84 7.25
CA GLU D 454 -38.53 21.27 7.47
C GLU D 454 -38.18 21.65 8.91
N TYR D 455 -38.79 20.98 9.90
CA TYR D 455 -38.70 21.45 11.28
C TYR D 455 -37.94 20.52 12.23
N TYR D 456 -37.73 19.26 11.87
CA TYR D 456 -36.95 18.40 12.74
C TYR D 456 -35.51 18.90 12.76
N PRO D 457 -34.90 19.04 13.93
CA PRO D 457 -33.59 19.71 14.00
C PRO D 457 -32.52 18.92 13.27
N GLY D 458 -31.95 19.56 12.24
CA GLY D 458 -30.84 19.01 11.50
C GLY D 458 -31.15 17.84 10.59
N PHE D 459 -32.43 17.51 10.39
CA PHE D 459 -32.77 16.44 9.47
C PHE D 459 -32.24 16.73 8.07
N ARG D 460 -32.27 18.00 7.67
CA ARG D 460 -31.70 18.38 6.38
C ARG D 460 -30.17 18.23 6.41
N SER D 461 -29.54 18.55 7.53
CA SER D 461 -28.10 18.39 7.63
C SER D 461 -27.71 16.92 7.56
N MET D 462 -28.42 16.06 8.31
CA MET D 462 -28.17 14.63 8.22
C MET D 462 -28.49 14.10 6.84
N LEU D 463 -29.53 14.64 6.19
CA LEU D 463 -29.83 14.27 4.80
C LEU D 463 -28.66 14.58 3.89
N ARG D 464 -28.04 15.75 4.06
CA ARG D 464 -26.91 16.13 3.23
C ARG D 464 -25.70 15.23 3.50
N HIS D 465 -25.43 14.95 4.77
CA HIS D 465 -24.31 14.06 5.08
C HIS D 465 -24.55 12.66 4.52
N ALA D 466 -25.80 12.20 4.53
CA ALA D 466 -26.10 10.90 3.97
C ALA D 466 -25.96 10.89 2.46
N LEU D 467 -26.45 11.95 1.79
CA LEU D 467 -26.24 12.08 0.35
C LEU D 467 -24.76 12.05 0.01
N ALA D 468 -23.94 12.76 0.78
CA ALA D 468 -22.50 12.69 0.56
C ALA D 468 -21.96 11.30 0.82
N LEU D 469 -22.56 10.56 1.76
CA LEU D 469 -22.14 9.19 2.03
C LEU D 469 -22.78 8.16 1.12
N SER D 470 -23.72 8.58 0.27
CA SER D 470 -24.35 7.69 -0.71
C SER D 470 -23.36 7.43 -1.84
N PRO D 471 -23.71 6.59 -2.83
CA PRO D 471 -22.88 6.52 -4.04
C PRO D 471 -22.66 7.87 -4.71
N LEU D 472 -23.58 8.82 -4.56
CA LEU D 472 -23.22 10.20 -4.87
C LEU D 472 -22.02 10.41 -3.96
N GLY D 473 -20.89 10.86 -4.51
CA GLY D 473 -19.67 10.91 -3.73
C GLY D 473 -19.65 12.19 -2.92
N ALA D 474 -18.48 12.50 -2.32
CA ALA D 474 -18.31 13.81 -1.71
C ALA D 474 -18.53 14.94 -2.70
N GLU D 475 -18.39 14.66 -4.00
CA GLU D 475 -18.62 15.61 -5.09
C GLU D 475 -20.09 15.70 -5.43
N GLY D 476 -21.01 15.09 -4.69
CA GLY D 476 -22.40 15.51 -4.77
C GLY D 476 -22.56 16.95 -4.34
N GLU D 477 -23.71 17.52 -4.66
CA GLU D 477 -23.96 18.92 -4.33
C GLU D 477 -23.75 19.15 -2.84
N ARG D 478 -23.32 20.37 -2.50
CA ARG D 478 -22.89 20.73 -1.14
C ARG D 478 -23.62 21.97 -0.70
N LYS D 479 -24.78 21.80 -0.06
CA LYS D 479 -25.59 22.88 0.48
C LYS D 479 -26.12 23.81 -0.61
N VAL D 480 -26.14 23.31 -1.84
CA VAL D 480 -26.78 23.99 -2.97
C VAL D 480 -27.99 23.21 -3.48
N HIS D 481 -28.16 21.96 -3.05
CA HIS D 481 -29.19 21.06 -3.56
C HIS D 481 -30.52 21.19 -2.82
N LEU D 482 -30.52 20.97 -1.51
CA LEU D 482 -31.76 20.88 -0.74
C LEU D 482 -32.36 22.26 -0.48
N LYS D 483 -33.64 22.42 -0.83
CA LYS D 483 -34.38 23.63 -0.54
C LYS D 483 -35.83 23.27 -0.27
N ILE D 484 -36.55 24.16 0.40
CA ILE D 484 -37.87 23.86 0.97
C ILE D 484 -38.96 24.41 0.04
N ALA D 485 -39.77 23.51 -0.50
CA ALA D 485 -40.90 23.87 -1.35
C ALA D 485 -42.16 24.01 -0.50
N LYS D 486 -43.13 24.76 -1.04
CA LYS D 486 -44.22 25.30 -0.24
C LYS D 486 -45.56 24.99 -0.91
N ASP D 487 -46.52 24.54 -0.10
CA ASP D 487 -47.92 24.44 -0.50
C ASP D 487 -48.35 23.74 -1.79
N GLY D 488 -48.04 22.44 -1.90
CA GLY D 488 -48.44 21.68 -3.06
C GLY D 488 -49.90 21.65 -3.45
N SER D 489 -50.81 21.63 -2.47
CA SER D 489 -52.24 21.58 -2.78
C SER D 489 -52.72 22.90 -3.38
N GLY D 490 -52.25 24.03 -2.85
CA GLY D 490 -52.76 25.33 -3.24
C GLY D 490 -52.25 26.14 -4.41
N VAL D 491 -50.92 26.24 -4.53
CA VAL D 491 -50.34 27.02 -5.62
C VAL D 491 -49.79 25.96 -6.56
N GLY D 492 -49.46 24.77 -6.05
CA GLY D 492 -49.02 23.71 -6.95
C GLY D 492 -50.08 23.32 -7.96
N ALA D 493 -51.33 23.23 -7.51
CA ALA D 493 -52.41 22.90 -8.44
C ALA D 493 -52.62 24.02 -9.44
N ALA D 494 -52.43 25.27 -9.03
CA ALA D 494 -52.56 26.39 -9.95
C ALA D 494 -51.48 26.35 -11.02
N LEU D 495 -50.24 26.08 -10.62
CA LEU D 495 -49.16 25.96 -11.59
C LEU D 495 -49.37 24.75 -12.49
N CYS D 496 -49.99 23.69 -11.97
CA CYS D 496 -50.32 22.54 -12.81
C CYS D 496 -51.35 22.91 -13.86
N ALA D 497 -52.40 23.63 -13.44
CA ALA D 497 -53.38 24.13 -14.40
C ALA D 497 -52.74 25.05 -15.44
N LEU D 498 -51.72 25.81 -15.02
CA LEU D 498 -50.97 26.63 -15.95
C LEU D 498 -50.25 25.78 -16.99
N VAL D 499 -49.46 24.82 -16.54
CA VAL D 499 -48.53 24.12 -17.43
C VAL D 499 -49.26 23.14 -18.35
N ALA D 500 -50.46 22.70 -17.99
CA ALA D 500 -51.19 21.72 -18.78
C ALA D 500 -51.57 22.27 -20.15
N PHE E 3 9.37 52.76 -1.54
CA PHE E 3 8.47 51.74 -2.09
C PHE E 3 9.20 50.40 -2.21
N ASP E 4 10.17 50.17 -1.31
CA ASP E 4 10.99 48.98 -1.39
C ASP E 4 10.16 47.70 -1.34
N ASP E 5 9.09 47.70 -0.55
CA ASP E 5 8.23 46.52 -0.48
C ASP E 5 7.53 46.27 -1.81
N LEU E 6 7.10 47.34 -2.49
CA LEU E 6 6.49 47.18 -3.80
C LEU E 6 7.48 46.61 -4.81
N HIS E 7 8.73 47.07 -4.78
CA HIS E 7 9.73 46.55 -5.70
C HIS E 7 10.04 45.09 -5.43
N LYS E 8 10.17 44.72 -4.14
CA LYS E 8 10.39 43.32 -3.81
C LYS E 8 9.20 42.45 -4.22
N ALA E 9 7.99 42.99 -4.13
CA ALA E 9 6.82 42.25 -4.62
C ALA E 9 6.89 42.06 -6.13
N THR E 10 7.31 43.10 -6.85
CA THR E 10 7.52 42.96 -8.30
C THR E 10 8.54 41.88 -8.61
N GLU E 11 9.60 41.79 -7.81
CA GLU E 11 10.61 40.76 -8.02
C GLU E 11 10.06 39.37 -7.73
N ARG E 12 9.23 39.25 -6.69
CA ARG E 12 8.58 37.97 -6.41
C ARG E 12 7.68 37.56 -7.58
N ALA E 13 6.98 38.53 -8.18
CA ALA E 13 6.16 38.24 -9.34
C ALA E 13 7.01 37.78 -10.52
N VAL E 14 8.18 38.41 -10.70
CA VAL E 14 9.11 37.96 -11.73
C VAL E 14 9.52 36.51 -11.50
N ILE E 15 9.77 36.14 -10.24
CA ILE E 15 10.14 34.76 -9.92
C ILE E 15 9.00 33.81 -10.28
N GLN E 16 7.77 34.18 -9.90
CA GLN E 16 6.61 33.35 -10.23
C GLN E 16 6.50 33.15 -11.75
N ALA E 17 6.63 34.23 -12.51
CA ALA E 17 6.46 34.14 -13.96
C ALA E 17 7.57 33.31 -14.60
N VAL E 18 8.80 33.46 -14.12
CA VAL E 18 9.91 32.66 -14.66
C VAL E 18 9.71 31.19 -14.35
N ASP E 19 9.20 30.88 -13.15
CA ASP E 19 8.89 29.49 -12.83
C ASP E 19 7.79 28.95 -13.75
N GLN E 20 6.80 29.77 -14.07
CA GLN E 20 5.76 29.34 -15.00
C GLN E 20 6.34 29.06 -16.39
N ILE E 21 7.26 29.91 -16.85
CA ILE E 21 7.90 29.68 -18.14
C ILE E 21 8.68 28.37 -18.13
N CYS E 22 9.42 28.12 -17.04
CA CYS E 22 10.18 26.88 -16.94
C CYS E 22 9.26 25.67 -16.90
N ASP E 23 8.09 25.82 -16.25
CA ASP E 23 7.10 24.76 -16.27
C ASP E 23 6.57 24.52 -17.68
N ASP E 24 6.48 25.58 -18.48
CA ASP E 24 6.12 25.42 -19.89
C ASP E 24 7.18 24.62 -20.64
N PHE E 25 8.45 24.92 -20.40
CA PHE E 25 9.52 24.25 -21.12
C PHE E 25 9.87 22.88 -20.57
N GLU E 26 9.27 22.45 -19.46
CA GLU E 26 9.66 21.19 -18.85
C GLU E 26 9.23 20.01 -19.72
N VAL E 27 9.92 18.89 -19.54
CA VAL E 27 9.64 17.65 -20.25
C VAL E 27 9.51 16.55 -19.21
N THR E 28 8.28 16.04 -19.01
CA THR E 28 7.97 15.00 -18.03
C THR E 28 8.18 13.61 -18.64
N PRO E 29 8.48 12.61 -17.80
CA PRO E 29 8.73 11.27 -18.34
C PRO E 29 7.56 10.65 -19.07
N GLU E 30 6.31 11.00 -18.72
CA GLU E 30 5.18 10.53 -19.51
C GLU E 30 5.25 11.08 -20.93
N LYS E 31 5.67 12.34 -21.07
CA LYS E 31 5.89 12.89 -22.40
C LYS E 31 7.03 12.17 -23.11
N LEU E 32 8.04 11.73 -22.36
CA LEU E 32 9.11 10.94 -22.96
C LEU E 32 8.58 9.62 -23.50
N ASP E 33 7.74 8.93 -22.72
CA ASP E 33 7.14 7.69 -23.20
C ASP E 33 6.30 7.93 -24.45
N GLU E 34 5.48 8.98 -24.43
CA GLU E 34 4.65 9.31 -25.59
C GLU E 34 5.51 9.56 -26.82
N LEU E 35 6.58 10.36 -26.67
CA LEU E 35 7.39 10.74 -27.82
C LEU E 35 8.20 9.56 -28.34
N THR E 36 8.72 8.70 -27.46
CA THR E 36 9.45 7.54 -27.95
C THR E 36 8.51 6.53 -28.62
N ALA E 37 7.29 6.39 -28.11
CA ALA E 37 6.31 5.55 -28.78
C ALA E 37 6.01 6.08 -30.17
N TYR E 38 5.78 7.39 -30.28
CA TYR E 38 5.51 7.97 -31.59
C TYR E 38 6.71 7.88 -32.51
N PHE E 39 7.93 7.94 -31.96
CA PHE E 39 9.12 7.85 -32.79
C PHE E 39 9.30 6.43 -33.32
N ILE E 40 9.06 5.42 -32.48
CA ILE E 40 9.05 4.04 -32.98
C ILE E 40 8.00 3.87 -34.06
N GLU E 41 6.82 4.45 -33.85
CA GLU E 41 5.75 4.36 -34.84
C GLU E 41 6.18 5.00 -36.15
N GLN E 42 6.84 6.16 -36.09
CA GLN E 42 7.31 6.83 -37.30
C GLN E 42 8.40 6.02 -37.99
N MET E 43 9.30 5.41 -37.22
CA MET E 43 10.34 4.56 -37.81
C MET E 43 9.73 3.37 -38.54
N GLU E 44 8.70 2.76 -37.95
CA GLU E 44 8.08 1.59 -38.59
C GLU E 44 7.27 2.00 -39.81
N LYS E 45 6.59 3.14 -39.75
CA LYS E 45 5.84 3.60 -40.92
C LYS E 45 6.76 4.16 -42.01
N GLY E 46 8.00 4.48 -41.68
CA GLY E 46 8.89 5.15 -42.61
C GLY E 46 9.58 4.23 -43.59
N LEU E 47 9.98 3.04 -43.13
CA LEU E 47 10.64 2.07 -43.99
C LEU E 47 9.65 1.11 -44.66
N ALA E 48 8.38 1.44 -44.64
CA ALA E 48 7.34 0.62 -45.26
C ALA E 48 7.01 1.17 -46.64
N PRO E 49 6.49 0.32 -47.53
CA PRO E 49 6.08 0.83 -48.84
C PRO E 49 4.94 1.82 -48.70
N PRO E 50 4.84 2.79 -49.63
CA PRO E 50 3.79 3.81 -49.57
C PRO E 50 2.38 3.24 -49.70
N LYS E 60 3.08 10.44 -44.64
CA LYS E 60 4.09 9.39 -44.55
C LYS E 60 4.80 9.45 -43.20
N GLY E 61 5.71 8.50 -42.96
CA GLY E 61 6.45 8.43 -41.73
C GLY E 61 7.77 9.17 -41.81
N LEU E 62 8.70 8.79 -40.93
CA LEU E 62 10.03 9.35 -40.96
C LEU E 62 10.67 8.98 -42.29
N PRO E 63 11.69 9.73 -42.72
CA PRO E 63 12.39 9.37 -43.96
C PRO E 63 13.46 8.33 -43.65
N MET E 64 13.05 7.08 -43.52
CA MET E 64 13.99 5.98 -43.30
C MET E 64 14.73 5.69 -44.60
N ILE E 65 15.92 6.29 -44.75
CA ILE E 65 16.65 6.28 -46.01
C ILE E 65 17.72 5.20 -45.92
N PRO E 66 17.64 4.12 -46.69
CA PRO E 66 18.72 3.13 -46.70
C PRO E 66 20.01 3.73 -47.25
N ALA E 67 21.08 3.63 -46.47
CA ALA E 67 22.39 4.10 -46.88
C ALA E 67 23.21 3.02 -47.59
N PHE E 68 22.68 1.80 -47.69
CA PHE E 68 23.33 0.67 -48.36
C PHE E 68 24.69 0.33 -47.75
N VAL E 69 24.95 0.76 -46.52
CA VAL E 69 26.16 0.39 -45.80
C VAL E 69 25.83 -0.86 -44.99
N THR E 70 26.16 -2.03 -45.54
CA THR E 70 25.81 -3.31 -44.95
C THR E 70 27.00 -3.97 -44.25
N GLY E 71 27.89 -3.17 -43.66
CA GLY E 71 29.03 -3.69 -42.95
C GLY E 71 29.43 -2.76 -41.82
N SER E 72 30.32 -3.26 -40.96
CA SER E 72 30.73 -2.55 -39.75
C SER E 72 32.24 -2.58 -39.61
N PRO E 73 32.87 -1.43 -39.35
CA PRO E 73 34.33 -1.42 -39.13
C PRO E 73 34.70 -2.07 -37.80
N ASN E 74 35.87 -2.72 -37.80
CA ASN E 74 36.32 -3.51 -36.67
C ASN E 74 37.24 -2.74 -35.73
N GLY E 75 37.99 -1.77 -36.25
CA GLY E 75 38.94 -1.02 -35.45
C GLY E 75 40.38 -1.44 -35.64
N THR E 76 40.63 -2.55 -36.32
CA THR E 76 41.98 -3.02 -36.64
C THR E 76 42.00 -3.42 -38.11
N GLU E 77 42.27 -2.45 -38.98
CA GLU E 77 42.22 -2.68 -40.43
C GLU E 77 43.58 -2.37 -41.05
N ARG E 78 43.64 -2.55 -42.37
CA ARG E 78 44.82 -2.24 -43.16
C ARG E 78 44.86 -0.77 -43.58
N GLY E 79 43.79 -0.31 -44.22
CA GLY E 79 43.52 1.10 -44.42
C GLY E 79 44.32 2.18 -45.13
N VAL E 80 44.78 1.89 -46.33
CA VAL E 80 45.22 2.89 -47.30
C VAL E 80 43.95 3.34 -48.01
N LEU E 81 43.53 4.58 -47.76
CA LEU E 81 42.17 4.98 -48.09
C LEU E 81 42.16 6.47 -48.40
N LEU E 82 41.22 6.85 -49.25
CA LEU E 82 41.00 8.22 -49.66
C LEU E 82 39.57 8.64 -49.35
N ALA E 83 39.35 9.95 -49.28
CA ALA E 83 38.03 10.49 -49.02
C ALA E 83 37.92 11.87 -49.66
N ALA E 84 36.71 12.20 -50.13
CA ALA E 84 36.45 13.49 -50.75
C ALA E 84 35.07 13.96 -50.32
N ASP E 85 35.00 15.10 -49.64
CA ASP E 85 33.73 15.65 -49.19
C ASP E 85 33.55 17.06 -49.73
N LEU E 86 32.29 17.40 -50.05
CA LEU E 86 31.99 18.64 -50.76
C LEU E 86 30.71 19.22 -50.19
N GLY E 87 30.82 20.30 -49.42
CA GLY E 87 29.66 21.03 -48.98
C GLY E 87 29.68 22.45 -49.53
N GLY E 88 28.53 23.13 -49.49
CA GLY E 88 28.46 24.49 -50.02
C GLY E 88 29.54 25.40 -49.48
N THR E 89 30.04 25.11 -48.28
CA THR E 89 31.16 25.87 -47.73
C THR E 89 32.43 25.62 -48.54
N ASN E 90 32.88 24.36 -48.61
CA ASN E 90 34.17 24.05 -49.20
C ASN E 90 34.18 22.61 -49.71
N PHE E 91 35.19 22.31 -50.52
CA PHE E 91 35.55 20.96 -50.92
C PHE E 91 36.83 20.55 -50.19
N ARG E 92 37.02 19.24 -50.05
CA ARG E 92 38.18 18.77 -49.30
C ARG E 92 38.49 17.33 -49.71
N ILE E 93 39.78 17.04 -49.86
CA ILE E 93 40.25 15.72 -50.30
C ILE E 93 41.34 15.26 -49.34
N CYS E 94 41.15 14.07 -48.76
CA CYS E 94 42.00 13.57 -47.69
C CYS E 94 42.46 12.15 -47.98
N SER E 95 43.59 11.80 -47.36
CA SER E 95 44.15 10.46 -47.42
C SER E 95 44.40 9.98 -46.00
N VAL E 96 43.79 8.87 -45.62
CA VAL E 96 43.85 8.36 -44.26
C VAL E 96 44.39 6.94 -44.28
N ASN E 97 45.31 6.67 -43.35
CA ASN E 97 45.86 5.33 -43.13
C ASN E 97 45.37 4.82 -41.78
N LEU E 98 44.73 3.66 -41.79
CA LEU E 98 44.20 3.05 -40.58
C LEU E 98 45.21 2.04 -40.06
N HIS E 99 45.93 2.41 -39.00
CA HIS E 99 46.89 1.50 -38.40
C HIS E 99 46.16 0.34 -37.72
N GLY E 100 46.94 -0.56 -37.11
CA GLY E 100 46.34 -1.67 -36.40
C GLY E 100 45.51 -1.23 -35.20
N ASP E 101 45.99 -0.23 -34.47
CA ASP E 101 45.27 0.30 -33.33
C ASP E 101 44.11 1.18 -33.80
N HIS E 102 43.39 1.75 -32.84
CA HIS E 102 42.26 2.61 -33.13
C HIS E 102 42.67 4.03 -33.50
N THR E 103 43.96 4.26 -33.72
CA THR E 103 44.48 5.55 -34.19
C THR E 103 44.68 5.47 -35.71
N PHE E 104 44.36 6.56 -36.39
CA PHE E 104 44.48 6.65 -37.84
C PHE E 104 45.47 7.75 -38.21
N SER E 105 45.72 7.89 -39.52
CA SER E 105 46.62 8.90 -40.04
C SER E 105 45.84 10.01 -40.74
N MET E 106 46.42 11.20 -40.74
CA MET E 106 45.74 12.41 -41.16
C MET E 106 46.56 13.11 -42.23
N GLU E 107 46.08 13.09 -43.47
CA GLU E 107 46.75 13.77 -44.57
C GLU E 107 45.67 14.29 -45.52
N GLN E 108 45.43 15.60 -45.49
CA GLN E 108 44.30 16.19 -46.20
C GLN E 108 44.72 17.49 -46.85
N MET E 109 43.86 17.98 -47.73
CA MET E 109 43.92 19.35 -48.23
C MET E 109 42.51 19.84 -48.44
N LYS E 110 42.19 20.98 -47.82
CA LYS E 110 40.85 21.59 -47.90
C LYS E 110 40.91 22.67 -48.96
N SER E 111 40.41 22.34 -50.14
CA SER E 111 40.41 23.26 -51.27
C SER E 111 39.17 24.15 -51.21
N LYS E 112 39.38 25.46 -51.34
CA LYS E 112 38.27 26.40 -51.34
C LYS E 112 37.27 26.05 -52.43
N ILE E 113 36.00 26.35 -52.18
CA ILE E 113 35.04 26.26 -53.28
C ILE E 113 35.49 27.21 -54.37
N PRO E 114 35.30 26.88 -55.66
CA PRO E 114 35.90 27.70 -56.72
C PRO E 114 35.35 29.07 -56.37
N ASP E 115 36.16 30.10 -56.63
CA ASP E 115 35.72 31.46 -56.36
C ASP E 115 34.72 31.51 -57.49
N ASP E 116 33.44 31.62 -57.15
CA ASP E 116 32.37 31.82 -58.13
C ASP E 116 31.48 31.07 -59.19
N LEU E 117 31.78 29.78 -59.32
CA LEU E 117 31.54 29.23 -60.64
C LEU E 117 30.26 28.81 -59.90
N LEU E 118 30.04 29.46 -58.75
CA LEU E 118 29.10 29.04 -57.72
C LEU E 118 27.65 29.49 -57.75
N ASP E 119 27.43 30.76 -58.08
CA ASP E 119 26.08 31.31 -58.14
C ASP E 119 25.81 31.42 -59.64
N ASP E 120 26.82 31.19 -60.47
CA ASP E 120 26.69 31.42 -61.90
C ASP E 120 25.70 30.40 -62.44
N GLU E 121 24.84 30.85 -63.35
CA GLU E 121 24.02 29.93 -64.13
C GLU E 121 24.70 29.54 -65.43
N ASN E 122 24.24 28.46 -66.05
CA ASN E 122 24.84 27.85 -67.24
C ASN E 122 26.25 27.29 -67.03
N VAL E 123 26.51 26.74 -65.85
CA VAL E 123 27.75 26.05 -65.56
C VAL E 123 27.62 24.54 -65.71
N THR E 124 28.60 23.93 -66.38
CA THR E 124 28.52 22.52 -66.69
C THR E 124 28.91 21.66 -65.50
N SER E 125 28.16 20.56 -65.32
CA SER E 125 28.62 19.48 -64.47
C SER E 125 30.04 19.06 -64.85
N ASP E 126 30.35 19.09 -66.14
CA ASP E 126 31.73 18.90 -66.58
C ASP E 126 32.66 19.89 -65.89
N ASP E 127 32.26 21.17 -65.81
CA ASP E 127 33.11 22.17 -65.17
C ASP E 127 33.29 21.87 -63.68
N LEU E 128 32.20 21.59 -62.98
CA LEU E 128 32.30 21.34 -61.54
C LEU E 128 33.17 20.11 -61.25
N PHE E 129 32.88 18.99 -61.91
CA PHE E 129 33.65 17.78 -61.65
C PHE E 129 35.05 17.86 -62.21
N GLY E 130 35.29 18.73 -63.21
CA GLY E 130 36.66 18.96 -63.65
C GLY E 130 37.46 19.73 -62.62
N PHE E 131 36.84 20.71 -61.97
CA PHE E 131 37.50 21.34 -60.82
C PHE E 131 37.78 20.31 -59.74
N LEU E 132 36.80 19.44 -59.47
CA LEU E 132 36.99 18.40 -58.46
C LEU E 132 38.19 17.52 -58.80
N ALA E 133 38.26 17.05 -60.04
CA ALA E 133 39.34 16.15 -60.44
C ALA E 133 40.69 16.87 -60.46
N ARG E 134 40.70 18.14 -60.90
CA ARG E 134 41.92 18.94 -60.85
C ARG E 134 42.45 19.02 -59.42
N ARG E 135 41.59 19.42 -58.48
CA ARG E 135 42.04 19.53 -57.10
C ARG E 135 42.42 18.18 -56.51
N THR E 136 41.71 17.12 -56.90
CA THR E 136 42.01 15.79 -56.37
C THR E 136 43.38 15.31 -56.84
N LEU E 137 43.59 15.26 -58.14
CA LEU E 137 44.85 14.77 -58.68
C LEU E 137 45.95 15.84 -58.70
N ALA E 138 45.68 17.00 -58.13
CA ALA E 138 46.76 17.90 -57.70
C ALA E 138 47.11 17.69 -56.24
N PHE E 139 46.14 17.29 -55.42
CA PHE E 139 46.44 16.80 -54.08
C PHE E 139 47.27 15.53 -54.15
N MET E 140 47.06 14.70 -55.17
CA MET E 140 47.85 13.50 -55.37
C MET E 140 49.22 13.80 -55.99
N LYS E 141 49.56 15.08 -56.13
CA LYS E 141 50.93 15.47 -56.46
C LYS E 141 51.76 15.71 -55.21
N LYS E 142 51.14 16.33 -54.18
CA LYS E 142 51.86 16.79 -53.01
C LYS E 142 51.89 15.75 -51.89
N TYR E 143 50.73 15.23 -51.50
CA TYR E 143 50.62 14.15 -50.53
C TYR E 143 50.46 12.88 -51.35
N HIS E 144 51.21 11.84 -51.01
CA HIS E 144 51.02 10.51 -51.58
C HIS E 144 50.98 10.29 -53.10
N PRO E 145 51.96 10.83 -53.87
CA PRO E 145 52.05 10.49 -55.29
C PRO E 145 52.76 9.23 -55.75
N ASP E 146 53.23 8.40 -54.80
CA ASP E 146 54.00 7.21 -55.18
C ASP E 146 53.30 6.34 -56.22
N GLU E 147 51.99 6.15 -56.09
CA GLU E 147 51.23 5.31 -57.01
C GLU E 147 50.80 6.07 -58.27
N LEU E 148 50.81 7.40 -58.25
CA LEU E 148 50.43 8.20 -59.41
C LEU E 148 51.49 8.09 -60.49
N ALA E 149 52.56 7.35 -60.19
CA ALA E 149 53.62 7.13 -61.15
C ALA E 149 53.18 5.95 -62.02
N LYS E 150 52.14 5.22 -61.63
CA LYS E 150 51.55 4.18 -62.47
C LYS E 150 50.13 4.37 -63.00
N GLY E 151 50.02 4.83 -64.24
CA GLY E 151 48.74 5.25 -64.78
C GLY E 151 47.75 4.11 -64.80
N LYS E 152 48.02 3.08 -65.60
CA LYS E 152 47.15 1.92 -65.68
C LYS E 152 47.67 0.73 -64.89
N ASP E 153 48.88 0.82 -64.32
CA ASP E 153 49.51 -0.28 -63.62
C ASP E 153 49.43 -0.16 -62.10
N ALA E 154 48.91 0.95 -61.58
CA ALA E 154 48.90 1.16 -60.14
C ALA E 154 47.95 0.18 -59.46
N LYS E 155 48.36 -0.32 -58.30
CA LYS E 155 47.46 -1.09 -57.45
C LYS E 155 46.30 -0.19 -57.06
N PRO E 156 45.07 -0.51 -57.43
CA PRO E 156 43.97 0.45 -57.29
C PRO E 156 43.73 0.86 -55.85
N MET E 157 43.15 2.04 -55.69
CA MET E 157 42.79 2.61 -54.40
C MET E 157 41.28 2.75 -54.32
N LYS E 158 40.80 3.01 -53.10
CA LYS E 158 39.37 3.11 -52.84
C LYS E 158 39.05 4.49 -52.26
N LEU E 159 37.95 5.08 -52.74
CA LEU E 159 37.59 6.45 -52.41
C LEU E 159 36.19 6.50 -51.84
N GLY E 160 36.03 7.27 -50.77
CA GLY E 160 34.73 7.55 -50.19
C GLY E 160 34.29 8.95 -50.58
N PHE E 161 33.01 9.09 -50.92
CA PHE E 161 32.46 10.34 -51.45
C PHE E 161 31.38 10.85 -50.51
N THR E 162 31.70 11.89 -49.74
CA THR E 162 30.70 12.56 -48.92
C THR E 162 30.13 13.74 -49.73
N PHE E 163 28.83 13.69 -49.99
CA PHE E 163 28.16 14.64 -50.88
C PHE E 163 27.12 15.22 -49.93
N SER E 164 27.21 16.52 -49.65
CA SER E 164 26.36 17.20 -48.67
C SER E 164 25.03 17.54 -49.31
N TYR E 165 24.91 17.47 -50.63
CA TYR E 165 23.66 17.72 -51.31
C TYR E 165 22.68 16.55 -51.41
N PRO E 166 21.39 16.83 -51.57
CA PRO E 166 20.38 15.75 -51.59
C PRO E 166 20.66 14.73 -52.69
N VAL E 167 20.82 13.48 -52.27
CA VAL E 167 21.16 12.37 -53.15
C VAL E 167 20.03 11.35 -53.10
N ASP E 168 19.59 10.90 -54.26
CA ASP E 168 18.72 9.73 -54.35
C ASP E 168 19.63 8.50 -54.49
N GLN E 169 19.84 7.80 -53.38
CA GLN E 169 20.83 6.74 -53.31
C GLN E 169 20.18 5.42 -53.74
N THR E 170 20.50 4.98 -54.95
CA THR E 170 19.97 3.72 -55.47
C THR E 170 20.81 2.52 -55.08
N SER E 171 22.12 2.69 -54.94
CA SER E 171 23.01 1.65 -54.46
C SER E 171 24.06 2.28 -53.57
N LEU E 172 25.02 1.46 -53.11
CA LEU E 172 26.07 1.98 -52.26
C LEU E 172 26.95 2.97 -52.99
N ASN E 173 27.05 2.86 -54.31
CA ASN E 173 27.92 3.70 -55.13
C ASN E 173 27.17 4.33 -56.30
N SER E 174 25.86 4.49 -56.18
CA SER E 174 25.06 5.07 -57.25
C SER E 174 24.08 6.05 -56.64
N GLY E 175 24.31 7.35 -56.86
CA GLY E 175 23.40 8.36 -56.40
C GLY E 175 23.17 9.45 -57.43
N THR E 176 21.93 9.88 -57.58
CA THR E 176 21.56 10.90 -58.54
C THR E 176 21.09 12.14 -57.80
N LEU E 177 21.69 13.29 -58.12
CA LEU E 177 21.35 14.54 -57.48
C LEU E 177 19.95 14.99 -57.86
N ILE E 178 19.26 15.65 -56.93
CA ILE E 178 17.92 16.14 -57.16
C ILE E 178 17.89 17.66 -56.98
N ARG E 179 18.30 18.12 -55.81
CA ARG E 179 18.22 19.53 -55.44
C ARG E 179 19.62 20.11 -55.28
N TRP E 180 19.79 21.35 -55.72
CA TRP E 180 20.97 22.14 -55.36
C TRP E 180 20.62 23.04 -54.19
N THR E 181 21.61 23.33 -53.35
CA THR E 181 21.37 23.95 -52.05
C THR E 181 22.25 25.17 -51.87
N LYS E 182 21.60 26.33 -51.66
CA LYS E 182 22.26 27.57 -51.25
C LYS E 182 23.47 27.89 -52.11
N GLY E 183 23.26 27.83 -53.41
CA GLY E 183 24.27 28.08 -54.41
C GLY E 183 24.35 26.94 -55.39
N PHE E 184 25.37 26.97 -56.22
CA PHE E 184 25.63 25.93 -57.21
C PHE E 184 24.41 25.70 -58.11
N ARG E 185 24.02 26.77 -58.81
CA ARG E 185 22.88 26.71 -59.72
C ARG E 185 23.36 26.18 -61.07
N ILE E 186 23.48 24.86 -61.16
CA ILE E 186 23.88 24.19 -62.40
C ILE E 186 22.84 23.11 -62.71
N ALA E 187 22.17 23.24 -63.86
CA ALA E 187 21.06 22.38 -64.22
C ALA E 187 21.50 21.11 -64.96
N ASP E 188 22.78 20.76 -64.88
CA ASP E 188 23.28 19.61 -65.62
C ASP E 188 23.18 18.32 -64.80
N THR E 189 23.64 18.36 -63.55
CA THR E 189 23.62 17.20 -62.66
C THR E 189 22.21 16.86 -62.15
N VAL E 190 21.15 17.46 -62.68
CA VAL E 190 19.81 17.28 -62.13
C VAL E 190 19.36 15.82 -62.19
N GLY E 191 19.94 15.01 -63.05
CA GLY E 191 19.51 13.63 -63.13
C GLY E 191 20.61 12.59 -63.17
N LYS E 192 21.86 13.03 -63.24
CA LYS E 192 22.97 12.13 -63.52
C LYS E 192 23.56 11.56 -62.25
N ASP E 193 24.13 10.36 -62.36
CA ASP E 193 24.80 9.71 -61.25
C ASP E 193 26.05 10.51 -60.88
N VAL E 194 26.12 10.94 -59.62
CA VAL E 194 27.22 11.82 -59.19
C VAL E 194 28.51 11.02 -59.06
N VAL E 195 28.44 9.80 -58.54
CA VAL E 195 29.63 8.97 -58.43
C VAL E 195 30.20 8.68 -59.81
N GLN E 196 29.33 8.38 -60.78
CA GLN E 196 29.77 8.14 -62.15
C GLN E 196 30.49 9.36 -62.72
N LEU E 197 29.92 10.55 -62.50
CA LEU E 197 30.55 11.76 -63.01
C LEU E 197 31.92 12.00 -62.38
N TYR E 198 32.01 11.82 -61.06
CA TYR E 198 33.29 11.99 -60.39
C TYR E 198 34.33 11.01 -60.93
N GLN E 199 33.94 9.75 -61.11
CA GLN E 199 34.93 8.78 -61.58
C GLN E 199 35.29 9.00 -63.04
N GLU E 200 34.35 9.48 -63.85
CA GLU E 200 34.68 9.86 -65.23
C GLU E 200 35.73 10.96 -65.25
N GLN E 201 35.48 12.04 -64.51
CA GLN E 201 36.43 13.15 -64.49
C GLN E 201 37.76 12.75 -63.85
N LEU E 202 37.73 11.80 -62.91
CA LEU E 202 38.99 11.31 -62.34
C LEU E 202 39.77 10.51 -63.37
N SER E 203 39.19 9.44 -63.89
CA SER E 203 39.85 8.60 -64.89
C SER E 203 40.19 9.34 -66.16
N ALA E 204 39.65 10.55 -66.36
CA ALA E 204 40.03 11.37 -67.50
C ALA E 204 41.06 12.44 -67.17
N GLN E 205 41.07 12.95 -65.93
CA GLN E 205 41.94 14.08 -65.59
C GLN E 205 43.38 13.62 -65.38
N GLY E 206 43.60 12.71 -64.45
CA GLY E 206 44.93 12.18 -64.21
C GLY E 206 45.03 10.71 -64.55
N MET E 207 43.90 10.12 -64.90
CA MET E 207 43.81 8.70 -65.24
C MET E 207 44.36 7.76 -64.16
N PRO E 208 43.95 7.93 -62.90
CA PRO E 208 44.62 7.21 -61.82
C PRO E 208 44.08 5.84 -61.46
N MET E 209 42.91 5.49 -61.99
CA MET E 209 42.19 4.26 -61.65
C MET E 209 41.75 4.03 -60.20
N ILE E 210 41.28 5.12 -59.61
CA ILE E 210 40.74 5.13 -58.25
C ILE E 210 39.25 4.80 -58.21
N LYS E 211 38.94 3.52 -57.96
CA LYS E 211 37.55 3.08 -57.95
C LYS E 211 36.79 3.71 -56.79
N VAL E 212 35.68 4.36 -57.11
CA VAL E 212 34.86 5.07 -56.12
C VAL E 212 33.64 4.19 -55.83
N VAL E 213 33.62 3.59 -54.64
CA VAL E 213 32.57 2.64 -54.27
C VAL E 213 31.70 3.16 -53.12
N ALA E 214 31.98 4.34 -52.59
CA ALA E 214 31.25 4.86 -51.44
C ALA E 214 30.59 6.19 -51.77
N LEU E 215 29.40 6.39 -51.22
CA LEU E 215 28.70 7.67 -51.30
C LEU E 215 27.80 7.77 -50.08
N THR E 216 28.15 8.67 -49.15
CA THR E 216 27.39 8.82 -47.91
C THR E 216 27.44 10.28 -47.47
N ASN E 217 26.89 10.55 -46.29
CA ASN E 217 26.85 11.90 -45.74
C ASN E 217 27.43 11.89 -44.33
N ASP E 218 27.41 13.04 -43.66
CA ASP E 218 28.00 13.14 -42.33
C ASP E 218 27.56 12.13 -41.29
N THR E 219 26.33 11.63 -41.39
CA THR E 219 25.76 10.80 -40.32
C THR E 219 26.35 9.39 -40.34
N VAL E 220 26.18 8.69 -41.46
CA VAL E 220 26.86 7.41 -41.64
C VAL E 220 28.36 7.57 -41.45
N GLY E 221 28.88 8.73 -41.84
CA GLY E 221 30.30 8.99 -41.63
C GLY E 221 30.69 8.94 -40.17
N THR E 222 29.95 9.67 -39.32
CA THR E 222 30.29 9.67 -37.89
C THR E 222 30.05 8.30 -37.26
N TYR E 223 29.04 7.56 -37.74
CA TYR E 223 28.88 6.19 -37.26
C TYR E 223 30.13 5.36 -37.53
N LEU E 224 30.56 5.32 -38.79
CA LEU E 224 31.73 4.52 -39.14
C LEU E 224 32.98 5.04 -38.43
N SER E 225 33.08 6.36 -38.24
CA SER E 225 34.22 6.93 -37.53
C SER E 225 34.25 6.49 -36.08
N HIS E 226 33.07 6.34 -35.45
CA HIS E 226 33.03 5.83 -34.09
C HIS E 226 33.35 4.34 -34.04
N CYS E 227 32.90 3.59 -35.05
CA CYS E 227 33.20 2.16 -35.09
C CYS E 227 34.68 1.87 -35.18
N TYR E 228 35.52 2.87 -35.46
CA TYR E 228 36.96 2.71 -35.42
C TYR E 228 37.58 3.33 -34.17
N THR E 229 37.06 4.47 -33.72
CA THR E 229 37.62 5.20 -32.58
C THR E 229 36.80 4.85 -31.34
N SER E 230 37.20 3.79 -30.66
CA SER E 230 36.66 3.46 -29.35
C SER E 230 37.84 3.12 -28.43
N ASP E 231 37.82 3.66 -27.21
CA ASP E 231 38.92 3.43 -26.30
C ASP E 231 38.90 1.99 -25.77
N ASN E 232 39.55 1.08 -26.51
CA ASN E 232 39.76 -0.31 -26.07
C ASN E 232 38.45 -1.06 -25.85
N THR E 233 37.38 -0.71 -26.58
CA THR E 233 36.08 -1.30 -26.31
C THR E 233 35.37 -1.83 -27.56
N ASP E 234 36.02 -1.85 -28.72
CA ASP E 234 35.30 -2.29 -29.91
C ASP E 234 35.29 -3.80 -30.06
N SER E 235 36.48 -4.43 -29.95
CA SER E 235 36.56 -5.88 -30.02
C SER E 235 35.63 -6.52 -28.98
N MET E 236 35.04 -7.65 -29.35
CA MET E 236 33.92 -8.17 -28.57
C MET E 236 34.39 -8.92 -27.32
N THR E 237 35.28 -9.89 -27.47
CA THR E 237 35.78 -10.60 -26.31
C THR E 237 36.84 -9.75 -25.60
N SER E 238 37.05 -10.08 -24.32
CA SER E 238 38.11 -9.48 -23.50
C SER E 238 38.11 -8.05 -22.92
N GLY E 239 36.94 -7.45 -22.98
CA GLY E 239 36.74 -6.13 -22.42
C GLY E 239 35.27 -5.83 -22.51
N GLU E 240 34.94 -4.58 -22.17
CA GLU E 240 33.58 -4.11 -22.36
C GLU E 240 32.97 -4.57 -23.67
N ILE E 241 31.78 -5.17 -23.59
CA ILE E 241 31.13 -5.76 -24.76
C ILE E 241 30.21 -4.74 -25.41
N SER E 242 30.35 -3.48 -25.01
CA SER E 242 29.62 -2.39 -25.65
C SER E 242 29.84 -2.33 -27.16
N GLU E 243 28.78 -2.51 -27.93
CA GLU E 243 28.91 -2.43 -29.38
C GLU E 243 28.28 -1.14 -29.91
N PRO E 244 28.82 -0.58 -30.99
CA PRO E 244 28.27 0.66 -31.53
C PRO E 244 27.07 0.59 -32.47
N VAL E 245 25.95 1.18 -32.04
CA VAL E 245 24.71 1.00 -32.79
C VAL E 245 24.01 2.26 -33.31
N ILE E 246 24.48 3.44 -32.90
CA ILE E 246 23.87 4.70 -33.31
C ILE E 246 24.99 5.69 -33.61
N GLY E 247 24.94 6.29 -34.79
CA GLY E 247 25.79 7.43 -35.10
C GLY E 247 24.93 8.67 -35.25
N CYS E 248 25.13 9.65 -34.38
CA CYS E 248 24.23 10.79 -34.34
C CYS E 248 25.01 12.10 -34.30
N ILE E 249 24.36 13.14 -34.79
CA ILE E 249 24.91 14.50 -34.80
C ILE E 249 23.88 15.42 -34.15
N PHE E 250 24.28 16.07 -33.07
CA PHE E 250 23.59 17.25 -32.58
C PHE E 250 24.54 18.43 -32.77
N GLY E 251 24.03 19.63 -32.52
CA GLY E 251 24.79 20.81 -32.86
C GLY E 251 23.93 21.85 -33.56
N THR E 252 24.47 22.52 -34.57
CA THR E 252 23.65 23.43 -35.36
C THR E 252 22.50 22.69 -36.03
N GLY E 253 22.66 21.39 -36.27
CA GLY E 253 21.57 20.55 -36.70
C GLY E 253 21.67 19.19 -36.03
N THR E 254 20.60 18.40 -36.17
CA THR E 254 20.56 17.07 -35.58
C THR E 254 20.15 16.04 -36.62
N ASN E 255 20.63 14.82 -36.44
CA ASN E 255 20.41 13.72 -37.36
C ASN E 255 20.96 12.46 -36.73
N GLY E 256 20.57 11.30 -37.27
CA GLY E 256 21.02 10.04 -36.72
C GLY E 256 20.90 8.91 -37.72
N CYS E 257 21.65 7.85 -37.45
CA CYS E 257 21.62 6.66 -38.28
C CYS E 257 21.89 5.44 -37.40
N TYR E 258 21.33 4.30 -37.81
CA TYR E 258 21.49 3.06 -37.05
C TYR E 258 21.55 1.89 -38.02
N MET E 259 21.56 0.66 -37.48
CA MET E 259 21.59 -0.55 -38.27
C MET E 259 20.28 -1.30 -38.08
N GLU E 260 19.53 -1.46 -39.16
CA GLU E 260 18.23 -2.13 -39.15
C GLU E 260 18.35 -3.47 -39.85
N GLU E 261 17.61 -4.47 -39.36
CA GLU E 261 17.57 -5.77 -39.99
C GLU E 261 17.18 -5.64 -41.46
N ILE E 262 17.90 -6.37 -42.32
CA ILE E 262 17.65 -6.29 -43.76
C ILE E 262 16.34 -6.90 -44.22
N ASN E 263 15.74 -7.75 -43.39
CA ASN E 263 14.51 -8.42 -43.77
C ASN E 263 13.35 -7.56 -43.24
N LYS E 264 13.61 -6.35 -42.74
CA LYS E 264 12.54 -5.47 -42.29
C LYS E 264 12.53 -4.12 -42.99
N ILE E 265 13.42 -3.90 -43.95
CA ILE E 265 13.41 -2.66 -44.75
C ILE E 265 12.53 -3.18 -45.88
N THR E 266 11.27 -2.73 -45.89
CA THR E 266 10.28 -3.30 -46.77
C THR E 266 10.26 -2.44 -48.03
N LYS E 267 10.70 -1.18 -47.95
CA LYS E 267 10.65 -0.30 -49.11
C LYS E 267 11.57 -0.78 -50.23
N LEU E 268 12.53 -1.65 -49.92
CA LEU E 268 13.37 -2.24 -50.95
C LEU E 268 12.64 -3.42 -51.59
N PRO E 269 12.93 -3.74 -52.86
CA PRO E 269 12.32 -4.91 -53.48
C PRO E 269 12.80 -6.19 -52.83
N GLN E 270 11.90 -7.19 -52.81
CA GLN E 270 12.24 -8.48 -52.22
C GLN E 270 13.50 -9.07 -52.86
N GLU E 271 13.73 -8.79 -54.14
CA GLU E 271 14.91 -9.31 -54.83
C GLU E 271 16.18 -8.76 -54.20
N LEU E 272 16.24 -7.45 -53.98
CA LEU E 272 17.44 -6.84 -53.40
C LEU E 272 17.69 -7.36 -51.99
N ARG E 273 16.63 -7.43 -51.17
CA ARG E 273 16.77 -7.97 -49.82
C ARG E 273 17.29 -9.41 -49.86
N ASP E 274 16.69 -10.25 -50.70
CA ASP E 274 17.07 -11.66 -50.72
C ASP E 274 18.49 -11.84 -51.22
N LYS E 275 18.89 -11.10 -52.27
CA LYS E 275 20.27 -11.18 -52.74
C LYS E 275 21.24 -10.69 -51.66
N LEU E 276 20.83 -9.70 -50.86
CA LEU E 276 21.68 -9.28 -49.75
C LEU E 276 21.79 -10.37 -48.70
N ILE E 277 20.69 -11.11 -48.46
CA ILE E 277 20.71 -12.21 -47.50
C ILE E 277 21.16 -13.52 -48.12
N LYS E 278 21.18 -13.62 -49.46
CA LYS E 278 21.85 -14.76 -50.09
C LYS E 278 23.34 -14.74 -49.79
N GLU E 279 23.92 -13.55 -49.67
CA GLU E 279 25.22 -13.38 -49.04
C GLU E 279 25.03 -13.36 -47.53
N GLY E 280 26.14 -13.26 -46.81
CA GLY E 280 26.10 -13.35 -45.35
C GLY E 280 25.59 -12.10 -44.66
N LYS E 281 25.08 -11.13 -45.42
CA LYS E 281 24.64 -9.86 -44.85
C LYS E 281 23.41 -9.84 -43.96
N THR E 282 23.59 -9.39 -42.71
CA THR E 282 22.53 -9.35 -41.71
C THR E 282 21.69 -8.10 -41.45
N HIS E 283 22.30 -6.93 -41.59
CA HIS E 283 21.64 -5.66 -41.32
C HIS E 283 22.13 -4.71 -42.41
N MET E 284 21.45 -3.56 -42.50
CA MET E 284 21.87 -2.45 -43.35
C MET E 284 21.69 -1.16 -42.57
N ILE E 285 22.54 -0.19 -42.87
CA ILE E 285 22.51 1.08 -42.16
C ILE E 285 21.41 1.96 -42.73
N ILE E 286 20.51 2.42 -41.86
CA ILE E 286 19.43 3.33 -42.24
C ILE E 286 19.71 4.70 -41.65
N ASN E 287 19.67 5.71 -42.51
CA ASN E 287 19.71 7.12 -42.11
C ASN E 287 18.31 7.55 -41.71
N VAL E 288 18.16 8.04 -40.48
CA VAL E 288 16.82 8.27 -39.94
C VAL E 288 16.20 9.54 -40.52
N GLU E 289 17.01 10.57 -40.75
CA GLU E 289 16.52 11.89 -41.15
C GLU E 289 15.46 12.39 -40.16
N TRP E 290 15.79 12.28 -38.88
CA TRP E 290 14.83 12.57 -37.83
C TRP E 290 14.70 14.06 -37.51
N GLY E 291 15.36 14.93 -38.28
CA GLY E 291 15.21 16.35 -38.05
C GLY E 291 13.80 16.84 -38.27
N SER E 292 13.04 16.14 -39.12
CA SER E 292 11.65 16.47 -39.41
C SER E 292 10.67 15.67 -38.58
N PHE E 293 11.12 15.04 -37.49
CA PHE E 293 10.27 14.17 -36.69
C PHE E 293 9.05 14.93 -36.17
N ASP E 294 7.87 14.42 -36.50
CA ASP E 294 6.60 14.98 -36.05
C ASP E 294 6.50 16.47 -36.39
N ASN E 295 6.53 16.75 -37.70
CA ASN E 295 6.25 18.11 -38.16
C ASN E 295 4.81 18.49 -37.88
N GLU E 296 3.89 17.54 -38.03
CA GLU E 296 2.47 17.79 -37.80
C GLU E 296 2.16 18.20 -36.37
N LEU E 297 3.13 18.09 -35.46
CA LEU E 297 3.01 18.59 -34.09
C LEU E 297 1.89 17.87 -33.33
N LYS E 298 1.75 16.57 -33.56
CA LYS E 298 0.77 15.80 -32.79
C LYS E 298 1.29 15.73 -31.36
N HIS E 299 2.54 15.33 -31.17
CA HIS E 299 3.12 15.20 -29.84
C HIS E 299 4.32 16.05 -29.47
N LEU E 300 5.12 16.51 -30.44
CA LEU E 300 6.34 17.23 -30.13
C LEU E 300 6.02 18.50 -29.34
N PRO E 301 6.65 18.71 -28.19
CA PRO E 301 6.35 19.91 -27.39
C PRO E 301 6.61 21.18 -28.19
N THR E 302 5.76 22.18 -27.96
CA THR E 302 5.86 23.45 -28.68
C THR E 302 5.29 24.55 -27.80
N THR E 303 6.12 25.55 -27.52
CA THR E 303 5.70 26.72 -26.76
C THR E 303 5.27 27.83 -27.72
N LYS E 304 4.87 28.97 -27.15
CA LYS E 304 4.57 30.14 -27.97
C LYS E 304 5.81 30.60 -28.72
N TYR E 305 6.92 30.77 -28.00
CA TYR E 305 8.14 31.30 -28.61
C TYR E 305 8.63 30.41 -29.74
N ASP E 306 8.38 29.10 -29.65
CA ASP E 306 8.81 28.18 -30.70
C ASP E 306 8.12 28.49 -32.02
N VAL E 307 6.79 28.65 -32.00
CA VAL E 307 6.09 28.97 -33.23
C VAL E 307 6.40 30.39 -33.67
N VAL E 308 6.66 31.30 -32.72
CA VAL E 308 7.14 32.64 -33.09
C VAL E 308 8.36 32.53 -33.98
N ILE E 309 9.38 31.84 -33.48
CA ILE E 309 10.65 31.73 -34.19
C ILE E 309 10.47 30.97 -35.50
N ASP E 310 9.62 29.96 -35.51
CA ASP E 310 9.47 29.15 -36.72
C ASP E 310 8.72 29.88 -37.82
N GLN E 311 7.74 30.72 -37.46
CA GLN E 311 6.92 31.34 -38.48
C GLN E 311 7.40 32.73 -38.87
N LYS E 312 7.70 33.57 -37.88
CA LYS E 312 8.08 34.94 -38.15
C LYS E 312 9.58 35.11 -38.37
N LEU E 313 10.40 34.26 -37.76
CA LEU E 313 11.84 34.49 -37.69
C LEU E 313 12.72 33.60 -38.56
N SER E 314 12.48 32.30 -38.56
CA SER E 314 13.38 31.36 -39.21
C SER E 314 13.22 31.51 -40.71
N THR E 315 14.32 31.39 -41.44
CA THR E 315 14.33 31.48 -42.89
C THR E 315 13.85 30.20 -43.56
N ASN E 316 13.37 29.23 -42.78
CA ASN E 316 12.81 27.99 -43.32
C ASN E 316 11.55 27.66 -42.55
N PRO E 317 10.44 28.31 -42.87
CA PRO E 317 9.20 28.12 -42.11
C PRO E 317 8.82 26.64 -42.09
N GLY E 318 8.72 26.08 -40.88
CA GLY E 318 8.19 24.75 -40.68
C GLY E 318 8.72 23.63 -41.54
N PHE E 319 10.03 23.45 -41.58
CA PHE E 319 10.62 22.35 -42.32
C PHE E 319 11.40 21.37 -41.44
N HIS E 320 12.01 21.85 -40.35
CA HIS E 320 12.68 20.98 -39.39
C HIS E 320 12.24 21.61 -38.05
N LEU E 321 11.21 21.03 -37.44
CA LEU E 321 10.70 21.59 -36.20
C LEU E 321 11.50 20.94 -35.07
N PHE E 322 11.64 19.62 -35.11
CA PHE E 322 12.46 18.95 -34.11
C PHE E 322 13.88 19.48 -34.11
N GLU E 323 14.40 19.83 -35.29
CA GLU E 323 15.74 20.39 -35.35
C GLU E 323 15.77 21.79 -34.73
N LYS E 324 14.73 22.59 -34.97
CA LYS E 324 14.66 23.91 -34.35
C LYS E 324 14.53 23.82 -32.83
N ARG E 325 14.00 22.71 -32.32
CA ARG E 325 13.91 22.52 -30.87
C ARG E 325 15.24 22.10 -30.25
N VAL E 326 16.18 21.59 -31.05
CA VAL E 326 17.40 21.01 -30.51
C VAL E 326 18.66 21.76 -30.98
N SER E 327 18.61 22.50 -32.08
CA SER E 327 19.80 23.13 -32.63
C SER E 327 20.43 24.11 -31.64
N GLY E 328 21.64 24.54 -31.96
CA GLY E 328 22.40 25.39 -31.06
C GLY E 328 22.03 26.85 -31.14
N MET E 329 21.97 27.40 -32.36
CA MET E 329 21.70 28.81 -32.53
C MET E 329 20.22 29.17 -32.37
N PHE E 330 19.39 28.23 -31.92
CA PHE E 330 17.98 28.53 -31.69
C PHE E 330 17.64 28.62 -30.22
N LEU E 331 18.42 27.99 -29.35
CA LEU E 331 18.23 28.19 -27.92
C LEU E 331 18.46 29.64 -27.55
N GLY E 332 19.44 30.28 -28.17
CA GLY E 332 19.65 31.70 -27.95
C GLY E 332 18.46 32.54 -28.37
N GLU E 333 17.84 32.19 -29.50
CA GLU E 333 16.68 32.95 -29.94
C GLU E 333 15.49 32.73 -29.02
N VAL E 334 15.32 31.51 -28.51
CA VAL E 334 14.27 31.24 -27.53
C VAL E 334 14.48 32.11 -26.30
N LEU E 335 15.70 32.13 -25.77
CA LEU E 335 16.00 32.94 -24.60
C LEU E 335 15.74 34.42 -24.88
N ARG E 336 16.14 34.90 -26.07
CA ARG E 336 15.94 36.30 -26.41
C ARG E 336 14.47 36.65 -26.48
N ASN E 337 13.67 35.80 -27.14
CA ASN E 337 12.24 36.04 -27.20
C ASN E 337 11.62 36.05 -25.81
N ILE E 338 12.06 35.14 -24.94
CA ILE E 338 11.52 35.12 -23.57
C ILE E 338 11.87 36.41 -22.85
N LEU E 339 13.10 36.89 -23.00
CA LEU E 339 13.51 38.12 -22.33
C LEU E 339 12.71 39.31 -22.82
N VAL E 340 12.51 39.42 -24.13
CA VAL E 340 11.78 40.56 -24.67
C VAL E 340 10.31 40.47 -24.28
N ASP E 341 9.75 39.26 -24.22
CA ASP E 341 8.39 39.08 -23.72
C ASP E 341 8.28 39.56 -22.28
N LEU E 342 9.19 39.12 -21.42
CA LEU E 342 9.16 39.53 -20.02
C LEU E 342 9.33 41.04 -19.88
N HIS E 343 10.13 41.66 -20.75
CA HIS E 343 10.30 43.11 -20.68
C HIS E 343 9.03 43.83 -21.09
N SER E 344 8.45 43.47 -22.23
CA SER E 344 7.20 44.08 -22.64
C SER E 344 6.11 43.87 -21.61
N GLN E 345 6.17 42.75 -20.87
CA GLN E 345 5.25 42.54 -19.77
C GLN E 345 5.60 43.33 -18.52
N GLY E 346 6.62 44.17 -18.58
CA GLY E 346 6.97 45.02 -17.44
C GLY E 346 7.48 44.26 -16.24
N LEU E 347 8.24 43.19 -16.45
CA LEU E 347 8.81 42.41 -15.36
C LEU E 347 10.34 42.45 -15.33
N LEU E 348 10.99 42.32 -16.48
CA LEU E 348 12.43 42.24 -16.57
C LEU E 348 12.97 43.45 -17.30
N LEU E 349 13.97 44.10 -16.71
CA LEU E 349 14.63 45.27 -17.29
C LEU E 349 13.63 46.40 -17.54
N GLN E 350 12.97 46.82 -16.47
CA GLN E 350 11.89 47.79 -16.61
C GLN E 350 12.38 49.23 -16.70
N GLN E 351 13.70 49.48 -16.67
CA GLN E 351 14.19 50.83 -16.89
C GLN E 351 14.10 51.23 -18.35
N TYR E 352 14.29 50.28 -19.27
CA TYR E 352 13.99 50.51 -20.67
C TYR E 352 12.47 50.52 -20.69
N ARG E 353 11.87 51.71 -20.78
CA ARG E 353 10.43 51.83 -20.58
C ARG E 353 9.72 51.75 -21.93
N SER E 354 10.35 52.25 -22.99
CA SER E 354 9.79 52.11 -24.32
C SER E 354 10.30 50.76 -24.81
N LYS E 355 9.38 49.91 -25.27
CA LYS E 355 9.75 48.58 -25.76
C LYS E 355 10.75 48.66 -26.92
N GLU E 356 10.84 49.82 -27.57
CA GLU E 356 11.85 50.10 -28.59
C GLU E 356 13.14 50.72 -28.07
N GLN E 357 13.15 51.20 -26.82
CA GLN E 357 14.35 51.81 -26.25
C GLN E 357 15.28 50.69 -25.78
N LEU E 358 14.85 49.43 -25.85
CA LEU E 358 15.76 48.32 -25.63
C LEU E 358 16.93 48.41 -26.60
N PRO E 359 18.10 47.90 -26.22
CA PRO E 359 19.30 48.08 -27.05
C PRO E 359 19.17 47.41 -28.41
N ARG E 360 20.01 47.88 -29.34
CA ARG E 360 19.90 47.46 -30.73
C ARG E 360 20.05 45.95 -30.90
N HIS E 361 20.86 45.31 -30.05
CA HIS E 361 21.17 43.90 -30.24
C HIS E 361 20.07 42.98 -29.73
N LEU E 362 19.36 43.38 -28.67
CA LEU E 362 18.27 42.54 -28.19
C LEU E 362 17.03 42.66 -29.08
N THR E 363 16.87 43.79 -29.77
CA THR E 363 15.76 43.95 -30.69
C THR E 363 15.92 43.06 -31.91
N THR E 364 17.16 42.90 -32.41
CA THR E 364 17.44 42.13 -33.61
C THR E 364 17.59 40.65 -33.28
N PRO E 365 16.88 39.76 -33.96
CA PRO E 365 16.86 38.35 -33.56
C PRO E 365 18.16 37.64 -33.93
N PHE E 366 18.25 36.39 -33.49
CA PHE E 366 19.38 35.51 -33.77
C PHE E 366 20.71 36.16 -33.39
N GLN E 367 20.69 36.89 -32.26
CA GLN E 367 21.87 37.57 -31.75
C GLN E 367 22.48 36.90 -30.52
N LEU E 368 21.68 36.13 -29.78
CA LEU E 368 22.16 35.44 -28.58
C LEU E 368 22.86 34.16 -29.00
N SER E 369 24.20 34.20 -29.02
CA SER E 369 24.98 33.05 -29.44
C SER E 369 24.81 31.89 -28.48
N SER E 370 25.17 30.70 -28.96
CA SER E 370 25.13 29.52 -28.10
C SER E 370 26.18 29.58 -26.99
N GLU E 371 27.28 30.31 -27.23
CA GLU E 371 28.33 30.42 -26.21
C GLU E 371 27.86 31.21 -24.99
N VAL E 372 26.99 32.21 -25.20
CA VAL E 372 26.44 32.93 -24.07
C VAL E 372 25.62 31.99 -23.20
N LEU E 373 24.77 31.18 -23.82
CA LEU E 373 24.02 30.18 -23.08
C LEU E 373 24.95 29.22 -22.35
N SER E 374 26.04 28.81 -23.01
CA SER E 374 27.00 27.90 -22.38
C SER E 374 27.60 28.52 -21.13
N HIS E 375 28.02 29.77 -21.22
CA HIS E 375 28.64 30.43 -20.07
C HIS E 375 27.63 30.87 -19.02
N ILE E 376 26.35 30.89 -19.36
CA ILE E 376 25.34 31.24 -18.36
C ILE E 376 24.92 30.01 -17.57
N GLU E 377 24.67 28.90 -18.26
CA GLU E 377 24.03 27.76 -17.62
C GLU E 377 24.84 27.28 -16.42
N ILE E 378 26.10 26.88 -16.65
CA ILE E 378 26.98 26.59 -15.54
C ILE E 378 27.38 28.06 -15.49
N ASP E 379 26.99 28.74 -14.41
CA ASP E 379 27.61 30.03 -14.16
C ASP E 379 28.12 29.36 -12.90
N ASP E 380 29.40 29.57 -12.60
CA ASP E 380 30.09 28.90 -11.50
C ASP E 380 29.52 29.51 -10.21
N SER E 381 29.82 28.87 -9.08
CA SER E 381 29.52 29.50 -7.80
C SER E 381 30.32 30.79 -8.00
N THR E 382 29.64 31.94 -7.91
CA THR E 382 30.27 33.24 -8.11
C THR E 382 29.41 34.21 -7.32
N GLY E 383 30.05 35.28 -6.84
CA GLY E 383 29.32 36.35 -6.19
C GLY E 383 28.75 37.28 -7.24
N LEU E 384 27.46 37.60 -7.11
CA LEU E 384 26.70 38.45 -8.03
C LEU E 384 26.51 37.82 -9.40
N ARG E 385 26.85 36.53 -9.56
CA ARG E 385 26.66 35.83 -10.83
C ARG E 385 27.46 36.51 -11.95
N GLU E 386 28.67 36.96 -11.61
CA GLU E 386 29.38 37.89 -12.46
C GLU E 386 29.97 37.25 -13.71
N THR E 387 30.16 35.93 -13.73
CA THR E 387 30.48 35.27 -14.99
C THR E 387 29.34 35.48 -15.98
N GLU E 388 28.11 35.20 -15.54
CA GLU E 388 26.93 35.46 -16.35
C GLU E 388 26.82 36.95 -16.69
N LEU E 389 27.01 37.81 -15.69
CA LEU E 389 26.90 39.24 -15.93
C LEU E 389 27.86 39.70 -17.03
N SER E 390 29.11 39.25 -16.94
CA SER E 390 30.11 39.70 -17.90
C SER E 390 29.88 39.11 -19.28
N LEU E 391 29.49 37.84 -19.37
CA LEU E 391 29.29 37.26 -20.68
C LEU E 391 27.93 37.58 -21.28
N LEU E 392 27.04 38.21 -20.52
CA LEU E 392 25.83 38.80 -21.09
C LEU E 392 26.01 40.28 -21.39
N GLN E 393 26.95 40.96 -20.72
CA GLN E 393 27.30 42.33 -21.03
C GLN E 393 28.36 42.42 -22.13
N SER E 394 28.98 41.31 -22.49
CA SER E 394 29.69 41.25 -23.77
C SER E 394 28.72 41.36 -24.93
N LEU E 395 27.46 40.98 -24.72
CA LEU E 395 26.35 41.43 -25.54
C LEU E 395 25.82 42.74 -24.95
N ARG E 396 24.78 43.30 -25.55
CA ARG E 396 24.54 44.74 -25.36
C ARG E 396 23.96 45.12 -24.00
N LEU E 397 23.32 44.19 -23.27
CA LEU E 397 22.48 44.68 -22.17
C LEU E 397 23.00 44.36 -20.77
N PRO E 398 22.94 45.34 -19.85
CA PRO E 398 23.28 45.09 -18.44
C PRO E 398 22.17 44.52 -17.56
N THR E 399 22.52 43.88 -16.44
CA THR E 399 21.53 43.22 -15.60
C THR E 399 21.93 43.28 -14.13
N THR E 400 20.90 43.20 -13.26
CA THR E 400 20.97 43.08 -11.81
C THR E 400 21.01 41.64 -11.33
N PRO E 401 21.44 41.40 -10.08
CA PRO E 401 21.62 39.99 -9.64
C PRO E 401 20.40 39.10 -9.78
N THR E 402 19.24 39.52 -9.26
CA THR E 402 18.05 38.68 -9.32
C THR E 402 17.63 38.40 -10.76
N GLU E 403 17.75 39.42 -11.62
CA GLU E 403 17.48 39.21 -13.04
C GLU E 403 18.41 38.14 -13.62
N ARG E 404 19.67 38.14 -13.20
CA ARG E 404 20.61 37.12 -13.67
C ARG E 404 20.21 35.74 -13.16
N VAL E 405 19.73 35.66 -11.92
CA VAL E 405 19.26 34.37 -11.39
C VAL E 405 18.12 33.83 -12.24
N GLN E 406 17.15 34.68 -12.55
CA GLN E 406 16.01 34.21 -13.35
C GLN E 406 16.44 33.88 -14.77
N ILE E 407 17.39 34.63 -15.32
CA ILE E 407 17.90 34.33 -16.65
C ILE E 407 18.56 32.96 -16.66
N GLN E 408 19.31 32.64 -15.61
CA GLN E 408 19.94 31.33 -15.53
C GLN E 408 18.90 30.22 -15.40
N LYS E 409 17.84 30.46 -14.62
CA LYS E 409 16.76 29.48 -14.54
C LYS E 409 16.18 29.20 -15.92
N LEU E 410 15.93 30.25 -16.70
CA LEU E 410 15.40 30.09 -18.05
C LEU E 410 16.37 29.31 -18.92
N VAL E 411 17.65 29.67 -18.90
CA VAL E 411 18.67 28.98 -19.68
C VAL E 411 18.68 27.50 -19.36
N ARG E 412 18.63 27.16 -18.07
CA ARG E 412 18.69 25.77 -17.67
C ARG E 412 17.45 25.01 -18.12
N ALA E 413 16.28 25.64 -18.02
CA ALA E 413 15.06 24.96 -18.50
C ALA E 413 15.13 24.70 -20.00
N ILE E 414 15.61 25.68 -20.76
CA ILE E 414 15.74 25.52 -22.20
C ILE E 414 16.69 24.37 -22.53
N SER E 415 17.83 24.33 -21.84
CA SER E 415 18.81 23.27 -22.09
C SER E 415 18.24 21.90 -21.73
N ARG E 416 17.50 21.81 -20.62
CA ARG E 416 16.91 20.53 -20.24
C ARG E 416 15.92 20.06 -21.30
N ARG E 417 15.07 20.96 -21.79
CA ARG E 417 14.10 20.57 -22.81
C ARG E 417 14.81 20.08 -24.07
N SER E 418 15.81 20.84 -24.53
CA SER E 418 16.53 20.44 -25.74
C SER E 418 17.23 19.10 -25.56
N ALA E 419 17.82 18.87 -24.37
CA ALA E 419 18.54 17.62 -24.14
C ALA E 419 17.58 16.44 -24.07
N TYR E 420 16.41 16.62 -23.45
CA TYR E 420 15.47 15.51 -23.35
C TYR E 420 14.88 15.18 -24.72
N LEU E 421 14.49 16.20 -25.49
CA LEU E 421 14.05 15.94 -26.85
C LEU E 421 15.15 15.27 -27.67
N ALA E 422 16.40 15.64 -27.42
CA ALA E 422 17.52 15.02 -28.11
C ALA E 422 17.68 13.56 -27.73
N ALA E 423 17.39 13.21 -26.48
CA ALA E 423 17.45 11.82 -26.05
C ALA E 423 16.30 10.98 -26.60
N VAL E 424 15.17 11.62 -26.92
CA VAL E 424 14.03 10.86 -27.47
C VAL E 424 14.42 9.92 -28.60
N PRO E 425 15.11 10.37 -29.66
CA PRO E 425 15.38 9.43 -30.77
C PRO E 425 16.38 8.34 -30.43
N LEU E 426 17.41 8.65 -29.63
CA LEU E 426 18.35 7.62 -29.20
C LEU E 426 17.62 6.54 -28.40
N ALA E 427 16.81 6.97 -27.44
CA ALA E 427 16.00 6.04 -26.65
C ALA E 427 15.11 5.19 -27.56
N ALA E 428 14.47 5.83 -28.54
CA ALA E 428 13.49 5.12 -29.36
C ALA E 428 14.18 4.12 -30.29
N ILE E 429 15.36 4.46 -30.81
CA ILE E 429 16.09 3.51 -31.63
C ILE E 429 16.60 2.35 -30.80
N LEU E 430 17.05 2.64 -29.57
CA LEU E 430 17.56 1.57 -28.72
C LEU E 430 16.47 0.55 -28.38
N ILE E 431 15.24 1.01 -28.14
CA ILE E 431 14.20 0.10 -27.71
C ILE E 431 13.62 -0.69 -28.89
N LYS E 432 13.57 -0.10 -30.09
CA LYS E 432 13.09 -0.86 -31.24
C LYS E 432 14.13 -1.88 -31.69
N THR E 433 15.38 -1.46 -31.81
CA THR E 433 16.44 -2.37 -32.23
C THR E 433 16.68 -3.47 -31.21
N ASN E 434 16.22 -3.28 -29.97
CA ASN E 434 16.43 -4.26 -28.90
C ASN E 434 17.92 -4.56 -28.73
N ALA E 435 18.77 -3.57 -28.99
CA ALA E 435 20.21 -3.77 -28.97
C ALA E 435 20.76 -3.97 -27.57
N LEU E 436 19.95 -3.79 -26.53
CA LEU E 436 20.41 -3.93 -25.16
C LEU E 436 20.38 -5.37 -24.66
N ASN E 437 20.14 -6.35 -25.52
CA ASN E 437 19.97 -7.72 -25.09
C ASN E 437 20.98 -8.62 -25.82
N LYS E 438 22.16 -8.75 -25.21
CA LYS E 438 23.14 -9.78 -25.51
C LYS E 438 22.92 -10.93 -24.52
N ARG E 439 23.57 -12.07 -24.81
CA ARG E 439 23.51 -13.21 -23.90
C ARG E 439 23.79 -12.78 -22.46
N TYR E 440 24.97 -12.21 -22.23
CA TYR E 440 25.35 -11.77 -20.90
C TYR E 440 26.13 -10.47 -21.03
N HIS E 441 26.07 -9.66 -19.98
CA HIS E 441 26.78 -8.37 -19.93
C HIS E 441 26.45 -7.52 -21.16
N GLY E 442 25.19 -7.58 -21.59
CA GLY E 442 24.72 -6.79 -22.70
C GLY E 442 25.01 -5.33 -22.48
N GLU E 443 25.71 -4.71 -23.41
CA GLU E 443 26.13 -3.32 -23.27
C GLU E 443 26.16 -2.68 -24.64
N VAL E 444 25.88 -1.38 -24.67
CA VAL E 444 25.82 -0.64 -25.93
C VAL E 444 26.50 0.71 -25.74
N GLU E 445 27.09 1.21 -26.81
CA GLU E 445 27.66 2.54 -26.86
C GLU E 445 27.30 3.19 -28.19
N ILE E 446 27.05 4.49 -28.18
CA ILE E 446 26.67 5.23 -29.38
C ILE E 446 27.62 6.39 -29.57
N GLY E 447 27.86 6.74 -30.83
CA GLY E 447 28.77 7.82 -31.17
C GLY E 447 28.00 9.09 -31.51
N CYS E 448 28.63 10.33 -30.96
CA CYS E 448 28.02 11.63 -31.14
C CYS E 448 29.06 12.63 -31.65
N ASP E 449 28.63 13.47 -32.60
CA ASP E 449 29.44 14.58 -33.08
C ASP E 449 28.59 15.84 -33.11
N GLY E 450 29.27 16.98 -33.20
CA GLY E 450 28.62 18.27 -33.38
C GLY E 450 28.85 19.21 -32.21
N SER E 451 28.28 20.40 -32.36
CA SER E 451 28.56 21.48 -31.40
C SER E 451 27.91 21.22 -30.05
N VAL E 452 26.58 21.10 -30.03
CA VAL E 452 25.86 21.09 -28.75
C VAL E 452 26.30 19.91 -27.91
N VAL E 453 26.29 18.71 -28.48
CA VAL E 453 26.51 17.50 -27.69
C VAL E 453 27.92 17.47 -27.11
N GLU E 454 28.90 18.00 -27.83
CA GLU E 454 30.29 17.92 -27.38
C GLU E 454 30.67 19.04 -26.42
N TYR E 455 30.26 20.28 -26.70
CA TYR E 455 30.80 21.43 -25.96
C TYR E 455 29.79 22.16 -25.09
N TYR E 456 28.49 21.98 -25.30
CA TYR E 456 27.53 22.62 -24.41
C TYR E 456 27.65 22.01 -23.03
N PRO E 457 27.73 22.83 -21.97
CA PRO E 457 28.06 22.29 -20.64
C PRO E 457 26.97 21.36 -20.14
N GLY E 458 27.35 20.10 -19.94
CA GLY E 458 26.48 19.10 -19.34
C GLY E 458 25.37 18.60 -20.22
N PHE E 459 25.36 18.95 -21.50
CA PHE E 459 24.34 18.42 -22.40
C PHE E 459 24.38 16.89 -22.43
N ARG E 460 25.47 16.42 -22.16
CA ARG E 460 25.53 14.96 -22.12
C ARG E 460 24.98 14.42 -20.80
N SER E 461 25.21 15.14 -19.70
CA SER E 461 24.62 14.74 -18.43
C SER E 461 23.10 14.76 -18.50
N MET E 462 22.52 15.82 -19.08
CA MET E 462 21.07 15.89 -19.21
C MET E 462 20.55 14.89 -20.24
N LEU E 463 21.33 14.60 -21.28
CA LEU E 463 20.95 13.55 -22.21
C LEU E 463 20.86 12.20 -21.51
N ARG E 464 21.86 11.90 -20.69
CA ARG E 464 21.85 10.64 -19.94
C ARG E 464 20.71 10.61 -18.92
N HIS E 465 20.41 11.77 -18.32
CA HIS E 465 19.26 11.86 -17.42
C HIS E 465 17.97 11.53 -18.15
N ALA E 466 17.76 12.14 -19.32
CA ALA E 466 16.56 11.87 -20.09
C ALA E 466 16.49 10.41 -20.50
N LEU E 467 17.63 9.83 -20.89
CA LEU E 467 17.67 8.40 -21.18
C LEU E 467 17.24 7.59 -19.97
N ALA E 468 17.72 7.95 -18.79
CA ALA E 468 17.29 7.28 -17.57
C ALA E 468 15.82 7.51 -17.27
N LEU E 469 15.22 8.56 -17.84
CA LEU E 469 13.78 8.77 -17.71
C LEU E 469 13.00 8.34 -18.94
N SER E 470 13.69 7.94 -20.01
CA SER E 470 13.04 7.32 -21.15
C SER E 470 12.48 5.95 -20.72
N PRO E 471 11.63 5.33 -21.56
CA PRO E 471 10.98 4.07 -21.13
C PRO E 471 11.97 2.96 -20.81
N LEU E 472 13.23 3.07 -21.26
CA LEU E 472 14.27 2.12 -20.90
C LEU E 472 15.23 2.49 -19.79
N GLY E 473 14.83 3.40 -18.89
CA GLY E 473 15.81 4.09 -18.07
C GLY E 473 15.99 3.62 -16.65
N ALA E 474 15.51 2.42 -16.33
CA ALA E 474 15.49 1.91 -14.96
C ALA E 474 16.82 1.20 -14.79
N GLU E 475 17.11 0.23 -15.66
CA GLU E 475 18.35 -0.53 -15.61
C GLU E 475 19.03 -0.49 -16.97
N GLY E 476 18.47 0.24 -17.93
CA GLY E 476 18.95 0.16 -19.29
C GLY E 476 20.11 1.06 -19.65
N GLU E 477 20.63 1.86 -18.71
CA GLU E 477 21.64 2.85 -19.03
C GLU E 477 22.78 2.79 -18.02
N ARG E 478 23.99 3.09 -18.50
CA ARG E 478 25.17 3.30 -17.66
C ARG E 478 25.95 4.47 -18.25
N LYS E 479 27.15 4.72 -17.72
CA LYS E 479 28.08 5.64 -18.39
C LYS E 479 28.51 5.09 -19.76
N VAL E 480 28.59 3.77 -19.88
CA VAL E 480 29.08 3.11 -21.09
C VAL E 480 28.43 3.70 -22.36
N HIS E 481 27.19 4.18 -22.28
CA HIS E 481 26.43 4.51 -23.48
C HIS E 481 27.02 5.58 -24.39
N LEU E 482 27.22 6.79 -23.87
CA LEU E 482 27.53 7.94 -24.72
C LEU E 482 29.03 8.09 -24.94
N LYS E 483 29.40 8.35 -26.20
CA LYS E 483 30.79 8.60 -26.57
C LYS E 483 30.82 9.62 -27.71
N ILE E 484 32.03 10.06 -28.05
CA ILE E 484 32.25 11.08 -29.05
C ILE E 484 32.86 10.44 -30.30
N ALA E 485 32.48 10.97 -31.46
CA ALA E 485 33.01 10.53 -32.74
C ALA E 485 33.17 11.75 -33.64
N LYS E 486 34.40 12.04 -34.07
CA LYS E 486 34.69 13.25 -34.81
C LYS E 486 34.92 12.96 -36.28
N ASP E 487 34.58 13.96 -37.11
CA ASP E 487 34.88 13.98 -38.54
C ASP E 487 34.30 12.75 -39.26
N GLY E 488 32.98 12.79 -39.41
CA GLY E 488 32.34 11.84 -40.30
C GLY E 488 32.53 12.16 -41.77
N SER E 489 33.00 13.37 -42.07
CA SER E 489 33.20 13.76 -43.47
C SER E 489 34.37 13.00 -44.10
N GLY E 490 35.51 12.95 -43.43
CA GLY E 490 36.70 12.33 -44.00
C GLY E 490 37.08 10.91 -43.63
N VAL E 491 37.03 10.61 -42.32
CA VAL E 491 37.42 9.28 -41.86
C VAL E 491 36.17 8.44 -42.03
N GLY E 492 34.99 9.05 -41.88
CA GLY E 492 33.76 8.29 -42.04
C GLY E 492 33.58 7.75 -43.44
N ALA E 493 33.70 8.63 -44.44
CA ALA E 493 33.60 8.18 -45.83
C ALA E 493 34.74 7.25 -46.21
N ALA E 494 35.92 7.44 -45.60
CA ALA E 494 37.04 6.53 -45.87
C ALA E 494 36.72 5.12 -45.39
N LEU E 495 36.23 5.00 -44.15
CA LEU E 495 35.81 3.70 -43.65
C LEU E 495 34.64 3.15 -44.44
N CYS E 496 33.78 4.03 -44.95
CA CYS E 496 32.68 3.59 -45.81
C CYS E 496 33.22 2.92 -47.06
N ALA E 497 34.18 3.56 -47.72
CA ALA E 497 34.83 2.95 -48.88
C ALA E 497 35.55 1.67 -48.50
N LEU E 498 36.08 1.59 -47.28
CA LEU E 498 36.73 0.36 -46.84
C LEU E 498 35.73 -0.78 -46.72
N VAL E 499 34.53 -0.51 -46.20
CA VAL E 499 33.58 -1.55 -45.85
C VAL E 499 32.67 -1.94 -47.00
N ALA E 500 32.80 -1.29 -48.16
CA ALA E 500 31.95 -1.58 -49.30
C ALA E 500 32.23 -2.97 -49.86
N MET F 1 6.08 21.76 -44.74
CA MET F 1 4.69 22.10 -44.45
C MET F 1 4.05 22.89 -45.58
N SER F 2 2.86 22.46 -45.99
CA SER F 2 2.03 23.24 -46.89
C SER F 2 1.20 24.20 -46.07
N PHE F 3 0.25 24.90 -46.70
CA PHE F 3 -0.61 25.78 -45.92
C PHE F 3 -1.54 24.98 -45.03
N ASP F 4 -2.09 23.88 -45.54
CA ASP F 4 -2.95 23.02 -44.72
C ASP F 4 -2.16 22.40 -43.56
N ASP F 5 -0.93 21.96 -43.84
CA ASP F 5 -0.09 21.38 -42.79
C ASP F 5 0.25 22.41 -41.73
N LEU F 6 0.63 23.61 -42.16
CA LEU F 6 0.88 24.69 -41.22
C LEU F 6 -0.36 24.99 -40.40
N HIS F 7 -1.52 24.96 -41.04
CA HIS F 7 -2.78 25.22 -40.34
C HIS F 7 -3.00 24.21 -39.22
N LYS F 8 -2.91 22.92 -39.55
CA LYS F 8 -3.15 21.87 -38.55
C LYS F 8 -2.12 21.93 -37.44
N ALA F 9 -0.84 22.06 -37.79
CA ALA F 9 0.21 22.10 -36.78
C ALA F 9 0.09 23.33 -35.90
N THR F 10 -0.32 24.46 -36.47
CA THR F 10 -0.50 25.67 -35.68
C THR F 10 -1.68 25.52 -34.74
N GLU F 11 -2.75 24.85 -35.17
CA GLU F 11 -3.85 24.61 -34.25
C GLU F 11 -3.42 23.73 -33.08
N ARG F 12 -2.61 22.69 -33.37
CA ARG F 12 -2.14 21.84 -32.28
C ARG F 12 -1.20 22.60 -31.35
N ALA F 13 -0.40 23.52 -31.89
CA ALA F 13 0.47 24.33 -31.04
C ALA F 13 -0.34 25.31 -30.20
N VAL F 14 -1.45 25.84 -30.74
CA VAL F 14 -2.35 26.65 -29.94
C VAL F 14 -2.90 25.83 -28.79
N ILE F 15 -3.29 24.59 -29.07
CA ILE F 15 -3.74 23.69 -28.00
C ILE F 15 -2.69 23.63 -26.90
N GLN F 16 -1.44 23.36 -27.27
CA GLN F 16 -0.38 23.22 -26.26
C GLN F 16 -0.18 24.51 -25.46
N ALA F 17 -0.07 25.64 -26.15
CA ALA F 17 0.22 26.90 -25.46
C ALA F 17 -0.92 27.30 -24.53
N VAL F 18 -2.17 27.16 -25.00
CA VAL F 18 -3.32 27.50 -24.17
C VAL F 18 -3.41 26.55 -22.98
N ASP F 19 -3.06 25.28 -23.18
CA ASP F 19 -3.07 24.35 -22.05
C ASP F 19 -2.05 24.75 -21.00
N GLN F 20 -0.87 25.17 -21.41
CA GLN F 20 0.11 25.58 -20.41
C GLN F 20 -0.31 26.88 -19.73
N ILE F 21 -0.94 27.80 -20.46
CA ILE F 21 -1.44 29.02 -19.81
C ILE F 21 -2.52 28.67 -18.79
N CYS F 22 -3.35 27.68 -19.09
CA CYS F 22 -4.37 27.23 -18.15
C CYS F 22 -3.74 26.61 -16.91
N ASP F 23 -2.72 25.77 -17.08
CA ASP F 23 -1.99 25.24 -15.93
C ASP F 23 -1.34 26.36 -15.13
N ASP F 24 -0.90 27.42 -15.81
CA ASP F 24 -0.38 28.60 -15.11
C ASP F 24 -1.45 29.22 -14.23
N PHE F 25 -2.68 29.38 -14.77
CA PHE F 25 -3.74 30.01 -13.99
C PHE F 25 -4.30 29.10 -12.89
N GLU F 26 -4.04 27.80 -12.97
CA GLU F 26 -4.63 26.86 -12.02
C GLU F 26 -4.23 27.19 -10.59
N VAL F 27 -5.09 26.83 -9.65
CA VAL F 27 -4.84 26.98 -8.21
C VAL F 27 -4.91 25.59 -7.62
N THR F 28 -3.75 24.99 -7.34
CA THR F 28 -3.70 23.65 -6.80
C THR F 28 -4.25 23.62 -5.37
N PRO F 29 -4.78 22.49 -4.92
CA PRO F 29 -5.20 22.38 -3.51
C PRO F 29 -4.03 22.53 -2.55
N GLU F 30 -2.82 22.21 -2.98
CA GLU F 30 -1.65 22.56 -2.19
C GLU F 30 -1.50 24.08 -2.11
N LYS F 31 -1.71 24.77 -3.23
CA LYS F 31 -1.70 26.23 -3.21
C LYS F 31 -2.86 26.78 -2.40
N LEU F 32 -4.02 26.11 -2.43
CA LEU F 32 -5.14 26.52 -1.59
C LEU F 32 -4.77 26.42 -0.12
N ASP F 33 -4.18 25.29 0.28
CA ASP F 33 -3.74 25.12 1.66
C ASP F 33 -2.72 26.18 2.05
N GLU F 34 -1.76 26.44 1.16
CA GLU F 34 -0.74 27.46 1.44
C GLU F 34 -1.37 28.83 1.62
N LEU F 35 -2.27 29.21 0.71
CA LEU F 35 -2.86 30.55 0.75
C LEU F 35 -3.75 30.70 1.98
N THR F 36 -4.49 29.67 2.36
CA THR F 36 -5.34 29.80 3.54
C THR F 36 -4.51 29.81 4.82
N ALA F 37 -3.42 29.04 4.86
CA ALA F 37 -2.54 29.09 6.03
C ALA F 37 -1.91 30.46 6.18
N TYR F 38 -1.45 31.05 5.07
CA TYR F 38 -0.85 32.37 5.15
C TYR F 38 -1.90 33.44 5.42
N PHE F 39 -3.13 33.23 4.97
CA PHE F 39 -4.20 34.17 5.31
C PHE F 39 -4.48 34.14 6.80
N ILE F 40 -4.42 32.96 7.42
CA ILE F 40 -4.59 32.89 8.87
C ILE F 40 -3.40 33.53 9.58
N GLU F 41 -2.19 33.33 9.06
CA GLU F 41 -1.02 34.04 9.60
C GLU F 41 -1.23 35.55 9.56
N GLN F 42 -1.73 36.07 8.44
CA GLN F 42 -1.97 37.50 8.30
C GLN F 42 -3.08 37.97 9.23
N MET F 43 -4.14 37.19 9.37
CA MET F 43 -5.21 37.55 10.29
C MET F 43 -4.70 37.62 11.72
N GLU F 44 -3.80 36.72 12.09
CA GLU F 44 -3.23 36.76 13.43
C GLU F 44 -2.30 37.95 13.61
N LYS F 45 -1.53 38.29 12.57
CA LYS F 45 -0.59 39.40 12.67
C LYS F 45 -1.32 40.74 12.73
N GLY F 46 -2.35 40.92 11.91
CA GLY F 46 -3.05 42.20 11.84
C GLY F 46 -3.97 42.48 13.01
N LEU F 47 -4.40 41.44 13.73
CA LEU F 47 -5.26 41.63 14.89
C LEU F 47 -4.49 42.06 16.14
N ALA F 48 -3.14 42.11 16.08
CA ALA F 48 -2.27 42.44 17.19
C ALA F 48 -1.75 43.87 17.06
N PRO F 49 -1.44 44.52 18.18
CA PRO F 49 -0.90 45.88 18.14
C PRO F 49 0.46 45.92 17.49
N PRO F 50 0.90 47.09 17.00
CA PRO F 50 2.23 47.26 16.39
C PRO F 50 3.37 46.83 17.30
N SER F 58 7.80 44.39 7.04
CA SER F 58 6.56 44.48 6.27
C SER F 58 5.57 43.41 6.72
N ASP F 59 5.46 43.25 8.05
CA ASP F 59 4.68 42.17 8.64
C ASP F 59 3.40 42.66 9.31
N LYS F 60 2.82 43.75 8.82
CA LYS F 60 1.49 44.16 9.25
C LYS F 60 0.50 43.26 8.54
N GLY F 61 -0.01 42.24 9.25
CA GLY F 61 -0.77 41.16 8.66
C GLY F 61 -1.96 41.42 7.76
N LEU F 62 -2.89 42.24 8.23
CA LEU F 62 -4.08 42.58 7.46
C LEU F 62 -4.67 43.81 8.13
N PRO F 63 -5.54 44.54 7.44
CA PRO F 63 -6.26 45.62 8.12
C PRO F 63 -6.97 45.16 9.38
N MET F 64 -7.81 44.13 9.28
CA MET F 64 -8.50 43.56 10.45
C MET F 64 -9.18 44.65 11.26
N ILE F 65 -9.80 45.60 10.58
CA ILE F 65 -10.35 46.79 11.22
C ILE F 65 -11.57 46.42 12.04
N PRO F 66 -11.67 46.86 13.30
CA PRO F 66 -12.88 46.59 14.08
C PRO F 66 -14.03 47.44 13.58
N ALA F 67 -15.22 46.83 13.54
CA ALA F 67 -16.44 47.52 13.10
C ALA F 67 -17.30 48.00 14.25
N PHE F 68 -16.94 47.66 15.49
CA PHE F 68 -17.64 48.08 16.70
C PHE F 68 -19.09 47.63 16.74
N VAL F 69 -19.48 46.70 15.89
CA VAL F 69 -20.81 46.11 15.93
C VAL F 69 -20.71 44.83 16.76
N THR F 70 -21.36 44.83 17.92
CA THR F 70 -21.16 43.77 18.91
C THR F 70 -22.37 42.85 19.04
N GLY F 71 -23.37 42.99 18.20
CA GLY F 71 -24.55 42.16 18.29
C GLY F 71 -25.03 41.75 16.91
N SER F 72 -25.51 40.51 16.84
CA SER F 72 -26.02 39.94 15.60
C SER F 72 -27.53 40.03 15.57
N PRO F 73 -28.13 40.75 14.62
CA PRO F 73 -29.59 40.87 14.58
C PRO F 73 -30.25 39.51 14.37
N ASN F 74 -31.32 39.27 15.11
CA ASN F 74 -32.04 38.00 15.05
C ASN F 74 -33.06 38.07 13.91
N GLY F 75 -33.94 37.07 13.83
CA GLY F 75 -34.92 37.05 12.78
C GLY F 75 -36.16 37.86 13.07
N THR F 76 -36.36 38.28 14.31
CA THR F 76 -37.55 39.00 14.74
C THR F 76 -37.16 40.32 15.37
N GLU F 77 -37.56 41.43 14.74
CA GLU F 77 -37.32 42.76 15.29
C GLU F 77 -38.53 43.64 15.04
N ARG F 78 -38.65 44.70 15.85
CA ARG F 78 -39.83 45.55 15.87
C ARG F 78 -39.57 46.95 15.31
N GLY F 79 -38.39 47.20 14.73
CA GLY F 79 -37.96 48.56 14.46
C GLY F 79 -38.42 49.11 13.11
N VAL F 80 -38.42 50.44 13.05
CA VAL F 80 -38.64 51.20 11.82
C VAL F 80 -37.50 52.22 11.77
N LEU F 81 -36.47 51.93 10.99
CA LEU F 81 -35.21 52.67 11.10
C LEU F 81 -34.82 53.30 9.78
N LEU F 82 -34.10 54.41 9.87
CA LEU F 82 -33.59 55.12 8.71
C LEU F 82 -32.19 54.64 8.35
N ALA F 83 -31.71 55.07 7.19
CA ALA F 83 -30.37 54.71 6.75
C ALA F 83 -29.92 55.71 5.70
N ALA F 84 -28.66 56.15 5.84
CA ALA F 84 -28.04 57.08 4.90
C ALA F 84 -26.85 56.41 4.24
N ASP F 85 -26.68 56.64 2.94
CA ASP F 85 -25.56 56.07 2.20
C ASP F 85 -25.08 57.04 1.13
N LEU F 86 -23.77 57.12 0.96
CA LEU F 86 -23.14 58.09 0.07
C LEU F 86 -21.87 57.47 -0.50
N GLY F 87 -21.56 57.84 -1.75
CA GLY F 87 -20.34 57.36 -2.38
C GLY F 87 -20.24 57.63 -3.86
N GLY F 88 -19.75 56.65 -4.62
CA GLY F 88 -19.71 56.79 -6.07
C GLY F 88 -21.08 56.94 -6.68
N THR F 89 -22.05 56.18 -6.19
CA THR F 89 -23.44 56.49 -6.43
C THR F 89 -23.86 57.64 -5.52
N ASN F 90 -24.92 58.33 -5.90
CA ASN F 90 -25.29 59.56 -5.21
C ASN F 90 -25.99 59.21 -3.89
N PHE F 91 -26.48 60.24 -3.19
CA PHE F 91 -26.98 60.11 -1.82
C PHE F 91 -28.28 59.31 -1.78
N ARG F 92 -28.22 58.07 -1.30
CA ARG F 92 -29.39 57.23 -1.13
C ARG F 92 -29.79 57.01 0.32
N ILE F 93 -30.72 57.84 0.80
CA ILE F 93 -31.12 57.84 2.22
C ILE F 93 -32.62 57.90 2.41
N CYS F 94 -33.19 56.87 3.06
CA CYS F 94 -34.48 56.83 3.72
C CYS F 94 -34.85 55.70 4.66
N SER F 95 -36.00 55.78 5.32
CA SER F 95 -36.36 54.87 6.38
C SER F 95 -37.17 53.69 5.85
N VAL F 96 -37.05 52.55 6.55
CA VAL F 96 -37.76 51.33 6.20
C VAL F 96 -38.28 50.69 7.50
N ASN F 97 -39.40 50.01 7.40
CA ASN F 97 -40.02 49.34 8.53
C ASN F 97 -39.96 47.83 8.36
N LEU F 98 -39.86 47.13 9.49
CA LEU F 98 -39.74 45.68 9.50
C LEU F 98 -40.65 45.12 10.57
N HIS F 99 -40.89 43.80 10.50
CA HIS F 99 -41.77 43.16 11.46
C HIS F 99 -41.11 41.88 11.96
N GLY F 100 -41.86 41.10 12.75
CA GLY F 100 -41.38 39.91 13.45
C GLY F 100 -40.93 38.77 12.56
N ASP F 101 -41.33 38.76 11.29
CA ASP F 101 -40.84 37.74 10.35
C ASP F 101 -39.59 38.24 9.63
N HIS F 102 -39.09 37.40 8.74
CA HIS F 102 -37.90 37.78 7.96
C HIS F 102 -38.40 38.59 6.77
N THR F 103 -38.84 39.82 7.03
CA THR F 103 -39.33 40.73 6.01
C THR F 103 -38.77 42.12 6.27
N PHE F 104 -39.06 43.05 5.37
CA PHE F 104 -38.58 44.42 5.48
C PHE F 104 -39.39 45.29 4.53
N SER F 105 -39.25 46.61 4.69
CA SER F 105 -39.92 47.57 3.83
C SER F 105 -38.94 48.23 2.88
N MET F 106 -39.50 48.83 1.84
CA MET F 106 -38.77 49.56 0.81
C MET F 106 -39.35 50.94 0.52
N GLU F 107 -38.86 51.96 1.23
CA GLU F 107 -39.42 53.30 1.07
C GLU F 107 -38.44 54.41 0.78
N GLN F 108 -37.27 54.11 0.22
CA GLN F 108 -36.26 55.13 0.05
C GLN F 108 -36.31 55.73 -1.35
N MET F 109 -35.85 56.98 -1.45
CA MET F 109 -35.81 57.70 -2.70
C MET F 109 -34.37 58.13 -3.01
N LYS F 110 -33.98 58.00 -4.26
CA LYS F 110 -32.64 58.35 -4.69
C LYS F 110 -32.56 59.82 -5.06
N SER F 111 -31.48 60.48 -4.63
CA SER F 111 -31.24 61.88 -4.91
C SER F 111 -29.90 62.02 -5.62
N LYS F 112 -29.92 62.64 -6.80
CA LYS F 112 -28.72 62.78 -7.61
C LYS F 112 -27.69 63.67 -6.91
N ILE F 113 -26.51 63.79 -7.51
CA ILE F 113 -25.44 64.62 -6.98
C ILE F 113 -25.46 65.95 -7.74
N PRO F 114 -25.22 67.08 -7.08
CA PRO F 114 -25.08 68.35 -7.82
C PRO F 114 -23.92 68.28 -8.79
N ASP F 115 -24.21 68.57 -10.06
CA ASP F 115 -23.24 68.37 -11.14
C ASP F 115 -21.94 69.11 -10.86
N ASP F 116 -20.84 68.37 -10.90
CA ASP F 116 -19.51 68.87 -10.56
C ASP F 116 -19.50 69.52 -9.18
N LEU F 117 -19.90 68.72 -8.18
CA LEU F 117 -19.75 69.13 -6.80
C LEU F 117 -18.31 68.94 -6.33
N LEU F 118 -17.66 67.87 -6.80
CA LEU F 118 -16.25 67.61 -6.52
C LEU F 118 -15.43 68.44 -7.48
N ASP F 119 -15.12 69.66 -7.06
CA ASP F 119 -14.36 70.60 -7.87
C ASP F 119 -12.92 70.65 -7.37
N ASP F 120 -12.08 71.39 -8.10
CA ASP F 120 -10.81 71.81 -7.55
C ASP F 120 -10.95 73.06 -6.69
N GLU F 121 -12.01 73.84 -6.90
CA GLU F 121 -12.35 74.92 -5.98
C GLU F 121 -12.51 74.36 -4.57
N ASN F 122 -11.99 75.11 -3.59
CA ASN F 122 -11.84 74.64 -2.22
C ASN F 122 -13.00 75.00 -1.29
N VAL F 123 -14.03 74.16 -1.31
CA VAL F 123 -15.24 74.36 -0.52
C VAL F 123 -15.84 73.46 0.56
N THR F 124 -15.04 72.56 1.11
CA THR F 124 -15.60 71.44 1.86
C THR F 124 -16.48 71.24 3.10
N SER F 125 -16.46 72.17 4.06
CA SER F 125 -17.07 71.89 5.35
C SER F 125 -18.56 72.17 5.53
N ASP F 126 -19.06 73.27 4.96
CA ASP F 126 -20.44 73.70 5.16
C ASP F 126 -21.40 73.24 4.08
N ASP F 127 -20.90 72.75 2.95
CA ASP F 127 -21.80 72.41 1.85
C ASP F 127 -22.41 71.03 1.67
N LEU F 128 -21.72 69.94 1.99
CA LEU F 128 -22.45 68.68 2.13
C LEU F 128 -22.93 68.90 3.63
N PHE F 129 -22.48 70.04 4.14
CA PHE F 129 -22.88 70.25 5.55
C PHE F 129 -24.40 70.59 5.35
N GLY F 130 -24.62 71.26 4.22
CA GLY F 130 -25.95 71.75 3.88
C GLY F 130 -26.73 70.96 2.84
N PHE F 131 -26.03 70.23 1.96
CA PHE F 131 -26.70 69.54 0.86
C PHE F 131 -27.25 68.24 1.43
N LEU F 132 -26.43 67.51 2.20
CA LEU F 132 -26.91 66.29 2.86
C LEU F 132 -28.13 66.59 3.72
N ALA F 133 -28.08 67.67 4.50
CA ALA F 133 -29.20 68.00 5.37
C ALA F 133 -30.45 68.37 4.57
N ARG F 134 -30.28 69.14 3.50
CA ARG F 134 -31.42 69.52 2.68
C ARG F 134 -32.10 68.29 2.10
N ARG F 135 -31.32 67.39 1.50
CA ARG F 135 -31.92 66.20 0.90
C ARG F 135 -32.53 65.29 1.96
N THR F 136 -31.88 65.15 3.12
CA THR F 136 -32.39 64.27 4.16
C THR F 136 -33.68 64.82 4.76
N LEU F 137 -33.73 66.12 5.05
CA LEU F 137 -34.95 66.72 5.56
C LEU F 137 -36.06 66.71 4.53
N ALA F 138 -35.71 66.86 3.24
CA ALA F 138 -36.71 66.81 2.18
C ALA F 138 -37.35 65.43 2.10
N PHE F 139 -36.53 64.39 1.96
CA PHE F 139 -37.06 63.03 1.88
C PHE F 139 -37.37 62.44 3.25
N MET F 140 -37.30 63.25 4.31
CA MET F 140 -37.63 62.83 5.66
C MET F 140 -38.99 63.35 6.11
N LYS F 141 -39.28 64.63 5.84
CA LYS F 141 -40.62 65.14 6.07
C LYS F 141 -41.60 64.61 5.04
N LYS F 142 -41.12 64.30 3.84
CA LYS F 142 -41.95 63.84 2.74
C LYS F 142 -41.80 62.34 2.55
N TYR F 143 -42.93 61.68 2.30
CA TYR F 143 -43.01 60.24 2.06
C TYR F 143 -42.48 59.41 3.24
N HIS F 144 -42.35 60.02 4.40
CA HIS F 144 -42.29 59.23 5.62
C HIS F 144 -43.69 58.74 5.97
N PRO F 145 -43.80 57.63 6.73
CA PRO F 145 -45.06 56.86 6.76
C PRO F 145 -46.04 57.54 7.76
N ASP F 146 -46.52 58.70 7.33
CA ASP F 146 -47.51 59.44 8.09
C ASP F 146 -46.99 60.04 9.42
N GLU F 147 -45.69 60.19 9.55
CA GLU F 147 -45.06 60.61 10.80
C GLU F 147 -44.13 61.79 10.54
N LEU F 148 -44.63 63.00 10.80
CA LEU F 148 -43.82 64.21 10.80
C LEU F 148 -43.90 64.93 12.12
N ALA F 149 -42.74 65.22 12.71
CA ALA F 149 -42.64 65.91 13.99
C ALA F 149 -41.84 67.19 13.81
N LYS F 150 -42.29 68.26 14.47
CA LYS F 150 -41.68 69.56 14.32
C LYS F 150 -40.56 69.81 15.33
N GLY F 151 -40.72 69.36 16.56
CA GLY F 151 -39.74 69.64 17.59
C GLY F 151 -39.13 68.40 18.23
N LYS F 152 -38.65 68.57 19.47
CA LYS F 152 -38.03 67.51 20.26
C LYS F 152 -39.02 66.44 20.70
N ASP F 153 -40.28 66.55 20.31
CA ASP F 153 -41.34 65.71 20.86
C ASP F 153 -41.12 64.23 20.56
N ALA F 154 -40.99 63.88 19.28
CA ALA F 154 -40.97 62.47 18.88
C ALA F 154 -39.73 61.77 19.43
N LYS F 155 -39.88 60.46 19.68
CA LYS F 155 -38.77 59.67 20.17
C LYS F 155 -37.69 59.55 19.10
N PRO F 156 -36.42 59.49 19.51
CA PRO F 156 -35.32 59.43 18.53
C PRO F 156 -35.37 58.15 17.70
N MET F 157 -35.53 58.32 16.39
CA MET F 157 -35.48 57.21 15.44
C MET F 157 -34.08 57.10 14.88
N LYS F 158 -33.48 55.93 15.02
CA LYS F 158 -32.07 55.74 14.67
C LYS F 158 -31.89 55.57 13.16
N LEU F 159 -30.83 56.16 12.64
CA LEU F 159 -30.45 56.03 11.24
C LEU F 159 -29.05 55.48 11.13
N GLY F 160 -28.77 54.86 9.98
CA GLY F 160 -27.46 54.33 9.69
C GLY F 160 -26.73 55.22 8.69
N PHE F 161 -25.44 55.43 8.93
CA PHE F 161 -24.59 56.25 8.08
C PHE F 161 -23.50 55.38 7.49
N THR F 162 -23.45 55.30 6.17
CA THR F 162 -22.42 54.54 5.44
C THR F 162 -21.59 55.54 4.65
N PHE F 163 -20.51 56.02 5.26
CA PHE F 163 -19.56 56.88 4.59
C PHE F 163 -18.56 55.99 3.86
N SER F 164 -18.63 55.97 2.53
CA SER F 164 -17.93 54.99 1.71
C SER F 164 -16.44 55.30 1.52
N TYR F 165 -15.91 56.30 2.22
CA TYR F 165 -14.49 56.55 2.09
C TYR F 165 -13.74 56.02 3.32
N PRO F 166 -12.46 55.67 3.18
CA PRO F 166 -11.74 55.07 4.31
C PRO F 166 -11.72 56.00 5.52
N VAL F 167 -11.95 55.41 6.69
CA VAL F 167 -12.19 56.15 7.93
C VAL F 167 -11.35 55.55 9.04
N ASP F 168 -10.72 56.42 9.84
CA ASP F 168 -10.02 56.00 11.06
C ASP F 168 -11.01 56.08 12.22
N GLN F 169 -11.80 55.03 12.36
CA GLN F 169 -12.80 54.96 13.42
C GLN F 169 -12.12 54.82 14.77
N THR F 170 -12.48 55.70 15.70
CA THR F 170 -12.07 55.55 17.10
C THR F 170 -13.09 54.82 17.93
N SER F 171 -14.35 54.84 17.52
CA SER F 171 -15.47 54.15 18.17
C SER F 171 -16.63 54.18 17.19
N LEU F 172 -17.79 53.69 17.60
CA LEU F 172 -18.98 53.89 16.78
C LEU F 172 -19.38 55.36 16.78
N ASN F 173 -20.21 55.73 15.81
CA ASN F 173 -20.65 57.09 15.55
C ASN F 173 -19.50 58.11 15.66
N SER F 174 -18.34 57.75 15.11
CA SER F 174 -17.21 58.67 15.04
C SER F 174 -16.33 58.25 13.87
N GLY F 175 -16.18 59.15 12.89
CA GLY F 175 -15.38 58.85 11.71
C GLY F 175 -14.35 59.91 11.38
N THR F 176 -13.08 59.54 11.38
CA THR F 176 -11.99 60.50 11.32
C THR F 176 -11.04 60.20 10.17
N LEU F 177 -10.26 61.22 9.79
CA LEU F 177 -9.07 61.10 8.96
C LEU F 177 -9.24 60.49 7.56
N ILE F 178 -10.20 61.04 6.83
CA ILE F 178 -10.52 60.53 5.50
C ILE F 178 -9.41 60.71 4.48
N ARG F 179 -9.23 59.73 3.61
CA ARG F 179 -8.25 59.76 2.53
C ARG F 179 -8.96 59.49 1.22
N TRP F 180 -8.93 60.47 0.31
CA TRP F 180 -9.68 60.39 -0.94
C TRP F 180 -8.76 59.93 -2.06
N THR F 181 -9.15 58.85 -2.74
CA THR F 181 -8.35 58.34 -3.86
C THR F 181 -8.64 59.11 -5.13
N LYS F 182 -9.91 59.25 -5.51
CA LYS F 182 -10.30 60.06 -6.64
C LYS F 182 -11.30 61.16 -6.29
N GLY F 183 -11.79 61.20 -5.06
CA GLY F 183 -12.46 62.41 -4.59
C GLY F 183 -11.50 63.58 -4.60
N PHE F 184 -11.99 64.75 -4.98
CA PHE F 184 -11.08 65.76 -5.49
C PHE F 184 -10.56 66.73 -4.43
N ARG F 185 -11.39 67.23 -3.52
CA ARG F 185 -10.90 68.15 -2.50
C ARG F 185 -11.46 67.81 -1.13
N ILE F 186 -10.59 67.91 -0.12
CA ILE F 186 -10.99 67.76 1.26
C ILE F 186 -10.96 69.09 2.01
N ALA F 187 -10.02 69.98 1.69
CA ALA F 187 -9.87 71.30 2.30
C ALA F 187 -10.00 71.35 3.82
N ASP F 188 -9.15 70.57 4.49
CA ASP F 188 -8.98 70.61 5.94
C ASP F 188 -10.22 70.09 6.67
N THR F 189 -11.02 69.24 6.02
CA THR F 189 -12.05 68.49 6.72
C THR F 189 -11.55 67.10 7.13
N VAL F 190 -10.23 66.95 7.31
CA VAL F 190 -9.63 65.78 7.94
C VAL F 190 -9.45 66.13 9.43
N GLY F 191 -9.42 65.11 10.28
CA GLY F 191 -9.54 65.36 11.71
C GLY F 191 -11.00 65.64 11.99
N LYS F 192 -11.85 64.76 11.46
CA LYS F 192 -13.27 65.03 11.27
C LYS F 192 -14.10 64.04 12.07
N ASP F 193 -15.40 64.29 12.07
CA ASP F 193 -16.41 63.31 12.50
C ASP F 193 -17.42 63.72 11.43
N VAL F 194 -17.83 62.74 10.62
CA VAL F 194 -18.77 63.02 9.54
C VAL F 194 -20.09 62.69 10.23
N VAL F 195 -20.07 61.76 11.18
CA VAL F 195 -21.26 61.49 11.99
C VAL F 195 -21.72 62.75 12.69
N GLN F 196 -20.84 63.37 13.47
CA GLN F 196 -21.23 64.54 14.25
C GLN F 196 -21.56 65.73 13.36
N LEU F 197 -20.77 65.95 12.29
CA LEU F 197 -21.05 67.05 11.39
C LEU F 197 -22.43 66.90 10.75
N TYR F 198 -22.68 65.74 10.14
CA TYR F 198 -23.97 65.47 9.50
C TYR F 198 -25.11 65.56 10.52
N GLN F 199 -24.89 65.12 11.76
CA GLN F 199 -25.94 65.16 12.76
C GLN F 199 -26.26 66.59 13.18
N GLU F 200 -25.22 67.36 13.55
CA GLU F 200 -25.43 68.75 13.93
C GLU F 200 -26.07 69.54 12.81
N GLN F 201 -25.78 69.20 11.55
CA GLN F 201 -26.37 69.99 10.48
C GLN F 201 -27.81 69.57 10.16
N LEU F 202 -28.10 68.27 10.11
CA LEU F 202 -29.50 67.87 9.97
C LEU F 202 -30.33 68.40 11.13
N SER F 203 -29.70 68.61 12.29
CA SER F 203 -30.36 69.25 13.42
C SER F 203 -30.23 70.77 13.39
N ALA F 204 -29.51 71.33 12.41
CA ALA F 204 -29.40 72.77 12.25
C ALA F 204 -30.37 73.33 11.21
N GLN F 205 -30.78 72.52 10.24
CA GLN F 205 -31.85 72.87 9.30
C GLN F 205 -33.02 71.96 9.64
N GLY F 206 -33.89 72.42 10.54
CA GLY F 206 -34.84 71.55 11.19
C GLY F 206 -34.15 70.81 12.32
N MET F 207 -34.88 70.44 13.38
CA MET F 207 -34.31 69.80 14.56
C MET F 207 -34.98 68.45 14.77
N PRO F 208 -34.59 67.44 14.01
CA PRO F 208 -35.19 66.12 14.17
C PRO F 208 -34.54 65.33 15.28
N MET F 209 -35.32 64.40 15.85
CA MET F 209 -34.82 63.48 16.87
C MET F 209 -34.37 62.21 16.15
N ILE F 210 -33.11 62.19 15.72
CA ILE F 210 -32.49 61.01 15.16
C ILE F 210 -31.26 60.67 16.00
N LYS F 211 -30.80 59.44 15.87
CA LYS F 211 -29.65 58.96 16.62
C LYS F 211 -28.68 58.29 15.66
N VAL F 212 -27.49 58.88 15.52
CA VAL F 212 -26.42 58.31 14.72
C VAL F 212 -25.53 57.52 15.67
N VAL F 213 -25.60 56.19 15.60
CA VAL F 213 -24.73 55.30 16.36
C VAL F 213 -23.95 54.35 15.46
N ALA F 214 -24.14 54.41 14.15
CA ALA F 214 -23.53 53.46 13.22
C ALA F 214 -22.69 54.20 12.19
N LEU F 215 -21.50 53.67 11.94
CA LEU F 215 -20.68 54.08 10.80
C LEU F 215 -19.89 52.85 10.37
N THR F 216 -20.36 52.18 9.33
CA THR F 216 -19.75 50.94 8.87
C THR F 216 -19.70 50.93 7.35
N ASN F 217 -19.15 49.86 6.81
CA ASN F 217 -18.99 49.68 5.37
C ASN F 217 -20.16 48.85 4.82
N ASP F 218 -20.17 48.70 3.49
CA ASP F 218 -21.19 47.87 2.86
C ASP F 218 -21.09 46.41 3.29
N THR F 219 -19.91 45.98 3.76
CA THR F 219 -19.72 44.59 4.15
C THR F 219 -20.46 44.27 5.45
N VAL F 220 -20.22 45.08 6.47
CA VAL F 220 -21.01 44.97 7.71
C VAL F 220 -22.49 45.09 7.38
N GLY F 221 -22.82 45.93 6.39
CA GLY F 221 -24.20 46.07 5.98
C GLY F 221 -24.79 44.77 5.47
N THR F 222 -24.09 44.10 4.56
CA THR F 222 -24.60 42.84 4.03
C THR F 222 -24.66 41.76 5.11
N TYR F 223 -23.70 41.76 6.03
CA TYR F 223 -23.77 40.83 7.16
C TYR F 223 -25.07 41.03 7.94
N LEU F 224 -25.28 42.25 8.44
CA LEU F 224 -26.47 42.52 9.23
C LEU F 224 -27.75 42.26 8.44
N SER F 225 -27.73 42.57 7.14
CA SER F 225 -28.91 42.41 6.30
C SER F 225 -29.27 40.94 6.14
N HIS F 226 -28.30 40.11 5.78
CA HIS F 226 -28.56 38.68 5.71
C HIS F 226 -28.97 38.11 7.07
N CYS F 227 -28.41 38.65 8.16
CA CYS F 227 -28.80 38.19 9.48
C CYS F 227 -30.28 38.37 9.77
N TYR F 228 -31.02 39.08 8.91
CA TYR F 228 -32.45 39.26 9.11
C TYR F 228 -33.36 38.36 8.28
N THR F 229 -33.06 38.26 6.99
CA THR F 229 -33.83 37.41 6.08
C THR F 229 -33.01 36.19 5.67
N SER F 230 -33.17 35.08 6.40
CA SER F 230 -32.28 33.95 6.21
C SER F 230 -32.89 32.60 5.81
N ASP F 231 -34.11 32.57 5.28
CA ASP F 231 -34.71 31.35 4.74
C ASP F 231 -34.98 30.34 5.86
N ASN F 232 -35.40 30.84 7.02
CA ASN F 232 -35.77 30.02 8.17
C ASN F 232 -34.59 29.16 8.65
N THR F 233 -33.45 29.82 8.86
CA THR F 233 -32.27 29.14 9.39
C THR F 233 -31.81 29.68 10.74
N ASP F 234 -32.22 30.89 11.11
CA ASP F 234 -31.88 31.48 12.40
C ASP F 234 -33.13 31.86 13.20
N SER F 235 -34.32 31.49 12.70
CA SER F 235 -35.56 31.79 13.42
C SER F 235 -35.53 31.18 14.81
N MET F 236 -35.08 29.92 14.91
CA MET F 236 -34.88 29.21 16.17
C MET F 236 -34.06 27.97 15.80
N THR F 237 -33.97 27.02 16.72
CA THR F 237 -33.44 25.69 16.38
C THR F 237 -34.52 24.81 15.74
N SER F 238 -34.86 25.19 14.51
CA SER F 238 -35.90 24.52 13.73
C SER F 238 -35.34 24.21 12.35
N GLY F 239 -35.18 22.92 12.04
CA GLY F 239 -34.65 22.50 10.75
C GLY F 239 -33.21 22.89 10.54
N GLU F 240 -32.97 23.86 9.67
CA GLU F 240 -31.63 24.37 9.46
C GLU F 240 -31.16 25.11 10.72
N ILE F 241 -30.01 24.71 11.25
CA ILE F 241 -29.48 25.32 12.47
C ILE F 241 -28.25 26.19 12.22
N SER F 242 -28.07 26.62 10.98
CA SER F 242 -26.96 27.48 10.59
C SER F 242 -27.01 28.91 11.10
N GLU F 243 -25.92 29.37 11.69
CA GLU F 243 -25.90 30.77 12.07
C GLU F 243 -25.03 31.57 11.10
N PRO F 244 -25.47 32.76 10.70
CA PRO F 244 -24.68 33.55 9.76
C PRO F 244 -23.38 34.04 10.40
N VAL F 245 -22.27 33.81 9.71
CA VAL F 245 -20.94 34.04 10.27
C VAL F 245 -20.19 35.11 9.48
N ILE F 246 -20.14 34.99 8.16
CA ILE F 246 -19.33 35.84 7.31
C ILE F 246 -20.25 36.69 6.45
N GLY F 247 -19.98 37.99 6.41
CA GLY F 247 -20.64 38.88 5.47
C GLY F 247 -19.52 39.25 4.52
N CYS F 248 -19.72 39.04 3.23
CA CYS F 248 -18.67 39.20 2.24
C CYS F 248 -19.29 39.81 1.00
N ILE F 249 -18.44 40.43 0.19
CA ILE F 249 -18.83 41.02 -1.09
C ILE F 249 -17.73 40.76 -2.10
N PHE F 250 -18.06 40.04 -3.16
CA PHE F 250 -17.23 39.95 -4.34
C PHE F 250 -17.91 40.69 -5.49
N GLY F 251 -17.10 41.17 -6.43
CA GLY F 251 -17.60 42.04 -7.47
C GLY F 251 -16.46 42.81 -8.10
N THR F 252 -16.69 44.05 -8.49
CA THR F 252 -15.60 44.87 -8.98
C THR F 252 -14.56 45.12 -7.89
N GLY F 253 -14.99 45.18 -6.63
CA GLY F 253 -14.10 45.15 -5.50
C GLY F 253 -14.47 43.97 -4.61
N THR F 254 -13.56 43.54 -3.73
CA THR F 254 -13.85 42.44 -2.83
C THR F 254 -13.49 42.79 -1.40
N ASN F 255 -14.28 42.29 -0.45
CA ASN F 255 -14.06 42.52 0.97
C ASN F 255 -14.93 41.53 1.75
N GLY F 256 -14.70 41.47 3.06
CA GLY F 256 -15.49 40.61 3.91
C GLY F 256 -15.31 40.98 5.37
N CYS F 257 -16.27 40.53 6.17
CA CYS F 257 -16.24 40.75 7.61
C CYS F 257 -16.77 39.51 8.31
N TYR F 258 -16.40 39.36 9.58
CA TYR F 258 -16.82 38.20 10.35
C TYR F 258 -16.99 38.62 11.81
N MET F 259 -17.25 37.65 12.68
CA MET F 259 -17.38 37.91 14.12
C MET F 259 -16.26 37.19 14.86
N GLU F 260 -15.41 37.97 15.53
CA GLU F 260 -14.28 37.45 16.26
C GLU F 260 -14.50 37.57 17.76
N GLU F 261 -13.94 36.62 18.51
CA GLU F 261 -13.93 36.71 19.95
C GLU F 261 -13.23 37.99 20.38
N ILE F 262 -13.76 38.64 21.42
CA ILE F 262 -13.32 39.98 21.76
C ILE F 262 -11.93 39.97 22.38
N ASN F 263 -11.67 39.01 23.27
CA ASN F 263 -10.35 38.92 23.89
C ASN F 263 -9.26 38.50 22.91
N LYS F 264 -9.61 38.15 21.68
CA LYS F 264 -8.64 37.86 20.63
C LYS F 264 -8.20 39.09 19.87
N ILE F 265 -8.91 40.20 20.01
CA ILE F 265 -8.56 41.45 19.29
C ILE F 265 -7.63 41.98 20.36
N THR F 266 -6.32 41.92 20.06
CA THR F 266 -5.31 42.35 21.02
C THR F 266 -5.07 43.83 20.71
N LYS F 267 -5.40 44.27 19.49
CA LYS F 267 -5.22 45.67 19.14
C LYS F 267 -6.09 46.59 19.98
N LEU F 268 -7.24 46.10 20.44
CA LEU F 268 -8.15 46.91 21.22
C LEU F 268 -7.61 47.14 22.63
N PRO F 269 -7.93 48.27 23.25
CA PRO F 269 -7.43 48.55 24.60
C PRO F 269 -8.08 47.67 25.65
N GLN F 270 -7.37 47.49 26.76
CA GLN F 270 -7.86 46.61 27.82
C GLN F 270 -9.08 47.18 28.51
N GLU F 271 -9.14 48.50 28.69
CA GLU F 271 -10.30 49.10 29.35
C GLU F 271 -11.57 48.89 28.53
N LEU F 272 -11.49 49.13 27.22
CA LEU F 272 -12.65 48.91 26.35
C LEU F 272 -12.95 47.42 26.22
N ARG F 273 -11.90 46.60 26.08
CA ARG F 273 -12.10 45.15 25.98
C ARG F 273 -12.85 44.61 27.18
N ASP F 274 -12.50 45.07 28.39
CA ASP F 274 -13.14 44.53 29.57
C ASP F 274 -14.49 45.19 29.85
N LYS F 275 -14.64 46.48 29.55
CA LYS F 275 -15.96 47.10 29.68
C LYS F 275 -16.92 46.60 28.60
N LEU F 276 -16.43 45.87 27.61
CA LEU F 276 -17.28 45.12 26.71
C LEU F 276 -17.38 43.64 27.08
N ILE F 277 -16.42 43.13 27.84
CA ILE F 277 -16.48 41.76 28.35
C ILE F 277 -17.24 41.69 29.67
N LYS F 278 -17.04 42.66 30.56
CA LYS F 278 -17.87 42.74 31.76
C LYS F 278 -19.31 43.09 31.41
N GLU F 279 -19.51 43.82 30.32
CA GLU F 279 -20.82 43.83 29.67
C GLU F 279 -21.02 42.43 29.09
N GLY F 280 -22.27 42.13 28.71
CA GLY F 280 -22.63 40.79 28.32
C GLY F 280 -22.10 40.45 26.93
N LYS F 281 -21.49 41.43 26.26
CA LYS F 281 -21.06 41.25 24.88
C LYS F 281 -19.93 40.23 24.74
N THR F 282 -20.09 39.29 23.80
CA THR F 282 -19.17 38.18 23.64
C THR F 282 -18.27 38.31 22.42
N HIS F 283 -18.85 38.51 21.25
CA HIS F 283 -18.10 38.66 20.00
C HIS F 283 -18.23 40.08 19.48
N MET F 284 -17.34 40.43 18.57
CA MET F 284 -17.38 41.71 17.87
C MET F 284 -17.15 41.50 16.39
N ILE F 285 -17.87 42.25 15.56
CA ILE F 285 -17.67 42.18 14.12
C ILE F 285 -16.36 42.85 13.77
N ILE F 286 -15.50 42.12 13.06
CA ILE F 286 -14.25 42.64 12.54
C ILE F 286 -14.32 42.66 11.02
N ASN F 287 -13.98 43.80 10.43
CA ASN F 287 -13.81 43.95 8.99
C ASN F 287 -12.36 43.65 8.64
N VAL F 288 -12.15 42.96 7.51
CA VAL F 288 -10.84 42.44 7.18
C VAL F 288 -10.17 43.31 6.12
N GLU F 289 -10.97 43.82 5.19
CA GLU F 289 -10.46 44.56 4.03
C GLU F 289 -9.47 43.71 3.25
N TRP F 290 -9.82 42.43 3.04
CA TRP F 290 -8.88 41.47 2.47
C TRP F 290 -8.54 41.76 1.00
N GLY F 291 -9.19 42.74 0.38
CA GLY F 291 -8.77 43.16 -0.95
C GLY F 291 -7.30 43.53 -1.00
N SER F 292 -6.77 44.04 0.11
CA SER F 292 -5.34 44.20 0.29
C SER F 292 -4.86 43.05 1.18
N PHE F 293 -4.61 41.91 0.54
CA PHE F 293 -4.07 40.73 1.21
C PHE F 293 -2.75 40.35 0.54
N ASP F 294 -1.67 40.40 1.31
CA ASP F 294 -0.35 40.01 0.84
C ASP F 294 0.02 40.76 -0.43
N ASN F 295 -0.06 42.09 -0.37
CA ASN F 295 0.40 42.90 -1.49
C ASN F 295 1.90 42.83 -1.68
N GLU F 296 2.63 42.30 -0.70
CA GLU F 296 4.05 41.99 -0.85
C GLU F 296 4.27 40.75 -1.72
N LEU F 297 3.21 40.07 -2.13
CA LEU F 297 3.28 38.98 -3.11
C LEU F 297 4.14 37.83 -2.63
N LYS F 298 4.10 37.53 -1.33
CA LYS F 298 4.81 36.38 -0.82
C LYS F 298 4.20 35.11 -1.41
N HIS F 299 2.87 35.01 -1.41
CA HIS F 299 2.19 33.82 -1.90
C HIS F 299 1.07 34.03 -2.91
N LEU F 300 0.55 35.24 -3.06
CA LEU F 300 -0.57 35.47 -3.97
C LEU F 300 -0.17 35.14 -5.40
N PRO F 301 -0.87 34.23 -6.08
CA PRO F 301 -0.50 33.89 -7.47
C PRO F 301 -0.54 35.11 -8.36
N THR F 302 0.45 35.20 -9.26
CA THR F 302 0.60 36.38 -10.10
C THR F 302 1.12 35.96 -11.47
N THR F 303 0.38 36.32 -12.51
CA THR F 303 0.80 36.08 -13.88
C THR F 303 1.33 37.37 -14.51
N LYS F 304 2.11 37.21 -15.58
CA LYS F 304 2.65 38.38 -16.26
C LYS F 304 1.54 39.30 -16.77
N TYR F 305 0.43 38.69 -17.23
CA TYR F 305 -0.72 39.49 -17.63
C TYR F 305 -1.27 40.30 -16.45
N ASP F 306 -1.38 39.65 -15.28
CA ASP F 306 -1.78 40.35 -14.07
C ASP F 306 -0.90 41.57 -13.83
N VAL F 307 0.42 41.42 -14.03
CA VAL F 307 1.35 42.50 -13.72
C VAL F 307 1.19 43.64 -14.72
N VAL F 308 1.05 43.33 -16.00
CA VAL F 308 0.82 44.37 -17.00
C VAL F 308 -0.43 45.17 -16.65
N ILE F 309 -1.53 44.47 -16.39
CA ILE F 309 -2.77 45.17 -16.09
C ILE F 309 -2.65 45.97 -14.81
N ASP F 310 -1.93 45.43 -13.82
CA ASP F 310 -1.81 46.10 -12.53
C ASP F 310 -1.00 47.38 -12.63
N GLN F 311 0.09 47.35 -13.41
CA GLN F 311 0.98 48.50 -13.45
C GLN F 311 0.49 49.56 -14.44
N LYS F 312 0.08 49.15 -15.64
CA LYS F 312 -0.19 50.13 -16.68
C LYS F 312 -1.55 50.79 -16.56
N LEU F 313 -2.47 50.21 -15.80
CA LEU F 313 -3.87 50.65 -15.84
C LEU F 313 -4.35 51.25 -14.53
N SER F 314 -4.28 50.51 -13.42
CA SER F 314 -5.03 50.88 -12.23
C SER F 314 -4.42 52.11 -11.55
N THR F 315 -5.29 52.89 -10.89
CA THR F 315 -4.85 54.04 -10.13
C THR F 315 -4.02 53.65 -8.93
N ASN F 316 -4.26 52.46 -8.39
CA ASN F 316 -3.41 51.88 -7.36
C ASN F 316 -2.34 51.03 -8.05
N PRO F 317 -1.11 51.52 -8.17
CA PRO F 317 -0.12 50.82 -9.00
C PRO F 317 0.02 49.36 -8.62
N GLY F 318 0.32 49.06 -7.36
CA GLY F 318 0.40 47.69 -6.92
C GLY F 318 -0.23 47.43 -5.56
N PHE F 319 -1.18 48.26 -5.16
CA PHE F 319 -1.68 48.22 -3.79
C PHE F 319 -2.84 47.23 -3.60
N HIS F 320 -3.85 47.27 -4.46
CA HIS F 320 -5.01 46.38 -4.31
C HIS F 320 -4.80 45.14 -5.17
N LEU F 321 -4.03 44.20 -4.64
CA LEU F 321 -3.65 43.04 -5.45
C LEU F 321 -4.72 41.95 -5.42
N PHE F 322 -5.21 41.60 -4.24
CA PHE F 322 -6.22 40.53 -4.17
C PHE F 322 -7.51 40.95 -4.85
N GLU F 323 -7.89 42.22 -4.72
CA GLU F 323 -9.01 42.74 -5.49
C GLU F 323 -8.81 42.50 -6.97
N LYS F 324 -7.67 42.96 -7.51
CA LYS F 324 -7.40 42.80 -8.93
C LYS F 324 -7.29 41.33 -9.35
N ARG F 325 -7.06 40.42 -8.39
CA ARG F 325 -7.16 39.00 -8.70
C ARG F 325 -8.61 38.53 -8.77
N VAL F 326 -9.50 39.13 -7.97
CA VAL F 326 -10.89 38.69 -7.90
C VAL F 326 -11.85 39.73 -8.49
N SER F 327 -11.35 40.85 -9.00
CA SER F 327 -12.22 41.92 -9.48
C SER F 327 -13.10 41.45 -10.63
N GLY F 328 -14.25 42.10 -10.75
CA GLY F 328 -15.24 41.79 -11.77
C GLY F 328 -15.10 42.58 -13.05
N MET F 329 -14.14 43.49 -13.13
CA MET F 329 -13.86 44.20 -14.38
C MET F 329 -12.42 44.04 -14.82
N PHE F 330 -11.74 42.99 -14.34
CA PHE F 330 -10.39 42.68 -14.76
C PHE F 330 -10.27 41.36 -15.51
N LEU F 331 -11.28 40.50 -15.42
CA LEU F 331 -11.18 39.18 -16.03
C LEU F 331 -11.15 39.27 -17.56
N GLY F 332 -12.06 40.06 -18.13
CA GLY F 332 -12.03 40.30 -19.56
C GLY F 332 -10.73 40.95 -20.01
N GLU F 333 -10.14 41.79 -19.15
CA GLU F 333 -8.86 42.41 -19.49
C GLU F 333 -7.75 41.39 -19.54
N VAL F 334 -7.70 40.49 -18.56
CA VAL F 334 -6.74 39.38 -18.62
C VAL F 334 -6.94 38.58 -19.90
N LEU F 335 -8.20 38.33 -20.26
CA LEU F 335 -8.47 37.55 -21.47
C LEU F 335 -7.92 38.24 -22.71
N ARG F 336 -8.21 39.54 -22.86
CA ARG F 336 -7.76 40.24 -24.07
C ARG F 336 -6.25 40.38 -24.11
N ASN F 337 -5.60 40.53 -22.95
CA ASN F 337 -4.14 40.56 -22.94
C ASN F 337 -3.57 39.22 -23.39
N ILE F 338 -4.14 38.11 -22.90
CA ILE F 338 -3.69 36.79 -23.35
C ILE F 338 -3.93 36.63 -24.85
N LEU F 339 -5.05 37.15 -25.35
CA LEU F 339 -5.34 37.04 -26.77
C LEU F 339 -4.35 37.82 -27.61
N VAL F 340 -4.02 39.04 -27.20
CA VAL F 340 -3.02 39.83 -27.90
C VAL F 340 -1.68 39.11 -27.91
N ASP F 341 -1.29 38.52 -26.77
CA ASP F 341 -0.05 37.77 -26.71
C ASP F 341 -0.06 36.63 -27.72
N LEU F 342 -1.06 35.75 -27.63
CA LEU F 342 -1.12 34.58 -28.50
C LEU F 342 -1.21 34.98 -29.97
N HIS F 343 -1.83 36.12 -30.28
CA HIS F 343 -1.87 36.58 -31.65
C HIS F 343 -0.48 37.02 -32.12
N SER F 344 0.11 37.99 -31.43
CA SER F 344 1.44 38.47 -31.81
C SER F 344 2.49 37.38 -31.76
N GLN F 345 2.18 36.22 -31.16
CA GLN F 345 3.06 35.07 -31.22
C GLN F 345 2.66 34.10 -32.33
N GLY F 346 1.72 34.48 -33.19
CA GLY F 346 1.45 33.71 -34.40
C GLY F 346 0.69 32.42 -34.18
N LEU F 347 -0.22 32.38 -33.21
CA LEU F 347 -0.94 31.16 -32.89
C LEU F 347 -2.44 31.30 -33.14
N LEU F 348 -3.09 32.29 -32.54
CA LEU F 348 -4.56 32.26 -32.45
C LEU F 348 -5.42 32.86 -33.55
N LEU F 349 -5.03 34.02 -34.07
CA LEU F 349 -5.87 34.79 -34.99
C LEU F 349 -4.74 35.01 -35.99
N GLN F 350 -4.79 34.28 -37.11
CA GLN F 350 -3.79 34.43 -38.17
C GLN F 350 -4.54 35.02 -39.35
N GLN F 351 -5.65 35.72 -39.10
CA GLN F 351 -6.40 36.42 -40.12
C GLN F 351 -5.96 37.85 -40.30
N TYR F 352 -5.53 38.50 -39.21
CA TYR F 352 -5.04 39.87 -39.24
C TYR F 352 -3.52 39.82 -39.20
N ARG F 353 -2.89 40.24 -40.30
CA ARG F 353 -1.46 40.02 -40.48
C ARG F 353 -0.61 40.90 -39.56
N SER F 354 -1.16 41.97 -39.01
CA SER F 354 -0.40 42.85 -38.13
C SER F 354 -1.26 43.23 -36.94
N LYS F 355 -0.59 43.58 -35.84
CA LYS F 355 -1.31 43.91 -34.61
C LYS F 355 -2.16 45.17 -34.78
N GLU F 356 -1.76 46.07 -35.69
CA GLU F 356 -2.59 47.24 -35.98
C GLU F 356 -3.88 46.83 -36.68
N GLN F 357 -3.77 45.94 -37.67
CA GLN F 357 -4.95 45.49 -38.41
C GLN F 357 -5.95 44.75 -37.55
N LEU F 358 -5.59 44.44 -36.30
CA LEU F 358 -6.51 43.77 -35.40
C LEU F 358 -7.78 44.60 -35.20
N PRO F 359 -8.88 43.96 -34.77
CA PRO F 359 -10.10 44.72 -34.47
C PRO F 359 -9.87 45.87 -33.50
N ARG F 360 -10.77 46.85 -33.56
CA ARG F 360 -10.52 48.12 -32.90
C ARG F 360 -10.47 47.99 -31.39
N HIS F 361 -11.33 47.17 -30.81
CA HIS F 361 -11.38 47.08 -29.36
C HIS F 361 -10.35 46.10 -28.80
N LEU F 362 -9.94 45.11 -29.59
CA LEU F 362 -9.01 44.11 -29.07
C LEU F 362 -7.66 44.73 -28.72
N THR F 363 -7.34 45.90 -29.27
CA THR F 363 -6.09 46.59 -29.02
C THR F 363 -6.24 47.76 -28.04
N THR F 364 -7.47 48.07 -27.62
CA THR F 364 -7.74 49.13 -26.66
C THR F 364 -8.04 48.52 -25.29
N PRO F 365 -7.85 49.29 -24.19
CA PRO F 365 -7.81 48.66 -22.86
C PRO F 365 -8.91 47.91 -22.12
N PHE F 366 -10.10 48.50 -22.01
CA PHE F 366 -11.14 48.00 -21.11
C PHE F 366 -12.34 47.75 -22.01
N GLN F 367 -12.13 47.36 -23.25
CA GLN F 367 -13.24 47.19 -24.19
C GLN F 367 -13.65 45.74 -24.39
N LEU F 368 -13.03 44.80 -23.71
CA LEU F 368 -13.50 43.42 -23.68
C LEU F 368 -14.36 43.27 -22.43
N SER F 369 -15.66 43.45 -22.60
CA SER F 369 -16.60 43.42 -21.49
C SER F 369 -16.49 42.12 -20.72
N SER F 370 -16.38 42.24 -19.39
CA SER F 370 -16.26 41.05 -18.55
C SER F 370 -17.56 40.23 -18.51
N GLU F 371 -18.60 40.67 -19.20
CA GLU F 371 -19.83 39.89 -19.33
C GLU F 371 -19.86 39.04 -20.59
N VAL F 372 -19.03 39.38 -21.59
CA VAL F 372 -18.77 38.44 -22.67
C VAL F 372 -18.25 37.13 -22.08
N LEU F 373 -17.48 37.20 -20.99
CA LEU F 373 -17.10 35.99 -20.27
C LEU F 373 -18.31 35.28 -19.72
N SER F 374 -19.28 36.03 -19.17
CA SER F 374 -20.52 35.41 -18.72
C SER F 374 -21.21 34.69 -19.86
N HIS F 375 -21.05 35.17 -21.09
CA HIS F 375 -21.61 34.46 -22.24
C HIS F 375 -20.80 33.22 -22.57
N ILE F 376 -19.47 33.31 -22.51
CA ILE F 376 -18.62 32.22 -22.97
C ILE F 376 -18.51 31.12 -21.92
N GLU F 377 -18.40 31.51 -20.64
CA GLU F 377 -18.18 30.58 -19.54
C GLU F 377 -19.06 29.34 -19.58
N ILE F 378 -20.36 29.53 -19.81
CA ILE F 378 -21.27 28.42 -20.04
C ILE F 378 -21.53 28.74 -21.51
N ASP F 379 -21.12 27.85 -22.40
CA ASP F 379 -21.55 27.89 -23.79
C ASP F 379 -22.02 26.44 -23.64
N ASP F 380 -23.34 26.28 -23.54
CA ASP F 380 -23.97 25.07 -23.04
C ASP F 380 -24.13 24.19 -24.27
N SER F 381 -23.03 23.49 -24.61
CA SER F 381 -23.01 22.45 -25.63
C SER F 381 -23.59 22.93 -26.95
N THR F 382 -23.48 24.22 -27.25
CA THR F 382 -24.06 24.76 -28.46
C THR F 382 -23.25 24.26 -29.66
N GLY F 383 -23.94 23.97 -30.75
CA GLY F 383 -23.30 23.45 -31.94
C GLY F 383 -22.21 24.37 -32.46
N LEU F 384 -20.96 23.88 -32.45
CA LEU F 384 -19.80 24.60 -32.98
C LEU F 384 -19.49 25.87 -32.18
N ARG F 385 -19.90 25.89 -30.91
CA ARG F 385 -19.80 27.08 -30.05
C ARG F 385 -20.40 28.30 -30.75
N GLU F 386 -21.66 28.15 -31.14
CA GLU F 386 -22.33 29.14 -31.98
C GLU F 386 -22.70 30.39 -31.19
N THR F 387 -23.27 30.21 -30.00
CA THR F 387 -23.55 31.36 -29.14
C THR F 387 -22.25 32.09 -28.80
N GLU F 388 -21.17 31.34 -28.62
CA GLU F 388 -19.88 31.97 -28.36
C GLU F 388 -19.44 32.81 -29.56
N LEU F 389 -19.54 32.26 -30.77
CA LEU F 389 -19.20 33.02 -31.97
C LEU F 389 -20.03 34.29 -32.06
N SER F 390 -21.35 34.18 -31.90
CA SER F 390 -22.21 35.33 -32.10
C SER F 390 -22.03 36.39 -31.02
N LEU F 391 -21.85 35.97 -29.76
CA LEU F 391 -21.68 36.94 -28.69
C LEU F 391 -20.27 37.50 -28.66
N LEU F 392 -19.30 36.81 -29.25
CA LEU F 392 -18.00 37.41 -29.49
C LEU F 392 -18.00 38.29 -30.73
N GLN F 393 -19.04 38.19 -31.57
CA GLN F 393 -19.27 39.15 -32.63
C GLN F 393 -19.77 40.49 -32.12
N SER F 394 -20.23 40.56 -30.87
CA SER F 394 -20.49 41.86 -30.25
C SER F 394 -19.24 42.74 -30.35
N LEU F 395 -18.12 42.25 -29.81
CA LEU F 395 -16.82 42.71 -30.25
C LEU F 395 -16.81 42.44 -31.74
N ARG F 396 -15.95 43.15 -32.48
CA ARG F 396 -16.05 43.10 -33.93
C ARG F 396 -15.27 41.89 -34.43
N LEU F 397 -14.81 41.04 -33.51
CA LEU F 397 -13.86 39.98 -33.82
C LEU F 397 -14.42 38.60 -34.14
N PRO F 398 -14.33 38.12 -35.38
CA PRO F 398 -14.79 36.77 -35.71
C PRO F 398 -13.72 35.71 -35.51
N THR F 399 -14.20 34.49 -35.26
CA THR F 399 -13.32 33.38 -34.89
C THR F 399 -13.84 32.07 -35.48
N THR F 400 -12.92 31.08 -35.57
CA THR F 400 -13.20 29.72 -36.03
C THR F 400 -13.47 28.81 -34.84
N PRO F 401 -14.13 27.67 -35.04
CA PRO F 401 -14.53 26.83 -33.88
C PRO F 401 -13.37 26.39 -33.01
N THR F 402 -12.21 26.06 -33.59
CA THR F 402 -11.04 25.71 -32.78
C THR F 402 -10.66 26.85 -31.85
N GLU F 403 -10.48 28.05 -32.42
CA GLU F 403 -10.18 29.23 -31.63
C GLU F 403 -11.26 29.46 -30.56
N ARG F 404 -12.52 29.20 -30.89
CA ARG F 404 -13.59 29.44 -29.94
C ARG F 404 -13.51 28.49 -28.75
N VAL F 405 -13.21 27.22 -29.01
CA VAL F 405 -13.05 26.27 -27.91
C VAL F 405 -11.88 26.67 -27.03
N GLN F 406 -10.78 27.11 -27.64
CA GLN F 406 -9.63 27.49 -26.81
C GLN F 406 -9.91 28.76 -26.00
N ILE F 407 -10.66 29.69 -26.57
CA ILE F 407 -11.06 30.89 -25.84
C ILE F 407 -11.95 30.51 -24.66
N GLN F 408 -12.88 29.58 -24.87
CA GLN F 408 -13.70 29.09 -23.78
C GLN F 408 -12.84 28.47 -22.68
N LYS F 409 -11.82 27.70 -23.08
CA LYS F 409 -10.86 27.15 -22.11
C LYS F 409 -10.27 28.26 -21.25
N LEU F 410 -9.73 29.30 -21.90
CA LEU F 410 -9.08 30.38 -21.17
C LEU F 410 -10.05 31.09 -20.23
N VAL F 411 -11.28 31.33 -20.70
CA VAL F 411 -12.26 32.01 -19.87
C VAL F 411 -12.58 31.18 -18.63
N ARG F 412 -12.82 29.88 -18.82
CA ARG F 412 -13.13 29.01 -17.69
C ARG F 412 -11.97 28.94 -16.71
N ALA F 413 -10.73 28.97 -17.21
CA ALA F 413 -9.58 28.94 -16.32
C ALA F 413 -9.48 30.22 -15.49
N ILE F 414 -9.72 31.37 -16.11
CA ILE F 414 -9.69 32.62 -15.35
C ILE F 414 -10.80 32.63 -14.29
N SER F 415 -11.98 32.14 -14.67
CA SER F 415 -13.08 32.04 -13.70
C SER F 415 -12.68 31.18 -12.52
N ARG F 416 -12.11 30.01 -12.80
CA ARG F 416 -11.72 29.09 -11.72
C ARG F 416 -10.68 29.73 -10.81
N ARG F 417 -9.70 30.42 -11.39
CA ARG F 417 -8.68 31.08 -10.58
C ARG F 417 -9.30 32.11 -9.65
N SER F 418 -10.12 33.02 -10.22
CA SER F 418 -10.73 34.06 -9.39
C SER F 418 -11.59 33.45 -8.30
N ALA F 419 -12.35 32.39 -8.62
CA ALA F 419 -13.26 31.82 -7.63
C ALA F 419 -12.50 31.09 -6.53
N TYR F 420 -11.41 30.40 -6.87
CA TYR F 420 -10.66 29.70 -5.83
C TYR F 420 -9.95 30.69 -4.92
N LEU F 421 -9.37 31.75 -5.48
CA LEU F 421 -8.82 32.80 -4.64
C LEU F 421 -9.89 33.43 -3.76
N ALA F 422 -11.09 33.64 -4.31
CA ALA F 422 -12.20 34.17 -3.53
C ALA F 422 -12.59 33.24 -2.39
N ALA F 423 -12.44 31.93 -2.59
CA ALA F 423 -12.76 30.96 -1.55
C ALA F 423 -11.69 30.88 -0.48
N VAL F 424 -10.45 31.22 -0.79
CA VAL F 424 -9.36 31.20 0.19
C VAL F 424 -9.76 31.88 1.51
N PRO F 425 -10.17 33.16 1.52
CA PRO F 425 -10.40 33.81 2.82
C PRO F 425 -11.62 33.30 3.56
N LEU F 426 -12.63 32.80 2.86
CA LEU F 426 -13.78 32.21 3.54
C LEU F 426 -13.34 31.00 4.38
N ALA F 427 -12.57 30.10 3.78
CA ALA F 427 -12.05 28.96 4.53
C ALA F 427 -11.11 29.42 5.63
N ALA F 428 -10.30 30.45 5.36
CA ALA F 428 -9.37 30.93 6.38
C ALA F 428 -10.10 31.48 7.60
N ILE F 429 -11.23 32.15 7.38
CA ILE F 429 -12.03 32.66 8.50
C ILE F 429 -12.74 31.51 9.20
N LEU F 430 -13.28 30.56 8.43
CA LEU F 430 -14.00 29.44 9.03
C LEU F 430 -13.10 28.55 9.86
N ILE F 431 -11.80 28.52 9.57
CA ILE F 431 -10.90 27.64 10.31
C ILE F 431 -10.58 28.22 11.67
N LYS F 432 -10.25 29.52 11.73
CA LYS F 432 -9.84 30.13 12.99
C LYS F 432 -10.89 30.18 14.10
N THR F 433 -12.12 30.54 13.75
CA THR F 433 -13.24 30.43 14.66
C THR F 433 -13.99 29.22 14.12
N ASN F 434 -14.10 28.18 14.94
CA ASN F 434 -14.54 26.86 14.46
C ASN F 434 -15.92 26.93 13.82
N ALA F 435 -16.09 26.11 12.79
CA ALA F 435 -17.42 25.76 12.28
C ALA F 435 -18.03 24.60 13.05
N LEU F 436 -17.51 24.33 14.24
CA LEU F 436 -17.96 23.25 15.11
C LEU F 436 -18.31 23.79 16.49
N ASN F 437 -18.92 24.99 16.53
CA ASN F 437 -19.31 25.58 17.80
C ASN F 437 -20.52 24.85 18.38
N LYS F 438 -21.61 24.79 17.62
CA LYS F 438 -22.79 24.05 18.02
C LYS F 438 -22.51 22.63 17.56
N ARG F 439 -22.71 21.66 18.45
CA ARG F 439 -22.13 20.34 18.31
C ARG F 439 -22.73 19.46 17.21
N TYR F 440 -24.04 19.24 17.23
CA TYR F 440 -24.58 18.08 16.53
C TYR F 440 -24.90 18.39 15.08
N HIS F 441 -25.57 19.51 14.83
CA HIS F 441 -26.02 19.83 13.48
C HIS F 441 -25.53 21.22 13.10
N GLY F 442 -24.61 21.80 13.89
CA GLY F 442 -24.11 23.15 13.65
C GLY F 442 -23.62 23.39 12.24
N GLU F 443 -24.31 24.26 11.52
CA GLU F 443 -23.96 24.66 10.16
C GLU F 443 -23.69 26.16 10.13
N VAL F 444 -23.27 26.64 8.97
CA VAL F 444 -22.85 28.03 8.79
C VAL F 444 -23.23 28.47 7.39
N GLU F 445 -23.96 29.58 7.29
CA GLU F 445 -24.19 30.25 6.03
C GLU F 445 -23.53 31.62 6.06
N ILE F 446 -22.96 31.98 4.92
CA ILE F 446 -22.19 33.23 4.79
C ILE F 446 -22.92 34.13 3.83
N GLY F 447 -23.06 35.42 4.14
CA GLY F 447 -23.82 36.32 3.27
C GLY F 447 -23.00 36.94 2.18
N CYS F 448 -23.48 36.87 0.95
CA CYS F 448 -22.67 37.41 -0.15
C CYS F 448 -23.46 38.35 -1.04
N ASP F 449 -22.75 39.29 -1.63
CA ASP F 449 -23.36 40.27 -2.55
C ASP F 449 -22.30 40.76 -3.52
N GLY F 450 -22.74 41.31 -4.64
CA GLY F 450 -21.91 41.89 -5.68
C GLY F 450 -22.12 41.20 -7.01
N SER F 451 -21.38 41.68 -8.00
CA SER F 451 -21.60 41.26 -9.38
C SER F 451 -21.16 39.81 -9.61
N VAL F 452 -19.88 39.53 -9.40
CA VAL F 452 -19.32 38.25 -9.82
C VAL F 452 -20.03 37.10 -9.10
N VAL F 453 -20.13 37.18 -7.78
CA VAL F 453 -20.62 36.05 -7.00
C VAL F 453 -22.08 35.75 -7.32
N GLU F 454 -22.88 36.77 -7.61
CA GLU F 454 -24.31 36.56 -7.84
C GLU F 454 -24.63 36.15 -9.27
N TYR F 455 -24.01 36.79 -10.27
CA TYR F 455 -24.45 36.64 -11.65
C TYR F 455 -23.47 35.94 -12.57
N TYR F 456 -22.19 35.86 -12.21
CA TYR F 456 -21.27 35.13 -13.06
C TYR F 456 -21.64 33.66 -13.05
N PRO F 457 -21.73 33.01 -14.21
CA PRO F 457 -22.28 31.65 -14.27
C PRO F 457 -21.41 30.66 -13.50
N GLY F 458 -21.99 30.06 -12.47
CA GLY F 458 -21.36 29.01 -11.71
C GLY F 458 -20.23 29.43 -10.81
N PHE F 459 -20.01 30.73 -10.63
CA PHE F 459 -18.99 31.20 -9.71
C PHE F 459 -19.24 30.66 -8.30
N ARG F 460 -20.65 30.51 -7.92
CA ARG F 460 -20.87 29.87 -6.62
C ARG F 460 -20.56 28.38 -6.67
N SER F 461 -20.72 27.75 -7.84
CA SER F 461 -20.32 26.35 -7.97
C SER F 461 -18.82 26.19 -7.76
N MET F 462 -18.03 27.05 -8.40
CA MET F 462 -16.58 27.00 -8.21
C MET F 462 -16.18 27.42 -6.81
N LEU F 463 -16.95 28.33 -6.18
CA LEU F 463 -16.71 28.66 -4.78
C LEU F 463 -16.86 27.42 -3.89
N ARG F 464 -17.95 26.68 -4.08
CA ARG F 464 -18.17 25.47 -3.29
C ARG F 464 -17.09 24.44 -3.57
N HIS F 465 -16.71 24.28 -4.84
CA HIS F 465 -15.69 23.29 -5.17
C HIS F 465 -14.33 23.67 -4.61
N ALA F 466 -14.05 24.96 -4.48
CA ALA F 466 -12.80 25.40 -3.88
C ALA F 466 -12.83 25.29 -2.36
N LEU F 467 -13.99 25.50 -1.74
CA LEU F 467 -14.13 25.20 -0.33
C LEU F 467 -13.90 23.72 -0.06
N ALA F 468 -14.38 22.86 -0.97
CA ALA F 468 -14.17 21.43 -0.82
C ALA F 468 -12.71 21.04 -1.07
N LEU F 469 -12.05 21.70 -2.02
CA LEU F 469 -10.68 21.33 -2.34
C LEU F 469 -9.70 21.85 -1.30
N SER F 470 -10.00 22.98 -0.68
CA SER F 470 -9.18 23.57 0.36
C SER F 470 -9.18 22.68 1.60
N PRO F 471 -8.57 23.11 2.72
CA PRO F 471 -8.87 22.45 3.99
C PRO F 471 -10.34 22.59 4.33
N LEU F 472 -10.79 21.91 5.39
CA LEU F 472 -12.21 21.80 5.73
C LEU F 472 -13.07 21.39 4.53
N GLY F 473 -12.49 20.60 3.63
CA GLY F 473 -13.18 20.33 2.38
C GLY F 473 -13.73 18.97 2.02
N ALA F 474 -13.08 17.92 2.52
CA ALA F 474 -13.59 16.57 2.33
C ALA F 474 -14.50 16.40 3.54
N GLU F 475 -15.81 16.44 3.30
CA GLU F 475 -16.84 16.39 4.35
C GLU F 475 -16.71 17.57 5.29
N GLY F 476 -16.23 18.70 4.77
CA GLY F 476 -16.26 19.94 5.49
C GLY F 476 -17.28 20.88 4.87
N GLU F 477 -18.19 20.29 4.10
CA GLU F 477 -19.28 21.04 3.47
C GLU F 477 -20.54 20.98 4.33
N ARG F 478 -20.39 21.46 5.56
CA ARG F 478 -21.52 21.92 6.35
C ARG F 478 -21.86 23.37 6.05
N LYS F 479 -21.10 23.99 5.15
CA LYS F 479 -21.25 25.40 4.80
C LYS F 479 -22.50 25.37 3.96
N VAL F 480 -23.56 26.00 4.48
CA VAL F 480 -24.77 26.21 3.69
C VAL F 480 -24.36 27.54 3.07
N HIS F 481 -24.00 27.53 1.80
CA HIS F 481 -23.68 28.82 1.19
C HIS F 481 -24.98 29.46 0.75
N LEU F 482 -25.01 30.79 0.71
CA LEU F 482 -26.24 31.54 0.79
C LEU F 482 -26.57 32.34 -0.46
N LYS F 483 -27.85 32.44 -0.76
CA LYS F 483 -28.32 33.39 -1.75
C LYS F 483 -27.93 34.80 -1.33
N ILE F 484 -27.61 35.64 -2.32
CA ILE F 484 -26.92 36.89 -2.05
C ILE F 484 -27.67 37.73 -1.01
N ALA F 485 -26.91 38.36 -0.13
CA ALA F 485 -27.47 39.31 0.81
C ALA F 485 -27.82 40.60 0.11
N LYS F 486 -28.95 41.19 0.48
CA LYS F 486 -29.51 42.33 -0.22
C LYS F 486 -29.40 43.60 0.61
N ASP F 487 -29.36 44.73 -0.09
CA ASP F 487 -29.46 46.06 0.52
C ASP F 487 -28.44 46.25 1.64
N GLY F 488 -27.18 45.95 1.34
CA GLY F 488 -26.13 46.15 2.32
C GLY F 488 -26.00 47.60 2.74
N SER F 489 -26.16 48.52 1.79
CA SER F 489 -26.05 49.95 2.12
C SER F 489 -27.32 50.45 2.80
N GLY F 490 -28.48 49.96 2.36
CA GLY F 490 -29.75 50.48 2.86
C GLY F 490 -30.40 49.79 4.04
N VAL F 491 -30.40 48.47 4.05
CA VAL F 491 -31.03 47.77 5.17
C VAL F 491 -29.90 47.46 6.14
N GLY F 492 -28.67 47.30 5.63
CA GLY F 492 -27.56 46.97 6.49
C GLY F 492 -27.25 48.06 7.48
N ALA F 493 -27.22 49.32 7.01
CA ALA F 493 -26.98 50.44 7.91
C ALA F 493 -28.13 50.61 8.90
N ALA F 494 -29.36 50.36 8.44
CA ALA F 494 -30.51 50.42 9.34
C ALA F 494 -30.37 49.42 10.48
N LEU F 495 -29.97 48.18 10.15
CA LEU F 495 -29.79 47.18 11.20
C LEU F 495 -28.58 47.47 12.07
N CYS F 496 -27.54 48.10 11.50
CA CYS F 496 -26.40 48.52 12.30
C CYS F 496 -26.82 49.53 13.36
N ALA F 497 -27.64 50.51 12.97
CA ALA F 497 -28.18 51.43 13.95
C ALA F 497 -29.17 50.75 14.90
N LEU F 498 -29.85 49.70 14.42
CA LEU F 498 -30.75 48.94 15.28
C LEU F 498 -30.01 48.30 16.44
N VAL F 499 -28.93 47.56 16.15
CA VAL F 499 -28.18 46.89 17.19
C VAL F 499 -27.35 47.84 18.04
N ALA F 500 -27.21 49.09 17.61
CA ALA F 500 -26.42 50.07 18.35
C ALA F 500 -27.22 51.35 18.58
#